data_6QEM
#
_entry.id   6QEM
#
_cell.length_a   1.0
_cell.length_b   1.0
_cell.length_c   1.0
_cell.angle_alpha   90.000
_cell.angle_beta   90.000
_cell.angle_gamma   90.000
#
_symmetry.space_group_name_H-M   'P 1'
#
loop_
_entity.id
_entity.type
_entity.pdbx_description
1 polymer 'Replicative DNA helicase'
2 polymer 'DNA replication protein DnaC'
3 polymer ssDNA
4 non-polymer [[[(2R,3S,4R,5R)-5-(6-aminopurin-9-yl)-3,4-bis(oxidanyl)oxolan-2-yl]methoxy-oxidanyl-phosphoryl]oxy-oxidanyl-phosphoryl]oxy-tris(fluoranyl)beryllium
5 non-polymer 'MAGNESIUM ION'
6 non-polymer "ADENOSINE-5'-DIPHOSPHATE"
#
loop_
_entity_poly.entity_id
_entity_poly.type
_entity_poly.pdbx_seq_one_letter_code
_entity_poly.pdbx_strand_id
1 'polypeptide(L)'
;MAGNKPFNKQQAEPRERDPQVAGLKVPPHSIEAEQSVLGGLMLDNERWDDVAERVVADDFYTRPHRHIFTEMARLQESGS
PIDLITLAESLERQGQLDSVGGFAYLAELSKNTPSAANISAYADIVRERAVVREMISVANEIAEAGFDPQGRTSEDLLDL
AESRVFKIAESRANKDEGPKNIADVLDATVARIEQLFQQPHDGVTGVNTGYDDLNKKTAGLQPSDLIIVAARPSMGKTTF
AMNLVENAAMLQDKPVLIFSLEMPSEQIMMRSLASLSRVDQTKIRTGQLDDEDWARISGTMGILLEKRNIYIDDSSGLTP
TEVRSRARRIAREHGGIGLIMIDYLQLMRVPALSDNRTLEIAEISRSLKALAKELNVPVVALSQLNRSLEQRADKRPVNS
DLRESGSIEQDADLIMFIYRDEVYHENSDLKGIAEIIIGKQRNGPIGTVRLTFNGQWSRFDNYAGPQYDDE
;
A,B,C,D,E,F
2 'polypeptide(L)'
;MKNVGDLMQRLQKMMPAHIKPAFKTGEELLAWQKEQGAIRSAALERENRAMKMQRTFNRSGIRPLHQNCSFENYRVECEG
QMNALSKARQYVEEFDGNIASFIFSGKPGTGKNHLAAAICNELLLRGKSVLIITVADIMSAMKDTFRNSGTSEEQLLNDL
SNVDLLVIDEIGVQTESKYEKVIINQIVDRRSSSKRPTGMLTNSNMEEMTKLLGERVMDRMRLGNSLWVIFNWDSYRSRV
TGKEY
;
G,H,I,J,K,L
3 'polydeoxyribonucleotide'
;(DT)(DT)(DT)(DT)(DT)(DT)(DT)(DT)(DT)(DT)(DT)(DT)(DT)(DT)(DT)(DT)(DT)(DT)(DT)(DT)
(DT)(DT)(DT)(DT)(DT)(DT)(DT)(DT)(DT)(DT)(DT)(DT)(DT)(DT)(DT)(DT)
;
M
#
# COMPACT_ATOMS: atom_id res chain seq x y z
N LEU A 24 -5.45 54.80 -25.69
CA LEU A 24 -5.23 53.36 -25.63
C LEU A 24 -3.76 53.09 -25.32
N LYS A 25 -2.88 53.88 -25.95
CA LYS A 25 -1.44 53.72 -25.84
C LYS A 25 -0.83 55.01 -25.32
N VAL A 26 -0.02 54.91 -24.27
CA VAL A 26 0.51 56.08 -23.58
C VAL A 26 1.55 55.59 -22.58
N PRO A 27 2.49 56.41 -22.13
CA PRO A 27 3.28 56.04 -20.95
C PRO A 27 2.39 55.94 -19.73
N PRO A 28 2.23 54.75 -19.13
CA PRO A 28 1.34 54.66 -17.97
C PRO A 28 1.90 55.44 -16.80
N HIS A 29 1.15 56.46 -16.38
CA HIS A 29 1.57 57.33 -15.30
C HIS A 29 0.32 57.83 -14.59
N SER A 30 0.43 57.99 -13.29
CA SER A 30 -0.63 58.58 -12.47
C SER A 30 -0.08 59.88 -11.89
N ILE A 31 -0.78 60.98 -12.19
CA ILE A 31 -0.30 62.32 -11.88
C ILE A 31 -1.19 63.05 -10.88
N GLU A 32 -2.38 62.55 -10.61
CA GLU A 32 -3.24 63.18 -9.60
C GLU A 32 -2.81 62.77 -8.20
N ALA A 33 -2.65 61.46 -7.97
CA ALA A 33 -2.11 60.98 -6.70
C ALA A 33 -0.70 61.52 -6.46
N GLU A 34 0.03 61.79 -7.54
CA GLU A 34 1.32 62.44 -7.44
C GLU A 34 1.22 63.78 -6.71
N GLN A 35 0.43 64.71 -7.26
CA GLN A 35 0.21 65.99 -6.60
C GLN A 35 -0.40 65.80 -5.22
N SER A 36 -1.18 64.74 -5.03
CA SER A 36 -1.73 64.47 -3.71
C SER A 36 -0.62 64.20 -2.71
N VAL A 37 0.38 63.41 -3.12
CA VAL A 37 1.55 63.19 -2.26
C VAL A 37 2.26 64.50 -2.02
N LEU A 38 2.40 65.32 -3.06
CA LEU A 38 3.12 66.58 -2.91
C LEU A 38 2.47 67.45 -1.83
N GLY A 39 1.15 67.62 -1.91
CA GLY A 39 0.46 68.42 -0.91
C GLY A 39 0.44 67.76 0.46
N GLY A 40 0.43 66.43 0.51
CA GLY A 40 0.52 65.75 1.79
C GLY A 40 1.85 65.99 2.47
N LEU A 41 2.93 66.02 1.70
CA LEU A 41 4.22 66.39 2.25
C LEU A 41 4.23 67.85 2.67
N MET A 42 3.52 68.71 1.93
CA MET A 42 3.47 70.13 2.28
C MET A 42 2.79 70.34 3.62
N LEU A 43 1.63 69.72 3.82
CA LEU A 43 0.88 69.90 5.06
C LEU A 43 1.39 69.04 6.20
N ASP A 44 2.49 68.31 6.01
CA ASP A 44 3.04 67.47 7.08
C ASP A 44 4.55 67.36 6.83
N ASN A 45 5.31 68.18 7.54
CA ASN A 45 6.77 68.21 7.41
C ASN A 45 7.46 67.21 8.33
N GLU A 46 6.74 66.19 8.80
CA GLU A 46 7.29 65.13 9.61
C GLU A 46 7.62 63.90 8.78
N ARG A 47 6.65 63.41 8.01
CA ARG A 47 6.81 62.18 7.25
C ARG A 47 7.29 62.53 5.85
N TRP A 48 8.59 62.79 5.75
CA TRP A 48 9.28 62.81 4.47
C TRP A 48 10.33 61.71 4.36
N ASP A 49 10.96 61.33 5.48
CA ASP A 49 11.93 60.24 5.45
C ASP A 49 11.31 58.95 4.96
N ASP A 50 10.09 58.65 5.43
CA ASP A 50 9.46 57.37 5.09
C ASP A 50 9.17 57.29 3.59
N VAL A 51 8.77 58.42 2.99
CA VAL A 51 8.55 58.44 1.55
C VAL A 51 9.86 58.71 0.81
N ALA A 52 10.81 59.40 1.45
CA ALA A 52 12.15 59.51 0.88
C ALA A 52 12.78 58.14 0.67
N GLU A 53 12.40 57.15 1.49
CA GLU A 53 12.83 55.77 1.24
C GLU A 53 12.38 55.32 -0.14
N ARG A 54 11.19 55.73 -0.57
CA ARG A 54 10.56 55.20 -1.76
C ARG A 54 10.65 56.16 -2.94
N VAL A 55 10.16 57.37 -2.77
CA VAL A 55 10.04 58.32 -3.87
C VAL A 55 11.38 59.04 -4.08
N VAL A 56 11.64 59.40 -5.33
CA VAL A 56 12.89 60.00 -5.76
C VAL A 56 12.56 61.13 -6.72
N ALA A 57 13.48 62.08 -6.85
CA ALA A 57 13.24 63.24 -7.69
C ALA A 57 12.97 62.85 -9.14
N ASP A 58 13.80 61.97 -9.70
CA ASP A 58 13.57 61.50 -11.05
C ASP A 58 12.49 60.42 -11.14
N ASP A 59 11.97 59.96 -10.00
CA ASP A 59 10.86 59.01 -10.01
C ASP A 59 9.65 59.58 -10.73
N PHE A 60 9.41 60.88 -10.58
CA PHE A 60 8.20 61.52 -11.09
C PHE A 60 8.20 61.54 -12.62
N TYR A 61 7.09 62.00 -13.18
CA TYR A 61 6.85 62.01 -14.62
C TYR A 61 7.23 63.34 -15.28
N THR A 62 6.67 64.45 -14.78
CA THR A 62 6.83 65.76 -15.39
C THR A 62 7.74 66.63 -14.54
N ARG A 63 8.44 67.54 -15.20
CA ARG A 63 9.52 68.31 -14.59
C ARG A 63 9.09 69.26 -13.47
N PRO A 64 7.93 69.95 -13.55
CA PRO A 64 7.57 70.84 -12.43
C PRO A 64 7.50 70.10 -11.10
N HIS A 65 6.85 68.93 -11.09
CA HIS A 65 6.84 68.10 -9.90
C HIS A 65 8.25 67.72 -9.47
N ARG A 66 9.14 67.48 -10.45
CA ARG A 66 10.50 67.09 -10.11
C ARG A 66 11.24 68.24 -9.44
N HIS A 67 11.14 69.45 -9.99
CA HIS A 67 11.70 70.63 -9.36
C HIS A 67 11.16 70.78 -7.94
N ILE A 68 9.84 70.66 -7.78
CA ILE A 68 9.24 70.84 -6.47
C ILE A 68 9.80 69.82 -5.48
N PHE A 69 9.85 68.55 -5.88
CA PHE A 69 10.30 67.53 -4.95
C PHE A 69 11.78 67.67 -4.62
N THR A 70 12.61 67.96 -5.61
CA THR A 70 14.04 68.03 -5.32
C THR A 70 14.37 69.28 -4.52
N GLU A 71 13.65 70.38 -4.74
CA GLU A 71 13.81 71.54 -3.88
C GLU A 71 13.37 71.21 -2.46
N MET A 72 12.23 70.52 -2.32
CA MET A 72 11.76 70.11 -1.00
C MET A 72 12.80 69.23 -0.31
N ALA A 73 13.48 68.37 -1.08
CA ALA A 73 14.46 67.47 -0.48
C ALA A 73 15.69 68.24 -0.04
N ARG A 74 16.21 69.12 -0.90
CA ARG A 74 17.32 69.98 -0.50
C ARG A 74 16.97 70.79 0.72
N LEU A 75 15.70 71.17 0.87
CA LEU A 75 15.29 71.94 2.04
C LEU A 75 15.21 71.05 3.28
N GLN A 76 14.66 69.85 3.13
CA GLN A 76 14.59 68.94 4.27
C GLN A 76 15.97 68.52 4.73
N GLU A 77 16.98 68.64 3.87
CA GLU A 77 18.36 68.57 4.35
C GLU A 77 18.64 69.71 5.32
N SER A 78 18.25 70.93 4.95
CA SER A 78 18.59 72.14 5.69
C SER A 78 17.38 72.77 6.36
N GLY A 79 16.36 73.12 5.58
CA GLY A 79 15.19 73.81 6.08
C GLY A 79 14.02 72.88 6.29
N SER A 80 13.74 72.53 7.55
CA SER A 80 12.59 71.71 7.86
C SER A 80 11.27 72.35 7.42
N PRO A 81 10.93 73.60 7.82
CA PRO A 81 9.60 74.11 7.50
C PRO A 81 9.41 74.40 6.02
N ILE A 82 8.63 73.56 5.36
CA ILE A 82 8.31 73.72 3.94
C ILE A 82 6.84 73.38 3.75
N ASP A 83 5.98 74.39 3.67
CA ASP A 83 4.58 74.16 3.32
C ASP A 83 4.13 74.93 2.09
N LEU A 84 4.25 76.26 2.10
CA LEU A 84 3.79 77.08 0.99
C LEU A 84 4.81 78.16 0.63
N ILE A 85 5.40 78.80 1.63
CA ILE A 85 6.15 80.03 1.44
C ILE A 85 7.65 79.79 1.47
N THR A 86 8.14 78.92 2.35
CA THR A 86 9.56 78.56 2.30
C THR A 86 9.90 77.96 0.94
N LEU A 87 8.98 77.17 0.40
CA LEU A 87 9.17 76.62 -0.94
C LEU A 87 9.30 77.74 -1.96
N ALA A 88 8.36 78.69 -1.95
CA ALA A 88 8.38 79.75 -2.94
C ALA A 88 9.62 80.63 -2.78
N GLU A 89 10.06 80.85 -1.53
CA GLU A 89 11.24 81.66 -1.29
C GLU A 89 12.50 80.97 -1.81
N SER A 90 12.68 79.68 -1.47
CA SER A 90 13.84 78.95 -1.99
C SER A 90 13.79 78.84 -3.50
N LEU A 91 12.59 78.74 -4.06
CA LEU A 91 12.45 78.72 -5.51
C LEU A 91 12.77 80.09 -6.11
N GLU A 92 12.52 81.17 -5.36
CA GLU A 92 12.75 82.52 -5.84
C GLU A 92 14.23 82.90 -5.81
N ARG A 93 14.93 82.57 -4.71
CA ARG A 93 16.28 83.09 -4.49
C ARG A 93 17.22 82.82 -5.66
N GLN A 94 16.99 81.73 -6.40
CA GLN A 94 17.78 81.41 -7.58
C GLN A 94 17.04 81.72 -8.88
N GLY A 95 15.92 82.45 -8.82
CA GLY A 95 15.27 82.93 -10.02
C GLY A 95 14.62 81.84 -10.83
N GLN A 96 13.51 81.29 -10.32
CA GLN A 96 12.81 80.22 -11.00
C GLN A 96 11.29 80.34 -10.99
N LEU A 97 10.73 81.43 -10.45
CA LEU A 97 9.27 81.56 -10.44
C LEU A 97 8.75 81.69 -11.86
N ASP A 98 7.59 81.06 -12.10
CA ASP A 98 6.88 81.06 -13.37
C ASP A 98 7.55 80.24 -14.47
N SER A 99 8.75 79.71 -14.20
CA SER A 99 9.39 78.72 -15.05
C SER A 99 9.11 77.29 -14.59
N VAL A 100 8.47 77.12 -13.44
CA VAL A 100 8.23 75.82 -12.83
C VAL A 100 6.73 75.65 -12.60
N GLY A 101 5.92 76.29 -13.45
CA GLY A 101 4.50 76.40 -13.21
C GLY A 101 4.14 77.76 -12.65
N GLY A 102 3.89 77.83 -11.34
CA GLY A 102 3.60 79.10 -10.71
C GLY A 102 3.18 78.96 -9.26
N PHE A 103 3.46 79.98 -8.46
CA PHE A 103 2.91 80.04 -7.11
C PHE A 103 1.39 79.99 -7.15
N ALA A 104 0.78 80.69 -8.11
CA ALA A 104 -0.66 80.61 -8.30
C ALA A 104 -1.08 79.19 -8.61
N TYR A 105 -0.32 78.49 -9.45
CA TYR A 105 -0.59 77.09 -9.73
C TYR A 105 -0.28 76.21 -8.52
N LEU A 106 0.72 76.60 -7.73
CA LEU A 106 1.10 75.84 -6.54
C LEU A 106 0.01 75.90 -5.46
N ALA A 107 -0.78 76.97 -5.48
CA ALA A 107 -1.93 77.08 -4.58
C ALA A 107 -2.86 75.89 -4.73
N GLU A 108 -3.08 75.43 -5.96
CA GLU A 108 -3.94 74.27 -6.19
C GLU A 108 -3.37 73.03 -5.54
N LEU A 109 -2.05 72.90 -5.48
CA LEU A 109 -1.44 71.72 -4.90
C LEU A 109 -1.63 71.70 -3.39
N SER A 110 -1.39 72.84 -2.74
CA SER A 110 -1.60 72.85 -1.30
C SER A 110 -3.10 72.84 -0.95
N LYS A 111 -3.95 73.33 -1.84
CA LYS A 111 -5.39 73.33 -1.62
C LYS A 111 -5.93 71.91 -1.62
N ASN A 112 -5.59 71.15 -2.65
CA ASN A 112 -6.01 69.75 -2.74
C ASN A 112 -5.37 68.95 -1.62
N THR A 113 -5.71 67.67 -1.55
CA THR A 113 -5.17 66.65 -0.66
C THR A 113 -4.99 67.12 0.78
N PRO A 114 -6.07 67.38 1.51
CA PRO A 114 -5.98 67.42 2.98
C PRO A 114 -6.04 66.04 3.62
N SER A 115 -5.78 64.99 2.83
CA SER A 115 -6.02 63.63 3.25
C SER A 115 -5.14 63.25 4.45
N ALA A 116 -5.41 62.06 4.97
CA ALA A 116 -4.80 61.55 6.19
C ALA A 116 -3.45 60.93 5.89
N ALA A 117 -2.95 60.11 6.83
CA ALA A 117 -1.70 59.37 6.69
C ALA A 117 -1.68 58.36 5.54
N ASN A 118 -2.76 58.25 4.76
CA ASN A 118 -2.75 57.44 3.55
C ASN A 118 -1.90 58.10 2.45
N ILE A 119 -0.60 58.19 2.70
CA ILE A 119 0.34 58.84 1.79
C ILE A 119 1.33 57.83 1.23
N SER A 120 1.82 56.93 2.07
CA SER A 120 2.82 55.95 1.64
C SER A 120 2.27 55.04 0.56
N ALA A 121 0.96 54.81 0.57
CA ALA A 121 0.33 54.06 -0.51
C ALA A 121 0.58 54.74 -1.85
N TYR A 122 0.17 56.00 -1.95
CA TYR A 122 0.41 56.79 -3.15
C TYR A 122 1.88 56.78 -3.54
N ALA A 123 2.75 56.94 -2.55
CA ALA A 123 4.19 56.94 -2.78
C ALA A 123 4.63 55.65 -3.46
N ASP A 124 4.24 54.50 -2.89
CA ASP A 124 4.66 53.21 -3.41
C ASP A 124 4.14 52.99 -4.82
N ILE A 125 2.87 53.29 -5.05
CA ILE A 125 2.27 52.99 -6.35
C ILE A 125 2.89 53.85 -7.44
N VAL A 126 3.20 55.11 -7.14
CA VAL A 126 3.81 55.96 -8.16
C VAL A 126 5.27 55.56 -8.37
N ARG A 127 5.96 55.16 -7.31
CA ARG A 127 7.30 54.61 -7.44
C ARG A 127 7.30 53.42 -8.40
N GLU A 128 6.30 52.57 -8.28
CA GLU A 128 6.14 51.45 -9.21
C GLU A 128 5.91 51.94 -10.63
N ARG A 129 5.08 52.97 -10.81
CA ARG A 129 4.84 53.48 -12.16
C ARG A 129 6.13 54.00 -12.78
N ALA A 130 7.01 54.58 -11.96
CA ALA A 130 8.30 55.02 -12.47
C ALA A 130 9.11 53.83 -12.98
N VAL A 131 9.10 52.74 -12.21
CA VAL A 131 9.80 51.52 -12.66
C VAL A 131 9.25 51.08 -14.01
N VAL A 132 7.92 51.11 -14.17
CA VAL A 132 7.30 50.69 -15.42
C VAL A 132 7.80 51.55 -16.57
N ARG A 133 7.69 52.87 -16.41
CA ARG A 133 8.13 53.81 -17.44
C ARG A 133 9.58 53.53 -17.84
N GLU A 134 10.44 53.26 -16.86
CA GLU A 134 11.83 52.94 -17.18
C GLU A 134 11.94 51.65 -17.98
N MET A 135 11.10 50.66 -17.66
CA MET A 135 11.11 49.41 -18.42
C MET A 135 10.80 49.69 -19.89
N ILE A 136 9.78 50.49 -20.15
CA ILE A 136 9.43 50.79 -21.54
C ILE A 136 10.57 51.54 -22.22
N SER A 137 11.20 52.45 -21.48
CA SER A 137 12.34 53.18 -22.02
C SER A 137 13.44 52.23 -22.48
N VAL A 138 13.74 51.23 -21.66
CA VAL A 138 14.84 50.34 -22.00
C VAL A 138 14.43 49.36 -23.10
N ALA A 139 13.16 48.96 -23.16
CA ALA A 139 12.72 48.14 -24.28
C ALA A 139 12.86 48.91 -25.59
N ASN A 140 12.55 50.21 -25.55
CA ASN A 140 12.78 51.06 -26.70
C ASN A 140 14.26 51.11 -27.07
N GLU A 141 15.13 51.22 -26.08
CA GLU A 141 16.57 51.24 -26.36
C GLU A 141 17.03 49.94 -26.99
N ILE A 142 16.50 48.81 -26.51
CA ILE A 142 16.88 47.51 -27.07
C ILE A 142 16.43 47.42 -28.52
N ALA A 143 15.18 47.80 -28.79
CA ALA A 143 14.69 47.82 -30.16
C ALA A 143 15.56 48.72 -31.04
N GLU A 144 15.98 49.86 -30.51
CA GLU A 144 16.86 50.76 -31.24
C GLU A 144 18.17 50.07 -31.61
N ALA A 145 18.90 49.59 -30.60
CA ALA A 145 20.16 48.89 -30.84
C ALA A 145 19.98 47.66 -31.72
N GLY A 146 18.77 47.12 -31.80
CA GLY A 146 18.50 46.00 -32.66
C GLY A 146 18.36 46.36 -34.12
N PHE A 147 17.36 47.19 -34.44
CA PHE A 147 17.20 47.65 -35.82
C PHE A 147 18.38 48.51 -36.27
N ASP A 148 19.11 49.12 -35.34
CA ASP A 148 20.32 49.87 -35.66
C ASP A 148 21.52 48.95 -35.43
N PRO A 149 22.09 48.30 -36.47
CA PRO A 149 23.16 47.34 -36.21
C PRO A 149 24.45 47.99 -35.72
N GLN A 150 24.89 49.05 -36.40
CA GLN A 150 26.18 49.67 -36.11
C GLN A 150 27.30 48.65 -36.28
N GLY A 151 27.16 47.78 -37.28
CA GLY A 151 28.12 46.72 -37.54
C GLY A 151 28.37 45.85 -36.34
N ARG A 152 27.30 45.37 -35.71
CA ARG A 152 27.35 44.68 -34.43
C ARG A 152 26.83 43.25 -34.57
N THR A 153 27.33 42.38 -33.70
CA THR A 153 27.01 40.96 -33.72
C THR A 153 25.99 40.63 -32.64
N SER A 154 25.34 39.47 -32.81
CA SER A 154 24.45 38.97 -31.78
C SER A 154 25.16 38.80 -30.45
N GLU A 155 26.45 38.45 -30.47
CA GLU A 155 27.16 38.20 -29.23
C GLU A 155 27.51 39.49 -28.50
N ASP A 156 27.76 40.57 -29.24
CA ASP A 156 27.97 41.89 -28.65
C ASP A 156 26.66 42.64 -28.41
N LEU A 157 25.52 42.00 -28.65
CA LEU A 157 24.21 42.64 -28.57
C LEU A 157 23.33 42.00 -27.51
N LEU A 158 23.15 40.68 -27.57
CA LEU A 158 22.39 40.00 -26.52
C LEU A 158 23.07 40.15 -25.17
N ASP A 159 24.41 40.16 -25.15
CA ASP A 159 25.10 40.37 -23.89
C ASP A 159 24.83 41.76 -23.33
N LEU A 160 24.77 42.78 -24.21
CA LEU A 160 24.42 44.11 -23.74
C LEU A 160 23.00 44.14 -23.20
N ALA A 161 22.07 43.50 -23.92
CA ALA A 161 20.69 43.43 -23.47
C ALA A 161 20.59 42.77 -22.10
N GLU A 162 21.30 41.66 -21.94
CA GLU A 162 21.32 40.94 -20.69
C GLU A 162 21.88 41.82 -19.58
N SER A 163 22.97 42.53 -19.85
CA SER A 163 23.60 43.36 -18.82
C SER A 163 22.69 44.49 -18.39
N ARG A 164 21.99 45.12 -19.35
CA ARG A 164 21.09 46.20 -19.00
C ARG A 164 19.92 45.71 -18.17
N VAL A 165 19.24 44.65 -18.63
CA VAL A 165 18.10 44.13 -17.88
C VAL A 165 18.56 43.61 -16.52
N PHE A 166 19.80 43.12 -16.45
CA PHE A 166 20.37 42.66 -15.20
C PHE A 166 20.58 43.82 -14.24
N LYS A 167 21.10 44.94 -14.75
CA LYS A 167 21.26 46.14 -13.93
C LYS A 167 19.91 46.65 -13.45
N ILE A 168 18.87 46.48 -14.26
CA ILE A 168 17.53 46.93 -13.86
C ILE A 168 17.02 46.08 -12.71
N ALA A 169 16.88 44.77 -12.96
CA ALA A 169 16.28 43.89 -11.96
C ALA A 169 17.14 43.81 -10.70
N GLU A 170 18.45 43.86 -10.87
CA GLU A 170 19.36 43.79 -9.73
C GLU A 170 19.17 44.97 -8.80
N SER A 171 19.00 46.16 -9.36
CA SER A 171 18.89 47.40 -8.61
C SER A 171 17.57 48.04 -9.00
N ARG A 172 16.57 47.83 -8.15
CA ARG A 172 15.25 48.43 -8.27
C ARG A 172 14.88 49.11 -6.96
N ALA A 173 15.90 49.62 -6.26
CA ALA A 173 15.73 50.24 -4.95
C ALA A 173 15.01 49.29 -3.99
N ASN A 174 15.34 48.00 -4.08
CA ASN A 174 14.75 46.95 -3.25
C ASN A 174 15.84 46.34 -2.39
N LYS A 175 15.62 46.34 -1.08
CA LYS A 175 16.60 45.88 -0.10
C LYS A 175 16.12 44.72 0.73
N ASP A 176 14.82 44.63 1.03
CA ASP A 176 14.34 43.70 2.04
C ASP A 176 14.15 42.29 1.49
N GLU A 177 13.62 42.17 0.29
CA GLU A 177 13.25 40.86 -0.23
C GLU A 177 14.45 40.05 -0.70
N GLY A 178 15.60 40.69 -0.94
CA GLY A 178 16.72 40.03 -1.53
C GLY A 178 17.65 39.39 -0.52
N PRO A 179 18.61 38.59 -1.01
CA PRO A 179 19.57 37.97 -0.10
C PRO A 179 20.45 39.01 0.53
N LYS A 180 20.51 38.97 1.85
CA LYS A 180 21.13 40.03 2.62
C LYS A 180 22.53 39.67 3.02
N ASN A 181 23.41 40.66 2.98
CA ASN A 181 24.72 40.53 3.56
C ASN A 181 24.59 40.24 5.04
N ILE A 182 25.66 39.73 5.62
CA ILE A 182 25.59 39.24 6.98
C ILE A 182 25.43 40.39 7.97
N ALA A 183 26.01 41.56 7.68
CA ALA A 183 25.88 42.68 8.58
C ALA A 183 24.45 43.18 8.70
N ASP A 184 23.60 42.86 7.72
CA ASP A 184 22.19 43.19 7.80
C ASP A 184 21.39 42.14 8.56
N VAL A 185 22.00 41.00 8.87
CA VAL A 185 21.36 39.95 9.64
C VAL A 185 21.74 40.05 11.10
N LEU A 186 23.02 40.28 11.36
CA LEU A 186 23.49 40.39 12.72
C LEU A 186 22.92 41.59 13.42
N ASP A 187 22.52 42.62 12.66
CA ASP A 187 21.80 43.74 13.26
C ASP A 187 20.52 43.27 13.90
N ALA A 188 19.74 42.46 13.19
CA ALA A 188 18.48 41.97 13.74
C ALA A 188 18.73 41.00 14.88
N THR A 189 19.76 40.16 14.75
CA THR A 189 20.10 39.22 15.81
C THR A 189 20.43 39.96 17.10
N VAL A 190 21.39 40.88 17.03
CA VAL A 190 21.76 41.67 18.19
C VAL A 190 20.58 42.50 18.67
N ALA A 191 19.66 42.87 17.78
CA ALA A 191 18.50 43.61 18.20
C ALA A 191 17.63 42.77 19.11
N ARG A 192 17.39 41.52 18.72
CA ARG A 192 16.63 40.62 19.59
C ARG A 192 17.36 40.40 20.90
N ILE A 193 18.68 40.26 20.83
CA ILE A 193 19.45 40.02 22.05
C ILE A 193 19.34 41.22 22.98
N GLU A 194 19.24 42.42 22.42
CA GLU A 194 19.11 43.60 23.27
C GLU A 194 17.71 43.71 23.82
N GLN A 195 16.73 43.35 23.00
CA GLN A 195 15.35 43.28 23.46
C GLN A 195 15.23 42.35 24.66
N LEU A 196 16.02 41.29 24.70
CA LEU A 196 15.93 40.33 25.80
C LEU A 196 16.86 40.64 26.96
N PHE A 197 18.05 41.19 26.70
CA PHE A 197 18.92 41.59 27.79
C PHE A 197 18.42 42.85 28.47
N GLN A 198 17.81 43.76 27.71
CA GLN A 198 17.37 45.03 28.28
C GLN A 198 16.25 44.82 29.29
N GLN A 199 15.56 43.70 29.22
CA GLN A 199 14.66 43.24 30.27
C GLN A 199 15.25 41.98 30.90
N PRO A 200 16.05 42.08 31.98
CA PRO A 200 16.52 40.87 32.64
C PRO A 200 15.42 40.23 33.48
N HIS A 201 14.97 39.05 33.07
CA HIS A 201 13.87 38.36 33.72
C HIS A 201 14.12 36.86 33.64
N ASP A 202 13.10 36.07 33.97
CA ASP A 202 13.26 34.64 34.19
C ASP A 202 13.60 33.92 32.89
N GLY A 203 13.77 32.60 32.98
CA GLY A 203 14.10 31.81 31.81
C GLY A 203 12.87 31.41 31.05
N VAL A 204 12.11 32.42 30.62
CA VAL A 204 10.89 32.24 29.86
C VAL A 204 10.88 33.33 28.79
N THR A 205 11.15 32.95 27.55
CA THR A 205 11.33 33.90 26.47
C THR A 205 10.08 34.00 25.60
N GLY A 206 8.94 33.73 26.19
CA GLY A 206 7.70 33.82 25.45
C GLY A 206 6.51 33.57 26.32
N VAL A 207 5.59 32.79 25.80
CA VAL A 207 4.37 32.47 26.54
C VAL A 207 4.71 31.41 27.57
N ASN A 208 4.14 31.56 28.75
CA ASN A 208 4.27 30.57 29.78
C ASN A 208 3.07 29.64 29.73
N THR A 209 3.22 28.46 30.32
CA THR A 209 2.16 27.47 30.37
C THR A 209 1.49 27.37 31.72
N GLY A 210 2.22 27.68 32.79
CA GLY A 210 1.82 27.35 34.14
C GLY A 210 2.55 26.16 34.71
N TYR A 211 3.21 25.38 33.86
CA TYR A 211 3.97 24.21 34.25
C TYR A 211 5.45 24.52 34.27
N ASP A 212 6.09 24.27 35.40
CA ASP A 212 7.49 24.61 35.57
C ASP A 212 8.41 23.55 35.00
N ASP A 213 7.98 22.29 35.01
CA ASP A 213 8.82 21.23 34.49
C ASP A 213 8.95 21.30 32.97
N LEU A 214 8.01 21.96 32.30
CA LEU A 214 7.96 22.02 30.85
C LEU A 214 8.52 23.30 30.29
N ASN A 215 8.42 24.40 31.02
CA ASN A 215 9.00 25.65 30.56
C ASN A 215 10.50 25.55 30.42
N LYS A 216 11.14 24.66 31.19
CA LYS A 216 12.57 24.46 31.08
C LYS A 216 12.93 23.85 29.73
N LYS A 217 12.21 22.81 29.34
CA LYS A 217 12.46 22.14 28.06
C LYS A 217 11.84 22.86 26.88
N THR A 218 11.30 24.04 27.10
CA THR A 218 10.66 24.81 26.05
C THR A 218 11.01 26.28 26.08
N ALA A 219 11.47 26.81 27.21
CA ALA A 219 11.59 28.25 27.41
C ALA A 219 10.29 28.95 27.10
N GLY A 220 9.19 28.28 27.37
CA GLY A 220 7.88 28.82 27.11
C GLY A 220 7.56 28.73 25.65
N LEU A 221 6.28 28.54 25.36
CA LEU A 221 5.81 28.45 23.98
C LEU A 221 6.25 29.66 23.20
N GLN A 222 7.12 29.43 22.24
CA GLN A 222 7.80 30.52 21.60
C GLN A 222 6.88 31.14 20.57
N PRO A 223 7.16 32.38 20.16
CA PRO A 223 6.11 33.19 19.55
C PRO A 223 5.95 33.12 18.05
N SER A 224 6.68 32.29 17.33
CA SER A 224 6.49 32.19 15.88
C SER A 224 6.61 30.76 15.42
N ASP A 225 5.98 29.84 16.14
CA ASP A 225 6.14 28.42 15.92
C ASP A 225 4.79 27.75 15.76
N LEU A 226 4.86 26.50 15.33
CA LEU A 226 3.71 25.61 15.21
C LEU A 226 3.90 24.47 16.19
N ILE A 227 3.33 24.62 17.36
CA ILE A 227 3.31 23.53 18.32
C ILE A 227 2.25 22.53 17.89
N ILE A 228 2.51 21.28 18.25
CA ILE A 228 1.59 20.18 18.04
C ILE A 228 1.46 19.47 19.37
N VAL A 229 0.26 18.98 19.63
CA VAL A 229 -0.09 18.32 20.87
C VAL A 229 -0.91 17.13 20.48
N ALA A 230 -0.26 15.99 20.37
CA ALA A 230 -0.85 14.82 19.75
C ALA A 230 -0.87 13.66 20.71
N ALA A 231 -1.90 12.85 20.56
CA ALA A 231 -2.06 11.65 21.34
C ALA A 231 -3.32 10.95 20.90
N ARG A 232 -3.40 9.70 21.25
CA ARG A 232 -4.55 8.87 20.94
C ARG A 232 -5.79 9.44 21.62
N PRO A 233 -6.98 8.95 21.26
CA PRO A 233 -8.20 9.69 21.59
C PRO A 233 -8.48 9.85 23.06
N SER A 234 -8.45 8.82 23.86
CA SER A 234 -8.94 8.96 25.22
C SER A 234 -7.89 9.53 26.17
N MET A 235 -6.92 10.29 25.67
CA MET A 235 -5.67 10.45 26.37
C MET A 235 -5.51 11.79 27.07
N GLY A 236 -6.02 12.88 26.53
CA GLY A 236 -5.97 14.15 27.25
C GLY A 236 -5.51 15.37 26.47
N LYS A 237 -5.47 15.31 25.15
CA LYS A 237 -4.81 16.39 24.43
C LYS A 237 -5.66 17.65 24.39
N THR A 238 -6.97 17.51 24.18
CA THR A 238 -7.84 18.65 24.28
C THR A 238 -7.77 19.24 25.68
N THR A 239 -7.73 18.37 26.68
CA THR A 239 -7.64 18.78 28.06
C THR A 239 -6.36 19.58 28.31
N PHE A 240 -5.23 19.02 27.88
CA PHE A 240 -3.95 19.69 28.07
C PHE A 240 -3.91 21.03 27.35
N ALA A 241 -4.46 21.08 26.15
CA ALA A 241 -4.46 22.31 25.40
C ALA A 241 -5.29 23.38 26.09
N MET A 242 -6.49 23.01 26.52
CA MET A 242 -7.31 23.97 27.25
C MET A 242 -6.64 24.43 28.52
N ASN A 243 -5.87 23.55 29.16
CA ASN A 243 -5.15 23.97 30.35
C ASN A 243 -4.06 24.98 30.02
N LEU A 244 -3.33 24.74 28.94
CA LEU A 244 -2.33 25.70 28.49
C LEU A 244 -2.96 27.06 28.25
N VAL A 245 -4.05 27.08 27.49
CA VAL A 245 -4.59 28.37 27.08
C VAL A 245 -5.23 29.08 28.27
N GLU A 246 -5.90 28.34 29.15
CA GLU A 246 -6.54 29.01 30.26
C GLU A 246 -5.51 29.50 31.26
N ASN A 247 -4.42 28.74 31.46
CA ASN A 247 -3.36 29.23 32.32
C ASN A 247 -2.74 30.49 31.74
N ALA A 248 -2.42 30.46 30.45
CA ALA A 248 -1.93 31.65 29.76
C ALA A 248 -2.85 32.83 30.00
N ALA A 249 -4.12 32.67 29.67
CA ALA A 249 -5.08 33.75 29.80
C ALA A 249 -5.31 34.18 31.22
N MET A 250 -4.88 33.38 32.19
CA MET A 250 -4.80 33.84 33.56
C MET A 250 -3.49 34.55 33.88
N LEU A 251 -2.46 34.42 33.03
CA LEU A 251 -1.21 35.13 33.25
C LEU A 251 -0.67 35.77 31.98
N GLN A 252 -1.55 36.13 31.05
CA GLN A 252 -1.16 36.72 29.76
C GLN A 252 -2.21 37.77 29.47
N ASP A 253 -1.89 39.02 29.80
CA ASP A 253 -2.84 40.11 29.57
C ASP A 253 -2.90 40.40 28.08
N LYS A 254 -3.45 39.46 27.31
CA LYS A 254 -3.46 39.51 25.87
C LYS A 254 -4.30 38.35 25.35
N PRO A 255 -5.05 38.51 24.25
CA PRO A 255 -6.05 37.50 23.91
C PRO A 255 -5.48 36.12 23.61
N VAL A 256 -6.42 35.20 23.47
CA VAL A 256 -6.16 33.86 22.97
C VAL A 256 -7.37 33.46 22.14
N LEU A 257 -7.16 32.42 21.34
CA LEU A 257 -8.22 31.86 20.52
C LEU A 257 -8.26 30.36 20.69
N ILE A 258 -9.44 29.84 20.39
CA ILE A 258 -9.79 28.45 20.61
C ILE A 258 -10.75 28.12 19.49
N PHE A 259 -10.36 27.20 18.64
CA PHE A 259 -11.19 26.70 17.57
C PHE A 259 -11.54 25.25 17.88
N SER A 260 -12.71 25.06 18.48
CA SER A 260 -13.22 23.74 18.80
C SER A 260 -14.01 23.24 17.60
N LEU A 261 -13.28 22.61 16.68
CA LEU A 261 -13.89 22.03 15.50
C LEU A 261 -14.58 20.71 15.77
N GLU A 262 -14.30 20.09 16.90
CA GLU A 262 -14.82 18.77 17.22
C GLU A 262 -16.03 18.83 18.14
N MET A 263 -15.83 19.40 19.32
CA MET A 263 -16.87 19.55 20.31
C MET A 263 -17.29 21.00 20.43
N PRO A 264 -18.50 21.27 20.91
CA PRO A 264 -18.97 22.65 20.97
C PRO A 264 -18.52 23.40 22.23
N SER A 265 -18.73 24.71 22.18
CA SER A 265 -18.26 25.60 23.23
C SER A 265 -18.78 25.23 24.60
N GLU A 266 -19.98 24.68 24.68
CA GLU A 266 -20.59 24.47 25.98
C GLU A 266 -20.03 23.26 26.70
N GLN A 267 -19.39 22.34 25.98
CA GLN A 267 -18.58 21.33 26.64
C GLN A 267 -17.24 21.92 27.08
N ILE A 268 -16.69 22.78 26.23
CA ILE A 268 -15.38 23.35 26.46
C ILE A 268 -15.38 24.15 27.75
N MET A 269 -16.32 25.08 27.86
CA MET A 269 -16.29 25.98 28.99
C MET A 269 -16.62 25.26 30.27
N MET A 270 -17.45 24.23 30.19
CA MET A 270 -17.74 23.42 31.37
C MET A 270 -16.49 22.70 31.84
N ARG A 271 -15.81 22.01 30.93
CA ARG A 271 -14.52 21.42 31.23
C ARG A 271 -13.57 22.43 31.85
N SER A 272 -13.57 23.65 31.34
CA SER A 272 -12.61 24.64 31.77
C SER A 272 -12.95 25.21 33.14
N LEU A 273 -14.23 25.34 33.47
CA LEU A 273 -14.59 25.73 34.83
C LEU A 273 -14.21 24.64 35.82
N ALA A 274 -14.49 23.39 35.45
CA ALA A 274 -14.03 22.28 36.27
C ALA A 274 -12.53 22.32 36.47
N SER A 275 -11.80 22.69 35.43
CA SER A 275 -10.35 22.73 35.52
C SER A 275 -9.90 23.83 36.46
N LEU A 276 -10.41 25.03 36.24
CA LEU A 276 -9.93 26.17 37.00
C LEU A 276 -10.44 26.19 38.42
N SER A 277 -11.42 25.34 38.74
CA SER A 277 -12.02 25.33 40.06
C SER A 277 -11.96 23.98 40.74
N ARG A 278 -11.37 22.97 40.10
CA ARG A 278 -11.08 21.69 40.73
C ARG A 278 -12.32 21.00 41.27
N VAL A 279 -13.42 21.11 40.52
CA VAL A 279 -14.63 20.37 40.83
C VAL A 279 -14.94 19.47 39.67
N ASP A 280 -15.67 18.41 39.98
CA ASP A 280 -15.92 17.40 38.98
C ASP A 280 -16.97 17.90 38.00
N GLN A 281 -17.03 17.22 36.87
CA GLN A 281 -17.82 17.68 35.75
C GLN A 281 -19.28 17.28 35.93
N THR A 282 -19.51 16.09 36.49
CA THR A 282 -20.86 15.64 36.79
C THR A 282 -21.54 16.61 37.74
N LYS A 283 -20.84 16.99 38.80
CA LYS A 283 -21.36 17.95 39.76
C LYS A 283 -21.75 19.27 39.09
N ILE A 284 -21.06 19.64 38.02
CA ILE A 284 -21.43 20.85 37.29
C ILE A 284 -22.70 20.60 36.51
N ARG A 285 -22.67 19.62 35.61
CA ARG A 285 -23.74 19.50 34.63
C ARG A 285 -25.04 19.07 35.29
N THR A 286 -24.95 18.17 36.26
CA THR A 286 -26.12 17.57 36.88
C THR A 286 -26.63 18.42 38.03
N GLY A 287 -25.73 19.00 38.82
CA GLY A 287 -26.08 20.06 39.73
C GLY A 287 -26.24 19.65 41.18
N GLN A 288 -25.31 18.84 41.69
CA GLN A 288 -25.29 18.42 43.09
C GLN A 288 -24.01 18.88 43.79
N LEU A 289 -23.67 20.14 43.64
CA LEU A 289 -22.41 20.68 44.14
C LEU A 289 -22.62 21.52 45.38
N ASP A 290 -21.60 21.55 46.23
CA ASP A 290 -21.66 22.12 47.56
C ASP A 290 -21.21 23.58 47.58
N ASP A 291 -21.42 24.21 48.74
CA ASP A 291 -21.20 25.65 48.87
C ASP A 291 -19.79 26.05 48.48
N GLU A 292 -18.79 25.23 48.85
CA GLU A 292 -17.43 25.54 48.46
C GLU A 292 -17.26 25.42 46.95
N ASP A 293 -17.87 24.39 46.36
CA ASP A 293 -17.85 24.26 44.91
C ASP A 293 -18.47 25.48 44.25
N TRP A 294 -19.65 25.89 44.71
CA TRP A 294 -20.31 27.07 44.18
C TRP A 294 -19.41 28.29 44.29
N ALA A 295 -18.67 28.39 45.40
CA ALA A 295 -17.83 29.56 45.62
C ALA A 295 -16.66 29.58 44.66
N ARG A 296 -16.02 28.44 44.47
CA ARG A 296 -14.89 28.37 43.56
C ARG A 296 -15.34 28.69 42.14
N ILE A 297 -16.50 28.18 41.76
CA ILE A 297 -17.06 28.51 40.45
C ILE A 297 -17.29 30.00 40.33
N SER A 298 -17.94 30.58 41.34
CA SER A 298 -18.22 32.02 41.32
C SER A 298 -16.96 32.83 41.12
N GLY A 299 -15.91 32.46 41.84
CA GLY A 299 -14.67 33.21 41.74
C GLY A 299 -14.02 33.07 40.39
N THR A 300 -13.97 31.85 39.85
CA THR A 300 -13.28 31.69 38.57
C THR A 300 -14.07 32.34 37.44
N MET A 301 -15.39 32.31 37.51
CA MET A 301 -16.19 33.06 36.56
C MET A 301 -15.85 34.55 36.65
N GLY A 302 -15.99 35.12 37.84
CA GLY A 302 -15.72 36.53 38.02
C GLY A 302 -14.30 36.94 37.72
N ILE A 303 -13.39 35.98 37.59
CA ILE A 303 -12.07 36.28 37.06
C ILE A 303 -12.10 36.29 35.54
N LEU A 304 -12.64 35.24 34.94
CA LEU A 304 -12.62 35.15 33.49
C LEU A 304 -13.36 36.28 32.82
N LEU A 305 -14.41 36.80 33.46
CA LEU A 305 -15.19 37.86 32.85
C LEU A 305 -14.51 39.21 32.92
N GLU A 306 -13.44 39.34 33.71
CA GLU A 306 -12.72 40.60 33.82
C GLU A 306 -11.63 40.69 32.76
N LYS A 307 -10.75 39.69 32.73
CA LYS A 307 -9.64 39.71 31.79
C LYS A 307 -10.14 39.68 30.36
N ARG A 308 -11.14 38.85 30.09
CA ARG A 308 -11.87 38.90 28.83
C ARG A 308 -10.95 38.53 27.67
N ASN A 309 -10.18 37.46 27.86
CA ASN A 309 -9.26 36.97 26.83
C ASN A 309 -9.93 36.00 25.87
N ILE A 310 -10.48 34.93 26.42
CA ILE A 310 -10.76 33.73 25.65
C ILE A 310 -11.85 34.00 24.63
N TYR A 311 -11.57 33.66 23.37
CA TYR A 311 -12.50 33.81 22.26
C TYR A 311 -12.61 32.50 21.52
N ILE A 312 -13.78 31.88 21.57
CA ILE A 312 -14.01 30.54 21.07
C ILE A 312 -14.81 30.61 19.77
N ASP A 313 -14.50 29.70 18.85
CA ASP A 313 -15.23 29.53 17.60
C ASP A 313 -15.51 28.05 17.39
N ASP A 314 -16.77 27.66 17.54
CA ASP A 314 -17.17 26.25 17.39
C ASP A 314 -17.64 25.96 15.97
N SER A 315 -16.82 26.33 14.98
CA SER A 315 -17.14 26.08 13.59
C SER A 315 -16.56 24.74 13.16
N SER A 316 -17.26 24.09 12.24
CA SER A 316 -17.06 22.67 12.01
C SER A 316 -15.94 22.36 11.01
N GLY A 317 -16.08 22.84 9.78
CA GLY A 317 -15.26 22.40 8.66
C GLY A 317 -14.40 23.48 8.04
N LEU A 318 -13.72 24.23 8.87
CA LEU A 318 -13.05 25.44 8.43
C LEU A 318 -11.98 25.16 7.39
N THR A 319 -11.47 26.25 6.83
CA THR A 319 -10.35 26.29 5.92
C THR A 319 -9.29 27.20 6.50
N PRO A 320 -8.06 27.11 6.02
CA PRO A 320 -7.02 28.00 6.54
C PRO A 320 -7.29 29.46 6.28
N THR A 321 -7.99 29.78 5.21
CA THR A 321 -8.35 31.16 4.94
C THR A 321 -9.26 31.71 6.02
N GLU A 322 -10.26 30.91 6.42
CA GLU A 322 -11.19 31.35 7.44
C GLU A 322 -10.49 31.52 8.78
N VAL A 323 -9.55 30.61 9.06
CA VAL A 323 -8.73 30.72 10.25
C VAL A 323 -7.96 32.04 10.24
N ARG A 324 -7.32 32.32 9.11
CA ARG A 324 -6.48 33.50 9.02
C ARG A 324 -7.31 34.77 9.18
N SER A 325 -8.47 34.80 8.53
CA SER A 325 -9.33 35.96 8.62
C SER A 325 -9.86 36.15 10.03
N ARG A 326 -10.40 35.09 10.62
CA ARG A 326 -10.98 35.17 11.93
C ARG A 326 -9.95 35.37 13.02
N ALA A 327 -8.67 35.18 12.73
CA ALA A 327 -7.63 35.53 13.66
C ALA A 327 -7.19 36.97 13.49
N ARG A 328 -7.07 37.42 12.24
CA ARG A 328 -6.66 38.79 12.01
C ARG A 328 -7.71 39.77 12.47
N ARG A 329 -8.99 39.38 12.43
CA ARG A 329 -10.05 40.26 12.90
C ARG A 329 -9.81 40.64 14.35
N ILE A 330 -9.52 39.65 15.19
CA ILE A 330 -9.13 39.95 16.56
C ILE A 330 -7.86 40.76 16.58
N ALA A 331 -6.86 40.31 15.82
CA ALA A 331 -5.51 40.75 16.07
C ALA A 331 -5.28 42.21 15.77
N ARG A 332 -6.25 42.90 15.16
CA ARG A 332 -6.19 44.33 14.95
C ARG A 332 -7.08 45.11 15.92
N GLU A 333 -8.25 44.58 16.26
CA GLU A 333 -9.24 45.34 17.01
C GLU A 333 -9.15 45.12 18.51
N HIS A 334 -8.86 43.89 18.95
CA HIS A 334 -8.65 43.60 20.36
C HIS A 334 -7.19 43.74 20.76
N GLY A 335 -6.42 44.55 20.05
CA GLY A 335 -5.00 44.69 20.32
C GLY A 335 -4.16 43.86 19.38
N GLY A 336 -3.74 42.71 19.87
CA GLY A 336 -2.92 41.77 19.14
C GLY A 336 -2.76 40.58 20.06
N ILE A 337 -2.63 39.37 19.53
CA ILE A 337 -3.00 38.18 20.28
C ILE A 337 -1.77 37.44 20.77
N GLY A 338 -2.02 36.42 21.57
CA GLY A 338 -1.02 35.75 22.37
C GLY A 338 -0.85 34.30 22.02
N LEU A 339 -1.92 33.64 21.61
CA LEU A 339 -1.79 32.29 21.09
C LEU A 339 -3.07 31.89 20.38
N ILE A 340 -2.99 30.74 19.73
CA ILE A 340 -4.08 30.15 18.98
C ILE A 340 -4.07 28.67 19.30
N MET A 341 -5.25 28.09 19.40
CA MET A 341 -5.45 26.67 19.59
C MET A 341 -6.34 26.17 18.48
N ILE A 342 -6.07 24.96 18.04
CA ILE A 342 -6.79 24.34 16.94
C ILE A 342 -6.98 22.88 17.31
N ASP A 343 -8.22 22.44 17.39
CA ASP A 343 -8.53 21.09 17.81
C ASP A 343 -8.67 20.20 16.58
N TYR A 344 -7.77 19.22 16.48
CA TYR A 344 -7.95 18.08 15.59
C TYR A 344 -7.99 18.58 14.15
N LEU A 345 -6.88 19.24 13.78
CA LEU A 345 -6.70 19.92 12.51
C LEU A 345 -7.07 19.07 11.30
N GLN A 346 -7.05 17.75 11.42
CA GLN A 346 -7.50 16.89 10.35
C GLN A 346 -8.91 17.18 9.88
N LEU A 347 -9.71 17.95 10.63
CA LEU A 347 -10.99 18.42 10.14
C LEU A 347 -10.89 19.65 9.28
N MET A 348 -9.79 20.38 9.38
CA MET A 348 -9.58 21.48 8.46
C MET A 348 -9.63 20.96 7.03
N ARG A 349 -10.14 21.81 6.14
CA ARG A 349 -10.34 21.45 4.75
C ARG A 349 -9.71 22.50 3.86
N VAL A 350 -9.43 22.08 2.63
CA VAL A 350 -9.25 23.03 1.55
C VAL A 350 -9.86 22.32 0.35
N PRO A 351 -10.96 22.83 -0.23
CA PRO A 351 -11.67 22.02 -1.22
C PRO A 351 -10.91 21.79 -2.49
N ALA A 352 -9.95 22.66 -2.83
CA ALA A 352 -9.12 22.43 -4.00
C ALA A 352 -8.43 21.08 -3.92
N LEU A 353 -7.74 20.84 -2.82
CA LEU A 353 -7.03 19.57 -2.59
C LEU A 353 -7.90 18.60 -1.81
N SER A 354 -9.12 18.42 -2.28
CA SER A 354 -10.07 17.59 -1.56
C SER A 354 -9.93 16.12 -1.90
N ASP A 355 -9.26 15.78 -3.00
CA ASP A 355 -9.03 14.39 -3.36
C ASP A 355 -7.78 13.84 -2.69
N ASN A 356 -6.65 14.51 -2.88
CA ASN A 356 -5.42 14.14 -2.20
C ASN A 356 -5.52 14.60 -0.75
N ARG A 357 -5.54 13.64 0.16
CA ARG A 357 -5.57 13.96 1.58
C ARG A 357 -4.20 14.38 2.09
N THR A 358 -3.16 13.76 1.55
CA THR A 358 -1.82 14.05 2.03
C THR A 358 -1.42 15.50 1.74
N LEU A 359 -1.61 15.93 0.51
CA LEU A 359 -1.30 17.31 0.17
C LEU A 359 -2.25 18.27 0.85
N GLU A 360 -3.45 17.82 1.19
CA GLU A 360 -4.38 18.65 1.95
C GLU A 360 -3.78 19.01 3.30
N ILE A 361 -3.33 18.00 4.04
CA ILE A 361 -2.73 18.26 5.34
C ILE A 361 -1.47 19.09 5.19
N ALA A 362 -0.71 18.87 4.13
CA ALA A 362 0.51 19.64 3.98
C ALA A 362 0.20 21.11 3.76
N GLU A 363 -0.81 21.39 2.95
CA GLU A 363 -1.22 22.77 2.74
C GLU A 363 -1.70 23.39 4.04
N ILE A 364 -2.49 22.63 4.79
CA ILE A 364 -2.99 23.09 6.07
C ILE A 364 -1.83 23.55 6.94
N SER A 365 -0.89 22.64 7.17
CA SER A 365 0.21 22.89 8.09
C SER A 365 1.08 24.04 7.62
N ARG A 366 1.36 24.11 6.33
CA ARG A 366 2.12 25.24 5.82
C ARG A 366 1.38 26.54 6.08
N SER A 367 0.06 26.52 5.95
CA SER A 367 -0.70 27.74 6.13
C SER A 367 -0.69 28.18 7.57
N LEU A 368 -0.68 27.20 8.48
CA LEU A 368 -0.67 27.52 9.89
C LEU A 368 0.68 28.09 10.31
N LYS A 369 1.76 27.51 9.80
CA LYS A 369 3.07 28.07 10.05
C LYS A 369 3.17 29.48 9.48
N ALA A 370 2.58 29.71 8.32
CA ALA A 370 2.60 31.04 7.73
C ALA A 370 1.83 32.02 8.58
N LEU A 371 0.67 31.60 9.07
CA LEU A 371 -0.11 32.42 9.99
C LEU A 371 0.71 32.81 11.20
N ALA A 372 1.39 31.83 11.79
CA ALA A 372 2.18 32.09 12.98
C ALA A 372 3.30 33.08 12.69
N LYS A 373 3.90 32.98 11.52
CA LYS A 373 4.94 33.93 11.17
C LYS A 373 4.35 35.30 10.87
N GLU A 374 3.09 35.33 10.44
CA GLU A 374 2.43 36.57 10.09
C GLU A 374 2.08 37.36 11.34
N LEU A 375 1.27 36.77 12.21
CA LEU A 375 0.84 37.41 13.43
C LEU A 375 1.86 37.35 14.55
N ASN A 376 2.91 36.56 14.40
CA ASN A 376 3.92 36.38 15.43
C ASN A 376 3.28 35.88 16.72
N VAL A 377 2.65 34.72 16.60
CA VAL A 377 2.17 33.99 17.77
C VAL A 377 2.41 32.50 17.61
N PRO A 378 2.29 31.73 18.67
CA PRO A 378 2.26 30.29 18.54
C PRO A 378 0.90 29.81 18.09
N VAL A 379 0.94 28.62 17.52
CA VAL A 379 -0.24 28.00 16.94
C VAL A 379 -0.23 26.56 17.42
N VAL A 380 -0.91 26.31 18.53
CA VAL A 380 -1.14 24.95 18.92
C VAL A 380 -2.08 24.31 17.90
N ALA A 381 -1.82 23.04 17.60
CA ALA A 381 -2.52 22.36 16.52
C ALA A 381 -2.59 20.90 16.91
N LEU A 382 -3.66 20.56 17.58
CA LEU A 382 -3.86 19.19 17.99
C LEU A 382 -4.00 18.30 16.78
N SER A 383 -3.51 17.09 16.96
CA SER A 383 -3.49 16.10 15.91
C SER A 383 -3.72 14.74 16.51
N GLN A 384 -3.94 13.79 15.65
CA GLN A 384 -4.14 12.41 16.05
C GLN A 384 -2.93 11.60 15.67
N LEU A 385 -2.99 10.34 16.02
CA LEU A 385 -1.96 9.37 15.74
C LEU A 385 -2.61 8.19 15.05
N ASN A 386 -1.77 7.35 14.49
CA ASN A 386 -2.21 6.24 13.67
C ASN A 386 -2.15 4.96 14.47
N ARG A 387 -2.95 3.98 14.04
CA ARG A 387 -3.03 2.70 14.75
C ARG A 387 -1.85 1.82 14.34
N SER A 388 -0.66 2.30 14.67
CA SER A 388 0.60 1.61 14.39
C SER A 388 1.31 1.21 15.66
N LEU A 389 1.32 2.09 16.65
CA LEU A 389 1.94 1.81 17.93
C LEU A 389 1.28 0.68 18.65
N GLU A 390 0.02 0.37 18.33
CA GLU A 390 -0.69 -0.66 19.06
C GLU A 390 0.00 -2.01 18.91
N GLN A 391 0.49 -2.31 17.71
CA GLN A 391 1.31 -3.49 17.48
C GLN A 391 2.80 -3.17 17.62
N ARG A 392 3.20 -2.54 18.73
CA ARG A 392 4.61 -2.23 18.96
C ARG A 392 5.09 -2.51 20.37
N ALA A 393 4.20 -2.73 21.34
CA ALA A 393 4.56 -3.26 22.66
C ALA A 393 5.27 -2.30 23.60
N ASP A 394 5.64 -1.12 23.12
CA ASP A 394 6.16 -0.05 23.97
C ASP A 394 5.14 1.04 24.18
N LYS A 395 4.41 1.39 23.13
CA LYS A 395 3.28 2.32 23.14
C LYS A 395 3.69 3.77 23.32
N ARG A 396 4.98 4.05 23.49
CA ARG A 396 5.41 5.44 23.59
C ARG A 396 5.36 6.02 22.19
N PRO A 397 4.60 7.09 21.94
CA PRO A 397 4.43 7.54 20.57
C PRO A 397 5.67 8.23 20.04
N VAL A 398 6.14 7.75 18.90
CA VAL A 398 7.26 8.32 18.21
C VAL A 398 6.72 9.27 17.16
N ASN A 399 7.61 10.15 16.71
CA ASN A 399 7.24 11.24 15.81
C ASN A 399 6.57 10.75 14.53
N SER A 400 6.95 9.56 14.05
CA SER A 400 6.31 8.98 12.88
C SER A 400 4.83 8.80 13.09
N ASP A 401 4.42 8.52 14.33
CA ASP A 401 3.05 8.21 14.62
C ASP A 401 2.26 9.51 14.65
N LEU A 402 2.07 10.09 13.47
CA LEU A 402 1.22 11.25 13.31
C LEU A 402 0.17 10.87 12.30
N ARG A 403 -0.99 11.51 12.41
CA ARG A 403 -2.15 10.97 11.74
C ARG A 403 -1.94 10.83 10.25
N GLU A 404 -1.41 11.86 9.61
CA GLU A 404 -1.27 11.83 8.16
C GLU A 404 -0.15 12.77 7.72
N SER A 405 0.39 12.45 6.57
CA SER A 405 1.16 13.30 5.69
C SER A 405 2.59 13.54 6.09
N GLY A 406 3.03 13.18 7.28
CA GLY A 406 4.43 13.35 7.61
C GLY A 406 5.06 14.74 7.49
N SER A 407 4.30 15.74 7.08
CA SER A 407 4.80 17.09 6.93
C SER A 407 4.56 17.93 8.16
N ILE A 408 3.66 17.49 9.04
CA ILE A 408 3.40 18.18 10.29
C ILE A 408 4.44 17.83 11.34
N GLU A 409 5.33 16.90 11.03
CA GLU A 409 6.57 16.71 11.76
C GLU A 409 7.75 17.38 11.06
N GLN A 410 7.48 18.26 10.14
CA GLN A 410 8.47 18.92 9.31
C GLN A 410 8.33 20.42 9.36
N ASP A 411 7.10 20.90 9.43
CA ASP A 411 6.80 22.30 9.57
C ASP A 411 6.66 22.70 11.02
N ALA A 412 6.70 21.74 11.94
CA ALA A 412 6.53 21.99 13.36
C ALA A 412 7.87 22.26 14.03
N ASP A 413 7.91 23.34 14.79
CA ASP A 413 9.05 23.68 15.62
C ASP A 413 8.95 23.09 17.01
N LEU A 414 7.91 22.32 17.28
CA LEU A 414 7.76 21.66 18.57
C LEU A 414 6.66 20.64 18.45
N ILE A 415 6.89 19.50 19.02
CA ILE A 415 5.92 18.44 19.14
C ILE A 415 6.01 17.97 20.56
N MET A 416 4.88 17.63 21.15
CA MET A 416 4.92 17.02 22.46
C MET A 416 3.70 16.14 22.62
N PHE A 417 3.97 14.84 22.59
CA PHE A 417 2.97 13.83 22.71
C PHE A 417 2.56 13.66 24.16
N ILE A 418 1.61 12.77 24.36
CA ILE A 418 1.09 12.44 25.68
C ILE A 418 0.98 10.93 25.74
N TYR A 419 1.36 10.39 26.90
CA TYR A 419 1.24 8.97 27.15
C TYR A 419 0.90 8.80 28.61
N ARG A 420 -0.07 7.94 28.86
CA ARG A 420 -0.65 7.76 30.18
C ARG A 420 -0.76 6.24 30.32
N ASP A 421 0.16 5.66 31.08
CA ASP A 421 0.34 4.23 31.04
C ASP A 421 -0.82 3.47 31.66
N GLU A 422 -1.57 4.09 32.56
CA GLU A 422 -2.67 3.39 33.22
C GLU A 422 -3.74 2.93 32.24
N VAL A 423 -3.78 3.50 31.04
CA VAL A 423 -4.78 3.11 30.04
C VAL A 423 -4.47 1.72 29.52
N TYR A 424 -3.21 1.48 29.17
CA TYR A 424 -2.83 0.23 28.54
C TYR A 424 -2.49 -0.84 29.56
N HIS A 425 -1.85 -0.43 30.64
CA HIS A 425 -1.48 -1.32 31.74
C HIS A 425 -2.34 -0.95 32.94
N GLU A 426 -3.36 -1.76 33.21
CA GLU A 426 -4.00 -1.64 34.51
C GLU A 426 -3.01 -1.99 35.60
N ASN A 427 -2.10 -2.92 35.32
CA ASN A 427 -0.99 -3.22 36.22
C ASN A 427 0.19 -2.29 35.97
N SER A 428 -0.06 -0.98 36.08
CA SER A 428 1.00 0.01 36.08
C SER A 428 1.25 0.51 37.49
N ASP A 429 2.49 0.96 37.71
CA ASP A 429 2.86 1.77 38.86
C ASP A 429 3.01 3.22 38.47
N LEU A 430 2.27 3.65 37.45
CA LEU A 430 2.41 4.93 36.80
C LEU A 430 1.04 5.49 36.53
N LYS A 431 0.13 5.33 37.49
CA LYS A 431 -1.24 5.78 37.36
C LYS A 431 -1.41 7.13 38.04
N GLY A 432 -2.35 7.91 37.53
CA GLY A 432 -2.41 9.30 37.92
C GLY A 432 -1.26 10.09 37.40
N ILE A 433 -0.65 9.62 36.32
CA ILE A 433 0.63 10.13 35.85
C ILE A 433 0.58 10.13 34.34
N ALA A 434 0.76 11.29 33.74
CA ALA A 434 0.85 11.45 32.31
C ALA A 434 2.17 12.11 32.02
N GLU A 435 2.88 11.59 31.03
CA GLU A 435 4.18 12.11 30.66
C GLU A 435 4.14 12.69 29.26
N ILE A 436 4.71 13.88 29.14
CA ILE A 436 4.52 14.74 27.99
C ILE A 436 5.76 14.54 27.14
N ILE A 437 5.71 13.55 26.28
CA ILE A 437 6.89 13.17 25.54
C ILE A 437 7.15 14.24 24.49
N ILE A 438 8.13 15.08 24.76
CA ILE A 438 8.65 15.96 23.73
C ILE A 438 9.35 15.09 22.71
N GLY A 439 8.80 15.05 21.50
CA GLY A 439 9.21 14.13 20.47
C GLY A 439 9.92 14.84 19.34
N LYS A 440 9.98 16.16 19.44
CA LYS A 440 10.72 16.97 18.49
C LYS A 440 10.73 18.39 19.00
N GLN A 441 11.85 19.05 18.81
CA GLN A 441 11.92 20.47 19.09
C GLN A 441 13.17 21.01 18.44
N ARG A 442 12.99 21.97 17.53
CA ARG A 442 14.09 22.42 16.70
C ARG A 442 15.07 23.23 17.50
N ASN A 443 14.56 24.21 18.23
CA ASN A 443 15.36 25.19 18.95
C ASN A 443 15.56 24.81 20.40
N GLY A 444 15.55 23.52 20.70
CA GLY A 444 15.73 23.10 22.06
C GLY A 444 15.81 21.61 22.21
N PRO A 445 15.97 21.17 23.45
CA PRO A 445 16.16 19.74 23.71
C PRO A 445 14.87 18.96 23.64
N ILE A 446 15.03 17.65 23.70
CA ILE A 446 13.94 16.72 23.83
C ILE A 446 13.99 16.16 25.25
N GLY A 447 12.99 15.36 25.59
CA GLY A 447 12.89 14.92 26.96
C GLY A 447 11.60 14.18 27.21
N THR A 448 11.25 14.11 28.48
CA THR A 448 10.02 13.48 28.93
C THR A 448 9.61 14.13 30.24
N VAL A 449 8.78 15.15 30.13
CA VAL A 449 8.15 15.73 31.28
C VAL A 449 7.08 14.77 31.79
N ARG A 450 6.76 14.91 33.07
CA ARG A 450 5.74 14.12 33.72
C ARG A 450 4.85 15.02 34.52
N LEU A 451 3.58 14.66 34.58
CA LEU A 451 2.54 15.46 35.19
C LEU A 451 1.46 14.53 35.67
N THR A 452 0.68 14.99 36.63
CA THR A 452 -0.35 14.17 37.24
C THR A 452 -1.69 14.47 36.59
N PHE A 453 -2.38 13.42 36.20
CA PHE A 453 -3.66 13.52 35.54
C PHE A 453 -4.79 13.32 36.53
N ASN A 454 -5.74 14.23 36.50
CA ASN A 454 -6.97 14.09 37.27
C ASN A 454 -8.12 14.49 36.35
N GLY A 455 -8.58 13.53 35.57
CA GLY A 455 -9.63 13.81 34.62
C GLY A 455 -10.99 13.99 35.21
N GLN A 456 -11.12 13.85 36.52
CA GLN A 456 -12.42 14.08 37.12
C GLN A 456 -12.80 15.54 37.03
N TRP A 457 -11.82 16.43 37.10
CA TRP A 457 -12.02 17.83 36.83
C TRP A 457 -11.18 18.32 35.66
N SER A 458 -10.69 17.39 34.82
CA SER A 458 -10.12 17.69 33.52
C SER A 458 -8.97 18.70 33.62
N ARG A 459 -7.91 18.22 34.24
CA ARG A 459 -6.76 19.07 34.48
C ARG A 459 -5.52 18.20 34.49
N PHE A 460 -4.42 18.81 34.09
CA PHE A 460 -3.10 18.29 34.35
C PHE A 460 -2.45 19.19 35.38
N ASP A 461 -1.68 18.59 36.26
CA ASP A 461 -1.04 19.34 37.31
C ASP A 461 0.40 18.90 37.43
N ASN A 462 1.18 19.75 38.07
CA ASN A 462 2.59 19.50 38.24
C ASN A 462 2.81 18.28 39.13
N TYR A 463 4.03 17.77 39.05
CA TYR A 463 4.41 16.55 39.75
C TYR A 463 5.68 16.84 40.55
N ALA A 464 5.49 17.14 41.81
CA ALA A 464 6.59 17.27 42.75
C ALA A 464 7.01 15.88 43.14
N GLY A 465 7.98 15.35 42.42
CA GLY A 465 8.40 13.97 42.61
C GLY A 465 9.73 13.68 41.97
N PRO A 466 9.98 12.41 41.65
CA PRO A 466 11.28 12.04 41.07
C PRO A 466 11.58 12.73 39.76
N GLN A 467 12.87 12.99 39.54
CA GLN A 467 13.37 13.64 38.33
C GLN A 467 13.31 12.67 37.14
N TYR A 468 13.84 13.15 35.99
CA TYR A 468 13.68 12.49 34.69
C TYR A 468 15.00 12.35 33.93
N LEU B 24 15.22 53.42 -43.25
CA LEU B 24 16.31 53.78 -42.37
C LEU B 24 16.28 52.90 -41.12
N LYS B 25 15.10 52.79 -40.52
CA LYS B 25 14.85 51.90 -39.39
C LYS B 25 14.03 50.73 -39.91
N VAL B 26 14.72 49.66 -40.29
CA VAL B 26 14.11 48.49 -40.90
C VAL B 26 14.60 47.23 -40.18
N PRO B 27 13.79 46.17 -40.06
CA PRO B 27 14.35 44.89 -39.62
C PRO B 27 15.40 44.40 -40.60
N PRO B 28 16.66 44.21 -40.17
CA PRO B 28 17.65 43.68 -41.11
C PRO B 28 17.38 42.22 -41.40
N HIS B 29 17.26 41.90 -42.69
CA HIS B 29 17.18 40.52 -43.15
C HIS B 29 18.01 40.45 -44.42
N SER B 30 19.26 40.04 -44.27
CA SER B 30 20.15 39.89 -45.42
C SER B 30 19.60 38.78 -46.29
N ILE B 31 19.01 39.15 -47.43
CA ILE B 31 18.13 38.25 -48.18
C ILE B 31 18.79 37.66 -49.42
N GLU B 32 19.80 38.33 -49.98
CA GLU B 32 20.55 37.71 -51.07
C GLU B 32 21.22 36.42 -50.61
N ALA B 33 21.79 36.45 -49.41
CA ALA B 33 22.40 35.25 -48.86
C ALA B 33 21.38 34.13 -48.68
N GLU B 34 20.12 34.48 -48.41
CA GLU B 34 19.09 33.46 -48.29
C GLU B 34 18.90 32.70 -49.59
N GLN B 35 18.67 33.43 -50.69
CA GLN B 35 18.57 32.79 -51.99
C GLN B 35 19.84 32.03 -52.34
N SER B 36 21.00 32.55 -51.92
CA SER B 36 22.24 31.85 -52.20
C SER B 36 22.29 30.51 -51.48
N VAL B 37 21.81 30.48 -50.23
CA VAL B 37 21.76 29.24 -49.48
C VAL B 37 20.80 28.26 -50.17
N LEU B 38 19.60 28.72 -50.50
CA LEU B 38 18.61 27.86 -51.14
C LEU B 38 19.15 27.24 -52.42
N GLY B 39 19.83 28.04 -53.25
CA GLY B 39 20.39 27.51 -54.48
C GLY B 39 21.57 26.59 -54.25
N GLY B 40 22.41 26.91 -53.27
CA GLY B 40 23.49 26.01 -52.90
C GLY B 40 22.97 24.65 -52.46
N LEU B 41 21.80 24.62 -51.83
CA LEU B 41 21.17 23.36 -51.47
C LEU B 41 20.57 22.66 -52.68
N MET B 42 19.97 23.43 -53.59
CA MET B 42 19.45 22.85 -54.83
C MET B 42 20.56 22.14 -55.60
N LEU B 43 21.71 22.78 -55.75
CA LEU B 43 22.79 22.20 -56.53
C LEU B 43 23.59 21.14 -55.78
N ASP B 44 23.25 20.84 -54.53
CA ASP B 44 23.99 19.84 -53.77
C ASP B 44 23.10 19.28 -52.67
N ASN B 45 22.69 18.03 -52.82
CA ASN B 45 21.99 17.34 -51.75
C ASN B 45 22.87 17.15 -50.52
N GLU B 46 24.19 17.12 -50.69
CA GLU B 46 25.12 16.71 -49.65
C GLU B 46 25.03 17.62 -48.44
N ARG B 47 25.41 18.88 -48.62
CA ARG B 47 25.67 19.77 -47.49
C ARG B 47 24.36 20.44 -47.06
N TRP B 48 23.53 19.65 -46.40
CA TRP B 48 22.30 20.14 -45.78
C TRP B 48 22.29 19.96 -44.28
N ASP B 49 22.60 18.77 -43.77
CA ASP B 49 22.72 18.58 -42.33
C ASP B 49 23.69 19.59 -41.73
N ASP B 50 24.81 19.84 -42.42
CA ASP B 50 25.73 20.90 -42.02
C ASP B 50 25.01 22.23 -41.97
N VAL B 51 24.21 22.53 -43.00
CA VAL B 51 23.49 23.79 -43.02
C VAL B 51 22.39 23.78 -41.95
N ALA B 52 21.65 22.69 -41.85
CA ALA B 52 20.54 22.61 -40.91
C ALA B 52 21.00 22.46 -39.46
N GLU B 53 22.31 22.46 -39.21
CA GLU B 53 22.79 22.78 -37.87
C GLU B 53 22.25 24.12 -37.42
N ARG B 54 22.18 25.08 -38.35
CA ARG B 54 21.87 26.47 -38.06
C ARG B 54 20.53 26.94 -38.59
N VAL B 55 19.98 26.28 -39.59
CA VAL B 55 18.84 26.79 -40.34
C VAL B 55 17.58 26.10 -39.86
N VAL B 56 16.53 26.89 -39.64
CA VAL B 56 15.24 26.42 -39.14
C VAL B 56 14.15 27.22 -39.88
N ALA B 57 12.94 26.65 -39.91
CA ALA B 57 11.82 27.28 -40.63
C ALA B 57 11.57 28.70 -40.16
N ASP B 58 11.40 28.88 -38.84
CA ASP B 58 11.09 30.20 -38.30
C ASP B 58 12.19 31.23 -38.57
N ASP B 59 13.39 30.77 -38.90
CA ASP B 59 14.52 31.67 -39.12
C ASP B 59 14.25 32.67 -40.24
N PHE B 60 13.40 32.32 -41.20
CA PHE B 60 13.32 33.05 -42.45
C PHE B 60 12.23 34.11 -42.42
N TYR B 61 12.30 34.99 -43.41
CA TYR B 61 11.57 36.24 -43.43
C TYR B 61 10.23 36.14 -44.17
N THR B 62 10.18 35.37 -45.26
CA THR B 62 9.03 35.31 -46.15
C THR B 62 8.46 33.90 -46.19
N ARG B 63 7.13 33.81 -46.19
CA ARG B 63 6.46 32.52 -46.09
C ARG B 63 6.75 31.54 -47.22
N PRO B 64 6.83 31.95 -48.49
CA PRO B 64 7.18 30.97 -49.54
C PRO B 64 8.51 30.28 -49.29
N HIS B 65 9.54 31.03 -48.91
CA HIS B 65 10.80 30.42 -48.51
C HIS B 65 10.60 29.43 -47.37
N ARG B 66 9.71 29.76 -46.44
CA ARG B 66 9.48 28.87 -45.30
C ARG B 66 8.86 27.55 -45.76
N HIS B 67 7.81 27.62 -46.59
CA HIS B 67 7.16 26.39 -47.05
C HIS B 67 8.10 25.57 -47.92
N ILE B 68 8.84 26.24 -48.80
CA ILE B 68 9.78 25.54 -49.67
C ILE B 68 10.84 24.85 -48.84
N PHE B 69 11.38 25.54 -47.83
CA PHE B 69 12.47 24.97 -47.07
C PHE B 69 12.00 23.86 -46.16
N THR B 70 10.82 24.01 -45.55
CA THR B 70 10.34 22.92 -44.71
C THR B 70 10.03 21.69 -45.54
N GLU B 71 9.58 21.86 -46.79
CA GLU B 71 9.37 20.69 -47.64
C GLU B 71 10.71 20.09 -48.07
N MET B 72 11.70 20.93 -48.39
CA MET B 72 13.03 20.43 -48.71
C MET B 72 13.61 19.62 -47.56
N ALA B 73 13.47 20.14 -46.34
CA ALA B 73 13.94 19.42 -45.16
C ALA B 73 13.14 18.14 -44.97
N ARG B 74 11.83 18.19 -45.23
CA ARG B 74 11.01 17.00 -45.10
C ARG B 74 11.46 15.92 -46.07
N LEU B 75 11.98 16.33 -47.22
CA LEU B 75 12.46 15.36 -48.19
C LEU B 75 13.85 14.84 -47.81
N GLN B 76 14.77 15.73 -47.43
CA GLN B 76 16.08 15.30 -46.92
C GLN B 76 15.92 14.34 -45.76
N GLU B 77 14.84 14.48 -45.00
CA GLU B 77 14.48 13.46 -44.02
C GLU B 77 14.11 12.16 -44.73
N SER B 78 13.22 12.25 -45.71
CA SER B 78 12.70 11.07 -46.39
C SER B 78 13.46 10.75 -47.67
N GLY B 79 13.44 11.66 -48.64
CA GLY B 79 14.09 11.47 -49.93
C GLY B 79 15.20 12.45 -50.18
N SER B 80 16.44 11.97 -50.16
CA SER B 80 17.59 12.83 -50.34
C SER B 80 17.65 13.55 -51.69
N PRO B 81 17.27 12.95 -52.84
CA PRO B 81 17.46 13.68 -54.11
C PRO B 81 16.43 14.79 -54.30
N ILE B 82 16.90 16.02 -54.22
CA ILE B 82 16.10 17.22 -54.51
C ILE B 82 17.06 18.24 -55.12
N ASP B 83 16.79 18.65 -56.36
CA ASP B 83 17.53 19.77 -56.94
C ASP B 83 16.64 20.90 -57.45
N LEU B 84 15.73 20.58 -58.34
CA LEU B 84 15.01 21.55 -59.16
C LEU B 84 13.52 21.33 -59.16
N ILE B 85 13.10 20.07 -59.23
CA ILE B 85 11.70 19.73 -59.49
C ILE B 85 11.17 18.72 -58.49
N THR B 86 12.00 17.97 -57.78
CA THR B 86 11.47 17.10 -56.73
C THR B 86 10.77 17.91 -55.65
N LEU B 87 11.27 19.12 -55.37
CA LEU B 87 10.61 19.96 -54.36
C LEU B 87 9.29 20.49 -54.88
N ALA B 88 9.31 21.13 -56.06
CA ALA B 88 8.08 21.59 -56.70
C ALA B 88 7.07 20.48 -56.81
N GLU B 89 7.54 19.25 -56.93
CA GLU B 89 6.65 18.11 -57.10
C GLU B 89 6.11 17.64 -55.76
N SER B 90 6.92 17.58 -54.71
CA SER B 90 6.39 17.28 -53.39
C SER B 90 5.36 18.33 -52.98
N LEU B 91 5.68 19.59 -53.28
CA LEU B 91 4.73 20.69 -53.16
C LEU B 91 3.46 20.40 -53.94
N GLU B 92 3.60 19.81 -55.13
CA GLU B 92 2.45 19.50 -55.98
C GLU B 92 1.64 18.28 -55.50
N ARG B 93 2.28 17.34 -54.79
CA ARG B 93 1.68 16.03 -54.50
C ARG B 93 0.29 16.17 -53.91
N GLN B 94 0.05 17.24 -53.14
CA GLN B 94 -1.31 17.68 -52.87
C GLN B 94 -1.35 19.22 -52.90
N GLY B 95 -1.55 19.76 -54.11
CA GLY B 95 -2.03 21.12 -54.30
C GLY B 95 -1.52 22.25 -53.44
N GLN B 96 -0.24 22.61 -53.58
CA GLN B 96 0.31 23.79 -52.92
C GLN B 96 0.76 24.87 -53.89
N LEU B 97 0.65 24.64 -55.19
CA LEU B 97 1.25 25.54 -56.18
C LEU B 97 0.64 26.94 -56.10
N ASP B 98 1.50 27.94 -56.34
CA ASP B 98 1.13 29.34 -56.50
C ASP B 98 0.73 30.04 -55.21
N SER B 99 0.65 29.30 -54.09
CA SER B 99 0.59 29.91 -52.78
C SER B 99 1.97 30.28 -52.27
N VAL B 100 3.03 29.68 -52.83
CA VAL B 100 4.40 29.91 -52.42
C VAL B 100 5.15 30.56 -53.57
N GLY B 101 4.46 31.38 -54.35
CA GLY B 101 5.04 32.07 -55.48
C GLY B 101 4.60 31.48 -56.80
N GLY B 102 5.49 30.74 -57.45
CA GLY B 102 5.16 30.16 -58.74
C GLY B 102 6.16 29.07 -59.11
N PHE B 103 5.88 28.44 -60.25
CA PHE B 103 6.73 27.37 -60.73
C PHE B 103 7.98 27.92 -61.42
N ALA B 104 7.80 28.91 -62.29
CA ALA B 104 8.95 29.62 -62.85
C ALA B 104 9.67 30.40 -61.77
N TYR B 105 8.91 30.92 -60.80
CA TYR B 105 9.52 31.51 -59.61
C TYR B 105 10.43 30.52 -58.93
N LEU B 106 9.98 29.27 -58.79
CA LEU B 106 10.80 28.22 -58.19
C LEU B 106 12.03 27.93 -59.03
N ALA B 107 11.87 27.86 -60.35
CA ALA B 107 13.00 27.53 -61.21
C ALA B 107 14.05 28.62 -61.21
N GLU B 108 13.62 29.88 -61.08
CA GLU B 108 14.54 31.00 -61.10
C GLU B 108 15.56 30.91 -59.97
N LEU B 109 15.16 30.40 -58.82
CA LEU B 109 16.10 30.29 -57.70
C LEU B 109 17.18 29.26 -58.00
N SER B 110 16.82 28.18 -58.68
CA SER B 110 17.81 27.19 -59.10
C SER B 110 18.74 27.78 -60.15
N LYS B 111 18.18 28.51 -61.11
CA LYS B 111 19.00 29.10 -62.16
C LYS B 111 20.02 30.08 -61.59
N ASN B 112 19.70 30.72 -60.47
CA ASN B 112 20.57 31.71 -59.90
C ASN B 112 21.69 31.05 -59.11
N THR B 113 22.56 31.89 -58.54
CA THR B 113 23.60 31.60 -57.55
C THR B 113 24.38 30.33 -57.84
N PRO B 114 25.28 30.35 -58.82
CA PRO B 114 26.30 29.28 -58.93
C PRO B 114 27.48 29.49 -57.99
N SER B 115 27.32 30.30 -56.95
CA SER B 115 28.40 30.70 -56.06
C SER B 115 29.08 29.48 -55.43
N ALA B 116 30.21 29.76 -54.77
CA ALA B 116 31.14 28.73 -54.34
C ALA B 116 30.76 28.25 -52.93
N ALA B 117 31.68 27.55 -52.29
CA ALA B 117 31.45 26.81 -51.05
C ALA B 117 31.28 27.68 -49.84
N ASN B 118 31.15 29.01 -49.91
CA ASN B 118 30.96 29.82 -48.70
C ASN B 118 29.50 29.74 -48.21
N ILE B 119 29.09 28.50 -47.92
CA ILE B 119 27.74 28.26 -47.41
C ILE B 119 27.70 28.41 -45.90
N SER B 120 28.81 28.09 -45.23
CA SER B 120 28.90 28.22 -43.78
C SER B 120 28.61 29.65 -43.35
N ALA B 121 29.29 30.62 -43.98
CA ALA B 121 29.16 32.01 -43.56
C ALA B 121 27.78 32.58 -43.91
N TYR B 122 27.27 32.25 -45.09
CA TYR B 122 25.94 32.68 -45.46
C TYR B 122 24.91 32.17 -44.47
N ALA B 123 24.93 30.87 -44.19
CA ALA B 123 24.00 30.32 -43.21
C ALA B 123 24.24 30.90 -41.83
N ASP B 124 25.49 31.25 -41.52
CA ASP B 124 25.81 31.90 -40.26
C ASP B 124 25.01 33.19 -40.10
N ILE B 125 25.15 34.10 -41.06
CA ILE B 125 24.48 35.40 -40.95
C ILE B 125 22.96 35.22 -41.03
N VAL B 126 22.51 34.26 -41.85
CA VAL B 126 21.07 34.06 -42.02
C VAL B 126 20.47 33.53 -40.73
N ARG B 127 21.25 32.77 -39.96
CA ARG B 127 20.81 32.34 -38.65
C ARG B 127 20.91 33.48 -37.64
N GLU B 128 21.95 34.29 -37.77
CA GLU B 128 22.24 35.33 -36.78
C GLU B 128 21.16 36.40 -36.76
N ARG B 129 20.60 36.73 -37.92
CA ARG B 129 19.69 37.88 -37.98
C ARG B 129 18.32 37.56 -37.38
N ALA B 130 17.87 36.31 -37.47
CA ALA B 130 16.51 36.00 -37.03
C ALA B 130 16.36 36.09 -35.52
N VAL B 131 17.39 35.69 -34.78
CA VAL B 131 17.32 35.79 -33.33
C VAL B 131 17.23 37.25 -32.92
N VAL B 132 17.91 38.13 -33.65
CA VAL B 132 17.79 39.55 -33.39
C VAL B 132 16.37 40.01 -33.68
N ARG B 133 15.79 39.53 -34.79
CA ARG B 133 14.42 39.90 -35.11
C ARG B 133 13.47 39.50 -33.98
N GLU B 134 13.65 38.27 -33.47
CA GLU B 134 12.87 37.84 -32.33
C GLU B 134 13.13 38.72 -31.11
N MET B 135 14.37 39.19 -30.96
CA MET B 135 14.70 40.02 -29.81
C MET B 135 13.92 41.32 -29.83
N ILE B 136 13.91 42.01 -30.97
CA ILE B 136 13.15 43.26 -31.02
C ILE B 136 11.66 42.95 -30.89
N SER B 137 11.21 41.80 -31.40
CA SER B 137 9.82 41.43 -31.24
C SER B 137 9.46 41.35 -29.76
N VAL B 138 10.30 40.66 -29.00
CA VAL B 138 10.07 40.52 -27.56
C VAL B 138 10.14 41.87 -26.88
N ALA B 139 11.05 42.73 -27.31
CA ALA B 139 11.15 44.07 -26.72
C ALA B 139 9.82 44.83 -26.90
N ASN B 140 9.28 44.80 -28.12
CA ASN B 140 7.98 45.40 -28.38
C ASN B 140 6.90 44.79 -27.49
N GLU B 141 6.92 43.47 -27.36
CA GLU B 141 5.89 42.80 -26.56
C GLU B 141 5.96 43.23 -25.12
N ILE B 142 7.17 43.28 -24.55
CA ILE B 142 7.34 43.66 -23.16
C ILE B 142 6.88 45.10 -22.95
N ALA B 143 7.26 46.00 -23.85
CA ALA B 143 6.89 47.40 -23.68
C ALA B 143 5.38 47.59 -23.75
N GLU B 144 4.76 47.09 -24.82
CA GLU B 144 3.31 47.25 -24.95
C GLU B 144 2.56 46.53 -23.84
N ALA B 145 3.09 45.40 -23.37
CA ALA B 145 2.50 44.76 -22.21
C ALA B 145 2.63 45.64 -20.97
N GLY B 146 3.69 46.44 -20.90
CA GLY B 146 3.77 47.44 -19.84
C GLY B 146 2.69 48.48 -19.99
N PHE B 147 2.40 48.89 -21.23
CA PHE B 147 1.28 49.81 -21.46
C PHE B 147 -0.05 49.18 -21.07
N ASP B 148 -0.17 47.86 -21.20
CA ASP B 148 -1.41 47.13 -20.93
C ASP B 148 -1.14 46.16 -19.79
N PRO B 149 -1.27 46.59 -18.53
CA PRO B 149 -0.86 45.70 -17.43
C PRO B 149 -1.71 44.45 -17.30
N GLN B 150 -3.03 44.58 -17.41
CA GLN B 150 -3.96 43.46 -17.25
C GLN B 150 -3.77 42.81 -15.88
N GLY B 151 -4.02 43.61 -14.84
CA GLY B 151 -3.89 43.17 -13.48
C GLY B 151 -2.49 42.68 -13.17
N ARG B 152 -1.52 43.58 -13.26
CA ARG B 152 -0.11 43.23 -13.12
C ARG B 152 0.62 44.27 -12.30
N THR B 153 1.67 43.82 -11.63
CA THR B 153 2.58 44.67 -10.87
C THR B 153 3.97 44.59 -11.50
N SER B 154 4.81 45.56 -11.16
CA SER B 154 6.18 45.58 -11.69
C SER B 154 6.96 44.34 -11.25
N GLU B 155 6.72 43.86 -10.03
CA GLU B 155 7.38 42.65 -9.57
C GLU B 155 7.02 41.46 -10.45
N ASP B 156 5.76 41.36 -10.86
CA ASP B 156 5.32 40.29 -11.76
C ASP B 156 5.60 40.59 -13.22
N LEU B 157 6.39 41.63 -13.51
CA LEU B 157 6.63 42.12 -14.86
C LEU B 157 8.10 42.08 -15.22
N LEU B 158 8.96 42.56 -14.34
CA LEU B 158 10.38 42.31 -14.51
C LEU B 158 10.66 40.81 -14.49
N ASP B 159 9.85 40.04 -13.76
CA ASP B 159 9.98 38.59 -13.82
C ASP B 159 9.72 38.07 -15.23
N LEU B 160 8.65 38.55 -15.85
CA LEU B 160 8.38 38.19 -17.25
C LEU B 160 9.54 38.56 -18.14
N ALA B 161 10.12 39.73 -17.92
CA ALA B 161 11.22 40.20 -18.75
C ALA B 161 12.42 39.29 -18.62
N GLU B 162 12.87 39.06 -17.39
CA GLU B 162 13.95 38.13 -17.11
C GLU B 162 13.69 36.78 -17.75
N SER B 163 12.48 36.26 -17.55
CA SER B 163 12.14 34.92 -18.02
C SER B 163 12.29 34.82 -19.53
N ARG B 164 11.70 35.77 -20.26
CA ARG B 164 11.76 35.68 -21.71
C ARG B 164 13.17 35.91 -22.24
N VAL B 165 13.88 36.91 -21.69
CA VAL B 165 15.20 37.23 -22.22
C VAL B 165 16.15 36.06 -22.00
N PHE B 166 16.16 35.52 -20.78
CA PHE B 166 17.08 34.40 -20.56
C PHE B 166 16.58 33.12 -21.24
N LYS B 167 15.27 32.96 -21.43
CA LYS B 167 14.79 31.80 -22.17
C LYS B 167 15.27 31.86 -23.62
N ILE B 168 15.44 33.07 -24.15
CA ILE B 168 16.14 33.22 -25.42
C ILE B 168 17.60 32.84 -25.26
N ALA B 169 18.26 33.40 -24.24
CA ALA B 169 19.71 33.32 -24.16
C ALA B 169 20.19 31.88 -23.97
N GLU B 170 19.57 31.15 -23.04
CA GLU B 170 19.93 29.75 -22.83
C GLU B 170 19.61 28.91 -24.05
N SER B 171 18.49 29.20 -24.71
CA SER B 171 18.11 28.45 -25.89
C SER B 171 19.05 28.71 -27.06
N ARG B 172 19.78 29.82 -27.03
CA ARG B 172 20.75 30.18 -28.05
C ARG B 172 22.18 29.86 -27.64
N ALA B 173 22.52 30.12 -26.37
CA ALA B 173 23.92 30.16 -25.95
C ALA B 173 24.64 28.84 -26.20
N ASN B 174 23.91 27.73 -26.20
CA ASN B 174 24.52 26.41 -26.37
C ASN B 174 24.74 26.13 -27.85
N LYS B 175 25.67 26.88 -28.42
CA LYS B 175 26.10 26.74 -29.81
C LYS B 175 27.61 26.55 -29.85
N ASP B 176 28.10 25.65 -29.01
CA ASP B 176 29.34 24.94 -29.25
C ASP B 176 29.11 23.43 -29.31
N GLU B 177 27.85 23.03 -29.52
CA GLU B 177 27.45 21.65 -29.36
C GLU B 177 27.97 20.78 -30.50
N GLY B 178 28.32 19.55 -30.16
CA GLY B 178 28.60 18.55 -31.16
C GLY B 178 29.35 17.38 -30.56
N PRO B 179 29.45 16.29 -31.30
CA PRO B 179 30.26 15.16 -30.86
C PRO B 179 31.73 15.41 -31.12
N LYS B 180 32.48 15.62 -30.05
CA LYS B 180 33.86 16.01 -30.15
C LYS B 180 34.75 14.80 -30.38
N ASN B 181 35.68 14.94 -31.32
CA ASN B 181 36.74 13.98 -31.46
C ASN B 181 37.52 13.88 -30.17
N ILE B 182 38.18 12.75 -29.99
CA ILE B 182 38.75 12.45 -28.68
C ILE B 182 39.92 13.36 -28.36
N ALA B 183 40.69 13.79 -29.36
CA ALA B 183 41.78 14.72 -29.10
C ALA B 183 41.28 16.01 -28.47
N ASP B 184 40.17 16.53 -29.00
CA ASP B 184 39.59 17.74 -28.44
C ASP B 184 39.08 17.53 -27.02
N VAL B 185 38.81 16.28 -26.65
CA VAL B 185 38.40 15.98 -25.29
C VAL B 185 39.61 15.92 -24.38
N LEU B 186 40.59 15.15 -24.79
CA LEU B 186 41.76 14.93 -23.97
C LEU B 186 42.57 16.19 -23.79
N ASP B 187 42.47 17.14 -24.71
CA ASP B 187 43.14 18.42 -24.51
C ASP B 187 42.63 19.09 -23.24
N ALA B 188 41.30 19.20 -23.11
CA ALA B 188 40.74 19.85 -21.94
C ALA B 188 40.94 19.01 -20.69
N THR B 189 40.81 17.69 -20.82
CA THR B 189 41.06 16.78 -19.72
C THR B 189 42.45 17.00 -19.15
N VAL B 190 43.46 16.99 -20.01
CA VAL B 190 44.83 17.09 -19.55
C VAL B 190 45.14 18.49 -19.10
N ALA B 191 44.46 19.48 -19.65
CA ALA B 191 44.66 20.83 -19.16
C ALA B 191 44.14 20.98 -17.74
N ARG B 192 42.99 20.36 -17.46
CA ARG B 192 42.49 20.32 -16.09
C ARG B 192 43.48 19.61 -15.18
N ILE B 193 43.96 18.46 -15.62
CA ILE B 193 44.89 17.68 -14.82
C ILE B 193 46.16 18.48 -14.55
N GLU B 194 46.57 19.29 -15.51
CA GLU B 194 47.77 20.09 -15.32
C GLU B 194 47.52 21.22 -14.36
N GLN B 195 46.40 21.92 -14.51
CA GLN B 195 46.03 22.96 -13.57
C GLN B 195 45.94 22.42 -12.15
N LEU B 196 45.57 21.14 -11.99
CA LEU B 196 45.57 20.55 -10.65
C LEU B 196 46.97 20.18 -10.19
N PHE B 197 47.79 19.62 -11.09
CA PHE B 197 49.20 19.43 -10.79
C PHE B 197 49.99 20.72 -10.87
N GLN B 198 49.42 21.76 -11.48
CA GLN B 198 50.07 23.07 -11.48
C GLN B 198 50.16 23.65 -10.08
N GLN B 199 49.33 23.17 -9.15
CA GLN B 199 49.27 23.68 -7.80
C GLN B 199 49.36 22.48 -6.85
N PRO B 200 50.57 22.01 -6.55
CA PRO B 200 50.71 20.90 -5.59
C PRO B 200 50.21 21.31 -4.22
N HIS B 201 49.18 20.60 -3.75
CA HIS B 201 48.54 20.91 -2.48
C HIS B 201 48.05 19.59 -1.87
N ASP B 202 47.25 19.70 -0.82
CA ASP B 202 46.73 18.54 -0.13
C ASP B 202 45.70 17.82 -1.00
N GLY B 203 45.15 16.73 -0.45
CA GLY B 203 44.23 15.90 -1.19
C GLY B 203 42.80 16.38 -1.11
N VAL B 204 42.60 17.65 -1.40
CA VAL B 204 41.30 18.30 -1.29
C VAL B 204 41.11 19.11 -2.57
N THR B 205 40.50 18.48 -3.58
CA THR B 205 40.29 19.13 -4.86
C THR B 205 38.89 19.75 -4.90
N GLY B 206 38.68 20.65 -3.95
CA GLY B 206 37.38 21.27 -3.84
C GLY B 206 37.27 22.08 -2.58
N VAL B 207 36.03 22.40 -2.25
CA VAL B 207 35.71 23.13 -1.05
C VAL B 207 35.94 22.22 0.14
N ASN B 208 36.64 22.74 1.13
CA ASN B 208 36.92 21.97 2.32
C ASN B 208 35.75 22.06 3.28
N THR B 209 35.32 20.90 3.77
CA THR B 209 34.21 20.81 4.68
C THR B 209 34.58 21.19 6.09
N GLY B 210 35.86 21.10 6.44
CA GLY B 210 36.33 21.30 7.79
C GLY B 210 36.44 20.03 8.60
N TYR B 211 35.85 18.94 8.14
CA TYR B 211 35.86 17.66 8.82
C TYR B 211 36.78 16.72 8.06
N ASP B 212 38.01 16.58 8.56
CA ASP B 212 39.02 15.76 7.90
C ASP B 212 38.60 14.31 7.73
N ASP B 213 37.67 13.83 8.55
CA ASP B 213 37.18 12.47 8.38
C ASP B 213 36.30 12.33 7.16
N LEU B 214 35.81 13.44 6.61
CA LEU B 214 34.86 13.45 5.51
C LEU B 214 35.52 13.79 4.19
N ASN B 215 36.54 14.63 4.23
CA ASN B 215 37.23 15.03 3.01
C ASN B 215 38.00 13.89 2.38
N LYS B 216 38.26 12.81 3.13
CA LYS B 216 38.99 11.70 2.55
C LYS B 216 38.10 10.90 1.61
N LYS B 217 36.88 10.61 2.03
CA LYS B 217 35.94 9.89 1.18
C LYS B 217 35.36 10.77 0.08
N THR B 218 35.71 12.05 0.04
CA THR B 218 35.02 13.03 -0.79
C THR B 218 35.96 13.91 -1.58
N ALA B 219 37.16 14.16 -1.04
CA ALA B 219 38.06 15.18 -1.56
C ALA B 219 37.39 16.54 -1.67
N GLY B 220 36.46 16.81 -0.78
CA GLY B 220 35.86 18.11 -0.72
C GLY B 220 34.68 18.24 -1.66
N LEU B 221 33.84 19.21 -1.35
CA LEU B 221 32.64 19.42 -2.13
C LEU B 221 33.05 19.88 -3.51
N GLN B 222 33.00 18.97 -4.45
CA GLN B 222 33.53 19.21 -5.76
C GLN B 222 32.73 20.32 -6.43
N PRO B 223 33.26 20.96 -7.45
CA PRO B 223 32.76 22.29 -7.82
C PRO B 223 31.69 22.35 -8.89
N SER B 224 31.15 21.26 -9.40
CA SER B 224 30.09 21.36 -10.42
C SER B 224 29.06 20.28 -10.19
N ASP B 225 28.66 20.11 -8.94
CA ASP B 225 27.84 18.99 -8.56
C ASP B 225 26.74 19.42 -7.61
N LEU B 226 25.70 18.59 -7.59
CA LEU B 226 24.65 18.69 -6.61
C LEU B 226 24.97 17.76 -5.45
N ILE B 227 24.95 18.31 -4.25
CA ILE B 227 25.18 17.57 -3.02
C ILE B 227 23.87 17.57 -2.27
N ILE B 228 23.63 16.47 -1.58
CA ILE B 228 22.41 16.27 -0.81
C ILE B 228 22.78 15.89 0.60
N VAL B 229 22.06 16.46 1.56
CA VAL B 229 22.15 16.11 2.96
C VAL B 229 20.73 15.88 3.41
N ALA B 230 20.44 14.67 3.85
CA ALA B 230 19.07 14.27 4.08
C ALA B 230 18.94 13.51 5.37
N ALA B 231 17.94 13.85 6.15
CA ALA B 231 17.73 13.15 7.39
C ALA B 231 16.39 13.57 7.97
N ARG B 232 15.87 12.70 8.81
CA ARG B 232 14.60 12.92 9.45
C ARG B 232 14.65 14.16 10.33
N PRO B 233 13.48 14.66 10.73
CA PRO B 233 13.36 16.08 11.05
C PRO B 233 14.08 16.58 12.29
N SER B 234 14.82 15.78 13.03
CA SER B 234 15.51 16.31 14.20
C SER B 234 16.90 15.73 14.33
N MET B 235 17.57 15.63 13.20
CA MET B 235 18.74 14.79 13.08
C MET B 235 20.02 15.56 12.79
N GLY B 236 19.93 16.76 12.24
CA GLY B 236 21.07 17.63 12.14
C GLY B 236 21.35 18.20 10.78
N LYS B 237 20.47 17.97 9.81
CA LYS B 237 20.83 18.28 8.44
C LYS B 237 20.93 19.78 8.23
N THR B 238 20.04 20.54 8.84
CA THR B 238 20.17 21.98 8.77
C THR B 238 21.40 22.44 9.51
N THR B 239 21.58 21.92 10.71
CA THR B 239 22.76 22.19 11.50
C THR B 239 24.03 21.84 10.74
N PHE B 240 24.06 20.64 10.16
CA PHE B 240 25.24 20.19 9.44
C PHE B 240 25.53 21.05 8.22
N ALA B 241 24.50 21.32 7.42
CA ALA B 241 24.68 22.13 6.25
C ALA B 241 24.96 23.58 6.58
N MET B 242 24.71 24.00 7.82
CA MET B 242 25.23 25.29 8.25
C MET B 242 26.67 25.18 8.72
N ASN B 243 27.06 24.03 9.28
CA ASN B 243 28.46 23.85 9.63
C ASN B 243 29.33 23.90 8.39
N LEU B 244 28.84 23.32 7.31
CA LEU B 244 29.62 23.30 6.08
C LEU B 244 29.88 24.71 5.57
N VAL B 245 28.87 25.57 5.58
CA VAL B 245 29.06 26.92 5.06
C VAL B 245 29.81 27.77 6.07
N GLU B 246 29.55 27.54 7.35
CA GLU B 246 30.25 28.18 8.43
C GLU B 246 31.75 27.97 8.33
N ASN B 247 32.16 26.77 7.93
CA ASN B 247 33.56 26.49 7.75
C ASN B 247 34.08 26.88 6.38
N ALA B 248 33.26 26.77 5.35
CA ALA B 248 33.66 27.15 4.01
C ALA B 248 33.68 28.65 3.81
N ALA B 249 33.19 29.42 4.77
CA ALA B 249 33.35 30.86 4.76
C ALA B 249 34.68 31.25 5.36
N MET B 250 35.06 30.54 6.42
CA MET B 250 36.33 30.80 7.07
C MET B 250 37.49 30.38 6.19
N LEU B 251 37.39 29.20 5.60
CA LEU B 251 38.50 28.64 4.86
C LEU B 251 38.69 29.29 3.51
N GLN B 252 37.61 29.70 2.87
CA GLN B 252 37.67 30.42 1.61
C GLN B 252 37.72 31.92 1.83
N ASP B 253 37.95 32.62 0.73
CA ASP B 253 37.78 34.07 0.64
C ASP B 253 36.70 34.40 -0.38
N LYS B 254 35.74 33.50 -0.51
CA LYS B 254 34.77 33.51 -1.59
C LYS B 254 33.35 33.43 -1.04
N PRO B 255 32.38 34.11 -1.67
CA PRO B 255 31.03 34.14 -1.12
C PRO B 255 30.34 32.79 -1.13
N VAL B 256 29.36 32.69 -0.23
CA VAL B 256 28.43 31.59 -0.17
C VAL B 256 27.04 32.15 -0.05
N LEU B 257 26.08 31.29 -0.33
CA LEU B 257 24.68 31.66 -0.25
C LEU B 257 23.92 30.62 0.55
N ILE B 258 22.84 31.09 1.14
CA ILE B 258 22.04 30.32 2.06
C ILE B 258 20.60 30.68 1.73
N PHE B 259 19.86 29.75 1.16
CA PHE B 259 18.43 29.90 0.93
C PHE B 259 17.71 29.14 2.02
N SER B 260 17.15 29.88 2.96
CA SER B 260 16.44 29.31 4.10
C SER B 260 14.97 29.44 3.81
N LEU B 261 14.40 28.37 3.30
CA LEU B 261 13.01 28.34 2.92
C LEU B 261 12.10 27.88 4.04
N GLU B 262 12.67 27.43 5.15
CA GLU B 262 11.91 26.88 6.26
C GLU B 262 11.76 27.87 7.40
N MET B 263 12.86 28.43 7.87
CA MET B 263 12.84 29.36 8.98
C MET B 263 13.80 30.50 8.72
N PRO B 264 13.61 31.64 9.34
CA PRO B 264 14.26 32.86 8.91
C PRO B 264 15.67 32.99 9.45
N SER B 265 16.33 34.06 9.04
CA SER B 265 17.74 34.26 9.36
C SER B 265 17.95 34.51 10.84
N GLU B 266 17.01 35.17 11.50
CA GLU B 266 17.22 35.57 12.88
C GLU B 266 17.31 34.38 13.84
N GLN B 267 17.04 33.17 13.38
CA GLN B 267 17.31 31.94 14.12
C GLN B 267 18.54 31.24 13.62
N ILE B 268 18.76 31.28 12.31
CA ILE B 268 19.92 30.67 11.70
C ILE B 268 21.19 31.26 12.28
N MET B 269 21.25 32.57 12.38
CA MET B 269 22.48 33.18 12.82
C MET B 269 22.66 33.01 14.31
N MET B 270 21.57 32.98 15.06
CA MET B 270 21.65 32.73 16.50
C MET B 270 22.04 31.30 16.79
N ARG B 271 21.91 30.42 15.82
CA ARG B 271 22.41 29.05 15.95
C ARG B 271 23.82 28.90 15.42
N SER B 272 24.21 29.73 14.45
CA SER B 272 25.55 29.67 13.90
C SER B 272 26.57 30.36 14.79
N LEU B 273 26.19 31.45 15.45
CA LEU B 273 27.07 32.05 16.44
C LEU B 273 27.46 31.04 17.50
N ALA B 274 26.50 30.23 17.91
CA ALA B 274 26.77 29.17 18.87
C ALA B 274 27.60 28.06 18.26
N SER B 275 27.30 27.70 17.02
CA SER B 275 28.06 26.67 16.33
C SER B 275 29.52 27.04 16.21
N LEU B 276 29.81 28.32 16.14
CA LEU B 276 31.17 28.80 16.00
C LEU B 276 31.84 28.95 17.34
N SER B 277 31.16 29.62 18.26
CA SER B 277 31.75 30.08 19.49
C SER B 277 31.50 29.15 20.67
N ARG B 278 30.78 28.06 20.48
CA ARG B 278 30.55 27.05 21.51
C ARG B 278 29.96 27.66 22.78
N VAL B 279 28.79 28.25 22.62
CA VAL B 279 28.02 28.77 23.75
C VAL B 279 26.57 28.49 23.44
N ASP B 280 25.89 27.86 24.39
CA ASP B 280 24.63 27.24 24.00
C ASP B 280 23.56 28.29 23.74
N GLN B 281 22.57 27.87 22.99
CA GLN B 281 21.62 28.77 22.39
C GLN B 281 20.74 29.42 23.45
N THR B 282 20.47 28.70 24.53
CA THR B 282 19.68 29.25 25.61
C THR B 282 20.39 30.41 26.28
N LYS B 283 21.70 30.27 26.53
CA LYS B 283 22.45 31.33 27.13
C LYS B 283 22.63 32.53 26.20
N ILE B 284 22.29 32.39 24.93
CA ILE B 284 22.32 33.52 24.02
C ILE B 284 20.98 34.22 24.13
N ARG B 285 19.91 33.51 23.78
CA ARG B 285 18.62 34.16 23.68
C ARG B 285 18.20 34.75 25.02
N THR B 286 18.40 34.00 26.10
CA THR B 286 18.11 34.52 27.41
C THR B 286 19.04 35.65 27.80
N GLY B 287 20.28 35.63 27.31
CA GLY B 287 21.27 36.59 27.74
C GLY B 287 21.98 36.24 29.02
N GLN B 288 22.13 34.94 29.33
CA GLN B 288 22.77 34.47 30.54
C GLN B 288 24.27 34.25 30.38
N LEU B 289 24.88 34.80 29.35
CA LEU B 289 26.18 34.31 28.93
C LEU B 289 27.30 35.07 29.64
N ASP B 290 28.28 34.31 30.14
CA ASP B 290 29.37 34.80 30.96
C ASP B 290 30.48 35.43 30.12
N ASP B 291 31.45 36.01 30.83
CA ASP B 291 32.48 36.83 30.20
C ASP B 291 33.29 36.04 29.20
N GLU B 292 33.68 34.82 29.58
CA GLU B 292 34.41 33.97 28.65
C GLU B 292 33.55 33.57 27.46
N ASP B 293 32.23 33.66 27.58
CA ASP B 293 31.35 33.43 26.45
C ASP B 293 31.14 34.68 25.62
N TRP B 294 30.99 35.84 26.27
CA TRP B 294 30.89 37.09 25.53
C TRP B 294 32.10 37.30 24.64
N ALA B 295 33.29 36.96 25.15
CA ALA B 295 34.50 37.12 24.36
C ALA B 295 34.45 36.28 23.09
N ARG B 296 33.92 35.08 23.19
CA ARG B 296 33.90 34.17 22.05
C ARG B 296 32.79 34.51 21.08
N ILE B 297 31.74 35.16 21.56
CA ILE B 297 30.82 35.82 20.65
C ILE B 297 31.55 36.91 19.88
N SER B 298 32.34 37.70 20.58
CA SER B 298 32.92 38.88 19.98
C SER B 298 33.93 38.51 18.91
N GLY B 299 34.72 37.48 19.16
CA GLY B 299 35.71 37.08 18.17
C GLY B 299 35.06 36.63 16.87
N THR B 300 34.04 35.79 16.98
CA THR B 300 33.41 35.28 15.76
C THR B 300 32.61 36.37 15.08
N MET B 301 32.07 37.30 15.85
CA MET B 301 31.47 38.50 15.26
C MET B 301 32.49 39.23 14.42
N GLY B 302 33.61 39.62 15.04
CA GLY B 302 34.63 40.37 14.34
C GLY B 302 35.19 39.65 13.14
N ILE B 303 35.18 38.33 13.17
CA ILE B 303 35.61 37.57 12.00
C ILE B 303 34.56 37.69 10.90
N LEU B 304 33.31 37.34 11.21
CA LEU B 304 32.28 37.29 10.19
C LEU B 304 31.99 38.65 9.58
N LEU B 305 32.38 39.74 10.24
CA LEU B 305 32.17 41.06 9.67
C LEU B 305 33.34 41.52 8.82
N GLU B 306 34.54 41.08 9.16
CA GLU B 306 35.75 41.48 8.44
C GLU B 306 36.02 40.58 7.23
N LYS B 307 35.08 39.73 6.85
CA LYS B 307 35.19 38.91 5.66
C LYS B 307 34.06 39.16 4.67
N ARG B 308 32.82 39.16 5.13
CA ARG B 308 31.66 39.48 4.32
C ARG B 308 31.50 38.50 3.16
N ASN B 309 31.37 37.23 3.53
CA ASN B 309 31.18 36.15 2.56
C ASN B 309 29.74 35.67 2.47
N ILE B 310 29.05 35.61 3.57
CA ILE B 310 27.77 34.91 3.65
C ILE B 310 26.64 35.83 3.25
N TYR B 311 25.66 35.25 2.57
CA TYR B 311 24.52 35.99 2.03
C TYR B 311 23.28 35.12 2.16
N ILE B 312 22.39 35.49 3.06
CA ILE B 312 21.24 34.66 3.43
C ILE B 312 19.98 35.24 2.81
N ASP B 313 19.08 34.36 2.39
CA ASP B 313 17.79 34.74 1.83
C ASP B 313 16.67 33.98 2.52
N ASP B 314 15.91 34.67 3.35
CA ASP B 314 14.82 34.04 4.11
C ASP B 314 13.50 34.13 3.38
N SER B 315 13.48 33.69 2.12
CA SER B 315 12.27 33.71 1.32
C SER B 315 11.61 32.34 1.37
N SER B 316 10.31 32.33 1.17
CA SER B 316 9.49 31.20 1.58
C SER B 316 9.31 30.15 0.50
N GLY B 317 8.73 30.55 -0.63
CA GLY B 317 8.30 29.64 -1.66
C GLY B 317 9.00 29.84 -2.98
N LEU B 318 10.30 30.03 -2.93
CA LEU B 318 11.05 30.34 -4.14
C LEU B 318 10.89 29.24 -5.18
N THR B 319 10.96 29.67 -6.42
CA THR B 319 11.05 28.79 -7.56
C THR B 319 12.51 28.58 -7.92
N PRO B 320 12.79 27.65 -8.82
CA PRO B 320 14.17 27.54 -9.31
C PRO B 320 14.67 28.82 -9.94
N THR B 321 13.81 29.51 -10.67
CA THR B 321 14.24 30.68 -11.40
C THR B 321 14.66 31.80 -10.47
N GLU B 322 13.97 31.98 -9.35
CA GLU B 322 14.35 33.01 -8.42
C GLU B 322 15.66 32.68 -7.74
N VAL B 323 15.90 31.39 -7.52
CA VAL B 323 17.19 30.95 -7.00
C VAL B 323 18.28 31.30 -7.99
N ARG B 324 18.04 31.00 -9.27
CA ARG B 324 19.02 31.28 -10.30
C ARG B 324 19.35 32.75 -10.35
N SER B 325 18.33 33.60 -10.38
CA SER B 325 18.55 35.04 -10.46
C SER B 325 19.29 35.55 -9.24
N ARG B 326 18.85 35.13 -8.04
CA ARG B 326 19.46 35.64 -6.83
C ARG B 326 20.85 35.06 -6.59
N ALA B 327 21.22 34.01 -7.31
CA ALA B 327 22.60 33.53 -7.28
C ALA B 327 23.47 34.25 -8.29
N ARG B 328 22.96 34.41 -9.50
CA ARG B 328 23.70 35.13 -10.54
C ARG B 328 23.94 36.56 -10.15
N ARG B 329 23.09 37.14 -9.30
CA ARG B 329 23.37 38.48 -8.79
C ARG B 329 24.65 38.49 -7.98
N ILE B 330 24.69 37.72 -6.88
CA ILE B 330 25.86 37.70 -6.01
C ILE B 330 27.09 37.15 -6.75
N ALA B 331 26.87 36.44 -7.85
CA ALA B 331 27.98 35.96 -8.65
C ALA B 331 28.91 37.09 -9.05
N ARG B 332 28.40 38.06 -9.81
CA ARG B 332 29.28 38.97 -10.51
C ARG B 332 29.49 40.27 -9.79
N GLU B 333 28.63 40.64 -8.85
CA GLU B 333 28.98 41.70 -7.93
C GLU B 333 30.24 41.33 -7.16
N HIS B 334 30.13 40.24 -6.40
CA HIS B 334 31.10 39.89 -5.39
C HIS B 334 31.99 38.74 -5.87
N GLY B 335 32.77 39.03 -6.90
CA GLY B 335 33.68 38.03 -7.41
C GLY B 335 32.96 36.92 -8.13
N GLY B 336 32.84 35.80 -7.44
CA GLY B 336 32.07 34.66 -7.92
C GLY B 336 31.87 33.74 -6.74
N ILE B 337 30.72 33.08 -6.70
CA ILE B 337 30.35 32.37 -5.48
C ILE B 337 31.11 31.06 -5.37
N GLY B 338 31.01 30.42 -4.21
CA GLY B 338 31.79 29.25 -3.89
C GLY B 338 31.00 28.15 -3.20
N LEU B 339 29.74 28.41 -2.88
CA LEU B 339 28.90 27.42 -2.25
C LEU B 339 27.48 27.95 -2.17
N ILE B 340 26.53 27.04 -2.29
CA ILE B 340 25.11 27.35 -2.20
C ILE B 340 24.48 26.30 -1.31
N MET B 341 23.63 26.75 -0.39
CA MET B 341 22.84 25.88 0.45
C MET B 341 21.38 26.22 0.26
N ILE B 342 20.56 25.18 0.15
CA ILE B 342 19.15 25.30 -0.14
C ILE B 342 18.44 24.42 0.87
N ASP B 343 17.70 25.05 1.79
CA ASP B 343 17.13 24.35 2.91
C ASP B 343 15.79 23.76 2.54
N TYR B 344 15.67 22.45 2.70
CA TYR B 344 14.41 21.74 2.57
C TYR B 344 13.79 22.05 1.22
N LEU B 345 14.49 21.53 0.23
CA LEU B 345 14.19 21.57 -1.19
C LEU B 345 12.70 21.52 -1.49
N GLN B 346 12.04 20.50 -0.96
CA GLN B 346 10.66 20.16 -1.32
C GLN B 346 9.71 21.34 -1.24
N LEU B 347 10.02 22.36 -0.46
CA LEU B 347 9.19 23.55 -0.43
C LEU B 347 9.20 24.29 -1.75
N MET B 348 10.29 24.16 -2.49
CA MET B 348 10.44 24.93 -3.71
C MET B 348 9.33 24.60 -4.69
N ARG B 349 8.77 25.65 -5.25
CA ARG B 349 7.61 25.59 -6.12
C ARG B 349 8.04 25.68 -7.58
N VAL B 350 7.13 25.27 -8.45
CA VAL B 350 7.17 25.66 -9.85
C VAL B 350 5.71 25.52 -10.30
N PRO B 351 4.93 26.61 -10.33
CA PRO B 351 3.48 26.44 -10.36
C PRO B 351 2.92 25.84 -11.62
N ALA B 352 3.70 25.76 -12.69
CA ALA B 352 3.25 25.05 -13.88
C ALA B 352 2.94 23.60 -13.57
N LEU B 353 3.70 23.02 -12.66
CA LEU B 353 3.63 21.62 -12.30
C LEU B 353 3.03 21.45 -10.90
N SER B 354 2.10 22.34 -10.55
CA SER B 354 1.50 22.32 -9.22
C SER B 354 0.76 21.02 -8.96
N ASP B 355 0.27 20.37 -10.01
CA ASP B 355 -0.49 19.15 -9.83
C ASP B 355 0.44 17.98 -9.56
N ASN B 356 1.34 17.69 -10.50
CA ASN B 356 2.18 16.51 -10.41
C ASN B 356 3.39 16.88 -9.58
N ARG B 357 3.29 16.61 -8.29
CA ARG B 357 4.36 16.90 -7.34
C ARG B 357 5.64 16.16 -7.72
N THR B 358 5.50 14.97 -8.29
CA THR B 358 6.67 14.21 -8.69
C THR B 358 7.48 14.96 -9.74
N LEU B 359 6.83 15.31 -10.85
CA LEU B 359 7.50 16.07 -11.89
C LEU B 359 7.98 17.41 -11.38
N GLU B 360 7.26 17.98 -10.42
CA GLU B 360 7.70 19.20 -9.77
C GLU B 360 9.08 19.04 -9.17
N ILE B 361 9.28 17.97 -8.39
CA ILE B 361 10.58 17.79 -7.78
C ILE B 361 11.62 17.48 -8.82
N ALA B 362 11.24 16.78 -9.89
CA ALA B 362 12.21 16.47 -10.93
C ALA B 362 12.73 17.73 -11.58
N GLU B 363 11.82 18.67 -11.87
CA GLU B 363 12.20 19.94 -12.43
C GLU B 363 13.13 20.69 -11.49
N ILE B 364 12.78 20.70 -10.21
CA ILE B 364 13.59 21.39 -9.22
C ILE B 364 15.02 20.86 -9.25
N SER B 365 15.14 19.55 -9.18
CA SER B 365 16.46 18.94 -9.09
C SER B 365 17.28 19.17 -10.34
N ARG B 366 16.68 18.96 -11.51
CA ARG B 366 17.37 19.25 -12.76
C ARG B 366 17.83 20.70 -12.80
N SER B 367 17.03 21.60 -12.26
CA SER B 367 17.36 23.01 -12.34
C SER B 367 18.54 23.35 -11.44
N LEU B 368 18.55 22.78 -10.24
CA LEU B 368 19.69 23.00 -9.36
C LEU B 368 20.96 22.41 -9.93
N LYS B 369 20.87 21.23 -10.54
CA LYS B 369 22.02 20.62 -11.17
C LYS B 369 22.57 21.52 -12.27
N ALA B 370 21.68 22.00 -13.14
CA ALA B 370 22.10 22.86 -14.21
C ALA B 370 22.68 24.16 -13.70
N LEU B 371 22.15 24.67 -12.59
CA LEU B 371 22.70 25.85 -11.97
C LEU B 371 24.14 25.63 -11.54
N ALA B 372 24.38 24.51 -10.87
CA ALA B 372 25.73 24.20 -10.44
C ALA B 372 26.67 24.09 -11.61
N LYS B 373 26.20 23.44 -12.67
CA LYS B 373 26.99 23.33 -13.89
C LYS B 373 27.27 24.70 -14.48
N GLU B 374 26.35 25.64 -14.31
CA GLU B 374 26.52 26.96 -14.88
C GLU B 374 27.59 27.74 -14.13
N LEU B 375 27.42 27.88 -12.82
CA LEU B 375 28.30 28.76 -12.06
C LEU B 375 29.58 28.10 -11.59
N ASN B 376 29.74 26.79 -11.80
CA ASN B 376 30.92 26.07 -11.35
C ASN B 376 31.10 26.24 -9.85
N VAL B 377 30.07 25.83 -9.13
CA VAL B 377 30.13 25.72 -7.68
C VAL B 377 29.35 24.48 -7.26
N PRO B 378 29.45 24.08 -6.00
CA PRO B 378 28.56 23.07 -5.47
C PRO B 378 27.25 23.66 -5.03
N VAL B 379 26.27 22.76 -4.91
CA VAL B 379 24.93 23.12 -4.53
C VAL B 379 24.46 22.11 -3.50
N VAL B 380 24.54 22.49 -2.24
CA VAL B 380 23.97 21.66 -1.21
C VAL B 380 22.45 21.79 -1.28
N ALA B 381 21.77 20.66 -1.26
CA ALA B 381 20.33 20.61 -1.45
C ALA B 381 19.78 19.61 -0.46
N LEU B 382 19.36 20.12 0.68
CA LEU B 382 18.84 19.27 1.72
C LEU B 382 17.56 18.61 1.26
N SER B 383 17.11 17.66 2.07
CA SER B 383 15.87 16.98 1.76
C SER B 383 15.39 16.26 2.99
N GLN B 384 14.23 15.63 2.85
CA GLN B 384 13.63 14.80 3.87
C GLN B 384 13.54 13.39 3.36
N LEU B 385 13.13 12.52 4.27
CA LEU B 385 13.04 11.11 4.04
C LEU B 385 11.64 10.65 4.39
N ASN B 386 11.19 9.63 3.71
CA ASN B 386 9.84 9.17 3.88
C ASN B 386 9.76 8.19 5.05
N ARG B 387 8.55 8.03 5.58
CA ARG B 387 8.34 7.20 6.76
C ARG B 387 8.32 5.72 6.38
N SER B 388 9.41 5.28 5.79
CA SER B 388 9.58 3.91 5.34
C SER B 388 10.62 3.17 6.14
N LEU B 389 11.69 3.89 6.52
CA LEU B 389 12.73 3.31 7.36
C LEU B 389 12.24 3.01 8.76
N GLU B 390 11.13 3.63 9.17
CA GLU B 390 10.68 3.45 10.54
C GLU B 390 10.15 2.05 10.76
N GLN B 391 9.36 1.56 9.82
CA GLN B 391 8.85 0.20 9.85
C GLN B 391 9.85 -0.77 9.21
N ARG B 392 11.10 -0.68 9.64
CA ARG B 392 12.18 -1.47 9.08
C ARG B 392 13.12 -2.08 10.10
N ALA B 393 13.20 -1.54 11.32
CA ALA B 393 13.96 -2.06 12.45
C ALA B 393 15.45 -1.78 12.38
N ASP B 394 15.95 -1.20 11.29
CA ASP B 394 17.36 -0.81 11.19
C ASP B 394 17.52 0.70 11.37
N LYS B 395 16.69 1.48 10.68
CA LYS B 395 16.60 2.93 10.79
C LYS B 395 17.77 3.65 10.14
N ARG B 396 18.74 2.95 9.58
CA ARG B 396 19.88 3.59 8.93
C ARG B 396 19.45 3.85 7.51
N PRO B 397 19.19 5.09 7.11
CA PRO B 397 18.50 5.31 5.85
C PRO B 397 19.35 4.94 4.66
N VAL B 398 18.66 4.75 3.55
CA VAL B 398 19.28 4.34 2.30
C VAL B 398 18.95 5.38 1.25
N ASN B 399 19.49 5.18 0.07
CA ASN B 399 19.36 6.12 -1.02
C ASN B 399 17.95 6.17 -1.58
N SER B 400 17.08 5.23 -1.23
CA SER B 400 15.72 5.24 -1.73
C SER B 400 14.82 6.17 -0.97
N ASP B 401 15.09 6.39 0.31
CA ASP B 401 14.14 7.10 1.14
C ASP B 401 14.30 8.59 0.98
N LEU B 402 14.29 9.08 -0.25
CA LEU B 402 14.22 10.51 -0.44
C LEU B 402 12.76 10.86 -0.58
N ARG B 403 12.47 12.11 -0.35
CA ARG B 403 11.13 12.46 0.05
C ARG B 403 10.16 12.24 -1.09
N GLU B 404 10.57 12.61 -2.31
CA GLU B 404 9.68 12.50 -3.45
C GLU B 404 10.49 12.37 -4.72
N SER B 405 9.87 11.69 -5.68
CA SER B 405 10.26 11.55 -7.08
C SER B 405 11.42 10.62 -7.37
N GLY B 406 12.23 10.28 -6.38
CA GLY B 406 13.36 9.43 -6.59
C GLY B 406 14.24 9.80 -7.78
N SER B 407 14.26 11.08 -8.10
CA SER B 407 15.16 11.64 -9.08
C SER B 407 16.31 12.37 -8.42
N ILE B 408 16.08 12.85 -7.21
CA ILE B 408 17.14 13.44 -6.41
C ILE B 408 18.07 12.38 -5.84
N GLU B 409 17.82 11.12 -6.15
CA GLU B 409 18.81 10.06 -6.02
C GLU B 409 19.51 9.77 -7.35
N GLN B 410 19.23 10.55 -8.39
CA GLN B 410 19.75 10.34 -9.73
C GLN B 410 20.49 11.53 -10.28
N ASP B 411 19.94 12.73 -10.07
CA ASP B 411 20.55 13.95 -10.53
C ASP B 411 21.65 14.43 -9.63
N ALA B 412 21.93 13.70 -8.55
CA ALA B 412 22.87 14.12 -7.54
C ALA B 412 24.21 13.42 -7.72
N ASP B 413 25.19 13.92 -7.00
CA ASP B 413 26.54 13.40 -7.02
C ASP B 413 27.06 13.03 -5.66
N LEU B 414 26.39 13.43 -4.59
CA LEU B 414 26.85 13.10 -3.26
C LEU B 414 25.66 13.18 -2.33
N ILE B 415 25.19 12.01 -1.91
CA ILE B 415 24.10 11.89 -0.98
C ILE B 415 24.68 11.38 0.31
N MET B 416 24.51 12.14 1.38
CA MET B 416 25.09 11.76 2.66
C MET B 416 24.06 12.04 3.75
N PHE B 417 23.45 10.96 4.19
CA PHE B 417 22.45 10.96 5.21
C PHE B 417 23.07 11.18 6.57
N ILE B 418 22.20 11.17 7.58
CA ILE B 418 22.59 11.40 8.97
C ILE B 418 21.76 10.45 9.82
N TYR B 419 22.39 9.90 10.86
CA TYR B 419 21.75 8.89 11.68
C TYR B 419 22.32 9.00 13.09
N ARG B 420 21.57 9.64 13.97
CA ARG B 420 21.86 9.69 15.39
C ARG B 420 21.04 8.59 16.05
N ASP B 421 21.72 7.54 16.51
CA ASP B 421 21.00 6.43 17.09
C ASP B 421 20.29 6.81 18.38
N GLU B 422 20.82 7.79 19.10
CA GLU B 422 20.27 8.09 20.40
C GLU B 422 18.91 8.76 20.32
N VAL B 423 18.50 9.19 19.14
CA VAL B 423 17.18 9.78 18.98
C VAL B 423 16.13 8.71 19.13
N TYR B 424 16.42 7.50 18.67
CA TYR B 424 15.47 6.41 18.66
C TYR B 424 15.63 5.49 19.86
N HIS B 425 16.77 4.85 19.98
CA HIS B 425 17.03 3.98 21.11
C HIS B 425 17.30 4.81 22.35
N GLU B 426 16.50 4.60 23.39
CA GLU B 426 16.71 5.31 24.63
C GLU B 426 18.06 4.94 25.21
N ASN B 427 18.39 3.67 25.18
CA ASN B 427 19.57 3.13 25.85
C ASN B 427 20.58 2.70 24.79
N SER B 428 21.62 3.50 24.63
CA SER B 428 22.60 3.22 23.59
C SER B 428 23.95 3.81 23.97
N ASP B 429 24.98 3.17 23.45
CA ASP B 429 26.35 3.58 23.59
C ASP B 429 26.84 4.44 22.44
N LEU B 430 25.93 4.84 21.55
CA LEU B 430 26.22 5.68 20.42
C LEU B 430 25.73 7.09 20.68
N LYS B 431 25.78 7.49 21.95
CA LYS B 431 25.33 8.80 22.37
C LYS B 431 26.40 9.83 22.09
N GLY B 432 25.95 11.04 21.77
CA GLY B 432 26.84 12.07 21.27
C GLY B 432 27.69 11.61 20.12
N ILE B 433 27.12 10.77 19.28
CA ILE B 433 27.76 10.28 18.08
C ILE B 433 26.73 10.39 16.97
N ALA B 434 27.16 10.90 15.84
CA ALA B 434 26.30 11.10 14.70
C ALA B 434 27.12 10.75 13.49
N GLU B 435 26.56 9.89 12.65
CA GLU B 435 27.28 9.37 11.52
C GLU B 435 26.66 9.93 10.26
N ILE B 436 27.47 9.94 9.22
CA ILE B 436 27.13 10.56 7.96
C ILE B 436 27.20 9.46 6.93
N ILE B 437 26.08 8.80 6.74
CA ILE B 437 26.02 7.58 5.96
C ILE B 437 26.01 7.98 4.50
N ILE B 438 27.20 8.12 3.94
CA ILE B 438 27.32 8.33 2.51
C ILE B 438 26.61 7.19 1.79
N GLY B 439 25.81 7.55 0.79
CA GLY B 439 24.91 6.65 0.12
C GLY B 439 24.94 6.75 -1.38
N LYS B 440 25.74 7.66 -1.90
CA LYS B 440 25.92 7.79 -3.33
C LYS B 440 27.11 8.68 -3.59
N GLN B 441 28.02 8.20 -4.40
CA GLN B 441 28.91 9.07 -5.15
C GLN B 441 29.05 8.53 -6.55
N ARG B 442 29.31 9.43 -7.47
CA ARG B 442 29.59 9.09 -8.85
C ARG B 442 31.07 9.08 -9.17
N ASN B 443 31.88 9.70 -8.32
CA ASN B 443 33.28 9.92 -8.58
C ASN B 443 34.07 9.70 -7.32
N GLY B 444 33.71 8.66 -6.58
CA GLY B 444 34.40 8.33 -5.37
C GLY B 444 33.65 7.29 -4.55
N PRO B 445 34.21 6.98 -3.38
CA PRO B 445 33.73 5.87 -2.57
C PRO B 445 32.61 6.23 -1.61
N ILE B 446 31.70 5.28 -1.46
CA ILE B 446 30.70 5.35 -0.42
C ILE B 446 31.36 4.98 0.90
N GLY B 447 30.68 5.25 2.00
CA GLY B 447 31.25 4.97 3.28
C GLY B 447 30.25 5.18 4.38
N THR B 448 30.80 5.36 5.58
CA THR B 448 29.99 5.65 6.75
C THR B 448 30.92 6.37 7.72
N VAL B 449 30.82 7.67 7.71
CA VAL B 449 31.64 8.53 8.53
C VAL B 449 31.00 8.65 9.90
N ARG B 450 31.81 8.99 10.89
CA ARG B 450 31.40 9.00 12.28
C ARG B 450 31.88 10.29 12.91
N LEU B 451 30.93 11.08 13.38
CA LEU B 451 31.21 12.35 14.05
C LEU B 451 30.45 12.38 15.35
N THR B 452 30.62 13.47 16.07
CA THR B 452 30.00 13.67 17.37
C THR B 452 29.17 14.93 17.34
N PHE B 453 28.03 14.85 18.01
CA PHE B 453 27.02 15.89 18.01
C PHE B 453 26.95 16.52 19.39
N ASN B 454 26.77 17.83 19.42
CA ASN B 454 26.47 18.52 20.67
C ASN B 454 25.47 19.63 20.33
N GLY B 455 24.19 19.27 20.39
CA GLY B 455 23.19 20.20 19.94
C GLY B 455 22.97 21.37 20.84
N GLN B 456 23.54 21.34 22.04
CA GLN B 456 23.36 22.48 22.92
C GLN B 456 24.03 23.71 22.33
N TRP B 457 25.09 23.53 21.54
CA TRP B 457 25.65 24.58 20.73
C TRP B 457 25.75 24.22 19.26
N SER B 458 24.92 23.28 18.79
CA SER B 458 24.58 23.15 17.38
C SER B 458 25.81 22.91 16.51
N ARG B 459 26.40 21.73 16.65
CA ARG B 459 27.63 21.50 15.95
C ARG B 459 27.92 20.02 15.85
N PHE B 460 28.43 19.64 14.70
CA PHE B 460 29.11 18.37 14.49
C PHE B 460 30.59 18.63 14.62
N ASP B 461 31.30 17.66 15.18
CA ASP B 461 32.73 17.78 15.41
C ASP B 461 33.43 16.50 14.99
N ASN B 462 34.73 16.63 14.78
CA ASN B 462 35.52 15.46 14.45
C ASN B 462 35.57 14.50 15.63
N TYR B 463 35.63 13.22 15.30
CA TYR B 463 35.61 12.15 16.28
C TYR B 463 36.95 11.42 16.26
N ALA B 464 37.89 11.94 17.03
CA ALA B 464 39.14 11.24 17.26
C ALA B 464 38.85 10.09 18.21
N GLY B 465 38.38 8.99 17.63
CA GLY B 465 37.91 7.86 18.40
C GLY B 465 38.17 6.54 17.70
N PRO B 466 37.49 5.49 18.14
CA PRO B 466 37.73 4.16 17.56
C PRO B 466 37.44 4.14 16.07
N GLN B 467 37.80 3.00 15.48
CA GLN B 467 37.74 2.83 14.04
C GLN B 467 36.30 2.83 13.56
N TYR B 468 36.14 2.81 12.25
CA TYR B 468 34.84 2.58 11.66
C TYR B 468 34.95 2.13 10.20
N LEU C 24 -4.24 28.06 -60.87
CA LEU C 24 -4.92 27.88 -59.59
C LEU C 24 -5.66 26.54 -59.62
N LYS C 25 -6.36 26.28 -60.72
CA LYS C 25 -7.08 25.03 -60.91
C LYS C 25 -6.91 24.63 -62.37
N VAL C 26 -6.42 23.41 -62.60
CA VAL C 26 -5.92 23.03 -63.92
C VAL C 26 -5.69 21.52 -63.89
N PRO C 27 -5.73 20.80 -65.01
CA PRO C 27 -5.38 19.38 -64.97
C PRO C 27 -3.91 19.19 -64.59
N PRO C 28 -3.62 18.42 -63.53
CA PRO C 28 -2.23 18.38 -63.06
C PRO C 28 -1.33 17.59 -64.00
N HIS C 29 -0.18 18.16 -64.31
CA HIS C 29 0.84 17.48 -65.08
C HIS C 29 2.12 18.29 -65.01
N SER C 30 3.24 17.59 -64.93
CA SER C 30 4.55 18.21 -64.92
C SER C 30 5.30 17.82 -66.18
N ILE C 31 6.08 18.76 -66.70
CA ILE C 31 6.74 18.60 -67.99
C ILE C 31 8.22 18.89 -67.96
N GLU C 32 8.73 19.66 -67.00
CA GLU C 32 10.17 19.84 -66.90
C GLU C 32 10.85 18.55 -66.48
N ALA C 33 10.28 17.84 -65.50
CA ALA C 33 10.75 16.52 -65.15
C ALA C 33 10.70 15.58 -66.34
N GLU C 34 9.68 15.72 -67.19
CA GLU C 34 9.54 14.86 -68.35
C GLU C 34 10.75 14.97 -69.25
N GLN C 35 10.96 16.16 -69.81
CA GLN C 35 12.08 16.40 -70.71
C GLN C 35 13.41 16.16 -70.01
N SER C 36 13.46 16.41 -68.70
CA SER C 36 14.67 16.17 -67.94
C SER C 36 15.03 14.69 -67.94
N VAL C 37 14.05 13.82 -67.68
CA VAL C 37 14.27 12.38 -67.70
C VAL C 37 14.67 11.94 -69.09
N LEU C 38 13.93 12.42 -70.10
CA LEU C 38 14.19 12.00 -71.47
C LEU C 38 15.62 12.34 -71.89
N GLY C 39 16.07 13.56 -71.61
CA GLY C 39 17.44 13.92 -71.92
C GLY C 39 18.46 13.17 -71.09
N GLY C 40 18.13 12.90 -69.82
CA GLY C 40 19.01 12.09 -69.00
C GLY C 40 19.23 10.70 -69.58
N LEU C 41 18.18 10.14 -70.18
CA LEU C 41 18.32 8.87 -70.88
C LEU C 41 19.08 9.04 -72.19
N MET C 42 18.94 10.20 -72.83
CA MET C 42 19.70 10.45 -74.06
C MET C 42 21.20 10.44 -73.79
N LEU C 43 21.61 11.04 -72.67
CA LEU C 43 23.01 11.08 -72.29
C LEU C 43 23.43 9.90 -71.43
N ASP C 44 22.61 8.85 -71.34
CA ASP C 44 22.93 7.71 -70.48
C ASP C 44 22.27 6.45 -71.05
N ASN C 45 23.08 5.59 -71.68
CA ASN C 45 22.65 4.27 -72.08
C ASN C 45 22.82 3.24 -70.97
N GLU C 46 23.76 3.48 -70.05
CA GLU C 46 24.01 2.53 -68.97
C GLU C 46 22.77 2.36 -68.10
N ARG C 47 22.32 3.43 -67.47
CA ARG C 47 21.22 3.38 -66.50
C ARG C 47 19.91 3.60 -67.24
N TRP C 48 19.22 2.50 -67.57
CA TRP C 48 17.89 2.54 -68.17
C TRP C 48 16.88 1.70 -67.41
N ASP C 49 17.30 0.54 -66.89
CA ASP C 49 16.35 -0.38 -66.28
C ASP C 49 15.71 0.23 -65.04
N ASP C 50 16.46 1.03 -64.28
CA ASP C 50 15.96 1.57 -63.03
C ASP C 50 14.77 2.50 -63.27
N VAL C 51 14.87 3.34 -64.31
CA VAL C 51 13.74 4.18 -64.67
C VAL C 51 12.65 3.36 -65.34
N ALA C 52 13.04 2.29 -66.06
CA ALA C 52 12.05 1.45 -66.73
C ALA C 52 11.15 0.75 -65.73
N GLU C 53 11.67 0.47 -64.53
CA GLU C 53 10.88 -0.20 -63.51
C GLU C 53 9.75 0.69 -62.97
N ARG C 54 9.80 2.00 -63.23
CA ARG C 54 8.82 2.94 -62.69
C ARG C 54 7.97 3.58 -63.77
N VAL C 55 8.58 4.19 -64.78
CA VAL C 55 7.85 4.95 -65.78
C VAL C 55 7.32 4.00 -66.86
N VAL C 56 6.21 4.43 -67.48
CA VAL C 56 5.48 3.65 -68.48
C VAL C 56 5.26 4.56 -69.68
N ALA C 57 4.93 3.96 -70.82
CA ALA C 57 4.57 4.74 -72.01
C ALA C 57 3.41 5.68 -71.73
N ASP C 58 2.27 5.13 -71.29
CA ASP C 58 1.10 5.95 -70.98
C ASP C 58 1.31 6.88 -69.79
N ASP C 59 2.42 6.73 -69.06
CA ASP C 59 2.72 7.56 -67.90
C ASP C 59 2.87 9.04 -68.25
N PHE C 60 3.04 9.38 -69.52
CA PHE C 60 3.30 10.75 -69.93
C PHE C 60 2.00 11.46 -70.27
N TYR C 61 2.10 12.79 -70.40
CA TYR C 61 0.96 13.64 -70.72
C TYR C 61 0.85 13.89 -72.22
N THR C 62 1.95 14.19 -72.88
CA THR C 62 1.97 14.52 -74.30
C THR C 62 2.44 13.32 -75.10
N ARG C 63 1.86 13.16 -76.29
CA ARG C 63 2.04 11.97 -77.11
C ARG C 63 3.40 11.89 -77.80
N PRO C 64 3.98 13.00 -78.31
CA PRO C 64 5.36 12.90 -78.85
C PRO C 64 6.35 12.29 -77.89
N HIS C 65 6.30 12.67 -76.62
CA HIS C 65 7.19 12.08 -75.64
C HIS C 65 6.80 10.65 -75.32
N ARG C 66 5.53 10.29 -75.46
CA ARG C 66 5.13 8.89 -75.35
C ARG C 66 5.80 8.08 -76.46
N HIS C 67 5.77 8.60 -77.68
CA HIS C 67 6.44 7.95 -78.80
C HIS C 67 7.92 7.79 -78.52
N ILE C 68 8.56 8.86 -78.05
CA ILE C 68 10.00 8.80 -77.77
C ILE C 68 10.28 7.74 -76.71
N PHE C 69 9.50 7.71 -75.65
CA PHE C 69 9.75 6.77 -74.56
C PHE C 69 9.57 5.34 -75.04
N THR C 70 8.45 5.04 -75.72
CA THR C 70 8.21 3.66 -76.13
C THR C 70 9.21 3.22 -77.20
N GLU C 71 9.64 4.14 -78.07
CA GLU C 71 10.62 3.78 -79.09
C GLU C 71 11.99 3.52 -78.45
N MET C 72 12.44 4.41 -77.55
CA MET C 72 13.68 4.16 -76.83
C MET C 72 13.61 2.85 -76.05
N ALA C 73 12.43 2.51 -75.52
CA ALA C 73 12.33 1.28 -74.74
C ALA C 73 12.38 0.06 -75.64
N ARG C 74 11.68 0.10 -76.77
CA ARG C 74 11.79 -0.96 -77.77
C ARG C 74 13.24 -1.15 -78.20
N LEU C 75 13.97 -0.06 -78.39
CA LEU C 75 15.36 -0.19 -78.80
C LEU C 75 16.21 -0.77 -77.68
N GLN C 76 16.00 -0.31 -76.45
CA GLN C 76 16.74 -0.87 -75.32
C GLN C 76 16.46 -2.35 -75.16
N GLU C 77 15.32 -2.84 -75.65
CA GLU C 77 15.14 -4.27 -75.81
C GLU C 77 15.98 -4.80 -76.97
N SER C 78 15.90 -4.14 -78.12
CA SER C 78 16.60 -4.59 -79.34
C SER C 78 17.94 -3.92 -79.55
N GLY C 79 17.95 -2.60 -79.71
CA GLY C 79 19.15 -1.84 -80.01
C GLY C 79 19.72 -1.11 -78.82
N SER C 80 20.87 -1.58 -78.34
CA SER C 80 21.39 -1.09 -77.07
C SER C 80 21.81 0.38 -77.13
N PRO C 81 22.68 0.81 -78.06
CA PRO C 81 23.11 2.23 -78.04
C PRO C 81 22.04 3.16 -78.60
N ILE C 82 21.49 4.00 -77.72
CA ILE C 82 20.49 5.00 -78.10
C ILE C 82 20.76 6.29 -77.33
N ASP C 83 21.41 7.28 -77.98
CA ASP C 83 21.64 8.57 -77.35
C ASP C 83 21.02 9.73 -78.10
N LEU C 84 21.38 9.94 -79.37
CA LEU C 84 20.86 11.06 -80.16
C LEU C 84 20.39 10.65 -81.55
N ILE C 85 21.11 9.75 -82.21
CA ILE C 85 20.87 9.45 -83.61
C ILE C 85 20.21 8.09 -83.82
N THR C 86 20.50 7.09 -82.99
CA THR C 86 19.83 5.80 -83.15
C THR C 86 18.32 5.94 -82.98
N LEU C 87 17.90 6.76 -82.02
CA LEU C 87 16.46 6.95 -81.80
C LEU C 87 15.83 7.75 -82.92
N ALA C 88 16.49 8.82 -83.39
CA ALA C 88 15.97 9.58 -84.51
C ALA C 88 15.87 8.71 -85.76
N GLU C 89 16.88 7.89 -85.99
CA GLU C 89 16.86 6.97 -87.13
C GLU C 89 15.73 5.97 -87.00
N SER C 90 15.51 5.42 -85.79
CA SER C 90 14.39 4.51 -85.59
C SER C 90 13.05 5.18 -85.90
N LEU C 91 12.78 6.30 -85.22
CA LEU C 91 11.57 7.09 -85.46
C LEU C 91 11.40 7.43 -86.93
N GLU C 92 12.51 7.56 -87.68
CA GLU C 92 12.43 7.67 -89.13
C GLU C 92 12.05 6.35 -89.77
N ARG C 93 12.58 5.24 -89.26
CA ARG C 93 12.26 3.93 -89.84
C ARG C 93 10.78 3.61 -89.71
N GLN C 94 10.12 4.13 -88.67
CA GLN C 94 8.66 4.09 -88.60
C GLN C 94 7.99 5.23 -89.37
N GLY C 95 8.75 6.04 -90.08
CA GLY C 95 8.24 7.20 -90.80
C GLY C 95 7.39 8.14 -89.97
N GLN C 96 8.02 8.84 -89.02
CA GLN C 96 7.28 9.68 -88.08
C GLN C 96 7.96 11.01 -87.75
N LEU C 97 9.04 11.39 -88.44
CA LEU C 97 9.67 12.67 -88.17
C LEU C 97 8.69 13.81 -88.44
N ASP C 98 8.78 14.86 -87.64
CA ASP C 98 7.90 16.03 -87.63
C ASP C 98 6.49 15.74 -87.12
N SER C 99 6.16 14.49 -86.78
CA SER C 99 4.93 14.18 -86.09
C SER C 99 5.08 14.28 -84.58
N VAL C 100 6.32 14.28 -84.07
CA VAL C 100 6.62 14.29 -82.64
C VAL C 100 7.43 15.54 -82.33
N GLY C 101 7.17 16.62 -83.05
CA GLY C 101 7.96 17.84 -82.94
C GLY C 101 8.92 17.95 -84.10
N GLY C 102 10.18 17.60 -83.87
CA GLY C 102 11.17 17.60 -84.94
C GLY C 102 12.52 17.22 -84.37
N PHE C 103 13.44 16.89 -85.29
CA PHE C 103 14.79 16.52 -84.89
C PHE C 103 15.53 17.70 -84.27
N ALA C 104 15.24 18.93 -84.75
CA ALA C 104 15.77 20.13 -84.10
C ALA C 104 15.20 20.29 -82.69
N TYR C 105 13.90 20.04 -82.54
CA TYR C 105 13.31 20.03 -81.22
C TYR C 105 13.95 18.96 -80.34
N LEU C 106 14.20 17.79 -80.91
CA LEU C 106 14.91 16.75 -80.17
C LEU C 106 16.32 17.22 -79.82
N ALA C 107 16.93 18.06 -80.66
CA ALA C 107 18.23 18.60 -80.31
C ALA C 107 18.12 19.52 -79.10
N GLU C 108 17.00 20.22 -78.96
CA GLU C 108 16.76 20.94 -77.70
C GLU C 108 16.67 19.95 -76.54
N LEU C 109 16.06 18.79 -76.77
CA LEU C 109 15.95 17.80 -75.68
C LEU C 109 17.31 17.26 -75.28
N SER C 110 18.17 17.00 -76.26
CA SER C 110 19.46 16.40 -76.00
C SER C 110 20.47 17.41 -75.49
N LYS C 111 20.29 18.69 -75.83
CA LYS C 111 21.22 19.73 -75.39
C LYS C 111 21.09 19.98 -73.90
N ASN C 112 19.88 20.30 -73.43
CA ASN C 112 19.66 20.71 -72.05
C ASN C 112 19.62 19.47 -71.15
N THR C 113 19.18 19.66 -69.90
CA THR C 113 19.14 18.70 -68.79
C THR C 113 20.35 17.78 -68.74
N PRO C 114 21.53 18.31 -68.41
CA PRO C 114 22.69 17.44 -68.11
C PRO C 114 22.71 16.91 -66.68
N SER C 115 21.55 16.91 -66.00
CA SER C 115 21.43 16.72 -64.55
C SER C 115 22.15 15.47 -64.03
N ALA C 116 22.36 15.44 -62.72
CA ALA C 116 23.15 14.40 -62.07
C ALA C 116 22.33 13.14 -61.84
N ALA C 117 22.82 12.24 -60.97
CA ALA C 117 22.21 10.93 -60.76
C ALA C 117 20.81 10.99 -60.15
N ASN C 118 20.33 12.16 -59.75
CA ASN C 118 18.96 12.27 -59.24
C ASN C 118 17.95 12.14 -60.37
N ILE C 119 17.89 10.96 -60.97
CA ILE C 119 17.03 10.67 -62.11
C ILE C 119 15.88 9.74 -61.72
N SER C 120 16.18 8.73 -60.92
CA SER C 120 15.12 7.82 -60.45
C SER C 120 14.11 8.57 -59.60
N ALA C 121 14.53 9.64 -58.94
CA ALA C 121 13.58 10.50 -58.25
C ALA C 121 12.58 11.08 -59.24
N TYR C 122 13.08 11.61 -60.37
CA TYR C 122 12.20 12.13 -61.41
C TYR C 122 11.28 11.04 -61.92
N ALA C 123 11.84 9.85 -62.16
CA ALA C 123 11.05 8.71 -62.61
C ALA C 123 9.88 8.43 -61.68
N ASP C 124 10.16 8.30 -60.39
CA ASP C 124 9.12 7.98 -59.42
C ASP C 124 8.05 9.06 -59.35
N ILE C 125 8.47 10.32 -59.29
CA ILE C 125 7.49 11.39 -59.15
C ILE C 125 6.60 11.45 -60.37
N VAL C 126 7.17 11.29 -61.56
CA VAL C 126 6.34 11.36 -62.77
C VAL C 126 5.43 10.13 -62.85
N ARG C 127 5.89 8.99 -62.34
CA ARG C 127 5.05 7.82 -62.23
C ARG C 127 3.79 8.14 -61.43
N GLU C 128 3.99 8.69 -60.24
CA GLU C 128 2.83 8.98 -59.42
C GLU C 128 2.02 10.15 -59.96
N ARG C 129 2.63 11.01 -60.78
CA ARG C 129 1.84 12.06 -61.43
C ARG C 129 0.91 11.47 -62.47
N ALA C 130 1.35 10.42 -63.17
CA ALA C 130 0.42 9.69 -64.02
C ALA C 130 -0.70 9.12 -63.18
N VAL C 131 -0.39 8.65 -61.98
CA VAL C 131 -1.45 8.13 -61.11
C VAL C 131 -2.41 9.25 -60.72
N VAL C 132 -1.90 10.45 -60.45
CA VAL C 132 -2.76 11.56 -60.07
C VAL C 132 -3.68 11.93 -61.23
N ARG C 133 -3.10 12.11 -62.42
CA ARG C 133 -3.91 12.43 -63.60
C ARG C 133 -4.95 11.35 -63.86
N GLU C 134 -4.58 10.09 -63.63
CA GLU C 134 -5.57 9.01 -63.65
C GLU C 134 -6.68 9.26 -62.65
N MET C 135 -6.34 9.75 -61.46
CA MET C 135 -7.37 10.03 -60.46
C MET C 135 -8.34 11.08 -60.95
N ILE C 136 -7.82 12.15 -61.57
CA ILE C 136 -8.70 13.19 -62.11
C ILE C 136 -9.61 12.57 -63.17
N SER C 137 -9.03 11.78 -64.08
CA SER C 137 -9.80 11.16 -65.15
C SER C 137 -10.90 10.26 -64.59
N VAL C 138 -10.58 9.51 -63.53
CA VAL C 138 -11.52 8.54 -63.00
C VAL C 138 -12.64 9.23 -62.24
N ALA C 139 -12.31 10.31 -61.53
CA ALA C 139 -13.36 11.10 -60.90
C ALA C 139 -14.27 11.72 -61.96
N ASN C 140 -13.69 12.10 -63.10
CA ASN C 140 -14.50 12.59 -64.20
C ASN C 140 -15.41 11.48 -64.72
N GLU C 141 -14.89 10.25 -64.81
CA GLU C 141 -15.73 9.12 -65.24
C GLU C 141 -16.88 8.90 -64.28
N ILE C 142 -16.62 8.99 -62.97
CA ILE C 142 -17.68 8.79 -61.98
C ILE C 142 -18.72 9.89 -62.09
N ALA C 143 -18.27 11.15 -62.19
CA ALA C 143 -19.20 12.25 -62.36
C ALA C 143 -19.98 12.15 -63.67
N GLU C 144 -19.39 11.51 -64.68
CA GLU C 144 -20.07 11.30 -65.96
C GLU C 144 -21.18 10.28 -65.81
N ALA C 145 -20.88 9.15 -65.15
CA ALA C 145 -21.93 8.19 -64.83
C ALA C 145 -22.98 8.79 -63.92
N GLY C 146 -22.60 9.78 -63.11
CA GLY C 146 -23.54 10.44 -62.23
C GLY C 146 -24.51 11.35 -62.94
N PHE C 147 -23.99 12.36 -63.66
CA PHE C 147 -24.85 13.22 -64.47
C PHE C 147 -25.69 12.39 -65.45
N ASP C 148 -25.10 11.35 -66.02
CA ASP C 148 -25.75 10.47 -66.98
C ASP C 148 -26.07 9.16 -66.28
N PRO C 149 -27.22 9.03 -65.59
CA PRO C 149 -27.51 7.77 -64.90
C PRO C 149 -27.73 6.61 -65.86
N GLN C 150 -28.22 6.88 -67.07
CA GLN C 150 -28.46 5.84 -68.07
C GLN C 150 -29.44 4.78 -67.56
N GLY C 151 -30.40 5.23 -66.74
CA GLY C 151 -31.35 4.33 -66.09
C GLY C 151 -30.71 3.16 -65.38
N ARG C 152 -29.89 3.45 -64.36
CA ARG C 152 -29.05 2.46 -63.71
C ARG C 152 -29.43 2.31 -62.25
N THR C 153 -29.36 1.07 -61.76
CA THR C 153 -29.67 0.77 -60.38
C THR C 153 -28.51 1.12 -59.47
N SER C 154 -28.83 1.46 -58.22
CA SER C 154 -27.82 1.82 -57.23
C SER C 154 -26.85 0.67 -56.97
N GLU C 155 -27.36 -0.57 -57.02
CA GLU C 155 -26.51 -1.73 -56.77
C GLU C 155 -25.59 -2.02 -57.96
N ASP C 156 -25.99 -1.61 -59.16
CA ASP C 156 -25.09 -1.59 -60.32
C ASP C 156 -24.37 -0.26 -60.47
N LEU C 157 -24.48 0.63 -59.49
CA LEU C 157 -23.86 1.95 -59.54
C LEU C 157 -22.69 2.06 -58.57
N LEU C 158 -22.94 1.84 -57.27
CA LEU C 158 -21.88 1.97 -56.29
C LEU C 158 -20.78 0.95 -56.54
N ASP C 159 -21.10 -0.34 -56.38
CA ASP C 159 -20.10 -1.40 -56.54
C ASP C 159 -19.39 -1.30 -57.88
N LEU C 160 -20.08 -0.84 -58.92
CA LEU C 160 -19.42 -0.55 -60.20
C LEU C 160 -18.34 0.50 -60.03
N ALA C 161 -18.72 1.71 -59.60
CA ALA C 161 -17.78 2.81 -59.50
C ALA C 161 -16.72 2.58 -58.43
N GLU C 162 -16.96 1.66 -57.51
CA GLU C 162 -16.05 1.36 -56.42
C GLU C 162 -15.06 0.28 -56.82
N SER C 163 -15.54 -0.73 -57.55
CA SER C 163 -14.63 -1.70 -58.15
C SER C 163 -13.79 -1.05 -59.23
N ARG C 164 -14.19 0.11 -59.77
CA ARG C 164 -13.29 0.88 -60.62
C ARG C 164 -12.01 1.25 -59.88
N VAL C 165 -12.15 1.96 -58.75
CA VAL C 165 -10.98 2.37 -57.96
C VAL C 165 -10.24 1.15 -57.48
N PHE C 166 -10.97 0.10 -57.14
CA PHE C 166 -10.35 -1.15 -56.72
C PHE C 166 -9.48 -1.72 -57.83
N LYS C 167 -10.02 -1.76 -59.05
CA LYS C 167 -9.28 -2.22 -60.22
C LYS C 167 -8.06 -1.36 -60.47
N ILE C 168 -8.14 -0.08 -60.12
CA ILE C 168 -6.97 0.79 -60.29
C ILE C 168 -5.95 0.48 -59.22
N ALA C 169 -6.41 0.24 -57.99
CA ALA C 169 -5.53 -0.21 -56.92
C ALA C 169 -4.83 -1.51 -57.28
N GLU C 170 -5.47 -2.34 -58.11
CA GLU C 170 -4.88 -3.62 -58.50
C GLU C 170 -3.56 -3.42 -59.23
N SER C 171 -3.35 -2.27 -59.87
CA SER C 171 -2.12 -2.05 -60.62
C SER C 171 -0.92 -2.10 -59.69
N ARG C 172 -0.78 -1.09 -58.83
CA ARG C 172 0.15 -1.06 -57.70
C ARG C 172 1.53 -1.61 -58.04
N ALA C 173 2.28 -0.94 -58.91
CA ALA C 173 3.63 -1.39 -59.23
C ALA C 173 4.62 -1.22 -58.09
N ASN C 174 4.22 -0.62 -56.96
CA ASN C 174 5.07 -0.63 -55.76
C ASN C 174 5.04 -2.02 -55.16
N LYS C 175 5.84 -2.90 -55.75
CA LYS C 175 5.92 -4.30 -55.35
C LYS C 175 7.15 -4.53 -54.46
N ASP C 176 7.12 -3.88 -53.30
CA ASP C 176 8.19 -4.00 -52.31
C ASP C 176 7.61 -4.01 -50.89
N GLU C 177 6.41 -4.57 -50.74
CA GLU C 177 5.63 -4.41 -49.52
C GLU C 177 4.95 -5.75 -49.23
N GLY C 178 3.90 -5.72 -48.39
CA GLY C 178 3.25 -6.87 -47.78
C GLY C 178 3.13 -8.15 -48.56
N PRO C 179 2.74 -8.11 -49.83
CA PRO C 179 2.71 -9.37 -50.57
C PRO C 179 4.13 -9.87 -50.86
N LYS C 180 4.81 -10.30 -49.79
CA LYS C 180 6.19 -10.77 -49.85
C LYS C 180 6.20 -12.27 -49.64
N ASN C 181 6.26 -12.99 -50.75
CA ASN C 181 6.28 -14.44 -50.73
C ASN C 181 7.47 -14.94 -49.93
N ILE C 182 7.38 -16.18 -49.49
CA ILE C 182 8.35 -16.69 -48.54
C ILE C 182 9.72 -16.82 -49.17
N ALA C 183 9.79 -17.13 -50.46
CA ALA C 183 11.06 -17.41 -51.09
C ALA C 183 12.00 -16.22 -51.04
N ASP C 184 11.46 -15.00 -51.08
CA ASP C 184 12.32 -13.84 -50.99
C ASP C 184 12.92 -13.73 -49.60
N VAL C 185 12.11 -14.03 -48.58
CA VAL C 185 12.58 -14.03 -47.21
C VAL C 185 13.71 -15.03 -47.05
N LEU C 186 13.50 -16.23 -47.55
CA LEU C 186 14.53 -17.26 -47.44
C LEU C 186 15.77 -16.91 -48.25
N ASP C 187 15.60 -16.22 -49.36
CA ASP C 187 16.76 -15.76 -50.11
C ASP C 187 17.61 -14.85 -49.25
N ALA C 188 16.97 -13.88 -48.58
CA ALA C 188 17.72 -12.98 -47.72
C ALA C 188 18.36 -13.73 -46.57
N THR C 189 17.63 -14.67 -45.99
CA THR C 189 18.11 -15.39 -44.83
C THR C 189 19.33 -16.23 -45.17
N VAL C 190 19.26 -16.96 -46.27
CA VAL C 190 20.39 -17.74 -46.72
C VAL C 190 21.55 -16.83 -47.06
N ALA C 191 21.28 -15.64 -47.57
CA ALA C 191 22.35 -14.71 -47.85
C ALA C 191 23.08 -14.31 -46.57
N ARG C 192 22.31 -14.08 -45.50
CA ARG C 192 22.94 -13.77 -44.22
C ARG C 192 23.70 -14.96 -43.67
N ILE C 193 23.14 -16.16 -43.81
CA ILE C 193 23.82 -17.34 -43.32
C ILE C 193 25.10 -17.56 -44.09
N GLU C 194 25.17 -17.13 -45.35
CA GLU C 194 26.40 -17.19 -46.09
C GLU C 194 27.35 -16.09 -45.68
N GLN C 195 26.83 -14.93 -45.28
CA GLN C 195 27.67 -13.92 -44.69
C GLN C 195 28.33 -14.45 -43.42
N LEU C 196 27.67 -15.37 -42.72
CA LEU C 196 28.19 -15.87 -41.45
C LEU C 196 29.04 -17.12 -41.57
N PHE C 197 28.69 -18.05 -42.45
CA PHE C 197 29.41 -19.31 -42.60
C PHE C 197 30.56 -19.21 -43.58
N GLN C 198 30.47 -18.34 -44.58
CA GLN C 198 31.60 -18.09 -45.45
C GLN C 198 32.79 -17.51 -44.69
N GLN C 199 32.56 -16.98 -43.49
CA GLN C 199 33.61 -16.56 -42.57
C GLN C 199 33.60 -17.47 -41.35
N PRO C 200 34.33 -18.59 -41.34
CA PRO C 200 34.38 -19.43 -40.14
C PRO C 200 35.17 -18.75 -39.03
N HIS C 201 34.49 -18.47 -37.92
CA HIS C 201 35.11 -17.77 -36.80
C HIS C 201 34.45 -18.25 -35.51
N ASP C 202 34.86 -17.64 -34.41
CA ASP C 202 34.31 -17.97 -33.10
C ASP C 202 32.82 -17.66 -33.07
N GLY C 203 32.18 -18.06 -31.97
CA GLY C 203 30.76 -17.88 -31.83
C GLY C 203 30.38 -16.52 -31.32
N VAL C 204 30.91 -15.47 -31.95
CA VAL C 204 30.56 -14.09 -31.63
C VAL C 204 30.24 -13.39 -32.95
N THR C 205 28.98 -13.46 -33.36
CA THR C 205 28.51 -12.81 -34.58
C THR C 205 27.89 -11.48 -34.19
N GLY C 206 28.76 -10.53 -33.91
CA GLY C 206 28.30 -9.23 -33.48
C GLY C 206 29.47 -8.43 -32.94
N VAL C 207 29.13 -7.40 -32.19
CA VAL C 207 30.14 -6.63 -31.50
C VAL C 207 30.67 -7.44 -30.34
N ASN C 208 31.96 -7.31 -30.08
CA ASN C 208 32.56 -7.88 -28.91
C ASN C 208 32.52 -6.89 -27.76
N THR C 209 32.51 -7.43 -26.55
CA THR C 209 32.57 -6.64 -25.33
C THR C 209 33.92 -6.68 -24.66
N GLY C 210 34.61 -7.82 -24.73
CA GLY C 210 35.77 -8.09 -23.95
C GLY C 210 35.49 -9.06 -22.82
N TYR C 211 34.25 -9.12 -22.37
CA TYR C 211 33.85 -9.99 -21.27
C TYR C 211 33.48 -11.34 -21.83
N ASP C 212 34.41 -12.28 -21.75
CA ASP C 212 34.28 -13.57 -22.41
C ASP C 212 33.18 -14.42 -21.80
N ASP C 213 32.68 -14.06 -20.63
CA ASP C 213 31.57 -14.77 -20.01
C ASP C 213 30.23 -14.24 -20.47
N LEU C 214 30.21 -13.03 -21.04
CA LEU C 214 28.98 -12.38 -21.42
C LEU C 214 28.61 -12.67 -22.87
N ASN C 215 29.61 -12.69 -23.75
CA ASN C 215 29.39 -13.04 -25.15
C ASN C 215 28.76 -14.41 -25.33
N LYS C 216 28.86 -15.30 -24.35
CA LYS C 216 28.23 -16.60 -24.47
C LYS C 216 26.73 -16.49 -24.38
N LYS C 217 26.24 -15.79 -23.36
CA LYS C 217 24.80 -15.60 -23.18
C LYS C 217 24.23 -14.60 -24.17
N THR C 218 25.09 -13.91 -24.91
CA THR C 218 24.68 -12.80 -25.74
C THR C 218 25.06 -12.99 -27.20
N ALA C 219 26.15 -13.69 -27.49
CA ALA C 219 26.70 -13.78 -28.84
C ALA C 219 27.08 -12.40 -29.36
N GLY C 220 27.54 -11.54 -28.46
CA GLY C 220 27.92 -10.19 -28.79
C GLY C 220 26.71 -9.29 -28.85
N LEU C 221 26.96 -8.00 -28.97
CA LEU C 221 25.86 -7.05 -29.06
C LEU C 221 25.46 -6.98 -30.53
N GLN C 222 24.25 -7.43 -30.85
CA GLN C 222 23.86 -7.50 -32.24
C GLN C 222 23.81 -6.11 -32.85
N PRO C 223 24.15 -5.98 -34.14
CA PRO C 223 24.20 -4.64 -34.70
C PRO C 223 22.86 -3.96 -34.65
N SER C 224 21.73 -4.48 -34.98
CA SER C 224 20.55 -3.58 -34.99
C SER C 224 19.71 -3.55 -33.72
N ASP C 225 19.96 -4.38 -32.73
CA ASP C 225 19.07 -4.41 -31.59
C ASP C 225 19.28 -3.18 -30.70
N LEU C 226 18.27 -2.86 -29.88
CA LEU C 226 18.38 -1.80 -28.88
C LEU C 226 18.70 -2.43 -27.54
N ILE C 227 19.87 -2.21 -27.06
CA ILE C 227 20.29 -2.69 -25.75
C ILE C 227 19.96 -1.64 -24.70
N ILE C 228 19.63 -2.14 -23.52
CA ILE C 228 19.27 -1.32 -22.37
C ILE C 228 20.04 -1.86 -21.18
N VAL C 229 20.65 -0.94 -20.45
CA VAL C 229 21.43 -1.23 -19.27
C VAL C 229 20.80 -0.48 -18.13
N ALA C 230 20.50 -1.17 -17.05
CA ALA C 230 19.59 -0.62 -16.06
C ALA C 230 19.98 -1.03 -14.65
N ALA C 231 20.16 -0.04 -13.80
CA ALA C 231 20.34 -0.28 -12.38
C ALA C 231 20.18 1.02 -11.64
N ARG C 232 19.96 0.86 -10.36
CA ARG C 232 19.83 1.94 -9.41
C ARG C 232 21.06 2.85 -9.46
N PRO C 233 20.99 4.03 -8.84
CA PRO C 233 21.93 5.10 -9.16
C PRO C 233 23.40 4.85 -8.90
N SER C 234 23.79 3.81 -8.19
CA SER C 234 25.21 3.69 -7.88
C SER C 234 25.61 2.25 -7.96
N MET C 235 25.14 1.61 -8.99
CA MET C 235 25.29 0.20 -9.19
C MET C 235 26.22 -0.14 -10.33
N GLY C 236 26.56 0.84 -11.17
CA GLY C 236 27.66 0.70 -12.10
C GLY C 236 27.33 0.64 -13.57
N LYS C 237 26.32 1.40 -14.03
CA LYS C 237 25.86 1.22 -15.40
C LYS C 237 26.53 2.14 -16.38
N THR C 238 26.76 3.39 -16.00
CA THR C 238 27.64 4.22 -16.80
C THR C 238 28.99 3.56 -16.95
N THR C 239 29.49 3.01 -15.86
CA THR C 239 30.80 2.38 -15.88
C THR C 239 30.81 1.19 -16.82
N PHE C 240 29.85 0.28 -16.66
CA PHE C 240 29.73 -0.87 -17.52
C PHE C 240 29.64 -0.47 -18.99
N ALA C 241 28.82 0.55 -19.27
CA ALA C 241 28.64 0.95 -20.65
C ALA C 241 29.89 1.58 -21.22
N MET C 242 30.58 2.37 -20.41
CA MET C 242 31.82 2.96 -20.89
C MET C 242 32.83 1.88 -21.15
N ASN C 243 32.82 0.81 -20.38
CA ASN C 243 33.76 -0.26 -20.62
C ASN C 243 33.42 -0.98 -21.92
N LEU C 244 32.14 -1.18 -22.19
CA LEU C 244 31.75 -1.76 -23.46
C LEU C 244 32.22 -0.91 -24.62
N VAL C 245 32.02 0.40 -24.55
CA VAL C 245 32.37 1.23 -25.69
C VAL C 245 33.89 1.32 -25.82
N GLU C 246 34.60 1.46 -24.71
CA GLU C 246 36.04 1.64 -24.78
C GLU C 246 36.78 0.34 -24.93
N ASN C 247 36.07 -0.78 -24.96
CA ASN C 247 36.64 -2.05 -25.40
C ASN C 247 36.34 -2.32 -26.86
N ALA C 248 35.11 -2.03 -27.31
CA ALA C 248 34.83 -2.12 -28.73
C ALA C 248 35.46 -0.98 -29.52
N ALA C 249 36.06 -0.01 -28.84
CA ALA C 249 36.90 0.97 -29.52
C ALA C 249 38.29 0.44 -29.73
N MET C 250 38.73 -0.44 -28.85
CA MET C 250 40.06 -1.02 -28.94
C MET C 250 40.09 -2.22 -29.87
N LEU C 251 38.97 -2.94 -29.99
CA LEU C 251 38.90 -4.08 -30.90
C LEU C 251 38.48 -3.69 -32.31
N GLN C 252 37.27 -3.14 -32.45
CA GLN C 252 36.81 -2.70 -33.76
C GLN C 252 37.56 -1.46 -34.20
N ASP C 253 37.91 -1.44 -35.48
CA ASP C 253 38.47 -0.24 -36.12
C ASP C 253 37.33 0.57 -36.73
N LYS C 254 36.38 0.92 -35.86
CA LYS C 254 35.13 1.48 -36.28
C LYS C 254 34.61 2.35 -35.15
N PRO C 255 33.98 3.49 -35.44
CA PRO C 255 33.72 4.46 -34.37
C PRO C 255 32.55 4.12 -33.48
N VAL C 256 32.58 4.80 -32.34
CA VAL C 256 31.60 4.66 -31.29
C VAL C 256 31.28 6.06 -30.79
N LEU C 257 30.00 6.30 -30.58
CA LEU C 257 29.53 7.55 -30.04
C LEU C 257 29.08 7.37 -28.60
N ILE C 258 28.97 8.50 -27.94
CA ILE C 258 28.68 8.58 -26.53
C ILE C 258 27.85 9.83 -26.36
N PHE C 259 26.58 9.66 -26.01
CA PHE C 259 25.72 10.78 -25.69
C PHE C 259 25.62 10.87 -24.17
N SER C 260 26.65 11.44 -23.58
CA SER C 260 26.66 11.69 -22.14
C SER C 260 25.79 12.91 -21.88
N LEU C 261 24.51 12.65 -21.73
CA LEU C 261 23.57 13.68 -21.35
C LEU C 261 23.64 14.05 -19.88
N GLU C 262 24.27 13.21 -19.07
CA GLU C 262 24.25 13.35 -17.63
C GLU C 262 25.51 13.99 -17.08
N MET C 263 26.68 13.57 -17.54
CA MET C 263 27.94 14.16 -17.12
C MET C 263 28.75 14.56 -18.33
N PRO C 264 29.68 15.50 -18.17
CA PRO C 264 30.47 15.98 -19.31
C PRO C 264 31.63 15.05 -19.63
N SER C 265 32.35 15.44 -20.67
CA SER C 265 33.45 14.62 -21.17
C SER C 265 34.61 14.59 -20.19
N GLU C 266 34.82 15.66 -19.45
CA GLU C 266 36.02 15.76 -18.64
C GLU C 266 35.99 14.86 -17.41
N GLN C 267 34.87 14.18 -17.17
CA GLN C 267 34.77 13.14 -16.17
C GLN C 267 34.74 11.76 -16.78
N ILE C 268 34.02 11.64 -17.89
CA ILE C 268 33.98 10.40 -18.66
C ILE C 268 35.38 9.96 -19.03
N MET C 269 36.16 10.88 -19.58
CA MET C 269 37.43 10.46 -20.14
C MET C 269 38.43 10.14 -19.04
N MET C 270 38.41 10.92 -17.97
CA MET C 270 39.16 10.57 -16.77
C MET C 270 38.85 9.16 -16.32
N ARG C 271 37.56 8.87 -16.20
CA ARG C 271 37.10 7.56 -15.82
C ARG C 271 37.63 6.49 -16.76
N SER C 272 37.64 6.77 -18.06
CA SER C 272 38.06 5.79 -19.04
C SER C 272 39.58 5.57 -19.03
N LEU C 273 40.35 6.64 -18.80
CA LEU C 273 41.78 6.48 -18.62
C LEU C 273 42.07 5.60 -17.44
N ALA C 274 41.38 5.84 -16.32
CA ALA C 274 41.52 4.98 -15.16
C ALA C 274 41.13 3.55 -15.49
N SER C 275 40.05 3.37 -16.24
CA SER C 275 39.59 2.03 -16.58
C SER C 275 40.65 1.27 -17.35
N LEU C 276 41.14 1.86 -18.43
CA LEU C 276 42.04 1.13 -19.31
C LEU C 276 43.41 0.99 -18.70
N SER C 277 43.85 1.98 -17.94
CA SER C 277 45.18 2.02 -17.39
C SER C 277 45.26 1.49 -15.96
N ARG C 278 44.13 1.13 -15.35
CA ARG C 278 44.06 0.61 -13.99
C ARG C 278 44.88 1.42 -13.00
N VAL C 279 44.48 2.67 -12.84
CA VAL C 279 44.98 3.50 -11.76
C VAL C 279 43.81 4.24 -11.17
N ASP C 280 43.82 4.37 -9.87
CA ASP C 280 42.64 4.90 -9.21
C ASP C 280 42.51 6.38 -9.53
N GLN C 281 41.28 6.79 -9.67
CA GLN C 281 40.96 8.10 -10.21
C GLN C 281 41.45 9.22 -9.29
N THR C 282 41.51 8.94 -7.99
CA THR C 282 41.98 9.93 -7.02
C THR C 282 43.44 10.28 -7.25
N LYS C 283 44.25 9.30 -7.62
CA LYS C 283 45.63 9.60 -7.98
C LYS C 283 45.71 10.34 -9.30
N ILE C 284 44.68 10.27 -10.13
CA ILE C 284 44.75 10.95 -11.41
C ILE C 284 44.53 12.43 -11.19
N ARG C 285 43.32 12.81 -10.74
CA ARG C 285 43.02 14.24 -10.77
C ARG C 285 43.86 15.01 -9.77
N THR C 286 44.12 14.41 -8.61
CA THR C 286 44.95 15.06 -7.61
C THR C 286 46.41 15.16 -8.05
N GLY C 287 46.80 14.52 -9.14
CA GLY C 287 48.16 14.60 -9.64
C GLY C 287 49.18 13.86 -8.81
N GLN C 288 48.74 13.00 -7.90
CA GLN C 288 49.62 12.37 -6.93
C GLN C 288 50.04 10.97 -7.35
N LEU C 289 50.19 10.74 -8.64
CA LEU C 289 50.45 9.41 -9.18
C LEU C 289 51.93 9.22 -9.51
N ASP C 290 52.32 7.95 -9.56
CA ASP C 290 53.71 7.52 -9.66
C ASP C 290 54.08 7.12 -11.07
N ASP C 291 55.38 6.87 -11.27
CA ASP C 291 55.93 6.64 -12.61
C ASP C 291 55.24 5.48 -13.32
N GLU C 292 55.03 4.37 -12.61
CA GLU C 292 54.37 3.23 -13.22
C GLU C 292 52.94 3.55 -13.63
N ASP C 293 52.34 4.55 -13.01
CA ASP C 293 51.01 4.99 -13.43
C ASP C 293 51.11 5.90 -14.64
N TRP C 294 52.03 6.87 -14.60
CA TRP C 294 52.21 7.79 -15.71
C TRP C 294 52.50 7.04 -17.01
N ALA C 295 53.23 5.94 -16.90
CA ALA C 295 53.53 5.14 -18.08
C ALA C 295 52.25 4.59 -18.72
N ARG C 296 51.39 4.00 -17.91
CA ARG C 296 50.17 3.42 -18.45
C ARG C 296 49.23 4.49 -18.99
N ILE C 297 49.26 5.68 -18.38
CA ILE C 297 48.53 6.81 -18.96
C ILE C 297 49.06 7.13 -20.35
N SER C 298 50.38 7.29 -20.47
CA SER C 298 51.00 7.54 -21.77
C SER C 298 50.58 6.49 -22.77
N GLY C 299 50.57 5.23 -22.35
CA GLY C 299 50.29 4.16 -23.28
C GLY C 299 48.86 4.19 -23.76
N THR C 300 47.92 4.37 -22.84
CA THR C 300 46.52 4.35 -23.26
C THR C 300 46.18 5.56 -24.10
N MET C 301 46.78 6.71 -23.80
CA MET C 301 46.53 7.86 -24.67
C MET C 301 47.13 7.65 -26.04
N GLY C 302 48.38 7.16 -26.10
CA GLY C 302 49.01 6.90 -27.37
C GLY C 302 48.26 5.88 -28.20
N ILE C 303 47.48 5.02 -27.55
CA ILE C 303 46.57 4.15 -28.29
C ILE C 303 45.39 4.95 -28.79
N LEU C 304 44.76 5.69 -27.89
CA LEU C 304 43.48 6.32 -28.22
C LEU C 304 43.63 7.35 -29.32
N LEU C 305 44.81 7.94 -29.46
CA LEU C 305 45.05 8.93 -30.50
C LEU C 305 45.64 8.32 -31.77
N GLU C 306 46.24 7.14 -31.68
CA GLU C 306 46.69 6.41 -32.85
C GLU C 306 45.61 5.49 -33.40
N LYS C 307 44.37 5.72 -33.02
CA LYS C 307 43.22 5.06 -33.60
C LYS C 307 42.13 6.02 -34.01
N ARG C 308 41.90 7.08 -33.22
CA ARG C 308 41.02 8.19 -33.60
C ARG C 308 39.61 7.69 -33.88
N ASN C 309 38.99 7.18 -32.83
CA ASN C 309 37.86 6.28 -32.94
C ASN C 309 36.67 6.64 -32.08
N ILE C 310 36.81 7.58 -31.15
CA ILE C 310 35.81 7.84 -30.13
C ILE C 310 35.30 9.24 -30.29
N TYR C 311 34.00 9.40 -30.14
CA TYR C 311 33.34 10.68 -30.17
C TYR C 311 32.38 10.77 -29.00
N ILE C 312 32.29 11.96 -28.42
CA ILE C 312 31.53 12.20 -27.20
C ILE C 312 30.76 13.48 -27.38
N ASP C 313 29.46 13.42 -27.13
CA ASP C 313 28.57 14.58 -27.17
C ASP C 313 28.03 14.85 -25.78
N ASP C 314 28.45 15.97 -25.20
CA ASP C 314 27.99 16.41 -23.88
C ASP C 314 26.87 17.45 -24.00
N SER C 315 25.78 17.07 -24.63
CA SER C 315 24.61 17.92 -24.72
C SER C 315 23.49 17.34 -23.87
N SER C 316 22.62 18.20 -23.38
CA SER C 316 21.79 17.88 -22.22
C SER C 316 20.43 17.30 -22.59
N GLY C 317 19.64 18.05 -23.36
CA GLY C 317 18.23 17.75 -23.55
C GLY C 317 17.89 17.30 -24.95
N LEU C 318 18.70 16.40 -25.45
CA LEU C 318 18.61 16.03 -26.86
C LEU C 318 17.31 15.33 -27.19
N THR C 319 16.63 15.84 -28.19
CA THR C 319 15.55 15.11 -28.80
C THR C 319 16.10 14.04 -29.71
N PRO C 320 15.28 13.07 -30.10
CA PRO C 320 15.80 12.00 -30.94
C PRO C 320 16.21 12.44 -32.32
N THR C 321 15.61 13.51 -32.85
CA THR C 321 16.04 14.00 -34.16
C THR C 321 17.47 14.49 -34.10
N GLU C 322 17.83 15.16 -33.01
CA GLU C 322 19.20 15.62 -32.85
C GLU C 322 20.15 14.46 -32.74
N VAL C 323 19.75 13.43 -32.01
CA VAL C 323 20.55 12.22 -31.89
C VAL C 323 20.76 11.59 -33.25
N ARG C 324 19.69 11.51 -34.04
CA ARG C 324 19.77 10.93 -35.37
C ARG C 324 20.77 11.69 -36.21
N SER C 325 20.57 12.99 -36.35
CA SER C 325 21.42 13.81 -37.20
C SER C 325 22.88 13.70 -36.79
N ARG C 326 23.14 13.81 -35.49
CA ARG C 326 24.49 13.76 -35.00
C ARG C 326 25.11 12.38 -35.11
N ALA C 327 24.32 11.35 -35.36
CA ALA C 327 24.89 10.04 -35.67
C ALA C 327 25.02 9.79 -37.15
N ARG C 328 24.12 10.33 -37.95
CA ARG C 328 24.22 10.22 -39.39
C ARG C 328 25.48 10.90 -39.89
N ARG C 329 25.84 12.01 -39.25
CA ARG C 329 27.06 12.71 -39.62
C ARG C 329 28.27 11.80 -39.54
N ILE C 330 28.47 11.14 -38.39
CA ILE C 330 29.64 10.31 -38.21
C ILE C 330 29.51 9.04 -39.04
N ALA C 331 28.29 8.56 -39.26
CA ALA C 331 28.09 7.45 -40.17
C ALA C 331 28.36 7.83 -41.62
N ARG C 332 28.54 9.11 -41.91
CA ARG C 332 28.88 9.58 -43.25
C ARG C 332 30.36 9.90 -43.36
N GLU C 333 30.83 10.78 -42.49
CA GLU C 333 32.22 11.22 -42.54
C GLU C 333 33.17 10.05 -42.30
N HIS C 334 33.09 9.47 -41.11
CA HIS C 334 34.06 8.47 -40.67
C HIS C 334 33.57 7.06 -40.96
N GLY C 335 33.36 6.81 -42.24
CA GLY C 335 33.01 5.48 -42.68
C GLY C 335 31.61 5.12 -42.26
N GLY C 336 31.53 4.25 -41.28
CA GLY C 336 30.25 3.87 -40.71
C GLY C 336 30.50 3.41 -39.30
N ILE C 337 29.49 3.54 -38.46
CA ILE C 337 29.69 3.44 -37.04
C ILE C 337 29.32 2.04 -36.56
N GLY C 338 29.68 1.75 -35.32
CA GLY C 338 29.62 0.42 -34.79
C GLY C 338 29.05 0.33 -33.40
N LEU C 339 28.84 1.48 -32.76
CA LEU C 339 28.23 1.46 -31.45
C LEU C 339 27.78 2.86 -31.08
N ILE C 340 26.69 2.91 -30.35
CA ILE C 340 26.15 4.14 -29.81
C ILE C 340 25.84 3.87 -28.35
N MET C 341 25.98 4.90 -27.54
CA MET C 341 25.67 4.82 -26.14
C MET C 341 24.95 6.10 -25.77
N ILE C 342 23.81 5.92 -25.12
CA ILE C 342 22.97 7.00 -24.67
C ILE C 342 22.77 6.81 -23.19
N ASP C 343 23.15 7.81 -22.41
CA ASP C 343 23.19 7.71 -20.97
C ASP C 343 21.87 8.25 -20.41
N TYR C 344 21.06 7.35 -19.84
CA TYR C 344 19.98 7.73 -18.95
C TYR C 344 18.95 8.49 -19.78
N LEU C 345 18.42 7.77 -20.77
CA LEU C 345 17.51 8.27 -21.79
C LEU C 345 16.35 9.08 -21.26
N GLN C 346 15.98 8.92 -19.99
CA GLN C 346 14.94 9.75 -19.41
C GLN C 346 15.26 11.24 -19.42
N LEU C 347 16.47 11.65 -19.81
CA LEU C 347 16.71 13.05 -20.11
C LEU C 347 16.20 13.45 -21.48
N MET C 348 16.21 12.50 -22.41
CA MET C 348 15.83 12.82 -23.77
C MET C 348 14.40 13.30 -23.82
N ARG C 349 14.20 14.37 -24.57
CA ARG C 349 12.94 15.07 -24.67
C ARG C 349 12.30 14.78 -26.00
N VAL C 350 10.99 15.03 -26.05
CA VAL C 350 10.38 15.43 -27.29
C VAL C 350 9.32 16.45 -26.86
N PRO C 351 9.52 17.75 -27.12
CA PRO C 351 8.72 18.76 -26.42
C PRO C 351 7.25 18.72 -26.74
N ALA C 352 6.86 18.09 -27.85
CA ALA C 352 5.44 17.98 -28.18
C ALA C 352 4.66 17.26 -27.09
N LEU C 353 5.28 16.25 -26.47
CA LEU C 353 4.60 15.33 -25.57
C LEU C 353 5.01 15.58 -24.13
N SER C 354 5.43 16.81 -23.82
CA SER C 354 5.96 17.13 -22.50
C SER C 354 4.98 16.87 -21.38
N ASP C 355 3.67 16.83 -21.67
CA ASP C 355 2.69 16.65 -20.63
C ASP C 355 2.55 15.19 -20.25
N ASN C 356 2.39 14.33 -21.26
CA ASN C 356 2.24 12.90 -21.03
C ASN C 356 3.62 12.26 -21.15
N ARG C 357 4.22 11.97 -19.99
CA ARG C 357 5.57 11.43 -19.96
C ARG C 357 5.63 10.04 -20.58
N THR C 358 4.60 9.24 -20.37
CA THR C 358 4.62 7.88 -20.84
C THR C 358 4.74 7.82 -22.36
N LEU C 359 3.92 8.60 -23.05
CA LEU C 359 3.99 8.63 -24.50
C LEU C 359 5.31 9.24 -24.96
N GLU C 360 5.84 10.17 -24.19
CA GLU C 360 7.15 10.74 -24.48
C GLU C 360 8.21 9.65 -24.56
N ILE C 361 8.28 8.84 -23.52
CA ILE C 361 9.29 7.77 -23.49
C ILE C 361 9.04 6.76 -24.59
N ALA C 362 7.78 6.49 -24.91
CA ALA C 362 7.52 5.52 -25.96
C ALA C 362 8.05 6.02 -27.29
N GLU C 363 7.82 7.30 -27.58
CA GLU C 363 8.41 7.92 -28.76
C GLU C 363 9.92 7.78 -28.74
N ILE C 364 10.52 8.04 -27.58
CA ILE C 364 11.97 7.98 -27.47
C ILE C 364 12.47 6.60 -27.87
N SER C 365 11.98 5.57 -27.17
CA SER C 365 12.40 4.21 -27.42
C SER C 365 12.18 3.79 -28.86
N ARG C 366 11.04 4.17 -29.43
CA ARG C 366 10.77 3.82 -30.81
C ARG C 366 11.77 4.49 -31.74
N SER C 367 12.16 5.71 -31.42
CA SER C 367 13.13 6.42 -32.24
C SER C 367 14.48 5.74 -32.19
N LEU C 368 14.85 5.28 -31.00
CA LEU C 368 16.14 4.61 -30.84
C LEU C 368 16.18 3.29 -31.59
N LYS C 369 15.15 2.47 -31.44
CA LYS C 369 15.04 1.25 -32.22
C LYS C 369 15.11 1.54 -33.72
N ALA C 370 14.39 2.55 -34.19
CA ALA C 370 14.42 2.87 -35.61
C ALA C 370 15.80 3.29 -36.03
N LEU C 371 16.54 3.96 -35.16
CA LEU C 371 17.90 4.36 -35.48
C LEU C 371 18.78 3.15 -35.67
N ALA C 372 18.68 2.21 -34.73
CA ALA C 372 19.46 0.99 -34.82
C ALA C 372 19.14 0.21 -36.07
N LYS C 373 17.88 0.23 -36.51
CA LYS C 373 17.52 -0.46 -37.72
C LYS C 373 17.92 0.32 -38.96
N GLU C 374 18.14 1.62 -38.83
CA GLU C 374 18.47 2.46 -39.97
C GLU C 374 19.95 2.36 -40.27
N LEU C 375 20.77 2.46 -39.25
CA LEU C 375 22.21 2.35 -39.38
C LEU C 375 22.74 0.94 -39.22
N ASN C 376 21.91 0.01 -38.75
CA ASN C 376 22.34 -1.34 -38.44
C ASN C 376 23.52 -1.33 -37.47
N VAL C 377 23.33 -0.65 -36.33
CA VAL C 377 24.34 -0.51 -35.28
C VAL C 377 23.69 -0.49 -33.91
N PRO C 378 24.39 -0.99 -32.91
CA PRO C 378 23.75 -1.28 -31.64
C PRO C 378 23.63 -0.01 -30.85
N VAL C 379 22.47 0.17 -30.27
CA VAL C 379 22.17 1.32 -29.45
C VAL C 379 22.15 0.84 -28.02
N VAL C 380 23.13 1.26 -27.25
CA VAL C 380 23.04 1.15 -25.81
C VAL C 380 22.25 2.35 -25.31
N ALA C 381 21.34 2.09 -24.39
CA ALA C 381 20.44 3.10 -23.88
C ALA C 381 20.23 2.83 -22.40
N LEU C 382 21.06 3.46 -21.60
CA LEU C 382 20.95 3.31 -20.17
C LEU C 382 19.63 3.85 -19.65
N SER C 383 19.07 3.13 -18.70
CA SER C 383 17.81 3.45 -18.08
C SER C 383 17.94 3.37 -16.58
N GLN C 384 16.88 3.73 -15.90
CA GLN C 384 16.76 3.63 -14.46
C GLN C 384 15.66 2.68 -14.08
N LEU C 385 15.47 2.55 -12.78
CA LEU C 385 14.54 1.66 -12.16
C LEU C 385 13.75 2.42 -11.12
N ASN C 386 12.51 2.00 -10.93
CA ASN C 386 11.65 2.57 -9.92
C ASN C 386 11.99 2.03 -8.54
N ARG C 387 11.37 2.61 -7.52
CA ARG C 387 11.61 2.20 -6.15
C ARG C 387 10.63 1.12 -5.72
N SER C 388 10.50 0.12 -6.58
CA SER C 388 9.63 -1.02 -6.33
C SER C 388 10.43 -2.25 -5.92
N LEU C 389 11.76 -2.15 -5.92
CA LEU C 389 12.60 -3.21 -5.42
C LEU C 389 12.70 -3.19 -3.92
N GLU C 390 12.73 -1.99 -3.36
CA GLU C 390 13.08 -1.81 -1.98
C GLU C 390 12.07 -2.45 -1.04
N GLN C 391 10.80 -2.41 -1.43
CA GLN C 391 9.75 -3.09 -0.69
C GLN C 391 9.52 -4.50 -1.24
N ARG C 392 10.61 -5.25 -1.40
CA ARG C 392 10.52 -6.66 -1.80
C ARG C 392 11.46 -7.59 -1.07
N ALA C 393 12.58 -7.11 -0.55
CA ALA C 393 13.59 -7.88 0.17
C ALA C 393 14.42 -8.80 -0.72
N ASP C 394 14.16 -8.84 -2.03
CA ASP C 394 15.00 -9.57 -2.97
C ASP C 394 15.97 -8.66 -3.69
N LYS C 395 15.47 -7.57 -4.26
CA LYS C 395 16.21 -6.48 -4.89
C LYS C 395 16.84 -6.87 -6.21
N ARG C 396 16.72 -8.10 -6.65
CA ARG C 396 17.32 -8.51 -7.91
C ARG C 396 16.34 -8.13 -9.00
N PRO C 397 16.63 -7.14 -9.82
CA PRO C 397 15.57 -6.46 -10.56
C PRO C 397 15.03 -7.32 -11.70
N VAL C 398 13.82 -6.93 -12.11
CA VAL C 398 13.13 -7.55 -13.23
C VAL C 398 12.70 -6.43 -14.16
N ASN C 399 12.21 -6.86 -15.32
CA ASN C 399 11.82 -5.90 -16.36
C ASN C 399 10.80 -4.90 -15.87
N SER C 400 9.83 -5.34 -15.07
CA SER C 400 8.82 -4.44 -14.57
C SER C 400 9.37 -3.31 -13.72
N ASP C 401 10.62 -3.40 -13.31
CA ASP C 401 11.31 -2.34 -12.61
C ASP C 401 12.11 -1.54 -13.65
N LEU C 402 11.37 -0.86 -14.49
CA LEU C 402 11.94 0.13 -15.38
C LEU C 402 11.16 1.41 -15.18
N ARG C 403 11.84 2.51 -15.39
CA ARG C 403 11.47 3.73 -14.72
C ARG C 403 10.17 4.28 -15.23
N GLU C 404 9.89 4.06 -16.51
CA GLU C 404 8.65 4.56 -17.04
C GLU C 404 8.27 3.78 -18.27
N SER C 405 6.98 3.87 -18.56
CA SER C 405 6.35 3.57 -19.84
C SER C 405 6.24 2.13 -20.26
N GLY C 406 7.04 1.26 -19.72
CA GLY C 406 6.97 -0.13 -20.14
C GLY C 406 7.20 -0.44 -21.60
N SER C 407 7.47 0.56 -22.45
CA SER C 407 7.79 0.30 -23.83
C SER C 407 9.23 -0.13 -23.95
N ILE C 408 10.10 0.48 -23.15
CA ILE C 408 11.50 0.10 -23.09
C ILE C 408 11.69 -1.36 -22.74
N GLU C 409 10.72 -1.99 -22.08
CA GLU C 409 10.71 -3.44 -21.92
C GLU C 409 9.91 -4.16 -22.99
N GLN C 410 9.60 -3.48 -24.08
CA GLN C 410 8.86 -4.04 -25.21
C GLN C 410 9.55 -3.76 -26.52
N ASP C 411 10.13 -2.58 -26.67
CA ASP C 411 10.84 -2.19 -27.88
C ASP C 411 12.31 -2.49 -27.77
N ALA C 412 12.69 -3.39 -26.88
CA ALA C 412 14.07 -3.73 -26.62
C ALA C 412 14.33 -5.16 -27.02
N ASP C 413 15.60 -5.47 -27.07
CA ASP C 413 16.08 -6.77 -27.45
C ASP C 413 17.10 -7.33 -26.49
N LEU C 414 17.63 -6.51 -25.59
CA LEU C 414 18.55 -7.00 -24.59
C LEU C 414 18.54 -6.01 -23.43
N ILE C 415 17.85 -6.37 -22.39
CA ILE C 415 17.97 -5.73 -21.10
C ILE C 415 18.95 -6.55 -20.30
N MET C 416 19.83 -5.88 -19.58
CA MET C 416 20.76 -6.61 -18.73
C MET C 416 21.12 -5.71 -17.56
N PHE C 417 20.59 -6.08 -16.41
CA PHE C 417 20.65 -5.32 -15.20
C PHE C 417 22.00 -5.47 -14.55
N ILE C 418 22.15 -4.81 -13.41
CA ILE C 418 23.38 -4.82 -12.64
C ILE C 418 22.97 -4.84 -11.18
N TYR C 419 23.43 -5.86 -10.45
CA TYR C 419 23.10 -6.02 -9.05
C TYR C 419 24.35 -6.52 -8.36
N ARG C 420 25.07 -5.61 -7.71
CA ARG C 420 26.18 -5.97 -6.87
C ARG C 420 25.72 -5.77 -5.44
N ASP C 421 25.83 -6.84 -4.65
CA ASP C 421 25.00 -7.05 -3.48
C ASP C 421 25.51 -6.35 -2.24
N GLU C 422 26.79 -6.01 -2.19
CA GLU C 422 27.31 -5.38 -0.99
C GLU C 422 26.73 -4.01 -0.74
N VAL C 423 25.96 -3.45 -1.68
CA VAL C 423 25.36 -2.14 -1.48
C VAL C 423 24.27 -2.24 -0.44
N TYR C 424 23.59 -3.38 -0.38
CA TYR C 424 22.46 -3.59 0.50
C TYR C 424 22.86 -4.40 1.73
N HIS C 425 23.35 -5.61 1.50
CA HIS C 425 23.81 -6.48 2.57
C HIS C 425 25.26 -6.14 2.84
N GLU C 426 25.49 -5.36 3.89
CA GLU C 426 26.85 -5.06 4.31
C GLU C 426 27.60 -6.35 4.59
N ASN C 427 26.94 -7.30 5.25
CA ASN C 427 27.57 -8.57 5.59
C ASN C 427 27.25 -9.58 4.50
N SER C 428 27.98 -9.46 3.39
CA SER C 428 27.75 -10.28 2.21
C SER C 428 29.06 -10.86 1.72
N ASP C 429 29.00 -12.13 1.32
CA ASP C 429 30.14 -12.83 0.75
C ASP C 429 30.15 -12.72 -0.76
N LEU C 430 29.97 -11.50 -1.26
CA LEU C 430 30.04 -11.23 -2.68
C LEU C 430 30.64 -9.87 -2.95
N LYS C 431 31.45 -9.36 -2.03
CA LYS C 431 32.05 -8.06 -2.26
C LYS C 431 33.09 -8.18 -3.34
N GLY C 432 33.07 -7.23 -4.27
CA GLY C 432 33.82 -7.34 -5.49
C GLY C 432 33.19 -8.24 -6.52
N ILE C 433 31.88 -8.44 -6.45
CA ILE C 433 31.14 -9.27 -7.38
C ILE C 433 29.94 -8.48 -7.83
N ALA C 434 29.78 -8.37 -9.13
CA ALA C 434 28.69 -7.65 -9.75
C ALA C 434 28.15 -8.53 -10.84
N GLU C 435 26.89 -8.92 -10.71
CA GLU C 435 26.31 -9.88 -11.60
C GLU C 435 25.39 -9.16 -12.57
N ILE C 436 25.46 -9.58 -13.82
CA ILE C 436 24.79 -8.89 -14.90
C ILE C 436 23.60 -9.72 -15.29
N ILE C 437 22.49 -9.44 -14.64
CA ILE C 437 21.28 -10.20 -14.84
C ILE C 437 20.71 -9.84 -16.19
N ILE C 438 20.98 -10.68 -17.17
CA ILE C 438 20.27 -10.61 -18.43
C ILE C 438 18.82 -10.92 -18.11
N GLY C 439 17.97 -9.91 -18.20
CA GLY C 439 16.58 -10.02 -17.80
C GLY C 439 15.66 -10.11 -18.97
N LYS C 440 16.17 -9.75 -20.14
CA LYS C 440 15.42 -9.93 -21.37
C LYS C 440 16.41 -10.17 -22.49
N GLN C 441 16.03 -11.07 -23.38
CA GLN C 441 16.72 -11.19 -24.65
C GLN C 441 15.85 -11.98 -25.59
N ARG C 442 15.58 -11.42 -26.76
CA ARG C 442 14.75 -12.11 -27.74
C ARG C 442 15.51 -13.26 -28.36
N ASN C 443 16.62 -12.93 -29.01
CA ASN C 443 17.38 -13.89 -29.79
C ASN C 443 18.46 -14.56 -28.96
N GLY C 444 18.07 -15.10 -27.81
CA GLY C 444 19.01 -15.73 -26.92
C GLY C 444 18.50 -15.87 -25.51
N PRO C 445 19.32 -16.46 -24.65
CA PRO C 445 18.87 -16.83 -23.32
C PRO C 445 18.93 -15.71 -22.29
N ILE C 446 18.30 -15.98 -21.16
CA ILE C 446 18.46 -15.20 -19.98
C ILE C 446 19.43 -15.92 -19.07
N GLY C 447 19.90 -15.24 -18.04
CA GLY C 447 20.88 -15.83 -17.18
C GLY C 447 21.31 -14.88 -16.10
N THR C 448 22.50 -15.15 -15.60
CA THR C 448 23.11 -14.34 -14.57
C THR C 448 24.62 -14.48 -14.75
N VAL C 449 25.18 -13.58 -15.53
CA VAL C 449 26.62 -13.45 -15.63
C VAL C 449 27.15 -12.89 -14.32
N ARG C 450 28.38 -13.24 -14.01
CA ARG C 450 29.09 -12.67 -12.89
C ARG C 450 30.35 -11.99 -13.39
N LEU C 451 30.75 -10.96 -12.65
CA LEU C 451 31.92 -10.19 -12.95
C LEU C 451 32.56 -9.83 -11.63
N THR C 452 33.49 -8.88 -11.68
CA THR C 452 34.06 -8.35 -10.46
C THR C 452 34.17 -6.85 -10.60
N PHE C 453 33.69 -6.17 -9.58
CA PHE C 453 33.65 -4.73 -9.54
C PHE C 453 34.91 -4.23 -8.85
N ASN C 454 35.69 -3.44 -9.58
CA ASN C 454 36.81 -2.72 -9.01
C ASN C 454 36.57 -1.28 -9.40
N GLY C 455 36.03 -0.51 -8.48
CA GLY C 455 35.47 0.77 -8.81
C GLY C 455 36.46 1.90 -8.71
N GLN C 456 37.59 1.67 -8.02
CA GLN C 456 38.50 2.78 -7.80
C GLN C 456 39.10 3.27 -9.10
N TRP C 457 39.20 2.37 -10.09
CA TRP C 457 39.60 2.74 -11.43
C TRP C 457 38.47 2.54 -12.43
N SER C 458 37.25 2.31 -11.96
CA SER C 458 36.04 2.33 -12.77
C SER C 458 36.08 1.30 -13.90
N ARG C 459 36.04 0.05 -13.47
CA ARG C 459 36.18 -1.06 -14.38
C ARG C 459 35.32 -2.19 -13.86
N PHE C 460 34.80 -2.98 -14.79
CA PHE C 460 34.31 -4.31 -14.51
C PHE C 460 35.26 -5.28 -15.17
N ASP C 461 35.58 -6.35 -14.46
CA ASP C 461 36.48 -7.37 -14.96
C ASP C 461 35.82 -8.72 -14.87
N ASN C 462 36.40 -9.66 -15.60
CA ASN C 462 35.93 -11.02 -15.65
C ASN C 462 36.21 -11.73 -14.33
N TYR C 463 35.55 -12.87 -14.18
CA TYR C 463 35.53 -13.60 -12.92
C TYR C 463 35.77 -15.07 -13.17
N ALA C 464 36.89 -15.56 -12.70
CA ALA C 464 37.22 -16.98 -12.72
C ALA C 464 36.86 -17.55 -11.35
N GLY C 465 35.73 -18.24 -11.28
CA GLY C 465 35.19 -18.65 -10.01
C GLY C 465 34.27 -19.85 -10.09
N PRO C 466 33.54 -20.12 -9.01
CA PRO C 466 32.72 -21.34 -8.97
C PRO C 466 31.59 -21.36 -9.98
N GLN C 467 30.79 -22.42 -9.92
CA GLN C 467 29.68 -22.60 -10.83
C GLN C 467 28.49 -21.79 -10.36
N TYR C 468 27.94 -20.97 -11.24
CA TYR C 468 26.76 -20.18 -10.95
C TYR C 468 25.54 -20.78 -11.63
N LEU D 24 -30.05 18.26 -70.08
CA LEU D 24 -29.07 17.38 -70.70
C LEU D 24 -28.06 16.92 -69.66
N LYS D 25 -27.65 17.84 -68.78
CA LYS D 25 -26.69 17.56 -67.72
C LYS D 25 -27.13 18.29 -66.47
N VAL D 26 -27.33 17.54 -65.38
CA VAL D 26 -27.79 18.11 -64.12
C VAL D 26 -27.72 16.99 -63.07
N PRO D 27 -27.60 17.29 -61.78
CA PRO D 27 -27.89 16.28 -60.77
C PRO D 27 -29.37 15.95 -60.77
N PRO D 28 -29.78 14.78 -61.26
CA PRO D 28 -31.20 14.56 -61.50
C PRO D 28 -31.99 14.40 -60.21
N HIS D 29 -33.21 14.94 -60.22
CA HIS D 29 -34.14 14.75 -59.11
C HIS D 29 -35.56 14.80 -59.66
N SER D 30 -36.34 13.77 -59.36
CA SER D 30 -37.76 13.75 -59.71
C SER D 30 -38.53 14.48 -58.63
N ILE D 31 -39.01 15.68 -58.93
CA ILE D 31 -39.68 16.53 -57.95
C ILE D 31 -41.18 16.37 -57.96
N GLU D 32 -41.78 15.95 -59.08
CA GLU D 32 -43.20 15.60 -59.07
C GLU D 32 -43.45 14.41 -58.16
N ALA D 33 -42.73 13.32 -58.37
CA ALA D 33 -42.79 12.17 -57.48
C ALA D 33 -42.46 12.58 -56.05
N GLU D 34 -41.51 13.49 -55.86
CA GLU D 34 -41.15 13.96 -54.53
C GLU D 34 -42.35 14.54 -53.80
N GLN D 35 -42.92 15.62 -54.36
CA GLN D 35 -44.08 16.27 -53.73
C GLN D 35 -45.27 15.33 -53.66
N SER D 36 -45.37 14.38 -54.59
CA SER D 36 -46.40 13.36 -54.49
C SER D 36 -46.23 12.54 -53.23
N VAL D 37 -44.98 12.15 -52.93
CA VAL D 37 -44.73 11.42 -51.69
C VAL D 37 -45.03 12.30 -50.48
N LEU D 38 -44.68 13.59 -50.58
CA LEU D 38 -45.00 14.53 -49.48
C LEU D 38 -46.49 14.54 -49.18
N GLY D 39 -47.30 14.88 -50.18
CA GLY D 39 -48.74 14.91 -49.97
C GLY D 39 -49.32 13.55 -49.60
N GLY D 40 -48.67 12.47 -50.05
CA GLY D 40 -49.11 11.15 -49.62
C GLY D 40 -48.90 10.95 -48.14
N LEU D 41 -47.72 11.31 -47.63
CA LEU D 41 -47.48 11.26 -46.19
C LEU D 41 -48.41 12.20 -45.43
N MET D 42 -48.82 13.29 -46.07
CA MET D 42 -49.80 14.18 -45.45
C MET D 42 -51.16 13.48 -45.28
N LEU D 43 -51.77 13.07 -46.39
CA LEU D 43 -53.10 12.47 -46.34
C LEU D 43 -53.07 10.93 -46.23
N ASP D 44 -51.92 10.34 -45.85
CA ASP D 44 -51.85 8.95 -45.41
C ASP D 44 -51.08 8.95 -44.09
N ASN D 45 -51.79 9.15 -42.98
CA ASN D 45 -51.15 9.34 -41.69
C ASN D 45 -50.79 8.04 -40.99
N GLU D 46 -51.43 6.92 -41.36
CA GLU D 46 -50.96 5.62 -40.90
C GLU D 46 -49.53 5.37 -41.37
N ARG D 47 -49.32 5.42 -42.69
CA ARG D 47 -48.09 4.94 -43.32
C ARG D 47 -46.98 5.97 -43.12
N TRP D 48 -46.24 5.83 -42.02
CA TRP D 48 -45.02 6.59 -41.82
C TRP D 48 -43.75 5.77 -42.01
N ASP D 49 -43.74 4.48 -41.61
CA ASP D 49 -42.51 3.69 -41.70
C ASP D 49 -42.25 3.16 -43.10
N ASP D 50 -43.29 2.82 -43.87
CA ASP D 50 -43.09 2.17 -45.16
C ASP D 50 -42.25 3.05 -46.08
N VAL D 51 -42.55 4.34 -46.11
CA VAL D 51 -41.75 5.28 -46.87
C VAL D 51 -40.44 5.59 -46.15
N ALA D 52 -40.43 5.50 -44.81
CA ALA D 52 -39.20 5.68 -44.05
C ALA D 52 -38.18 4.59 -44.36
N GLU D 53 -38.62 3.45 -44.91
CA GLU D 53 -37.69 2.41 -45.33
C GLU D 53 -36.70 2.93 -46.37
N ARG D 54 -37.10 3.93 -47.16
CA ARG D 54 -36.30 4.43 -48.27
C ARG D 54 -36.01 5.93 -48.20
N VAL D 55 -36.91 6.74 -47.63
CA VAL D 55 -36.69 8.18 -47.53
C VAL D 55 -36.01 8.50 -46.20
N VAL D 56 -35.12 9.49 -46.24
CA VAL D 56 -34.42 10.00 -45.07
C VAL D 56 -34.50 11.53 -45.14
N ALA D 57 -34.32 12.18 -43.98
CA ALA D 57 -34.42 13.64 -43.90
C ALA D 57 -33.53 14.33 -44.92
N ASP D 58 -32.24 14.01 -44.93
CA ASP D 58 -31.32 14.63 -45.89
C ASP D 58 -31.47 14.07 -47.30
N ASP D 59 -32.29 13.04 -47.51
CA ASP D 59 -32.42 12.42 -48.83
C ASP D 59 -33.08 13.35 -49.86
N PHE D 60 -33.68 14.46 -49.46
CA PHE D 60 -34.34 15.33 -50.41
C PHE D 60 -33.32 16.04 -51.29
N TYR D 61 -33.82 16.60 -52.40
CA TYR D 61 -33.05 17.53 -53.21
C TYR D 61 -33.22 18.98 -52.76
N THR D 62 -34.41 19.32 -52.24
CA THR D 62 -34.74 20.69 -51.85
C THR D 62 -35.02 20.74 -50.36
N ARG D 63 -34.60 21.83 -49.73
CA ARG D 63 -34.56 21.99 -48.28
C ARG D 63 -35.91 22.30 -47.61
N PRO D 64 -36.80 23.09 -48.22
CA PRO D 64 -38.15 23.24 -47.64
C PRO D 64 -38.83 21.91 -47.37
N HIS D 65 -38.66 20.95 -48.28
CA HIS D 65 -39.18 19.62 -48.05
C HIS D 65 -38.48 18.95 -46.88
N ARG D 66 -37.18 19.22 -46.68
CA ARG D 66 -36.50 18.69 -45.50
C ARG D 66 -37.11 19.23 -44.22
N HIS D 67 -37.42 20.54 -44.20
CA HIS D 67 -38.09 21.13 -43.04
C HIS D 67 -39.44 20.47 -42.79
N ILE D 68 -40.24 20.31 -43.84
CA ILE D 68 -41.57 19.73 -43.69
C ILE D 68 -41.44 18.30 -43.17
N PHE D 69 -40.52 17.53 -43.74
CA PHE D 69 -40.41 16.13 -43.37
C PHE D 69 -39.89 15.97 -41.94
N THR D 70 -38.97 16.83 -41.52
CA THR D 70 -38.45 16.68 -40.15
C THR D 70 -39.51 17.08 -39.13
N GLU D 71 -40.31 18.12 -39.44
CA GLU D 71 -41.45 18.43 -38.58
C GLU D 71 -42.41 17.26 -38.51
N MET D 72 -42.77 16.69 -39.68
CA MET D 72 -43.70 15.57 -39.70
C MET D 72 -43.17 14.38 -38.93
N ALA D 73 -41.87 14.09 -39.05
CA ALA D 73 -41.30 12.95 -38.36
C ALA D 73 -41.28 13.16 -36.86
N ARG D 74 -40.87 14.36 -36.43
CA ARG D 74 -40.87 14.69 -35.02
C ARG D 74 -42.26 14.54 -34.42
N LEU D 75 -43.29 14.94 -35.17
CA LEU D 75 -44.64 14.85 -34.64
C LEU D 75 -45.14 13.40 -34.66
N GLN D 76 -44.95 12.70 -35.78
CA GLN D 76 -45.41 11.32 -35.88
C GLN D 76 -44.76 10.42 -34.83
N GLU D 77 -43.57 10.80 -34.35
CA GLU D 77 -43.04 10.16 -33.15
C GLU D 77 -43.93 10.47 -31.95
N SER D 78 -44.15 11.75 -31.66
CA SER D 78 -44.92 12.17 -30.48
C SER D 78 -46.39 12.41 -30.81
N GLY D 79 -46.69 13.35 -31.70
CA GLY D 79 -48.05 13.73 -32.02
C GLY D 79 -48.57 13.12 -33.30
N SER D 80 -49.47 12.14 -33.18
CA SER D 80 -49.84 11.34 -34.36
C SER D 80 -50.73 12.11 -35.33
N PRO D 81 -51.90 12.63 -34.93
CA PRO D 81 -52.79 13.23 -35.94
C PRO D 81 -52.28 14.56 -36.48
N ILE D 82 -51.76 14.51 -37.69
CA ILE D 82 -51.36 15.71 -38.44
C ILE D 82 -51.60 15.41 -39.91
N ASP D 83 -52.35 16.29 -40.59
CA ASP D 83 -52.45 16.25 -42.04
C ASP D 83 -52.07 17.56 -42.69
N LEU D 84 -52.65 18.67 -42.24
CA LEU D 84 -52.46 20.00 -42.81
C LEU D 84 -52.17 21.07 -41.78
N ILE D 85 -52.82 21.02 -40.61
CA ILE D 85 -53.03 22.20 -39.79
C ILE D 85 -52.27 22.11 -38.46
N THR D 86 -52.27 20.96 -37.81
CA THR D 86 -51.49 20.85 -36.58
C THR D 86 -50.00 20.83 -36.88
N LEU D 87 -49.61 20.31 -38.05
CA LEU D 87 -48.25 20.50 -38.53
C LEU D 87 -47.95 21.99 -38.71
N ALA D 88 -48.97 22.76 -39.13
CA ALA D 88 -48.79 24.20 -39.25
C ALA D 88 -48.55 24.83 -37.89
N GLU D 89 -49.31 24.42 -36.88
CA GLU D 89 -49.08 24.94 -35.54
C GLU D 89 -47.71 24.56 -35.03
N SER D 90 -47.25 23.33 -35.34
CA SER D 90 -45.91 22.92 -34.92
C SER D 90 -44.84 23.78 -35.60
N LEU D 91 -45.01 24.05 -36.89
CA LEU D 91 -44.13 24.98 -37.57
C LEU D 91 -44.19 26.37 -36.95
N GLU D 92 -45.35 26.74 -36.39
CA GLU D 92 -45.54 28.07 -35.83
C GLU D 92 -44.94 28.21 -34.44
N ARG D 93 -44.92 27.14 -33.65
CA ARG D 93 -44.52 27.25 -32.24
C ARG D 93 -43.10 27.78 -32.10
N GLN D 94 -42.25 27.54 -33.10
CA GLN D 94 -40.91 28.11 -33.14
C GLN D 94 -40.83 29.37 -34.01
N GLY D 95 -41.97 29.92 -34.43
CA GLY D 95 -42.00 31.13 -35.23
C GLY D 95 -41.22 31.03 -36.52
N GLN D 96 -41.71 30.23 -37.48
CA GLN D 96 -40.99 29.99 -38.72
C GLN D 96 -41.93 29.96 -39.93
N LEU D 97 -43.09 30.61 -39.84
CA LEU D 97 -43.98 30.68 -40.98
C LEU D 97 -43.31 31.40 -42.14
N ASP D 98 -43.47 30.85 -43.34
CA ASP D 98 -43.00 31.40 -44.61
C ASP D 98 -41.49 31.37 -44.77
N SER D 99 -40.73 30.90 -43.77
CA SER D 99 -39.29 30.73 -43.94
C SER D 99 -38.97 29.55 -44.84
N VAL D 100 -39.94 28.67 -45.11
CA VAL D 100 -39.74 27.45 -45.89
C VAL D 100 -40.67 27.47 -47.09
N GLY D 101 -40.92 28.66 -47.63
CA GLY D 101 -41.99 28.86 -48.61
C GLY D 101 -43.20 29.52 -47.98
N GLY D 102 -44.23 28.74 -47.65
CA GLY D 102 -45.36 29.29 -46.93
C GLY D 102 -46.45 28.26 -46.74
N PHE D 103 -47.32 28.53 -45.75
CA PHE D 103 -48.41 27.61 -45.46
C PHE D 103 -49.40 27.51 -46.62
N ALA D 104 -49.53 28.55 -47.43
CA ALA D 104 -50.36 28.44 -48.63
C ALA D 104 -49.75 27.44 -49.60
N TYR D 105 -48.43 27.47 -49.76
CA TYR D 105 -47.76 26.45 -50.56
C TYR D 105 -47.93 25.07 -49.91
N LEU D 106 -47.91 25.01 -48.58
CA LEU D 106 -48.12 23.75 -47.89
C LEU D 106 -49.53 23.20 -48.17
N ALA D 107 -50.52 24.08 -48.25
CA ALA D 107 -51.86 23.64 -48.62
C ALA D 107 -51.92 23.25 -50.09
N GLU D 108 -51.08 23.87 -50.93
CA GLU D 108 -50.98 23.42 -52.31
C GLU D 108 -50.38 22.03 -52.38
N LEU D 109 -49.46 21.70 -51.48
CA LEU D 109 -48.95 20.34 -51.37
C LEU D 109 -50.05 19.37 -50.96
N SER D 110 -50.77 19.71 -49.90
CA SER D 110 -51.81 18.81 -49.39
C SER D 110 -52.94 18.61 -50.40
N LYS D 111 -53.27 19.66 -51.15
CA LYS D 111 -54.34 19.56 -52.14
C LYS D 111 -54.00 18.56 -53.23
N ASN D 112 -52.79 18.66 -53.78
CA ASN D 112 -52.41 17.88 -54.95
C ASN D 112 -52.23 16.41 -54.55
N THR D 113 -51.77 15.61 -55.51
CA THR D 113 -51.37 14.20 -55.41
C THR D 113 -52.38 13.33 -54.68
N PRO D 114 -53.51 13.01 -55.32
CA PRO D 114 -54.44 12.04 -54.72
C PRO D 114 -54.03 10.58 -54.93
N SER D 115 -52.77 10.34 -55.29
CA SER D 115 -52.30 8.97 -55.49
C SER D 115 -52.45 8.15 -54.22
N ALA D 116 -52.79 6.87 -54.39
CA ALA D 116 -52.98 5.93 -53.29
C ALA D 116 -52.14 4.67 -53.43
N ALA D 117 -52.00 4.15 -54.65
CA ALA D 117 -51.39 2.83 -54.83
C ALA D 117 -49.91 2.85 -54.47
N ASN D 118 -49.15 3.76 -55.06
CA ASN D 118 -47.69 3.70 -55.03
C ASN D 118 -47.13 4.97 -54.40
N ILE D 119 -46.50 4.81 -53.23
CA ILE D 119 -45.65 5.82 -52.63
C ILE D 119 -44.23 5.31 -52.46
N SER D 120 -44.07 4.04 -52.07
CA SER D 120 -42.76 3.48 -51.81
C SER D 120 -41.89 3.44 -53.06
N ALA D 121 -42.49 3.25 -54.24
CA ALA D 121 -41.71 3.24 -55.47
C ALA D 121 -41.23 4.63 -55.83
N TYR D 122 -42.09 5.65 -55.66
CA TYR D 122 -41.65 7.03 -55.80
C TYR D 122 -40.52 7.34 -54.83
N ALA D 123 -40.64 6.86 -53.59
CA ALA D 123 -39.57 7.05 -52.62
C ALA D 123 -38.29 6.35 -53.04
N ASP D 124 -38.42 5.16 -53.63
CA ASP D 124 -37.25 4.43 -54.14
C ASP D 124 -36.52 5.26 -55.19
N ILE D 125 -37.25 5.76 -56.19
CA ILE D 125 -36.59 6.50 -57.26
C ILE D 125 -36.00 7.81 -56.72
N VAL D 126 -36.68 8.46 -55.76
CA VAL D 126 -36.14 9.69 -55.19
C VAL D 126 -34.84 9.41 -54.45
N ARG D 127 -34.83 8.36 -53.63
CA ARG D 127 -33.61 8.00 -52.92
C ARG D 127 -32.52 7.57 -53.87
N GLU D 128 -32.87 6.86 -54.94
CA GLU D 128 -31.89 6.45 -55.94
C GLU D 128 -31.23 7.67 -56.58
N ARG D 129 -32.06 8.65 -56.97
CA ARG D 129 -31.51 9.89 -57.49
C ARG D 129 -30.66 10.62 -56.45
N ALA D 130 -31.03 10.52 -55.16
CA ALA D 130 -30.22 11.12 -54.11
C ALA D 130 -28.86 10.42 -53.99
N VAL D 131 -28.83 9.11 -54.19
CA VAL D 131 -27.57 8.37 -54.16
C VAL D 131 -26.71 8.79 -55.34
N VAL D 132 -27.31 8.89 -56.52
CA VAL D 132 -26.59 9.42 -57.67
C VAL D 132 -26.01 10.80 -57.33
N ARG D 133 -26.86 11.68 -56.79
CA ARG D 133 -26.44 13.03 -56.41
C ARG D 133 -25.24 13.02 -55.47
N GLU D 134 -25.27 12.17 -54.44
CA GLU D 134 -24.13 12.10 -53.54
C GLU D 134 -22.91 11.51 -54.24
N MET D 135 -23.11 10.64 -55.23
CA MET D 135 -21.97 10.17 -56.02
C MET D 135 -21.35 11.30 -56.81
N ILE D 136 -22.18 12.18 -57.38
CA ILE D 136 -21.66 13.39 -58.03
C ILE D 136 -20.86 14.20 -57.03
N SER D 137 -21.39 14.34 -55.81
CA SER D 137 -20.69 15.11 -54.78
C SER D 137 -19.32 14.53 -54.51
N VAL D 138 -19.25 13.21 -54.33
CA VAL D 138 -17.98 12.57 -54.01
C VAL D 138 -17.00 12.69 -55.17
N ALA D 139 -17.47 12.49 -56.40
CA ALA D 139 -16.58 12.61 -57.56
C ALA D 139 -16.06 14.03 -57.69
N ASN D 140 -16.91 15.03 -57.42
CA ASN D 140 -16.46 16.42 -57.45
C ASN D 140 -15.43 16.68 -56.35
N GLU D 141 -15.62 16.05 -55.19
CA GLU D 141 -14.64 16.19 -54.11
C GLU D 141 -13.30 15.59 -54.54
N ILE D 142 -13.33 14.44 -55.22
CA ILE D 142 -12.09 13.82 -55.68
C ILE D 142 -11.40 14.71 -56.70
N ALA D 143 -12.16 15.25 -57.65
CA ALA D 143 -11.54 16.08 -58.68
C ALA D 143 -10.94 17.34 -58.08
N GLU D 144 -11.66 17.98 -57.15
CA GLU D 144 -11.13 19.19 -56.53
C GLU D 144 -9.92 18.89 -55.67
N ALA D 145 -9.98 17.81 -54.88
CA ALA D 145 -8.85 17.37 -54.08
C ALA D 145 -7.83 16.59 -54.89
N GLY D 146 -7.93 16.60 -56.22
CA GLY D 146 -6.83 16.31 -57.09
C GLY D 146 -6.24 17.59 -57.63
N PHE D 147 -7.08 18.62 -57.78
CA PHE D 147 -6.62 19.92 -58.25
C PHE D 147 -5.95 20.72 -57.13
N ASP D 148 -6.60 20.84 -55.98
CA ASP D 148 -6.05 21.58 -54.85
C ASP D 148 -6.44 20.92 -53.52
N PRO D 149 -5.78 19.81 -53.16
CA PRO D 149 -6.00 19.18 -51.85
C PRO D 149 -5.08 19.62 -50.72
N GLN D 150 -4.11 20.50 -50.93
CA GLN D 150 -3.42 21.21 -49.86
C GLN D 150 -2.60 20.29 -48.94
N GLY D 151 -1.62 19.61 -49.54
CA GLY D 151 -0.37 19.25 -48.87
C GLY D 151 -0.25 17.92 -48.17
N ARG D 152 0.42 16.96 -48.82
CA ARG D 152 0.73 15.64 -48.27
C ARG D 152 1.48 14.89 -49.35
N THR D 153 1.91 13.66 -49.06
CA THR D 153 2.34 12.72 -50.09
C THR D 153 1.14 11.95 -50.63
N SER D 154 1.10 11.81 -51.96
CA SER D 154 -0.03 11.20 -52.64
C SER D 154 -0.14 9.69 -52.40
N GLU D 155 0.83 9.06 -51.74
CA GLU D 155 0.60 7.71 -51.21
C GLU D 155 -0.66 7.68 -50.34
N ASP D 156 -0.86 8.72 -49.54
CA ASP D 156 -2.07 8.84 -48.76
C ASP D 156 -3.27 9.27 -49.59
N LEU D 157 -3.04 9.83 -50.79
CA LEU D 157 -4.13 10.23 -51.67
C LEU D 157 -4.75 9.03 -52.38
N LEU D 158 -3.93 8.10 -52.86
CA LEU D 158 -4.46 6.83 -53.35
C LEU D 158 -5.24 6.14 -52.24
N ASP D 159 -4.67 6.11 -51.02
CA ASP D 159 -5.41 5.54 -49.91
C ASP D 159 -6.69 6.33 -49.61
N LEU D 160 -6.69 7.63 -49.83
CA LEU D 160 -7.88 8.44 -49.58
C LEU D 160 -8.99 8.09 -50.55
N ALA D 161 -8.63 7.90 -51.81
CA ALA D 161 -9.60 7.45 -52.81
C ALA D 161 -10.19 6.11 -52.40
N GLU D 162 -9.32 5.13 -52.14
CA GLU D 162 -9.78 3.81 -51.73
C GLU D 162 -10.61 3.89 -50.45
N SER D 163 -10.26 4.81 -49.55
CA SER D 163 -10.95 4.92 -48.27
C SER D 163 -12.36 5.44 -48.47
N ARG D 164 -12.50 6.56 -49.16
CA ARG D 164 -13.83 7.07 -49.49
C ARG D 164 -14.66 6.02 -50.22
N VAL D 165 -14.02 5.32 -51.17
CA VAL D 165 -14.69 4.29 -51.95
C VAL D 165 -15.29 3.22 -51.04
N PHE D 166 -14.42 2.54 -50.29
CA PHE D 166 -14.86 1.42 -49.48
C PHE D 166 -15.72 1.87 -48.29
N LYS D 167 -15.54 3.11 -47.84
CA LYS D 167 -16.36 3.64 -46.76
C LYS D 167 -17.80 3.80 -47.21
N ILE D 168 -18.01 4.55 -48.31
CA ILE D 168 -19.37 4.71 -48.81
C ILE D 168 -19.91 3.37 -49.31
N ALA D 169 -19.03 2.45 -49.70
CA ALA D 169 -19.47 1.10 -50.00
C ALA D 169 -20.09 0.45 -48.77
N GLU D 170 -19.41 0.57 -47.62
CA GLU D 170 -19.93 -0.03 -46.39
C GLU D 170 -21.09 0.77 -45.82
N SER D 171 -21.14 2.07 -46.12
CA SER D 171 -22.22 2.90 -45.61
C SER D 171 -23.54 2.61 -46.31
N ARG D 172 -23.50 2.22 -47.59
CA ARG D 172 -24.70 1.96 -48.37
C ARG D 172 -25.00 0.47 -48.48
N ALA D 173 -24.06 -0.31 -49.01
CA ALA D 173 -24.26 -1.63 -49.62
C ALA D 173 -25.24 -2.53 -48.88
N ASN D 174 -25.21 -2.50 -47.54
CA ASN D 174 -26.08 -3.35 -46.74
C ASN D 174 -27.48 -2.76 -46.72
N LYS D 175 -28.29 -3.17 -47.69
CA LYS D 175 -29.72 -2.87 -47.72
C LYS D 175 -30.55 -4.14 -47.87
N ASP D 176 -29.91 -5.31 -47.89
CA ASP D 176 -30.61 -6.55 -47.57
C ASP D 176 -30.95 -6.65 -46.08
N GLU D 177 -30.46 -5.71 -45.27
CA GLU D 177 -30.59 -5.78 -43.82
C GLU D 177 -32.06 -5.65 -43.40
N GLY D 178 -32.43 -6.43 -42.39
CA GLY D 178 -33.75 -6.33 -41.81
C GLY D 178 -34.00 -7.45 -40.83
N PRO D 179 -34.87 -7.24 -39.83
CA PRO D 179 -35.22 -8.35 -38.93
C PRO D 179 -35.96 -9.45 -39.68
N LYS D 180 -35.53 -10.68 -39.45
CA LYS D 180 -36.02 -11.84 -40.18
C LYS D 180 -36.68 -12.82 -39.22
N ASN D 181 -37.25 -13.85 -39.81
CA ASN D 181 -38.08 -14.82 -39.11
C ASN D 181 -37.26 -16.03 -38.69
N ILE D 182 -37.65 -16.63 -37.58
CA ILE D 182 -36.95 -17.80 -37.07
C ILE D 182 -37.06 -18.95 -38.05
N ALA D 183 -38.18 -19.05 -38.77
CA ALA D 183 -38.28 -20.04 -39.83
C ALA D 183 -37.28 -19.80 -40.95
N ASP D 184 -36.63 -18.63 -41.00
CA ASP D 184 -35.55 -18.33 -41.93
C ASP D 184 -34.19 -18.41 -41.29
N VAL D 185 -34.06 -17.95 -40.04
CA VAL D 185 -32.78 -18.01 -39.36
C VAL D 185 -32.38 -19.46 -39.11
N LEU D 186 -33.34 -20.27 -38.69
CA LEU D 186 -33.08 -21.69 -38.51
C LEU D 186 -32.68 -22.38 -39.78
N ASP D 187 -33.06 -21.86 -40.94
CA ASP D 187 -32.60 -22.46 -42.18
C ASP D 187 -31.09 -22.34 -42.30
N ALA D 188 -30.55 -21.16 -42.03
CA ALA D 188 -29.10 -20.97 -42.09
C ALA D 188 -28.41 -21.74 -40.97
N THR D 189 -28.99 -21.70 -39.77
CA THR D 189 -28.41 -22.43 -38.64
C THR D 189 -28.33 -23.91 -38.93
N VAL D 190 -29.43 -24.48 -39.42
CA VAL D 190 -29.46 -25.91 -39.74
C VAL D 190 -28.62 -26.19 -40.97
N ALA D 191 -28.38 -25.21 -41.83
CA ALA D 191 -27.45 -25.42 -42.93
C ALA D 191 -26.04 -25.62 -42.40
N ARG D 192 -25.65 -24.78 -41.45
CA ARG D 192 -24.36 -24.96 -40.79
C ARG D 192 -24.30 -26.32 -40.12
N ILE D 193 -25.35 -26.68 -39.38
CA ILE D 193 -25.37 -27.94 -38.67
C ILE D 193 -25.39 -29.10 -39.66
N GLU D 194 -25.90 -28.88 -40.86
CA GLU D 194 -25.93 -29.93 -41.87
C GLU D 194 -24.54 -30.15 -42.43
N GLN D 195 -23.91 -29.08 -42.91
CA GLN D 195 -22.60 -29.22 -43.52
C GLN D 195 -21.55 -29.65 -42.52
N LEU D 196 -21.77 -29.42 -41.22
CA LEU D 196 -20.86 -29.96 -40.21
C LEU D 196 -21.21 -31.38 -39.85
N PHE D 197 -22.50 -31.67 -39.64
CA PHE D 197 -22.95 -33.03 -39.41
C PHE D 197 -22.74 -33.89 -40.64
N GLN D 198 -22.77 -33.28 -41.82
CA GLN D 198 -22.42 -33.99 -43.05
C GLN D 198 -20.99 -34.47 -42.97
N GLN D 199 -20.04 -33.54 -42.93
CA GLN D 199 -18.63 -33.86 -43.01
C GLN D 199 -18.21 -34.66 -41.78
N PRO D 200 -17.86 -35.96 -41.90
CA PRO D 200 -17.41 -36.69 -40.72
C PRO D 200 -15.94 -36.38 -40.42
N HIS D 201 -15.72 -35.62 -39.36
CA HIS D 201 -14.38 -35.32 -38.91
C HIS D 201 -14.38 -35.19 -37.39
N ASP D 202 -13.19 -35.19 -36.81
CA ASP D 202 -13.06 -35.04 -35.37
C ASP D 202 -13.47 -33.63 -34.97
N GLY D 203 -13.40 -33.36 -33.68
CA GLY D 203 -13.92 -32.12 -33.15
C GLY D 203 -13.02 -30.94 -33.41
N VAL D 204 -12.77 -30.65 -34.69
CA VAL D 204 -12.00 -29.49 -35.11
C VAL D 204 -12.77 -28.84 -36.25
N THR D 205 -13.64 -27.89 -35.91
CA THR D 205 -14.42 -27.14 -36.89
C THR D 205 -13.77 -25.78 -37.02
N GLY D 206 -12.68 -25.77 -37.76
CA GLY D 206 -11.96 -24.53 -37.97
C GLY D 206 -10.55 -24.81 -38.42
N VAL D 207 -9.66 -23.95 -37.97
CA VAL D 207 -8.25 -24.04 -38.29
C VAL D 207 -7.57 -24.73 -37.12
N ASN D 208 -6.76 -25.73 -37.43
CA ASN D 208 -6.10 -26.49 -36.39
C ASN D 208 -4.86 -25.76 -35.93
N THR D 209 -4.59 -25.87 -34.63
CA THR D 209 -3.40 -25.26 -34.05
C THR D 209 -2.21 -26.19 -34.05
N GLY D 210 -2.41 -27.49 -34.25
CA GLY D 210 -1.38 -28.46 -34.08
C GLY D 210 -1.29 -29.01 -32.67
N TYR D 211 -1.56 -28.17 -31.69
CA TYR D 211 -1.68 -28.60 -30.30
C TYR D 211 -3.05 -29.22 -30.09
N ASP D 212 -3.06 -30.48 -29.66
CA ASP D 212 -4.31 -31.23 -29.58
C ASP D 212 -5.06 -30.92 -28.29
N ASP D 213 -4.36 -30.51 -27.24
CA ASP D 213 -5.01 -30.16 -25.99
C ASP D 213 -5.54 -28.75 -25.98
N LEU D 214 -5.26 -27.96 -27.01
CA LEU D 214 -5.79 -26.62 -27.15
C LEU D 214 -6.90 -26.54 -28.17
N ASN D 215 -6.94 -27.47 -29.11
CA ASN D 215 -8.07 -27.60 -30.01
C ASN D 215 -9.35 -28.00 -29.29
N LYS D 216 -9.25 -28.60 -28.11
CA LYS D 216 -10.45 -29.05 -27.42
C LYS D 216 -11.20 -27.88 -26.83
N LYS D 217 -10.48 -27.01 -26.11
CA LYS D 217 -11.05 -25.78 -25.58
C LYS D 217 -11.41 -24.77 -26.66
N THR D 218 -11.03 -25.01 -27.91
CA THR D 218 -11.12 -24.03 -28.97
C THR D 218 -11.90 -24.55 -30.17
N ALA D 219 -11.85 -25.86 -30.40
CA ALA D 219 -12.32 -26.45 -31.66
C ALA D 219 -11.66 -25.80 -32.87
N GLY D 220 -10.45 -25.31 -32.68
CA GLY D 220 -9.72 -24.68 -33.75
C GLY D 220 -10.10 -23.23 -33.91
N LEU D 221 -9.17 -22.46 -34.44
CA LEU D 221 -9.35 -21.03 -34.57
C LEU D 221 -10.51 -20.77 -35.50
N GLN D 222 -11.64 -20.34 -34.93
CA GLN D 222 -12.86 -20.29 -35.67
C GLN D 222 -12.78 -19.18 -36.71
N PRO D 223 -13.56 -19.27 -37.77
CA PRO D 223 -13.24 -18.51 -38.98
C PRO D 223 -13.75 -17.08 -39.04
N SER D 224 -14.30 -16.50 -37.98
CA SER D 224 -14.74 -15.11 -38.04
C SER D 224 -14.49 -14.39 -36.73
N ASP D 225 -13.32 -14.61 -36.14
CA ASP D 225 -13.04 -14.09 -34.81
C ASP D 225 -11.79 -13.23 -34.79
N LEU D 226 -11.58 -12.61 -33.64
CA LEU D 226 -10.37 -11.87 -33.30
C LEU D 226 -9.74 -12.58 -32.12
N ILE D 227 -8.95 -13.61 -32.40
CA ILE D 227 -8.16 -14.21 -31.36
C ILE D 227 -7.15 -13.20 -30.87
N ILE D 228 -6.82 -13.32 -29.60
CA ILE D 228 -5.78 -12.54 -28.97
C ILE D 228 -4.84 -13.52 -28.28
N VAL D 229 -3.58 -13.15 -28.27
CA VAL D 229 -2.54 -13.93 -27.64
C VAL D 229 -1.65 -12.93 -26.93
N ALA D 230 -1.78 -12.84 -25.64
CA ALA D 230 -1.10 -11.83 -24.88
C ALA D 230 -0.25 -12.44 -23.80
N ALA D 231 0.79 -11.70 -23.43
CA ALA D 231 1.65 -12.03 -22.32
C ALA D 231 2.72 -10.97 -22.23
N ARG D 232 3.33 -10.92 -21.08
CA ARG D 232 4.43 -10.01 -20.79
C ARG D 232 5.54 -10.23 -21.78
N PRO D 233 6.49 -9.31 -21.85
CA PRO D 233 7.31 -9.18 -23.04
C PRO D 233 8.00 -10.47 -23.35
N SER D 234 8.89 -11.01 -22.60
CA SER D 234 9.57 -12.20 -23.08
C SER D 234 8.93 -13.41 -22.45
N MET D 235 7.87 -13.88 -23.08
CA MET D 235 7.10 -15.01 -22.59
C MET D 235 6.69 -16.00 -23.66
N GLY D 236 6.65 -15.61 -24.93
CA GLY D 236 6.35 -16.52 -26.02
C GLY D 236 5.20 -16.13 -26.90
N LYS D 237 4.89 -14.84 -26.98
CA LYS D 237 3.80 -14.41 -27.84
C LYS D 237 4.11 -14.71 -29.29
N THR D 238 5.14 -14.06 -29.80
CA THR D 238 5.51 -14.23 -31.20
C THR D 238 5.87 -15.67 -31.48
N THR D 239 6.50 -16.32 -30.51
CA THR D 239 6.90 -17.71 -30.66
C THR D 239 5.69 -18.62 -30.84
N PHE D 240 4.75 -18.53 -29.90
CA PHE D 240 3.52 -19.31 -30.00
C PHE D 240 2.77 -19.01 -31.27
N ALA D 241 2.65 -17.74 -31.62
CA ALA D 241 1.88 -17.36 -32.79
C ALA D 241 2.52 -17.88 -34.07
N MET D 242 3.84 -17.82 -34.16
CA MET D 242 4.49 -18.39 -35.32
C MET D 242 4.31 -19.89 -35.34
N ASN D 243 4.24 -20.53 -34.18
CA ASN D 243 4.00 -21.96 -34.18
C ASN D 243 2.59 -22.28 -34.66
N LEU D 244 1.64 -21.44 -34.32
CA LEU D 244 0.29 -21.60 -34.84
C LEU D 244 0.27 -21.49 -36.35
N VAL D 245 0.90 -20.44 -36.88
CA VAL D 245 0.83 -20.26 -38.34
C VAL D 245 1.64 -21.33 -39.05
N GLU D 246 2.72 -21.80 -38.44
CA GLU D 246 3.48 -22.90 -39.04
C GLU D 246 2.64 -24.15 -39.13
N ASN D 247 2.05 -24.56 -38.02
CA ASN D 247 1.22 -25.75 -38.02
C ASN D 247 0.05 -25.59 -38.98
N ALA D 248 -0.48 -24.38 -39.09
CA ALA D 248 -1.54 -24.13 -40.05
C ALA D 248 -1.03 -24.33 -41.48
N ALA D 249 0.02 -23.60 -41.84
CA ALA D 249 0.56 -23.63 -43.19
C ALA D 249 0.92 -25.04 -43.62
N MET D 250 1.49 -25.81 -42.71
CA MET D 250 1.80 -27.20 -43.02
C MET D 250 0.53 -28.01 -43.17
N LEU D 251 -0.50 -27.71 -42.38
CA LEU D 251 -1.78 -28.42 -42.49
C LEU D 251 -2.77 -27.70 -43.39
N GLN D 252 -3.14 -26.47 -43.02
CA GLN D 252 -3.98 -25.65 -43.87
C GLN D 252 -3.35 -25.42 -45.23
N ASP D 253 -4.09 -25.75 -46.27
CA ASP D 253 -3.66 -25.56 -47.66
C ASP D 253 -4.16 -24.23 -48.23
N LYS D 254 -3.95 -23.14 -47.50
CA LYS D 254 -4.30 -21.82 -47.98
C LYS D 254 -3.37 -20.80 -47.33
N PRO D 255 -3.28 -19.59 -47.89
CA PRO D 255 -2.28 -18.64 -47.42
C PRO D 255 -2.48 -18.23 -45.98
N VAL D 256 -1.46 -17.56 -45.47
CA VAL D 256 -1.44 -17.00 -44.13
C VAL D 256 -0.60 -15.74 -44.20
N LEU D 257 -0.93 -14.79 -43.34
CA LEU D 257 -0.25 -13.51 -43.30
C LEU D 257 0.34 -13.27 -41.93
N ILE D 258 1.45 -12.54 -41.95
CA ILE D 258 2.31 -12.32 -40.82
C ILE D 258 2.69 -10.86 -40.87
N PHE D 259 2.04 -10.04 -40.04
CA PHE D 259 2.34 -8.62 -39.98
C PHE D 259 3.33 -8.40 -38.84
N SER D 260 4.60 -8.54 -39.16
CA SER D 260 5.69 -8.37 -38.19
C SER D 260 6.04 -6.90 -38.12
N LEU D 261 5.23 -6.17 -37.37
CA LEU D 261 5.47 -4.75 -37.18
C LEU D 261 6.68 -4.49 -36.30
N GLU D 262 7.00 -5.43 -35.42
CA GLU D 262 8.04 -5.19 -34.44
C GLU D 262 9.42 -5.40 -35.04
N MET D 263 9.71 -6.63 -35.44
CA MET D 263 11.04 -7.04 -35.86
C MET D 263 10.97 -7.76 -37.20
N PRO D 264 12.07 -7.75 -37.95
CA PRO D 264 11.98 -8.05 -39.37
C PRO D 264 11.97 -9.53 -39.69
N SER D 265 11.74 -9.80 -40.97
CA SER D 265 11.56 -11.15 -41.48
C SER D 265 12.78 -12.03 -41.23
N GLU D 266 13.98 -11.46 -41.33
CA GLU D 266 15.18 -12.28 -41.26
C GLU D 266 15.46 -12.83 -39.88
N GLN D 267 14.74 -12.38 -38.86
CA GLN D 267 14.73 -13.03 -37.56
C GLN D 267 13.58 -14.01 -37.42
N ILE D 268 12.43 -13.62 -37.95
CA ILE D 268 11.24 -14.44 -37.91
C ILE D 268 11.52 -15.77 -38.56
N MET D 269 12.26 -15.76 -39.65
CA MET D 269 12.38 -16.98 -40.43
C MET D 269 13.46 -17.90 -39.90
N MET D 270 14.57 -17.37 -39.39
CA MET D 270 15.48 -18.20 -38.62
C MET D 270 14.74 -18.89 -37.49
N ARG D 271 13.98 -18.09 -36.74
CA ARG D 271 13.21 -18.62 -35.62
C ARG D 271 12.22 -19.69 -36.08
N SER D 272 11.65 -19.52 -37.26
CA SER D 272 10.69 -20.50 -37.74
C SER D 272 11.37 -21.77 -38.25
N LEU D 273 12.51 -21.63 -38.91
CA LEU D 273 13.26 -22.81 -39.33
C LEU D 273 13.67 -23.63 -38.13
N ALA D 274 14.08 -22.96 -37.06
CA ALA D 274 14.41 -23.68 -35.84
C ALA D 274 13.17 -24.34 -35.24
N SER D 275 12.05 -23.63 -35.24
CA SER D 275 10.81 -24.17 -34.71
C SER D 275 10.40 -25.44 -35.43
N LEU D 276 10.62 -25.47 -36.73
CA LEU D 276 10.16 -26.56 -37.56
C LEU D 276 11.14 -27.72 -37.59
N SER D 277 12.41 -27.45 -37.34
CA SER D 277 13.45 -28.43 -37.50
C SER D 277 14.25 -28.65 -36.21
N ARG D 278 13.84 -28.05 -35.11
CA ARG D 278 14.37 -28.38 -33.78
C ARG D 278 15.88 -28.25 -33.72
N VAL D 279 16.37 -27.07 -34.06
CA VAL D 279 17.78 -26.74 -33.90
C VAL D 279 17.90 -25.33 -33.37
N ASP D 280 18.95 -25.10 -32.63
CA ASP D 280 19.11 -23.86 -31.92
C ASP D 280 19.24 -22.70 -32.90
N GLN D 281 18.84 -21.51 -32.44
CA GLN D 281 19.03 -20.32 -33.26
C GLN D 281 20.50 -20.03 -33.44
N THR D 282 21.30 -20.28 -32.40
CA THR D 282 22.73 -19.97 -32.44
C THR D 282 23.40 -20.75 -33.54
N LYS D 283 23.07 -22.01 -33.66
CA LYS D 283 23.58 -22.88 -34.70
C LYS D 283 23.03 -22.58 -36.07
N ILE D 284 22.29 -21.50 -36.23
CA ILE D 284 21.93 -20.96 -37.53
C ILE D 284 22.53 -19.59 -37.77
N ARG D 285 22.51 -18.73 -36.75
CA ARG D 285 23.19 -17.44 -36.83
C ARG D 285 24.66 -17.52 -36.45
N THR D 286 25.25 -18.72 -36.52
CA THR D 286 26.68 -18.91 -36.34
C THR D 286 27.30 -19.86 -37.36
N GLY D 287 26.52 -20.71 -38.01
CA GLY D 287 27.06 -21.72 -38.90
C GLY D 287 27.71 -22.89 -38.21
N GLN D 288 27.48 -23.08 -36.91
CA GLN D 288 28.07 -24.18 -36.15
C GLN D 288 27.07 -25.33 -36.04
N LEU D 289 26.87 -26.03 -37.15
CA LEU D 289 25.84 -27.05 -37.25
C LEU D 289 26.35 -28.27 -38.00
N ASP D 290 25.76 -29.42 -37.66
CA ASP D 290 26.19 -30.73 -38.10
C ASP D 290 25.24 -31.31 -39.15
N ASP D 291 25.64 -32.45 -39.69
CA ASP D 291 25.01 -33.01 -40.89
C ASP D 291 23.53 -33.27 -40.67
N GLU D 292 23.18 -33.80 -39.50
CA GLU D 292 21.78 -34.03 -39.19
C GLU D 292 21.01 -32.71 -39.22
N ASP D 293 21.62 -31.65 -38.71
CA ASP D 293 20.96 -30.35 -38.67
C ASP D 293 20.87 -29.74 -40.06
N TRP D 294 21.98 -29.74 -40.81
CA TRP D 294 21.95 -29.34 -42.21
C TRP D 294 20.81 -30.03 -42.95
N ALA D 295 20.59 -31.32 -42.64
CA ALA D 295 19.57 -32.10 -43.32
C ALA D 295 18.18 -31.65 -42.95
N ARG D 296 17.91 -31.55 -41.65
CA ARG D 296 16.58 -31.15 -41.22
C ARG D 296 16.24 -29.75 -41.71
N ILE D 297 17.23 -28.88 -41.81
CA ILE D 297 17.01 -27.57 -42.40
C ILE D 297 16.62 -27.71 -43.87
N SER D 298 17.38 -28.54 -44.62
CA SER D 298 17.04 -28.76 -46.02
C SER D 298 15.61 -29.26 -46.16
N GLY D 299 15.20 -30.14 -45.26
CA GLY D 299 13.87 -30.70 -45.36
C GLY D 299 12.78 -29.68 -45.09
N THR D 300 12.89 -28.94 -43.98
CA THR D 300 11.85 -27.96 -43.69
C THR D 300 11.82 -26.88 -44.77
N MET D 301 12.99 -26.52 -45.30
CA MET D 301 13.03 -25.56 -46.39
C MET D 301 12.30 -26.08 -47.61
N GLY D 302 12.76 -27.21 -48.15
CA GLY D 302 12.12 -27.84 -49.30
C GLY D 302 10.66 -28.18 -49.11
N ILE D 303 10.18 -28.18 -47.87
CA ILE D 303 8.74 -28.24 -47.64
C ILE D 303 8.12 -26.87 -47.83
N LEU D 304 8.65 -25.86 -47.13
CA LEU D 304 8.03 -24.54 -47.16
C LEU D 304 8.03 -23.93 -48.55
N LEU D 305 8.99 -24.30 -49.39
CA LEU D 305 9.04 -23.71 -50.72
C LEU D 305 7.96 -24.27 -51.62
N GLU D 306 7.59 -25.53 -51.43
CA GLU D 306 6.69 -26.18 -52.37
C GLU D 306 5.28 -25.66 -52.25
N LYS D 307 4.88 -25.23 -51.05
CA LYS D 307 3.51 -24.82 -50.82
C LYS D 307 3.28 -23.36 -51.16
N ARG D 308 4.21 -22.48 -50.78
CA ARG D 308 4.09 -21.05 -51.00
C ARG D 308 2.88 -20.50 -50.27
N ASN D 309 2.82 -20.75 -48.96
CA ASN D 309 1.72 -20.29 -48.12
C ASN D 309 1.95 -18.92 -47.54
N ILE D 310 3.08 -18.74 -46.91
CA ILE D 310 3.28 -17.65 -45.97
C ILE D 310 3.61 -16.36 -46.70
N TYR D 311 3.22 -15.23 -46.11
CA TYR D 311 3.46 -13.91 -46.68
C TYR D 311 3.70 -12.94 -45.53
N ILE D 312 4.95 -12.59 -45.31
CA ILE D 312 5.37 -11.75 -44.20
C ILE D 312 5.52 -10.31 -44.67
N ASP D 313 4.91 -9.40 -43.93
CA ASP D 313 5.07 -7.96 -44.16
C ASP D 313 6.01 -7.40 -43.10
N ASP D 314 7.20 -6.97 -43.54
CA ASP D 314 8.17 -6.31 -42.67
C ASP D 314 8.07 -4.79 -42.82
N SER D 315 6.90 -4.27 -42.46
CA SER D 315 6.68 -2.84 -42.39
C SER D 315 6.11 -2.52 -41.03
N SER D 316 6.44 -1.34 -40.54
CA SER D 316 6.43 -1.10 -39.10
C SER D 316 5.12 -0.50 -38.61
N GLY D 317 4.78 0.67 -39.12
CA GLY D 317 3.75 1.50 -38.53
C GLY D 317 2.44 1.46 -39.27
N LEU D 318 2.01 0.26 -39.63
CA LEU D 318 0.85 0.12 -40.48
C LEU D 318 -0.41 0.65 -39.81
N THR D 319 -1.42 0.84 -40.64
CA THR D 319 -2.76 1.18 -40.27
C THR D 319 -3.70 0.04 -40.61
N PRO D 320 -4.89 0.03 -40.03
CA PRO D 320 -5.86 -0.99 -40.40
C PRO D 320 -6.30 -0.89 -41.84
N THR D 321 -6.30 0.32 -42.38
CA THR D 321 -6.54 0.52 -43.80
C THR D 321 -5.57 -0.32 -44.63
N GLU D 322 -4.29 -0.16 -44.37
CA GLU D 322 -3.28 -0.88 -45.14
C GLU D 322 -3.37 -2.37 -44.92
N VAL D 323 -3.66 -2.79 -43.68
CA VAL D 323 -3.81 -4.21 -43.40
C VAL D 323 -4.95 -4.78 -44.23
N ARG D 324 -6.08 -4.09 -44.27
CA ARG D 324 -7.21 -4.55 -45.06
C ARG D 324 -6.83 -4.60 -46.53
N SER D 325 -6.05 -3.63 -46.98
CA SER D 325 -5.67 -3.57 -48.38
C SER D 325 -4.82 -4.76 -48.76
N ARG D 326 -3.72 -4.97 -48.03
CA ARG D 326 -2.82 -6.07 -48.31
C ARG D 326 -3.54 -7.40 -48.19
N ALA D 327 -4.38 -7.55 -47.19
CA ALA D 327 -5.07 -8.83 -47.00
C ALA D 327 -6.04 -9.10 -48.13
N ARG D 328 -6.80 -8.09 -48.54
CA ARG D 328 -7.68 -8.24 -49.68
C ARG D 328 -6.89 -8.50 -50.96
N ARG D 329 -5.64 -8.05 -51.01
CA ARG D 329 -4.81 -8.32 -52.19
C ARG D 329 -4.38 -9.77 -52.24
N ILE D 330 -3.85 -10.29 -51.12
CA ILE D 330 -3.48 -11.70 -51.11
C ILE D 330 -4.72 -12.57 -51.24
N ALA D 331 -5.88 -12.05 -50.90
CA ALA D 331 -7.10 -12.85 -50.99
C ALA D 331 -7.50 -13.09 -52.44
N ARG D 332 -7.64 -12.02 -53.22
CA ARG D 332 -8.19 -12.17 -54.57
C ARG D 332 -7.30 -13.03 -55.44
N GLU D 333 -5.99 -12.98 -55.22
CA GLU D 333 -5.05 -13.63 -56.10
C GLU D 333 -4.86 -15.09 -55.74
N HIS D 334 -4.68 -15.37 -54.46
CA HIS D 334 -4.22 -16.65 -53.98
C HIS D 334 -5.34 -17.44 -53.30
N GLY D 335 -6.55 -17.33 -53.86
CA GLY D 335 -7.69 -18.08 -53.37
C GLY D 335 -8.45 -17.32 -52.32
N GLY D 336 -8.24 -17.73 -51.08
CA GLY D 336 -8.70 -16.97 -49.94
C GLY D 336 -7.83 -17.31 -48.76
N ILE D 337 -7.51 -16.33 -47.95
CA ILE D 337 -6.58 -16.56 -46.86
C ILE D 337 -7.25 -17.44 -45.83
N GLY D 338 -6.46 -17.91 -44.87
CA GLY D 338 -6.94 -18.80 -43.85
C GLY D 338 -6.53 -18.37 -42.46
N LEU D 339 -5.65 -17.39 -42.36
CA LEU D 339 -5.16 -16.99 -41.05
C LEU D 339 -4.36 -15.72 -41.18
N ILE D 340 -4.39 -14.92 -40.11
CA ILE D 340 -3.64 -13.68 -40.02
C ILE D 340 -3.00 -13.64 -38.63
N MET D 341 -1.77 -13.13 -38.58
CA MET D 341 -1.07 -12.85 -37.34
C MET D 341 -0.59 -11.43 -37.38
N ILE D 342 -0.77 -10.74 -36.26
CA ILE D 342 -0.47 -9.33 -36.12
C ILE D 342 0.31 -9.20 -34.82
N ASP D 343 1.59 -8.85 -34.94
CA ASP D 343 2.51 -8.84 -33.82
C ASP D 343 2.48 -7.48 -33.14
N TYR D 344 2.13 -7.48 -31.85
CA TYR D 344 2.18 -6.27 -31.03
C TYR D 344 1.33 -5.18 -31.69
N LEU D 345 0.04 -5.48 -31.68
CA LEU D 345 -1.05 -4.65 -32.15
C LEU D 345 -0.85 -3.17 -31.94
N GLN D 346 -0.43 -2.79 -30.72
CA GLN D 346 -0.33 -1.39 -30.33
C GLN D 346 0.52 -0.53 -31.26
N LEU D 347 1.34 -1.14 -32.12
CA LEU D 347 2.06 -0.37 -33.11
C LEU D 347 1.19 0.09 -34.25
N MET D 348 0.09 -0.63 -34.51
CA MET D 348 -0.90 -0.16 -35.45
C MET D 348 -1.28 1.26 -35.12
N ARG D 349 -1.49 2.05 -36.17
CA ARG D 349 -1.77 3.46 -36.06
C ARG D 349 -3.02 3.82 -36.83
N VAL D 350 -3.53 4.99 -36.51
CA VAL D 350 -4.45 5.71 -37.39
C VAL D 350 -4.22 7.18 -37.04
N PRO D 351 -3.56 7.98 -37.89
CA PRO D 351 -3.14 9.31 -37.46
C PRO D 351 -4.26 10.26 -37.13
N ALA D 352 -5.50 9.95 -37.51
CA ALA D 352 -6.63 10.78 -37.12
C ALA D 352 -6.75 10.86 -35.62
N LEU D 353 -6.64 9.71 -34.96
CA LEU D 353 -6.82 9.57 -33.53
C LEU D 353 -5.50 9.50 -32.78
N SER D 354 -4.47 10.18 -33.28
CA SER D 354 -3.18 10.13 -32.65
C SER D 354 -3.11 10.99 -31.39
N ASP D 355 -4.11 11.82 -31.15
CA ASP D 355 -4.16 12.65 -29.96
C ASP D 355 -4.75 11.90 -28.78
N ASN D 356 -5.56 10.87 -29.03
CA ASN D 356 -6.19 10.06 -28.01
C ASN D 356 -5.86 8.61 -28.32
N ARG D 357 -5.23 7.94 -27.37
CA ARG D 357 -4.65 6.63 -27.61
C ARG D 357 -5.67 5.51 -27.43
N THR D 358 -6.50 5.63 -26.40
CA THR D 358 -7.52 4.63 -26.15
C THR D 358 -8.45 4.47 -27.34
N LEU D 359 -8.86 5.59 -27.93
CA LEU D 359 -9.73 5.53 -29.08
C LEU D 359 -9.00 4.99 -30.30
N GLU D 360 -7.70 5.24 -30.37
CA GLU D 360 -6.87 4.65 -31.41
C GLU D 360 -6.94 3.14 -31.36
N ILE D 361 -6.73 2.58 -30.17
CA ILE D 361 -6.80 1.13 -30.03
C ILE D 361 -8.21 0.63 -30.32
N ALA D 362 -9.22 1.41 -29.96
CA ALA D 362 -10.59 0.98 -30.21
C ALA D 362 -10.85 0.85 -31.70
N GLU D 363 -10.43 1.85 -32.46
CA GLU D 363 -10.57 1.81 -33.90
C GLU D 363 -9.84 0.62 -34.48
N ILE D 364 -8.63 0.38 -33.96
CA ILE D 364 -7.85 -0.76 -34.41
C ILE D 364 -8.63 -2.05 -34.23
N SER D 365 -9.14 -2.26 -33.03
CA SER D 365 -9.83 -3.51 -32.73
C SER D 365 -11.07 -3.69 -33.59
N ARG D 366 -11.86 -2.62 -33.76
CA ARG D 366 -13.03 -2.72 -34.60
C ARG D 366 -12.66 -3.05 -36.02
N SER D 367 -11.58 -2.44 -36.50
CA SER D 367 -11.16 -2.68 -37.88
C SER D 367 -10.74 -4.12 -38.07
N LEU D 368 -10.05 -4.68 -37.09
CA LEU D 368 -9.57 -6.05 -37.23
C LEU D 368 -10.72 -7.03 -37.14
N LYS D 369 -11.68 -6.77 -36.27
CA LYS D 369 -12.85 -7.63 -36.21
C LYS D 369 -13.62 -7.57 -37.52
N ALA D 370 -13.83 -6.37 -38.04
CA ALA D 370 -14.55 -6.22 -39.30
C ALA D 370 -13.82 -6.91 -40.43
N LEU D 371 -12.49 -6.82 -40.43
CA LEU D 371 -11.69 -7.55 -41.40
C LEU D 371 -11.95 -9.04 -41.32
N ALA D 372 -11.87 -9.60 -40.11
CA ALA D 372 -12.08 -11.02 -39.93
C ALA D 372 -13.47 -11.44 -40.37
N LYS D 373 -14.44 -10.57 -40.19
CA LYS D 373 -15.79 -10.84 -40.60
C LYS D 373 -15.95 -10.69 -42.11
N GLU D 374 -15.10 -9.86 -42.71
CA GLU D 374 -15.16 -9.64 -44.15
C GLU D 374 -14.59 -10.81 -44.91
N LEU D 375 -13.32 -11.14 -44.65
CA LEU D 375 -12.67 -12.22 -45.38
C LEU D 375 -13.01 -13.59 -44.85
N ASN D 376 -13.71 -13.67 -43.72
CA ASN D 376 -14.10 -14.95 -43.12
C ASN D 376 -12.85 -15.77 -42.78
N VAL D 377 -12.02 -15.16 -41.96
CA VAL D 377 -10.89 -15.86 -41.36
C VAL D 377 -10.73 -15.44 -39.91
N PRO D 378 -9.84 -16.08 -39.18
CA PRO D 378 -9.41 -15.59 -37.89
C PRO D 378 -8.33 -14.54 -38.03
N VAL D 379 -8.14 -13.83 -36.93
CA VAL D 379 -7.14 -12.79 -36.83
C VAL D 379 -6.44 -12.92 -35.50
N VAL D 380 -5.31 -13.62 -35.50
CA VAL D 380 -4.48 -13.63 -34.32
C VAL D 380 -3.91 -12.23 -34.15
N ALA D 381 -4.13 -11.65 -32.98
CA ALA D 381 -3.73 -10.28 -32.71
C ALA D 381 -3.12 -10.25 -31.33
N LEU D 382 -1.80 -10.32 -31.30
CA LEU D 382 -1.07 -10.23 -30.07
C LEU D 382 -1.34 -8.90 -29.39
N SER D 383 -0.94 -8.85 -28.11
CA SER D 383 -1.02 -7.61 -27.36
C SER D 383 -0.24 -7.76 -26.07
N GLN D 384 0.41 -6.68 -25.67
CA GLN D 384 1.13 -6.69 -24.41
C GLN D 384 0.17 -6.54 -23.26
N LEU D 385 0.74 -6.54 -22.07
CA LEU D 385 0.01 -6.37 -20.83
C LEU D 385 0.68 -5.30 -20.01
N ASN D 386 -0.08 -4.77 -19.07
CA ASN D 386 0.41 -3.70 -18.21
C ASN D 386 1.02 -4.27 -16.94
N ARG D 387 1.68 -3.40 -16.20
CA ARG D 387 2.43 -3.84 -15.03
C ARG D 387 1.58 -3.75 -13.77
N SER D 388 0.39 -4.32 -13.87
CA SER D 388 -0.54 -4.41 -12.76
C SER D 388 -0.44 -5.75 -12.07
N LEU D 389 -0.23 -6.81 -12.85
CA LEU D 389 -0.04 -8.15 -12.30
C LEU D 389 1.28 -8.36 -11.61
N GLU D 390 2.12 -7.33 -11.50
CA GLU D 390 3.37 -7.51 -10.80
C GLU D 390 3.22 -7.32 -9.31
N GLN D 391 2.38 -6.38 -8.93
CA GLN D 391 2.08 -6.12 -7.54
C GLN D 391 0.83 -6.89 -7.10
N ARG D 392 0.82 -8.19 -7.38
CA ARG D 392 -0.32 -9.04 -7.06
C ARG D 392 0.04 -10.39 -6.45
N ALA D 393 1.28 -10.84 -6.55
CA ALA D 393 1.78 -12.07 -5.92
C ALA D 393 1.29 -13.37 -6.55
N ASP D 394 0.36 -13.30 -7.51
CA ASP D 394 -0.05 -14.49 -8.27
C ASP D 394 0.60 -14.54 -9.64
N LYS D 395 0.61 -13.41 -10.36
CA LYS D 395 1.27 -13.20 -11.63
C LYS D 395 0.59 -13.91 -12.79
N ARG D 396 -0.45 -14.65 -12.55
CA ARG D 396 -1.26 -15.15 -13.65
C ARG D 396 -2.09 -14.00 -14.19
N PRO D 397 -2.06 -13.73 -15.47
CA PRO D 397 -2.77 -12.56 -15.98
C PRO D 397 -4.26 -12.80 -16.03
N VAL D 398 -4.99 -11.72 -15.77
CA VAL D 398 -6.43 -11.73 -15.90
C VAL D 398 -6.78 -10.96 -17.16
N ASN D 399 -8.02 -11.17 -17.60
CA ASN D 399 -8.56 -10.50 -18.77
C ASN D 399 -8.43 -8.98 -18.70
N SER D 400 -8.43 -8.42 -17.48
CA SER D 400 -8.28 -6.98 -17.34
C SER D 400 -6.92 -6.50 -17.81
N ASP D 401 -5.88 -7.23 -17.46
CA ASP D 401 -4.51 -6.79 -17.72
C ASP D 401 -4.25 -6.96 -19.20
N LEU D 402 -4.77 -6.01 -19.96
CA LEU D 402 -4.45 -5.84 -21.36
C LEU D 402 -3.98 -4.42 -21.51
N ARG D 403 -3.13 -4.19 -22.49
CA ARG D 403 -2.24 -3.06 -22.44
C ARG D 403 -2.99 -1.75 -22.57
N GLU D 404 -4.07 -1.74 -23.33
CA GLU D 404 -4.76 -0.48 -23.51
C GLU D 404 -6.19 -0.67 -23.99
N SER D 405 -7.02 0.23 -23.50
CA SER D 405 -8.38 0.53 -23.95
C SER D 405 -9.46 -0.42 -23.50
N GLY D 406 -9.12 -1.62 -23.10
CA GLY D 406 -10.15 -2.54 -22.67
C GLY D 406 -11.25 -2.89 -23.67
N SER D 407 -11.18 -2.39 -24.91
CA SER D 407 -12.11 -2.86 -25.92
C SER D 407 -11.71 -4.23 -26.41
N ILE D 408 -10.40 -4.49 -26.46
CA ILE D 408 -9.89 -5.78 -26.88
C ILE D 408 -10.36 -6.90 -25.96
N GLU D 409 -10.71 -6.60 -24.72
CA GLU D 409 -11.35 -7.61 -23.89
C GLU D 409 -12.85 -7.68 -24.11
N GLN D 410 -13.36 -7.03 -25.14
CA GLN D 410 -14.77 -7.01 -25.47
C GLN D 410 -15.03 -7.43 -26.90
N ASP D 411 -14.16 -7.05 -27.82
CA ASP D 411 -14.36 -7.27 -29.24
C ASP D 411 -13.91 -8.67 -29.68
N ALA D 412 -13.47 -9.51 -28.77
CA ALA D 412 -12.81 -10.75 -29.10
C ALA D 412 -13.69 -11.95 -28.81
N ASP D 413 -13.54 -12.98 -29.63
CA ASP D 413 -14.12 -14.28 -29.33
C ASP D 413 -13.20 -15.14 -28.50
N LEU D 414 -11.93 -14.76 -28.36
CA LEU D 414 -10.99 -15.62 -27.67
C LEU D 414 -9.79 -14.82 -27.21
N ILE D 415 -9.44 -15.00 -25.96
CA ILE D 415 -8.21 -14.52 -25.37
C ILE D 415 -7.50 -15.74 -24.85
N MET D 416 -6.19 -15.77 -24.98
CA MET D 416 -5.43 -16.81 -24.31
C MET D 416 -4.08 -16.22 -23.97
N PHE D 417 -3.92 -15.91 -22.69
CA PHE D 417 -2.68 -15.45 -22.16
C PHE D 417 -1.69 -16.58 -22.08
N ILE D 418 -0.49 -16.24 -21.64
CA ILE D 418 0.61 -17.17 -21.49
C ILE D 418 1.23 -16.90 -20.15
N TYR D 419 1.71 -17.96 -19.52
CA TYR D 419 2.32 -17.87 -18.21
C TYR D 419 3.32 -19.00 -18.10
N ARG D 420 4.54 -18.63 -17.75
CA ARG D 420 5.67 -19.55 -17.68
C ARG D 420 6.36 -19.27 -16.36
N ASP D 421 6.19 -20.17 -15.40
CA ASP D 421 6.50 -19.85 -14.02
C ASP D 421 8.00 -19.68 -13.80
N GLU D 422 8.83 -20.34 -14.61
CA GLU D 422 10.27 -20.27 -14.41
C GLU D 422 10.84 -18.87 -14.61
N VAL D 423 10.04 -17.92 -15.10
CA VAL D 423 10.50 -16.55 -15.25
C VAL D 423 10.49 -15.84 -13.92
N TYR D 424 9.49 -16.12 -13.10
CA TYR D 424 9.32 -15.48 -11.81
C TYR D 424 9.91 -16.30 -10.69
N HIS D 425 9.77 -17.61 -10.77
CA HIS D 425 10.16 -18.54 -9.73
C HIS D 425 11.34 -19.37 -10.19
N GLU D 426 12.50 -19.13 -9.57
CA GLU D 426 13.62 -20.04 -9.70
C GLU D 426 13.50 -21.20 -8.71
N ASN D 427 12.68 -21.04 -7.66
CA ASN D 427 12.38 -22.12 -6.73
C ASN D 427 11.31 -23.08 -7.24
N SER D 428 11.02 -23.07 -8.53
CA SER D 428 9.89 -23.81 -9.07
C SER D 428 10.32 -25.21 -9.50
N ASP D 429 9.39 -26.15 -9.33
CA ASP D 429 9.51 -27.49 -9.88
C ASP D 429 8.62 -27.65 -11.10
N LEU D 430 8.41 -26.56 -11.81
CA LEU D 430 7.45 -26.43 -12.88
C LEU D 430 8.10 -25.73 -14.06
N LYS D 431 9.36 -26.07 -14.33
CA LYS D 431 10.11 -25.42 -15.37
C LYS D 431 10.09 -26.24 -16.65
N GLY D 432 10.33 -25.55 -17.76
CA GLY D 432 10.09 -26.12 -19.06
C GLY D 432 8.64 -26.26 -19.38
N ILE D 433 7.78 -25.53 -18.66
CA ILE D 433 6.34 -25.76 -18.68
C ILE D 433 5.69 -24.40 -18.78
N ALA D 434 4.94 -24.19 -19.85
CA ALA D 434 4.29 -22.93 -20.15
C ALA D 434 2.83 -23.21 -20.38
N GLU D 435 2.00 -22.51 -19.64
CA GLU D 435 0.58 -22.79 -19.59
C GLU D 435 -0.19 -21.63 -20.15
N ILE D 436 -1.26 -21.96 -20.87
CA ILE D 436 -1.95 -21.02 -21.72
C ILE D 436 -3.28 -20.68 -21.07
N ILE D 437 -3.25 -19.67 -20.22
CA ILE D 437 -4.40 -19.31 -19.43
C ILE D 437 -5.40 -18.66 -20.34
N ILE D 438 -6.39 -19.44 -20.78
CA ILE D 438 -7.53 -18.85 -21.42
C ILE D 438 -8.20 -17.92 -20.41
N GLY D 439 -8.76 -16.84 -20.92
CA GLY D 439 -9.32 -15.78 -20.10
C GLY D 439 -10.66 -15.28 -20.59
N LYS D 440 -11.05 -15.70 -21.78
CA LYS D 440 -12.36 -15.40 -22.31
C LYS D 440 -12.55 -16.21 -23.57
N GLN D 441 -13.76 -16.72 -23.74
CA GLN D 441 -14.10 -17.42 -24.96
C GLN D 441 -15.63 -17.45 -25.03
N ARG D 442 -16.20 -16.72 -25.98
CA ARG D 442 -17.64 -16.53 -26.00
C ARG D 442 -18.39 -17.78 -26.37
N ASN D 443 -17.75 -18.71 -27.07
CA ASN D 443 -18.38 -19.89 -27.61
C ASN D 443 -17.52 -21.10 -27.32
N GLY D 444 -17.05 -21.16 -26.09
CA GLY D 444 -16.24 -22.25 -25.64
C GLY D 444 -15.84 -22.02 -24.20
N PRO D 445 -15.20 -23.02 -23.60
CA PRO D 445 -14.90 -22.96 -22.18
C PRO D 445 -13.65 -22.19 -21.83
N ILE D 446 -13.64 -21.70 -20.60
CA ILE D 446 -12.42 -21.19 -19.99
C ILE D 446 -11.58 -22.40 -19.65
N GLY D 447 -10.34 -22.17 -19.25
CA GLY D 447 -9.45 -23.28 -19.00
C GLY D 447 -8.10 -22.81 -18.56
N THR D 448 -7.19 -23.77 -18.50
CA THR D 448 -5.77 -23.49 -18.28
C THR D 448 -5.01 -24.63 -18.95
N VAL D 449 -4.66 -24.42 -20.20
CA VAL D 449 -3.92 -25.41 -20.95
C VAL D 449 -2.47 -25.36 -20.51
N ARG D 450 -1.75 -26.44 -20.80
CA ARG D 450 -0.40 -26.65 -20.30
C ARG D 450 0.45 -27.21 -21.42
N LEU D 451 1.62 -26.61 -21.63
CA LEU D 451 2.50 -26.96 -22.71
C LEU D 451 3.93 -26.77 -22.26
N THR D 452 4.85 -27.25 -23.08
CA THR D 452 6.27 -27.26 -22.73
C THR D 452 7.01 -26.28 -23.62
N PHE D 453 7.87 -25.49 -22.99
CA PHE D 453 8.64 -24.46 -23.65
C PHE D 453 10.07 -24.92 -23.82
N ASN D 454 10.58 -24.79 -25.04
CA ASN D 454 12.00 -25.02 -25.32
C ASN D 454 12.44 -23.88 -26.23
N GLY D 455 12.81 -22.76 -25.61
CA GLY D 455 13.12 -21.62 -26.41
C GLY D 455 14.42 -21.69 -27.15
N GLN D 456 15.21 -22.74 -26.92
CA GLN D 456 16.44 -22.88 -27.67
C GLN D 456 16.14 -23.03 -29.15
N TRP D 457 15.01 -23.67 -29.48
CA TRP D 457 14.53 -23.74 -30.86
C TRP D 457 13.13 -23.14 -31.02
N SER D 458 12.67 -22.36 -30.04
CA SER D 458 11.50 -21.50 -30.19
C SER D 458 10.26 -22.29 -30.60
N ARG D 459 9.81 -23.11 -29.68
CA ARG D 459 8.71 -24.00 -29.93
C ARG D 459 7.97 -24.19 -28.63
N PHE D 460 6.67 -24.34 -28.75
CA PHE D 460 5.85 -24.92 -27.71
C PHE D 460 5.49 -26.30 -28.19
N ASP D 461 5.47 -27.25 -27.28
CA ASP D 461 5.07 -28.60 -27.63
C ASP D 461 4.08 -29.11 -26.60
N ASN D 462 3.42 -30.20 -26.94
CA ASN D 462 2.42 -30.77 -26.07
C ASN D 462 3.05 -31.45 -24.88
N TYR D 463 2.31 -31.45 -23.77
CA TYR D 463 2.79 -31.93 -22.48
C TYR D 463 1.89 -33.08 -22.05
N ALA D 464 2.20 -34.26 -22.57
CA ALA D 464 1.53 -35.48 -22.12
C ALA D 464 2.11 -35.83 -20.76
N GLY D 465 1.62 -35.13 -19.74
CA GLY D 465 2.05 -35.30 -18.38
C GLY D 465 0.86 -35.41 -17.45
N PRO D 466 1.07 -35.16 -16.16
CA PRO D 466 -0.06 -35.20 -15.21
C PRO D 466 -1.13 -34.19 -15.56
N GLN D 467 -2.24 -34.28 -14.83
CA GLN D 467 -3.43 -33.51 -15.14
C GLN D 467 -3.28 -32.07 -14.66
N TYR D 468 -4.34 -31.29 -14.82
CA TYR D 468 -4.37 -29.92 -14.36
C TYR D 468 -5.80 -29.56 -13.97
N LEU E 24 -44.05 25.18 -26.82
CA LEU E 24 -42.96 26.13 -26.64
C LEU E 24 -42.95 26.64 -25.19
N LYS E 25 -44.09 27.17 -24.75
CA LYS E 25 -44.20 27.74 -23.42
C LYS E 25 -45.69 27.83 -23.09
N VAL E 26 -46.14 27.06 -22.10
CA VAL E 26 -47.57 26.82 -21.90
C VAL E 26 -47.73 26.08 -20.57
N PRO E 27 -48.90 26.10 -19.94
CA PRO E 27 -49.15 25.17 -18.84
C PRO E 27 -49.27 23.75 -19.37
N PRO E 28 -48.35 22.84 -19.02
CA PRO E 28 -48.46 21.48 -19.57
C PRO E 28 -49.54 20.68 -18.87
N HIS E 29 -50.41 20.08 -19.67
CA HIS E 29 -51.47 19.22 -19.14
C HIS E 29 -51.89 18.23 -20.20
N SER E 30 -51.99 16.96 -19.83
CA SER E 30 -52.51 15.93 -20.71
C SER E 30 -54.01 16.04 -20.83
N ILE E 31 -54.52 16.07 -22.06
CA ILE E 31 -55.95 16.16 -22.34
C ILE E 31 -56.47 14.94 -23.09
N GLU E 32 -55.69 14.42 -24.05
CA GLU E 32 -56.11 13.25 -24.80
C GLU E 32 -56.26 12.04 -23.89
N ALA E 33 -55.17 11.66 -23.22
CA ALA E 33 -55.24 10.57 -22.27
C ALA E 33 -56.18 10.89 -21.11
N GLU E 34 -56.38 12.18 -20.81
CA GLU E 34 -57.34 12.55 -19.78
C GLU E 34 -58.74 12.09 -20.16
N GLN E 35 -59.26 12.59 -21.28
CA GLN E 35 -60.55 12.13 -21.79
C GLN E 35 -60.59 10.63 -21.96
N SER E 36 -59.47 10.01 -22.33
CA SER E 36 -59.46 8.56 -22.49
C SER E 36 -59.66 7.85 -21.16
N VAL E 37 -59.01 8.35 -20.10
CA VAL E 37 -59.22 7.79 -18.76
C VAL E 37 -60.68 7.98 -18.35
N LEU E 38 -61.23 9.17 -18.61
CA LEU E 38 -62.61 9.45 -18.21
C LEU E 38 -63.59 8.51 -18.92
N GLY E 39 -63.42 8.34 -20.23
CA GLY E 39 -64.23 7.37 -20.95
C GLY E 39 -63.97 5.94 -20.53
N GLY E 40 -62.78 5.65 -20.02
CA GLY E 40 -62.51 4.34 -19.47
C GLY E 40 -63.32 4.09 -18.20
N LEU E 41 -63.34 5.08 -17.32
CA LEU E 41 -64.20 5.02 -16.14
C LEU E 41 -65.66 4.89 -16.54
N MET E 42 -66.06 5.54 -17.64
CA MET E 42 -67.42 5.36 -18.17
C MET E 42 -67.67 3.90 -18.52
N LEU E 43 -66.91 3.37 -19.47
CA LEU E 43 -67.17 2.02 -19.99
C LEU E 43 -66.70 0.92 -19.04
N ASP E 44 -66.21 1.25 -17.85
CA ASP E 44 -65.76 0.24 -16.89
C ASP E 44 -66.05 0.75 -15.49
N ASN E 45 -67.03 0.14 -14.82
CA ASN E 45 -67.29 0.44 -13.41
C ASN E 45 -66.25 -0.19 -12.48
N GLU E 46 -65.61 -1.27 -12.93
CA GLU E 46 -64.63 -1.95 -12.09
C GLU E 46 -63.41 -1.06 -11.82
N ARG E 47 -62.72 -0.65 -12.88
CA ARG E 47 -61.46 0.08 -12.74
C ARG E 47 -61.75 1.49 -12.25
N TRP E 48 -61.96 1.61 -10.94
CA TRP E 48 -62.05 2.90 -10.28
C TRP E 48 -61.14 2.97 -9.07
N ASP E 49 -60.82 1.82 -8.46
CA ASP E 49 -60.12 1.82 -7.19
C ASP E 49 -58.66 2.27 -7.35
N ASP E 50 -57.87 1.51 -8.10
CA ASP E 50 -56.45 1.81 -8.23
C ASP E 50 -56.23 3.12 -8.97
N VAL E 51 -57.07 3.41 -9.96
CA VAL E 51 -56.99 4.69 -10.66
C VAL E 51 -57.31 5.83 -9.69
N ALA E 52 -58.22 5.58 -8.73
CA ALA E 52 -58.53 6.60 -7.74
C ALA E 52 -57.39 6.78 -6.75
N GLU E 53 -56.60 5.73 -6.51
CA GLU E 53 -55.48 5.84 -5.60
C GLU E 53 -54.43 6.85 -6.08
N ARG E 54 -54.46 7.24 -7.35
CA ARG E 54 -53.47 8.14 -7.94
C ARG E 54 -54.07 9.45 -8.39
N VAL E 55 -55.14 9.42 -9.16
CA VAL E 55 -55.76 10.64 -9.69
C VAL E 55 -56.82 11.13 -8.71
N VAL E 56 -56.97 12.45 -8.65
CA VAL E 56 -57.84 13.14 -7.70
C VAL E 56 -58.51 14.27 -8.46
N ALA E 57 -59.61 14.79 -7.91
CA ALA E 57 -60.35 15.86 -8.56
C ALA E 57 -59.47 17.09 -8.78
N ASP E 58 -58.63 17.43 -7.80
CA ASP E 58 -57.69 18.54 -7.98
C ASP E 58 -56.54 18.20 -8.92
N ASP E 59 -56.43 16.96 -9.38
CA ASP E 59 -55.36 16.53 -10.26
C ASP E 59 -55.56 16.95 -11.72
N PHE E 60 -56.68 17.59 -12.06
CA PHE E 60 -57.01 17.91 -13.43
C PHE E 60 -56.75 19.38 -13.72
N TYR E 61 -56.93 19.76 -14.99
CA TYR E 61 -56.57 21.07 -15.50
C TYR E 61 -57.79 21.98 -15.64
N THR E 62 -58.78 21.56 -16.41
CA THR E 62 -59.97 22.34 -16.69
C THR E 62 -61.09 21.93 -15.73
N ARG E 63 -62.20 22.68 -15.80
CA ARG E 63 -63.27 22.48 -14.83
C ARG E 63 -64.19 21.31 -15.14
N PRO E 64 -64.73 21.15 -16.36
CA PRO E 64 -65.70 20.07 -16.59
C PRO E 64 -65.14 18.68 -16.31
N HIS E 65 -63.86 18.46 -16.57
CA HIS E 65 -63.22 17.21 -16.19
C HIS E 65 -63.26 17.02 -14.67
N ARG E 66 -63.01 18.09 -13.92
CA ARG E 66 -63.08 18.00 -12.46
C ARG E 66 -64.50 17.70 -12.00
N HIS E 67 -65.49 18.35 -12.61
CA HIS E 67 -66.89 18.07 -12.29
C HIS E 67 -67.22 16.60 -12.52
N ILE E 68 -66.87 16.07 -13.70
CA ILE E 68 -67.18 14.68 -14.02
C ILE E 68 -66.48 13.75 -13.04
N PHE E 69 -65.22 14.06 -12.69
CA PHE E 69 -64.49 13.18 -11.78
C PHE E 69 -65.12 13.17 -10.40
N THR E 70 -65.48 14.34 -9.86
CA THR E 70 -66.04 14.35 -8.51
C THR E 70 -67.42 13.71 -8.49
N GLU E 71 -68.21 13.88 -9.57
CA GLU E 71 -69.49 13.21 -9.65
C GLU E 71 -69.31 11.70 -9.66
N MET E 72 -68.40 11.21 -10.51
CA MET E 72 -68.20 9.77 -10.60
C MET E 72 -67.58 9.20 -9.33
N ALA E 73 -66.82 10.01 -8.61
CA ALA E 73 -66.28 9.55 -7.33
C ALA E 73 -67.39 9.38 -6.30
N ARG E 74 -68.22 10.42 -6.15
CA ARG E 74 -69.36 10.34 -5.25
C ARG E 74 -70.26 9.16 -5.60
N LEU E 75 -70.43 8.88 -6.89
CA LEU E 75 -71.35 7.83 -7.29
C LEU E 75 -70.73 6.45 -7.11
N GLN E 76 -69.47 6.26 -7.51
CA GLN E 76 -68.81 4.98 -7.29
C GLN E 76 -68.63 4.68 -5.82
N GLU E 77 -68.70 5.69 -4.95
CA GLU E 77 -68.90 5.41 -3.53
C GLU E 77 -70.19 4.64 -3.31
N SER E 78 -71.32 5.16 -3.83
CA SER E 78 -72.64 4.59 -3.61
C SER E 78 -73.29 4.09 -4.89
N GLY E 79 -73.42 4.95 -5.90
CA GLY E 79 -74.13 4.58 -7.12
C GLY E 79 -73.26 3.78 -8.06
N SER E 80 -73.46 2.45 -8.08
CA SER E 80 -72.56 1.58 -8.84
C SER E 80 -72.67 1.83 -10.34
N PRO E 81 -73.83 1.70 -10.99
CA PRO E 81 -73.85 1.86 -12.45
C PRO E 81 -73.66 3.31 -12.89
N ILE E 82 -72.48 3.61 -13.41
CA ILE E 82 -72.20 4.91 -14.05
C ILE E 82 -71.37 4.63 -15.31
N ASP E 83 -72.02 4.69 -16.48
CA ASP E 83 -71.27 4.71 -17.73
C ASP E 83 -71.66 5.89 -18.61
N LEU E 84 -72.95 6.07 -18.81
CA LEU E 84 -73.49 7.11 -19.68
C LEU E 84 -74.61 7.91 -19.06
N ILE E 85 -75.49 7.26 -18.28
CA ILE E 85 -76.77 7.82 -17.92
C ILE E 85 -76.81 8.28 -16.47
N THR E 86 -76.26 7.49 -15.55
CA THR E 86 -76.38 7.83 -14.14
C THR E 86 -75.56 9.07 -13.79
N LEU E 87 -74.45 9.30 -14.50
CA LEU E 87 -73.73 10.57 -14.38
C LEU E 87 -74.68 11.72 -14.68
N ALA E 88 -75.40 11.63 -15.80
CA ALA E 88 -76.37 12.67 -16.15
C ALA E 88 -77.48 12.76 -15.11
N GLU E 89 -77.90 11.62 -14.55
CA GLU E 89 -78.98 11.62 -13.58
C GLU E 89 -78.57 12.37 -12.32
N SER E 90 -77.37 12.10 -11.81
CA SER E 90 -76.90 12.82 -10.64
C SER E 90 -76.68 14.30 -10.95
N LEU E 91 -76.04 14.57 -12.08
CA LEU E 91 -75.85 15.94 -12.56
C LEU E 91 -77.17 16.70 -12.63
N GLU E 92 -78.27 15.98 -12.90
CA GLU E 92 -79.61 16.57 -12.85
C GLU E 92 -80.17 16.64 -11.44
N ARG E 93 -79.81 15.69 -10.58
CA ARG E 93 -80.25 15.74 -9.19
C ARG E 93 -79.77 17.02 -8.52
N GLN E 94 -78.51 17.39 -8.75
CA GLN E 94 -77.98 18.65 -8.26
C GLN E 94 -78.24 19.81 -9.21
N GLY E 95 -78.76 19.56 -10.40
CA GLY E 95 -79.22 20.62 -11.29
C GLY E 95 -78.08 21.44 -11.84
N GLN E 96 -77.28 20.81 -12.71
CA GLN E 96 -76.10 21.45 -13.29
C GLN E 96 -76.02 21.19 -14.79
N LEU E 97 -77.16 20.95 -15.45
CA LEU E 97 -77.16 20.65 -16.87
C LEU E 97 -76.62 21.82 -17.67
N ASP E 98 -75.84 21.50 -18.71
CA ASP E 98 -75.17 22.45 -19.59
C ASP E 98 -74.12 23.29 -18.88
N SER E 99 -73.74 22.93 -17.65
CA SER E 99 -72.69 23.62 -16.93
C SER E 99 -71.30 23.07 -17.23
N VAL E 100 -71.22 21.86 -17.75
CA VAL E 100 -69.96 21.16 -18.00
C VAL E 100 -69.88 20.79 -19.47
N GLY E 101 -70.50 21.60 -20.32
CA GLY E 101 -70.77 21.19 -21.68
C GLY E 101 -72.23 20.83 -21.85
N GLY E 102 -72.54 19.54 -21.78
CA GLY E 102 -73.89 19.06 -21.97
C GLY E 102 -73.85 17.60 -22.33
N PHE E 103 -75.04 17.00 -22.43
CA PHE E 103 -75.11 15.59 -22.81
C PHE E 103 -74.56 15.38 -24.21
N ALA E 104 -74.70 16.38 -25.09
CA ALA E 104 -74.05 16.32 -26.39
C ALA E 104 -72.54 16.37 -26.24
N TYR E 105 -72.04 17.20 -25.33
CA TYR E 105 -70.61 17.20 -25.03
C TYR E 105 -70.19 15.88 -24.39
N LEU E 106 -71.09 15.23 -23.65
CA LEU E 106 -70.74 13.99 -22.94
C LEU E 106 -70.67 12.80 -23.89
N ALA E 107 -71.57 12.74 -24.87
CA ALA E 107 -71.64 11.58 -25.76
C ALA E 107 -70.32 11.32 -26.46
N GLU E 108 -69.57 12.38 -26.77
CA GLU E 108 -68.27 12.22 -27.40
C GLU E 108 -67.28 11.48 -26.50
N LEU E 109 -67.45 11.58 -25.17
CA LEU E 109 -66.49 10.97 -24.26
C LEU E 109 -66.66 9.46 -24.23
N SER E 110 -67.89 8.98 -24.14
CA SER E 110 -68.13 7.54 -24.28
C SER E 110 -67.87 7.08 -25.70
N LYS E 111 -68.03 7.97 -26.68
CA LYS E 111 -67.72 7.63 -28.07
C LYS E 111 -66.25 7.29 -28.22
N ASN E 112 -65.37 8.18 -27.78
CA ASN E 112 -63.94 8.01 -27.97
C ASN E 112 -63.44 6.90 -27.05
N THR E 113 -62.11 6.71 -27.05
CA THR E 113 -61.34 5.79 -26.22
C THR E 113 -61.92 4.39 -26.12
N PRO E 114 -61.82 3.61 -27.21
CA PRO E 114 -62.03 2.15 -27.10
C PRO E 114 -60.80 1.40 -26.64
N SER E 115 -59.85 2.10 -26.03
CA SER E 115 -58.52 1.57 -25.73
C SER E 115 -58.60 0.31 -24.87
N ALA E 116 -57.47 -0.41 -24.87
CA ALA E 116 -57.31 -1.63 -24.08
C ALA E 116 -56.99 -1.27 -22.65
N ALA E 117 -56.51 -2.25 -21.87
CA ALA E 117 -56.30 -2.10 -20.44
C ALA E 117 -55.26 -1.07 -20.02
N ASN E 118 -54.56 -0.44 -20.96
CA ASN E 118 -53.49 0.51 -20.63
C ASN E 118 -54.10 1.85 -20.19
N ILE E 119 -54.54 1.88 -18.92
CA ILE E 119 -55.11 3.09 -18.32
C ILE E 119 -54.30 3.50 -17.09
N SER E 120 -53.68 2.54 -16.40
CA SER E 120 -52.95 2.86 -15.18
C SER E 120 -51.78 3.80 -15.47
N ALA E 121 -51.09 3.59 -16.58
CA ALA E 121 -49.98 4.46 -16.93
C ALA E 121 -50.48 5.86 -17.25
N TYR E 122 -51.61 5.97 -17.96
CA TYR E 122 -52.23 7.26 -18.20
C TYR E 122 -52.53 7.96 -16.88
N ALA E 123 -53.14 7.25 -15.93
CA ALA E 123 -53.47 7.85 -14.64
C ALA E 123 -52.23 8.36 -13.93
N ASP E 124 -51.17 7.55 -13.91
CA ASP E 124 -49.94 7.97 -13.24
C ASP E 124 -49.31 9.19 -13.90
N ILE E 125 -49.30 9.24 -15.24
CA ILE E 125 -48.65 10.39 -15.88
C ILE E 125 -49.49 11.64 -15.68
N VAL E 126 -50.82 11.51 -15.61
CA VAL E 126 -51.63 12.68 -15.33
C VAL E 126 -51.41 13.16 -13.90
N ARG E 127 -51.22 12.23 -12.96
CA ARG E 127 -50.81 12.61 -11.61
C ARG E 127 -49.51 13.40 -11.64
N GLU E 128 -48.53 12.90 -12.39
CA GLU E 128 -47.26 13.60 -12.56
C GLU E 128 -47.48 15.02 -13.10
N ARG E 129 -48.34 15.16 -14.11
CA ARG E 129 -48.58 16.47 -14.71
C ARG E 129 -49.22 17.41 -13.71
N ALA E 130 -50.08 16.88 -12.84
CA ALA E 130 -50.69 17.71 -11.80
C ALA E 130 -49.66 18.18 -10.81
N VAL E 131 -48.74 17.29 -10.43
CA VAL E 131 -47.67 17.67 -9.52
C VAL E 131 -46.83 18.79 -10.13
N VAL E 132 -46.52 18.67 -11.43
CA VAL E 132 -45.77 19.73 -12.12
C VAL E 132 -46.55 21.03 -12.11
N ARG E 133 -47.85 20.97 -12.38
CA ARG E 133 -48.65 22.20 -12.40
C ARG E 133 -48.63 22.88 -11.03
N GLU E 134 -48.77 22.09 -9.97
CA GLU E 134 -48.61 22.62 -8.62
C GLU E 134 -47.24 23.26 -8.45
N MET E 135 -46.20 22.64 -9.02
CA MET E 135 -44.85 23.16 -8.83
C MET E 135 -44.71 24.53 -9.45
N ILE E 136 -45.21 24.71 -10.67
CA ILE E 136 -45.04 26.02 -11.31
C ILE E 136 -45.93 27.06 -10.61
N SER E 137 -47.11 26.64 -10.15
CA SER E 137 -47.96 27.56 -9.39
C SER E 137 -47.21 28.07 -8.15
N VAL E 138 -46.59 27.15 -7.42
CA VAL E 138 -45.84 27.54 -6.23
C VAL E 138 -44.64 28.41 -6.61
N ALA E 139 -44.02 28.12 -7.75
CA ALA E 139 -42.89 28.93 -8.21
C ALA E 139 -43.32 30.38 -8.43
N ASN E 140 -44.48 30.58 -9.06
CA ASN E 140 -44.96 31.95 -9.26
C ASN E 140 -45.34 32.59 -7.94
N GLU E 141 -45.96 31.82 -7.03
CA GLU E 141 -46.27 32.36 -5.71
C GLU E 141 -45.02 32.86 -5.01
N ILE E 142 -43.93 32.10 -5.11
CA ILE E 142 -42.71 32.49 -4.43
C ILE E 142 -42.08 33.70 -5.11
N ALA E 143 -42.18 33.78 -6.45
CA ALA E 143 -41.72 34.97 -7.15
C ALA E 143 -42.45 36.20 -6.65
N GLU E 144 -43.77 36.10 -6.52
CA GLU E 144 -44.56 37.21 -6.02
C GLU E 144 -44.16 37.57 -4.60
N ALA E 145 -44.04 36.57 -3.73
CA ALA E 145 -43.65 36.80 -2.35
C ALA E 145 -42.30 37.50 -2.26
N GLY E 146 -41.39 37.18 -3.17
CA GLY E 146 -40.10 37.84 -3.17
C GLY E 146 -40.18 39.27 -3.66
N PHE E 147 -40.92 39.50 -4.75
CA PHE E 147 -41.09 40.87 -5.23
C PHE E 147 -41.93 41.69 -4.28
N ASP E 148 -42.90 41.06 -3.62
CA ASP E 148 -43.80 41.73 -2.68
C ASP E 148 -43.42 41.38 -1.25
N PRO E 149 -42.51 42.14 -0.63
CA PRO E 149 -42.28 41.92 0.80
C PRO E 149 -43.43 42.42 1.65
N GLN E 150 -43.92 43.62 1.36
CA GLN E 150 -44.91 44.30 2.20
C GLN E 150 -44.35 44.49 3.61
N GLY E 151 -43.18 45.14 3.68
CA GLY E 151 -42.54 45.45 4.94
C GLY E 151 -42.25 44.20 5.74
N ARG E 152 -41.31 43.40 5.25
CA ARG E 152 -41.22 42.01 5.66
C ARG E 152 -39.76 41.57 5.65
N THR E 153 -39.34 41.00 6.77
CA THR E 153 -37.99 40.44 6.87
C THR E 153 -37.91 39.18 6.02
N SER E 154 -36.73 38.94 5.46
CA SER E 154 -36.54 37.74 4.64
C SER E 154 -36.55 36.47 5.47
N GLU E 155 -36.48 36.56 6.80
CA GLU E 155 -36.66 35.37 7.64
C GLU E 155 -38.00 34.71 7.35
N ASP E 156 -39.09 35.49 7.50
CA ASP E 156 -40.45 35.01 7.26
C ASP E 156 -40.78 34.82 5.78
N LEU E 157 -39.80 34.97 4.89
CA LEU E 157 -39.96 34.79 3.46
C LEU E 157 -39.26 33.52 2.97
N LEU E 158 -38.00 33.34 3.35
CA LEU E 158 -37.34 32.07 3.12
C LEU E 158 -38.00 30.96 3.94
N ASP E 159 -38.49 31.29 5.15
CA ASP E 159 -39.22 30.30 5.93
C ASP E 159 -40.52 29.92 5.22
N LEU E 160 -41.20 30.91 4.65
CA LEU E 160 -42.40 30.65 3.87
C LEU E 160 -42.10 29.69 2.72
N ALA E 161 -41.05 30.00 1.95
CA ALA E 161 -40.71 29.18 0.79
C ALA E 161 -40.37 27.75 1.21
N GLU E 162 -39.54 27.61 2.24
CA GLU E 162 -39.08 26.29 2.65
C GLU E 162 -40.23 25.47 3.24
N SER E 163 -41.07 26.11 4.06
CA SER E 163 -42.25 25.42 4.58
C SER E 163 -43.18 24.99 3.46
N ARG E 164 -43.33 25.83 2.42
CA ARG E 164 -44.16 25.47 1.28
C ARG E 164 -43.60 24.24 0.57
N VAL E 165 -42.29 24.26 0.28
CA VAL E 165 -41.67 23.14 -0.42
C VAL E 165 -41.84 21.85 0.38
N PHE E 166 -41.67 21.94 1.70
CA PHE E 166 -41.80 20.73 2.50
C PHE E 166 -43.25 20.27 2.57
N LYS E 167 -44.20 21.21 2.60
CA LYS E 167 -45.61 20.80 2.58
C LYS E 167 -45.96 20.13 1.26
N ILE E 168 -45.29 20.52 0.18
CA ILE E 168 -45.47 19.84 -1.10
C ILE E 168 -44.94 18.41 -1.00
N ALA E 169 -43.64 18.28 -0.74
CA ALA E 169 -42.99 16.98 -0.80
C ALA E 169 -43.37 16.06 0.35
N GLU E 170 -44.00 16.57 1.40
CA GLU E 170 -44.33 15.75 2.56
C GLU E 170 -45.45 14.77 2.24
N SER E 171 -46.61 15.30 1.82
CA SER E 171 -47.77 14.45 1.57
C SER E 171 -47.47 13.48 0.44
N ARG E 172 -47.35 14.00 -0.78
CA ARG E 172 -46.69 13.30 -1.89
C ARG E 172 -47.41 12.05 -2.40
N ALA E 173 -48.47 11.60 -1.73
CA ALA E 173 -49.19 10.36 -2.08
C ALA E 173 -48.22 9.19 -2.27
N ASN E 174 -47.20 9.11 -1.43
CA ASN E 174 -46.13 8.12 -1.60
C ASN E 174 -45.56 7.76 -0.25
N LYS E 175 -45.52 6.45 0.04
CA LYS E 175 -45.21 5.97 1.39
C LYS E 175 -44.32 4.72 1.37
N ASP E 176 -43.62 4.45 0.26
CA ASP E 176 -42.85 3.22 0.10
C ASP E 176 -41.36 3.46 -0.04
N GLU E 177 -40.94 4.60 -0.57
CA GLU E 177 -39.52 4.96 -0.62
C GLU E 177 -39.21 5.78 0.63
N GLY E 178 -38.81 5.09 1.69
CA GLY E 178 -38.57 5.73 2.96
C GLY E 178 -38.82 4.78 4.11
N PRO E 179 -38.78 5.31 5.34
CA PRO E 179 -39.10 4.49 6.50
C PRO E 179 -40.59 4.22 6.59
N LYS E 180 -41.02 3.59 7.68
CA LYS E 180 -42.43 3.27 7.88
C LYS E 180 -42.78 3.43 9.35
N ASN E 181 -43.93 4.04 9.59
CA ASN E 181 -44.49 4.05 10.92
C ASN E 181 -44.72 2.60 11.38
N ILE E 182 -44.79 2.42 12.70
CA ILE E 182 -44.94 1.09 13.24
C ILE E 182 -46.30 0.50 12.88
N ALA E 183 -47.29 1.33 12.53
CA ALA E 183 -48.56 0.80 12.07
C ALA E 183 -48.37 -0.07 10.84
N ASP E 184 -47.61 0.44 9.86
CA ASP E 184 -47.34 -0.32 8.65
C ASP E 184 -46.47 -1.55 8.93
N VAL E 185 -45.54 -1.44 9.87
CA VAL E 185 -44.70 -2.59 10.21
C VAL E 185 -45.55 -3.70 10.80
N LEU E 186 -46.38 -3.35 11.78
CA LEU E 186 -47.18 -4.33 12.47
C LEU E 186 -48.27 -4.90 11.59
N ASP E 187 -48.69 -4.17 10.56
CA ASP E 187 -49.55 -4.75 9.53
C ASP E 187 -48.99 -6.08 9.04
N ALA E 188 -47.79 -6.05 8.45
CA ALA E 188 -47.18 -7.29 7.97
C ALA E 188 -46.85 -8.24 9.10
N THR E 189 -46.43 -7.71 10.26
CA THR E 189 -45.99 -8.58 11.34
C THR E 189 -47.13 -9.47 11.86
N VAL E 190 -48.33 -8.91 11.99
CA VAL E 190 -49.47 -9.67 12.49
C VAL E 190 -50.17 -10.40 11.35
N ALA E 191 -50.13 -9.82 10.16
CA ALA E 191 -50.61 -10.50 8.97
C ALA E 191 -49.88 -11.81 8.79
N ARG E 192 -48.59 -11.88 9.16
CA ARG E 192 -47.85 -13.14 9.22
C ARG E 192 -48.70 -14.16 9.92
N ILE E 193 -48.92 -13.89 11.21
CA ILE E 193 -49.27 -14.91 12.17
C ILE E 193 -50.68 -15.40 11.91
N GLU E 194 -51.53 -14.57 11.30
CA GLU E 194 -52.82 -15.09 10.83
C GLU E 194 -52.80 -15.54 9.37
N GLN E 195 -52.59 -14.60 8.46
CA GLN E 195 -53.01 -14.74 7.08
C GLN E 195 -51.98 -15.40 6.18
N LEU E 196 -50.75 -15.69 6.62
CA LEU E 196 -49.75 -16.10 5.63
C LEU E 196 -50.01 -17.55 5.22
N PHE E 197 -50.97 -17.70 4.32
CA PHE E 197 -51.12 -18.88 3.46
C PHE E 197 -50.82 -18.52 2.01
N GLN E 198 -50.08 -17.42 1.79
CA GLN E 198 -49.94 -16.76 0.51
C GLN E 198 -48.70 -17.24 -0.25
N GLN E 199 -48.17 -18.42 0.08
CA GLN E 199 -46.91 -18.86 -0.52
C GLN E 199 -46.94 -18.97 -2.04
N PRO E 200 -48.13 -19.07 -2.72
CA PRO E 200 -48.13 -18.83 -4.18
C PRO E 200 -48.10 -17.35 -4.55
N HIS E 201 -47.05 -16.65 -4.11
CA HIS E 201 -46.91 -15.22 -4.42
C HIS E 201 -46.38 -15.09 -5.83
N ASP E 202 -47.28 -15.30 -6.80
CA ASP E 202 -47.01 -15.03 -8.20
C ASP E 202 -47.40 -13.61 -8.61
N GLY E 203 -47.36 -12.67 -7.67
CA GLY E 203 -47.71 -11.30 -7.96
C GLY E 203 -46.73 -10.72 -8.96
N VAL E 204 -47.19 -10.58 -10.20
CA VAL E 204 -46.34 -10.20 -11.32
C VAL E 204 -47.15 -9.28 -12.22
N THR E 205 -46.49 -8.25 -12.74
CA THR E 205 -47.09 -7.36 -13.73
C THR E 205 -46.02 -7.06 -14.76
N GLY E 206 -46.17 -7.66 -15.94
CA GLY E 206 -45.21 -7.48 -17.02
C GLY E 206 -44.78 -8.77 -17.67
N VAL E 207 -43.56 -8.77 -18.19
CA VAL E 207 -43.01 -9.94 -18.86
C VAL E 207 -42.44 -10.86 -17.80
N ASN E 208 -42.91 -12.10 -17.79
CA ASN E 208 -42.35 -13.10 -16.88
C ASN E 208 -40.90 -13.38 -17.28
N THR E 209 -39.97 -13.08 -16.38
CA THR E 209 -38.57 -13.29 -16.67
C THR E 209 -38.22 -14.75 -16.88
N GLY E 210 -39.02 -15.67 -16.32
CA GLY E 210 -38.66 -17.07 -16.31
C GLY E 210 -37.87 -17.49 -15.09
N TYR E 211 -37.80 -16.64 -14.06
CA TYR E 211 -37.01 -16.91 -12.87
C TYR E 211 -37.84 -16.45 -11.67
N ASP E 212 -38.43 -17.42 -10.99
CA ASP E 212 -39.37 -17.13 -9.90
C ASP E 212 -38.68 -16.46 -8.72
N ASP E 213 -37.43 -16.82 -8.43
CA ASP E 213 -36.71 -16.14 -7.37
C ASP E 213 -36.39 -14.71 -7.75
N LEU E 214 -36.33 -14.39 -9.04
CA LEU E 214 -36.03 -13.06 -9.53
C LEU E 214 -37.28 -12.24 -9.79
N ASN E 215 -38.35 -12.89 -10.23
CA ASN E 215 -39.58 -12.20 -10.58
C ASN E 215 -40.20 -11.49 -9.39
N LYS E 216 -39.93 -12.00 -8.18
CA LYS E 216 -40.42 -11.35 -6.97
C LYS E 216 -39.89 -9.93 -6.87
N LYS E 217 -38.57 -9.78 -6.74
CA LYS E 217 -37.98 -8.50 -6.38
C LYS E 217 -38.14 -7.46 -7.47
N THR E 218 -38.42 -7.89 -8.70
CA THR E 218 -38.56 -6.99 -9.84
C THR E 218 -40.01 -6.78 -10.25
N ALA E 219 -40.91 -7.67 -9.87
CA ALA E 219 -42.31 -7.62 -10.30
C ALA E 219 -42.41 -7.77 -11.80
N GLY E 220 -41.51 -8.57 -12.38
CA GLY E 220 -41.46 -8.72 -13.81
C GLY E 220 -41.01 -7.42 -14.46
N LEU E 221 -40.85 -7.49 -15.77
CA LEU E 221 -40.44 -6.32 -16.53
C LEU E 221 -41.65 -5.43 -16.72
N GLN E 222 -41.69 -4.34 -15.98
CA GLN E 222 -42.76 -3.37 -16.16
C GLN E 222 -42.72 -2.88 -17.60
N PRO E 223 -43.82 -2.93 -18.34
CA PRO E 223 -43.70 -2.86 -19.79
C PRO E 223 -43.40 -1.49 -20.38
N SER E 224 -43.00 -0.51 -19.57
CA SER E 224 -42.72 0.82 -20.11
C SER E 224 -41.48 1.41 -19.46
N ASP E 225 -40.45 0.59 -19.30
CA ASP E 225 -39.23 0.98 -18.62
C ASP E 225 -38.02 0.65 -19.49
N LEU E 226 -36.84 0.90 -18.93
CA LEU E 226 -35.57 0.62 -19.57
C LEU E 226 -34.76 -0.28 -18.66
N ILE E 227 -34.43 -1.46 -19.14
CA ILE E 227 -33.63 -2.44 -18.41
C ILE E 227 -32.19 -2.26 -18.85
N ILE E 228 -31.28 -2.54 -17.92
CA ILE E 228 -29.84 -2.53 -18.20
C ILE E 228 -29.26 -3.76 -17.54
N VAL E 229 -28.71 -4.66 -18.36
CA VAL E 229 -28.03 -5.87 -17.92
C VAL E 229 -26.56 -5.70 -18.25
N ALA E 230 -25.69 -5.80 -17.24
CA ALA E 230 -24.30 -5.45 -17.45
C ALA E 230 -23.41 -6.23 -16.51
N ALA E 231 -22.25 -6.62 -17.01
CA ALA E 231 -21.20 -7.29 -16.23
C ALA E 231 -19.98 -7.40 -17.12
N ARG E 232 -18.96 -8.08 -16.61
CA ARG E 232 -17.74 -8.29 -17.37
C ARG E 232 -17.98 -9.31 -18.47
N PRO E 233 -17.06 -9.43 -19.42
CA PRO E 233 -17.39 -10.17 -20.65
C PRO E 233 -17.51 -11.66 -20.49
N SER E 234 -16.71 -12.29 -19.65
CA SER E 234 -16.75 -13.74 -19.53
C SER E 234 -17.79 -14.21 -18.54
N MET E 235 -18.80 -13.39 -18.28
CA MET E 235 -19.61 -13.49 -17.08
C MET E 235 -21.00 -14.06 -17.32
N GLY E 236 -21.51 -13.98 -18.55
CA GLY E 236 -22.74 -14.62 -18.90
C GLY E 236 -23.94 -13.73 -19.07
N LYS E 237 -23.75 -12.41 -19.27
CA LYS E 237 -24.90 -11.52 -19.35
C LYS E 237 -25.70 -11.77 -20.62
N THR E 238 -25.04 -11.92 -21.76
CA THR E 238 -25.75 -12.19 -23.00
C THR E 238 -26.53 -13.49 -22.89
N THR E 239 -26.00 -14.45 -22.16
CA THR E 239 -26.71 -15.70 -21.96
C THR E 239 -28.00 -15.45 -21.20
N PHE E 240 -27.95 -14.58 -20.20
CA PHE E 240 -29.15 -14.23 -19.44
C PHE E 240 -30.17 -13.50 -20.31
N ALA E 241 -29.72 -12.46 -20.99
CA ALA E 241 -30.62 -11.67 -21.83
C ALA E 241 -31.06 -12.40 -23.08
N MET E 242 -30.51 -13.58 -23.35
CA MET E 242 -31.11 -14.48 -24.31
C MET E 242 -32.09 -15.42 -23.64
N ASN E 243 -31.81 -15.84 -22.41
CA ASN E 243 -32.74 -16.68 -21.68
C ASN E 243 -34.07 -15.95 -21.47
N LEU E 244 -34.01 -14.64 -21.25
CA LEU E 244 -35.24 -13.89 -21.01
C LEU E 244 -36.13 -13.91 -22.25
N VAL E 245 -35.61 -13.42 -23.38
CA VAL E 245 -36.39 -13.45 -24.62
C VAL E 245 -36.77 -14.86 -24.99
N GLU E 246 -35.93 -15.84 -24.60
CA GLU E 246 -36.19 -17.23 -24.90
C GLU E 246 -37.44 -17.71 -24.20
N ASN E 247 -37.57 -17.38 -22.91
CA ASN E 247 -38.80 -17.70 -22.19
C ASN E 247 -39.97 -16.87 -22.68
N ALA E 248 -39.76 -15.57 -22.86
CA ALA E 248 -40.84 -14.66 -23.21
C ALA E 248 -41.46 -14.98 -24.56
N ALA E 249 -40.69 -15.56 -25.48
CA ALA E 249 -41.28 -16.00 -26.74
C ALA E 249 -42.30 -17.09 -26.49
N MET E 250 -42.03 -17.95 -25.50
CA MET E 250 -42.90 -19.08 -25.24
C MET E 250 -44.11 -18.69 -24.40
N LEU E 251 -43.89 -17.92 -23.34
CA LEU E 251 -44.99 -17.58 -22.44
C LEU E 251 -45.97 -16.62 -23.10
N GLN E 252 -45.51 -15.43 -23.44
CA GLN E 252 -46.33 -14.56 -24.29
C GLN E 252 -46.60 -15.24 -25.63
N ASP E 253 -47.69 -14.83 -26.25
CA ASP E 253 -47.92 -15.06 -27.67
C ASP E 253 -47.57 -13.84 -28.49
N LYS E 254 -46.63 -13.05 -28.00
CA LYS E 254 -46.30 -11.74 -28.49
C LYS E 254 -44.89 -11.72 -29.08
N PRO E 255 -44.63 -10.95 -30.15
CA PRO E 255 -43.28 -10.92 -30.71
C PRO E 255 -42.28 -10.24 -29.78
N VAL E 256 -41.00 -10.51 -30.06
CA VAL E 256 -39.88 -9.96 -29.31
C VAL E 256 -38.74 -9.74 -30.28
N LEU E 257 -37.98 -8.67 -30.05
CA LEU E 257 -36.92 -8.26 -30.97
C LEU E 257 -35.55 -8.46 -30.36
N ILE E 258 -34.58 -8.69 -31.23
CA ILE E 258 -33.21 -8.97 -30.85
C ILE E 258 -32.30 -8.17 -31.78
N PHE E 259 -31.72 -7.10 -31.27
CA PHE E 259 -30.71 -6.32 -31.99
C PHE E 259 -29.35 -6.76 -31.47
N SER E 260 -28.73 -7.68 -32.21
CA SER E 260 -27.45 -8.26 -31.83
C SER E 260 -26.36 -7.51 -32.59
N LEU E 261 -25.80 -6.51 -31.95
CA LEU E 261 -24.77 -5.69 -32.56
C LEU E 261 -23.37 -6.26 -32.39
N GLU E 262 -23.25 -7.40 -31.71
CA GLU E 262 -21.96 -8.01 -31.46
C GLU E 262 -21.70 -9.18 -32.39
N MET E 263 -22.57 -10.19 -32.37
CA MET E 263 -22.38 -11.40 -33.13
C MET E 263 -23.68 -11.82 -33.80
N PRO E 264 -23.58 -12.53 -34.92
CA PRO E 264 -24.75 -12.74 -35.78
C PRO E 264 -25.68 -13.81 -35.24
N SER E 265 -26.76 -14.03 -36.00
CA SER E 265 -27.86 -14.86 -35.58
C SER E 265 -27.46 -16.33 -35.44
N GLU E 266 -26.53 -16.78 -36.28
CA GLU E 266 -26.25 -18.20 -36.38
C GLU E 266 -25.63 -18.76 -35.12
N GLN E 267 -25.05 -17.91 -34.29
CA GLN E 267 -24.50 -18.32 -33.00
C GLN E 267 -25.50 -18.10 -31.88
N ILE E 268 -26.26 -17.03 -31.97
CA ILE E 268 -27.32 -16.75 -31.01
C ILE E 268 -28.29 -17.92 -30.96
N MET E 269 -28.74 -18.38 -32.12
CA MET E 269 -29.75 -19.42 -32.14
C MET E 269 -29.17 -20.75 -31.74
N MET E 270 -27.94 -21.04 -32.19
CA MET E 270 -27.27 -22.26 -31.76
C MET E 270 -27.06 -22.28 -30.26
N ARG E 271 -26.93 -21.10 -29.64
CA ARG E 271 -26.92 -21.03 -28.19
C ARG E 271 -28.30 -21.31 -27.61
N SER E 272 -29.32 -20.71 -28.19
CA SER E 272 -30.66 -20.77 -27.60
C SER E 272 -31.20 -22.18 -27.62
N LEU E 273 -31.00 -22.89 -28.74
CA LEU E 273 -31.43 -24.27 -28.84
C LEU E 273 -30.83 -25.12 -27.74
N ALA E 274 -29.59 -24.83 -27.40
CA ALA E 274 -28.89 -25.56 -26.36
C ALA E 274 -29.37 -25.15 -24.98
N SER E 275 -29.74 -23.88 -24.82
CA SER E 275 -30.31 -23.44 -23.57
C SER E 275 -31.60 -24.18 -23.29
N LEU E 276 -32.43 -24.35 -24.31
CA LEU E 276 -33.72 -24.97 -24.12
C LEU E 276 -33.56 -26.48 -23.94
N SER E 277 -33.00 -27.13 -24.96
CA SER E 277 -32.95 -28.57 -25.02
C SER E 277 -32.06 -29.21 -23.96
N ARG E 278 -31.20 -28.45 -23.31
CA ARG E 278 -30.26 -28.98 -22.32
C ARG E 278 -29.27 -29.96 -22.95
N VAL E 279 -28.62 -29.50 -24.01
CA VAL E 279 -27.40 -30.10 -24.52
C VAL E 279 -26.41 -28.97 -24.79
N ASP E 280 -25.21 -29.35 -25.18
CA ASP E 280 -24.11 -28.40 -25.27
C ASP E 280 -23.92 -27.94 -26.70
N GLN E 281 -23.46 -26.70 -26.85
CA GLN E 281 -23.19 -26.15 -28.17
C GLN E 281 -22.20 -27.02 -28.94
N THR E 282 -21.27 -27.65 -28.22
CA THR E 282 -20.18 -28.36 -28.86
C THR E 282 -20.71 -29.51 -29.70
N LYS E 283 -21.53 -30.38 -29.10
CA LYS E 283 -22.11 -31.48 -29.84
C LYS E 283 -22.97 -30.99 -30.98
N ILE E 284 -23.54 -29.79 -30.87
CA ILE E 284 -24.37 -29.27 -31.94
C ILE E 284 -23.51 -28.90 -33.13
N ARG E 285 -22.44 -28.15 -32.89
CA ARG E 285 -21.56 -27.71 -33.97
C ARG E 285 -20.56 -28.78 -34.36
N THR E 286 -20.68 -30.01 -33.85
CA THR E 286 -19.71 -31.08 -34.07
C THR E 286 -20.35 -32.36 -34.62
N GLY E 287 -21.50 -32.75 -34.09
CA GLY E 287 -22.20 -33.92 -34.57
C GLY E 287 -22.03 -35.18 -33.76
N GLN E 288 -21.63 -35.09 -32.50
CA GLN E 288 -21.41 -36.25 -31.64
C GLN E 288 -22.65 -36.63 -30.83
N LEU E 289 -23.83 -36.35 -31.35
CA LEU E 289 -25.06 -36.33 -30.57
C LEU E 289 -26.03 -37.38 -31.10
N ASP E 290 -26.59 -38.17 -30.18
CA ASP E 290 -27.39 -39.35 -30.49
C ASP E 290 -28.89 -39.01 -30.41
N ASP E 291 -29.72 -40.07 -30.46
CA ASP E 291 -31.17 -39.91 -30.34
C ASP E 291 -31.56 -39.07 -29.13
N GLU E 292 -30.92 -39.32 -27.99
CA GLU E 292 -31.33 -38.73 -26.73
C GLU E 292 -31.14 -37.22 -26.70
N ASP E 293 -30.40 -36.66 -27.64
CA ASP E 293 -30.33 -35.23 -27.88
C ASP E 293 -31.14 -34.81 -29.09
N TRP E 294 -31.18 -35.66 -30.12
CA TRP E 294 -31.95 -35.39 -31.33
C TRP E 294 -33.40 -35.11 -31.01
N ALA E 295 -33.99 -35.87 -30.10
CA ALA E 295 -35.39 -35.70 -29.77
C ALA E 295 -35.63 -34.34 -29.12
N ARG E 296 -34.80 -34.00 -28.15
CA ARG E 296 -35.00 -32.77 -27.41
C ARG E 296 -34.68 -31.56 -28.25
N ILE E 297 -33.87 -31.70 -29.29
CA ILE E 297 -33.70 -30.59 -30.23
C ILE E 297 -34.93 -30.46 -31.10
N SER E 298 -35.43 -31.59 -31.63
CA SER E 298 -36.57 -31.53 -32.53
C SER E 298 -37.78 -30.92 -31.85
N GLY E 299 -38.00 -31.28 -30.58
CA GLY E 299 -39.15 -30.76 -29.87
C GLY E 299 -39.12 -29.25 -29.71
N THR E 300 -38.02 -28.74 -29.17
CA THR E 300 -37.92 -27.31 -28.95
C THR E 300 -37.89 -26.55 -30.27
N MET E 301 -37.30 -27.14 -31.31
CA MET E 301 -37.36 -26.53 -32.63
C MET E 301 -38.81 -26.37 -33.07
N GLY E 302 -39.57 -27.47 -33.02
CA GLY E 302 -40.97 -27.41 -33.37
C GLY E 302 -41.73 -26.36 -32.59
N ILE E 303 -41.42 -26.24 -31.30
CA ILE E 303 -42.08 -25.21 -30.50
C ILE E 303 -41.72 -23.82 -31.02
N LEU E 304 -40.44 -23.59 -31.33
CA LEU E 304 -40.02 -22.26 -31.75
C LEU E 304 -40.50 -21.91 -33.15
N LEU E 305 -40.94 -22.88 -33.94
CA LEU E 305 -41.53 -22.56 -35.23
C LEU E 305 -43.01 -22.24 -35.13
N GLU E 306 -43.72 -22.87 -34.19
CA GLU E 306 -45.18 -22.78 -34.13
C GLU E 306 -45.70 -21.48 -33.53
N LYS E 307 -44.84 -20.49 -33.31
CA LYS E 307 -45.22 -19.19 -32.78
C LYS E 307 -44.69 -18.03 -33.61
N ARG E 308 -43.48 -18.15 -34.15
CA ARG E 308 -42.90 -17.14 -35.03
C ARG E 308 -42.75 -15.79 -34.35
N ASN E 309 -42.46 -15.79 -33.06
CA ASN E 309 -42.36 -14.52 -32.33
C ASN E 309 -41.07 -13.79 -32.69
N ILE E 310 -39.94 -14.44 -32.48
CA ILE E 310 -38.67 -13.76 -32.30
C ILE E 310 -38.15 -13.27 -33.64
N TYR E 311 -37.61 -12.04 -33.64
CA TYR E 311 -36.97 -11.45 -34.80
C TYR E 311 -35.61 -10.92 -34.39
N ILE E 312 -34.61 -11.15 -35.24
CA ILE E 312 -33.21 -10.92 -34.93
C ILE E 312 -32.61 -10.01 -35.97
N ASP E 313 -31.72 -9.12 -35.54
CA ASP E 313 -31.06 -8.14 -36.41
C ASP E 313 -29.56 -8.17 -36.14
N ASP E 314 -28.81 -8.79 -37.04
CA ASP E 314 -27.35 -8.90 -36.90
C ASP E 314 -26.65 -7.70 -37.52
N SER E 315 -27.02 -6.52 -37.07
CA SER E 315 -26.40 -5.30 -37.54
C SER E 315 -25.05 -5.08 -36.86
N SER E 316 -24.41 -3.98 -37.23
CA SER E 316 -23.15 -3.56 -36.62
C SER E 316 -23.24 -2.18 -35.99
N GLY E 317 -23.71 -1.19 -36.74
CA GLY E 317 -23.57 0.21 -36.39
C GLY E 317 -24.86 0.97 -36.34
N LEU E 318 -25.88 0.38 -35.74
CA LEU E 318 -27.20 0.99 -35.74
C LEU E 318 -27.18 2.34 -35.05
N THR E 319 -28.09 3.19 -35.47
CA THR E 319 -28.43 4.43 -34.81
C THR E 319 -29.75 4.29 -34.08
N PRO E 320 -30.00 5.11 -33.05
CA PRO E 320 -31.31 5.02 -32.36
C PRO E 320 -32.49 5.26 -33.28
N THR E 321 -32.32 6.10 -34.30
CA THR E 321 -33.37 6.26 -35.31
C THR E 321 -33.70 4.93 -35.96
N GLU E 322 -32.69 4.10 -36.23
CA GLU E 322 -32.94 2.82 -36.85
C GLU E 322 -33.52 1.83 -35.86
N VAL E 323 -33.17 1.98 -34.58
CA VAL E 323 -33.83 1.20 -33.53
C VAL E 323 -35.32 1.49 -33.54
N ARG E 324 -35.67 2.77 -33.54
CA ARG E 324 -37.08 3.16 -33.56
C ARG E 324 -37.79 2.63 -34.80
N SER E 325 -37.17 2.86 -35.97
CA SER E 325 -37.77 2.42 -37.22
C SER E 325 -38.00 0.91 -37.24
N ARG E 326 -37.02 0.14 -36.76
CA ARG E 326 -37.10 -1.31 -36.86
C ARG E 326 -37.85 -1.95 -35.70
N ALA E 327 -38.18 -1.18 -34.67
CA ALA E 327 -39.18 -1.65 -33.72
C ALA E 327 -40.58 -1.36 -34.22
N ARG E 328 -40.75 -0.25 -34.95
CA ARG E 328 -42.07 0.15 -35.38
C ARG E 328 -42.49 -0.47 -36.71
N ARG E 329 -41.55 -0.94 -37.53
CA ARG E 329 -41.93 -1.75 -38.69
C ARG E 329 -42.68 -3.01 -38.26
N ILE E 330 -42.42 -3.49 -37.05
CA ILE E 330 -42.98 -4.73 -36.55
C ILE E 330 -44.08 -4.49 -35.53
N ALA E 331 -44.03 -3.38 -34.80
CA ALA E 331 -45.06 -3.11 -33.80
C ALA E 331 -46.43 -2.96 -34.45
N ARG E 332 -46.47 -2.52 -35.71
CA ARG E 332 -47.76 -2.34 -36.38
C ARG E 332 -48.28 -3.65 -36.95
N GLU E 333 -47.39 -4.51 -37.45
CA GLU E 333 -47.85 -5.69 -38.19
C GLU E 333 -48.41 -6.75 -37.26
N HIS E 334 -47.77 -6.96 -36.12
CA HIS E 334 -47.97 -8.16 -35.31
C HIS E 334 -48.60 -7.83 -33.98
N GLY E 335 -49.63 -6.99 -33.99
CA GLY E 335 -50.27 -6.59 -32.76
C GLY E 335 -49.46 -5.50 -32.12
N GLY E 336 -48.69 -5.87 -31.11
CA GLY E 336 -47.73 -4.98 -30.51
C GLY E 336 -46.61 -5.77 -29.88
N ILE E 337 -45.36 -5.42 -30.19
CA ILE E 337 -44.24 -6.23 -29.76
C ILE E 337 -44.16 -6.24 -28.25
N GLY E 338 -43.41 -7.21 -27.72
CA GLY E 338 -43.39 -7.49 -26.30
C GLY E 338 -42.07 -7.19 -25.62
N LEU E 339 -40.97 -7.16 -26.37
CA LEU E 339 -39.66 -7.03 -25.75
C LEU E 339 -38.62 -6.65 -26.80
N ILE E 340 -37.72 -5.75 -26.41
CA ILE E 340 -36.62 -5.31 -27.25
C ILE E 340 -35.32 -5.68 -26.54
N MET E 341 -34.37 -6.21 -27.30
CA MET E 341 -33.09 -6.66 -26.75
C MET E 341 -31.96 -6.13 -27.60
N ILE E 342 -31.21 -5.19 -27.06
CA ILE E 342 -30.01 -4.65 -27.69
C ILE E 342 -28.81 -5.28 -27.03
N ASP E 343 -27.76 -5.51 -27.82
CA ASP E 343 -26.60 -6.28 -27.42
C ASP E 343 -25.38 -5.38 -27.47
N TYR E 344 -24.78 -5.15 -26.30
CA TYR E 344 -23.56 -4.36 -26.19
C TYR E 344 -23.78 -2.97 -26.80
N LEU E 345 -24.67 -2.26 -26.11
CA LEU E 345 -25.19 -0.95 -26.50
C LEU E 345 -24.18 -0.04 -27.17
N GLN E 346 -23.01 0.09 -26.55
CA GLN E 346 -22.06 1.15 -26.87
C GLN E 346 -21.67 1.19 -28.34
N LEU E 347 -21.84 0.10 -29.07
CA LEU E 347 -21.57 0.13 -30.51
C LEU E 347 -22.51 1.06 -31.24
N MET E 348 -23.68 1.33 -30.68
CA MET E 348 -24.63 2.23 -31.33
C MET E 348 -23.97 3.59 -31.54
N ARG E 349 -24.02 4.04 -32.78
CA ARG E 349 -23.43 5.29 -33.20
C ARG E 349 -24.52 6.30 -33.53
N VAL E 350 -24.10 7.56 -33.64
CA VAL E 350 -24.87 8.56 -34.37
C VAL E 350 -23.81 9.46 -35.00
N PRO E 351 -23.70 9.52 -36.34
CA PRO E 351 -22.58 10.28 -36.93
C PRO E 351 -22.59 11.77 -36.63
N ALA E 352 -23.67 12.31 -36.07
CA ALA E 352 -23.64 13.68 -35.57
C ALA E 352 -22.60 13.83 -34.46
N LEU E 353 -22.76 13.06 -33.39
CA LEU E 353 -21.82 13.07 -32.26
C LEU E 353 -20.75 11.98 -32.42
N SER E 354 -20.11 11.96 -33.58
CA SER E 354 -19.05 11.01 -33.82
C SER E 354 -17.74 11.39 -33.14
N ASP E 355 -17.64 12.60 -32.60
CA ASP E 355 -16.46 13.07 -31.88
C ASP E 355 -16.62 12.92 -30.37
N ASN E 356 -17.69 13.50 -29.81
CA ASN E 356 -17.88 13.51 -28.38
C ASN E 356 -18.58 12.22 -27.97
N ARG E 357 -17.88 11.40 -27.19
CA ARG E 357 -18.39 10.09 -26.82
C ARG E 357 -19.46 10.20 -25.74
N THR E 358 -19.27 11.09 -24.77
CA THR E 358 -20.18 11.17 -23.63
C THR E 358 -21.59 11.53 -24.07
N LEU E 359 -21.72 12.62 -24.82
CA LEU E 359 -23.04 13.06 -25.22
C LEU E 359 -23.64 12.12 -26.25
N GLU E 360 -22.80 11.42 -27.00
CA GLU E 360 -23.28 10.37 -27.88
C GLU E 360 -23.98 9.28 -27.09
N ILE E 361 -23.34 8.79 -26.03
CA ILE E 361 -23.95 7.74 -25.22
C ILE E 361 -25.21 8.24 -24.56
N ALA E 362 -25.18 9.47 -24.05
CA ALA E 362 -26.36 10.02 -23.37
C ALA E 362 -27.52 10.17 -24.35
N GLU E 363 -27.22 10.62 -25.57
CA GLU E 363 -28.21 10.68 -26.64
C GLU E 363 -28.83 9.31 -26.88
N ILE E 364 -28.00 8.28 -27.01
CA ILE E 364 -28.53 6.96 -27.32
C ILE E 364 -29.39 6.44 -26.18
N SER E 365 -28.98 6.71 -24.95
CA SER E 365 -29.75 6.28 -23.79
C SER E 365 -31.11 6.94 -23.76
N ARG E 366 -31.14 8.27 -23.91
CA ARG E 366 -32.39 8.98 -23.95
C ARG E 366 -33.27 8.48 -25.09
N SER E 367 -32.67 8.14 -26.22
CA SER E 367 -33.46 7.68 -27.36
C SER E 367 -34.11 6.33 -27.08
N LEU E 368 -33.35 5.41 -26.49
CA LEU E 368 -33.93 4.13 -26.14
C LEU E 368 -35.01 4.27 -25.08
N LYS E 369 -34.82 5.16 -24.12
CA LYS E 369 -35.86 5.39 -23.12
C LYS E 369 -37.10 5.97 -23.77
N ALA E 370 -36.91 6.87 -24.73
CA ALA E 370 -38.03 7.43 -25.49
C ALA E 370 -38.77 6.34 -26.24
N LEU E 371 -38.04 5.38 -26.81
CA LEU E 371 -38.69 4.28 -27.51
C LEU E 371 -39.49 3.42 -26.54
N ALA E 372 -38.92 3.17 -25.35
CA ALA E 372 -39.63 2.40 -24.33
C ALA E 372 -40.93 3.09 -23.95
N LYS E 373 -40.91 4.41 -23.85
CA LYS E 373 -42.14 5.15 -23.62
C LYS E 373 -43.08 5.00 -24.80
N GLU E 374 -42.55 5.09 -26.02
CA GLU E 374 -43.37 5.13 -27.21
C GLU E 374 -44.16 3.85 -27.38
N LEU E 375 -43.48 2.74 -27.59
CA LEU E 375 -44.17 1.51 -27.89
C LEU E 375 -44.82 0.87 -26.67
N ASN E 376 -44.62 1.41 -25.47
CA ASN E 376 -45.01 0.77 -24.23
C ASN E 376 -44.50 -0.67 -24.19
N VAL E 377 -43.18 -0.80 -24.29
CA VAL E 377 -42.53 -2.10 -24.20
C VAL E 377 -41.25 -1.96 -23.41
N PRO E 378 -40.75 -3.06 -22.84
CA PRO E 378 -39.49 -3.02 -22.10
C PRO E 378 -38.27 -3.17 -23.00
N VAL E 379 -37.25 -2.39 -22.67
CA VAL E 379 -36.02 -2.33 -23.44
C VAL E 379 -34.92 -3.01 -22.63
N VAL E 380 -34.48 -4.17 -23.10
CA VAL E 380 -33.24 -4.77 -22.63
C VAL E 380 -32.10 -4.17 -23.43
N ALA E 381 -31.11 -3.63 -22.74
CA ALA E 381 -30.03 -2.91 -23.41
C ALA E 381 -28.80 -3.02 -22.53
N LEU E 382 -27.82 -3.79 -23.00
CA LEU E 382 -26.70 -4.17 -22.18
C LEU E 382 -25.68 -3.04 -22.10
N SER E 383 -24.69 -3.25 -21.25
CA SER E 383 -23.54 -2.36 -21.20
C SER E 383 -22.39 -3.10 -20.53
N GLN E 384 -21.26 -2.42 -20.47
CA GLN E 384 -20.03 -2.96 -19.90
C GLN E 384 -19.68 -2.24 -18.61
N LEU E 385 -18.66 -2.77 -17.97
CA LEU E 385 -18.12 -2.25 -16.73
C LEU E 385 -16.66 -1.91 -16.94
N ASN E 386 -16.29 -0.68 -16.64
CA ASN E 386 -14.90 -0.31 -16.73
C ASN E 386 -14.08 -1.09 -15.72
N ARG E 387 -12.77 -0.96 -15.84
CA ARG E 387 -11.84 -1.73 -15.01
C ARG E 387 -11.48 -0.96 -13.75
N SER E 388 -12.51 -0.56 -13.03
CA SER E 388 -12.37 0.12 -11.76
C SER E 388 -12.64 -0.80 -10.59
N LEU E 389 -13.35 -1.90 -10.81
CA LEU E 389 -13.56 -2.93 -9.80
C LEU E 389 -12.36 -3.85 -9.66
N GLU E 390 -11.54 -3.96 -10.68
CA GLU E 390 -10.43 -4.91 -10.66
C GLU E 390 -9.21 -4.37 -9.95
N GLN E 391 -9.23 -3.08 -9.59
CA GLN E 391 -8.33 -2.52 -8.58
C GLN E 391 -8.99 -2.52 -7.21
N ARG E 392 -9.82 -3.52 -6.94
CA ARG E 392 -10.62 -3.61 -5.74
C ARG E 392 -10.94 -5.08 -5.52
N ALA E 393 -10.85 -5.51 -4.26
CA ALA E 393 -11.02 -6.93 -3.95
C ALA E 393 -12.48 -7.35 -3.87
N ASP E 394 -13.39 -6.38 -3.70
CA ASP E 394 -14.81 -6.69 -3.68
C ASP E 394 -15.24 -7.33 -5.00
N LYS E 395 -15.07 -6.60 -6.09
CA LYS E 395 -15.41 -7.04 -7.45
C LYS E 395 -16.90 -7.28 -7.63
N ARG E 396 -17.73 -6.80 -6.71
CA ARG E 396 -19.17 -6.91 -6.79
C ARG E 396 -19.69 -5.54 -7.19
N PRO E 397 -20.03 -5.32 -8.48
CA PRO E 397 -20.07 -3.95 -9.00
C PRO E 397 -21.17 -3.10 -8.38
N VAL E 398 -21.12 -1.82 -8.73
CA VAL E 398 -21.98 -0.79 -8.18
C VAL E 398 -22.50 0.07 -9.33
N ASN E 399 -23.26 1.10 -8.97
CA ASN E 399 -23.94 1.91 -9.97
C ASN E 399 -22.96 2.73 -10.81
N SER E 400 -21.82 3.13 -10.24
CA SER E 400 -20.91 4.01 -10.96
C SER E 400 -20.07 3.26 -11.97
N ASP E 401 -19.78 1.99 -11.72
CA ASP E 401 -18.93 1.20 -12.60
C ASP E 401 -19.75 0.84 -13.83
N LEU E 402 -19.86 1.82 -14.73
CA LEU E 402 -20.82 1.76 -15.82
C LEU E 402 -20.28 2.32 -17.12
N ARG E 403 -18.98 2.56 -17.22
CA ARG E 403 -18.20 2.56 -18.44
C ARG E 403 -18.36 3.81 -19.31
N GLU E 404 -19.36 4.66 -19.07
CA GLU E 404 -19.48 5.91 -19.82
C GLU E 404 -20.45 6.86 -19.12
N SER E 405 -20.04 8.12 -19.04
CA SER E 405 -20.94 9.28 -19.01
C SER E 405 -21.72 9.48 -17.71
N GLY E 406 -21.73 8.50 -16.82
CA GLY E 406 -22.58 8.54 -15.63
C GLY E 406 -24.03 8.92 -15.90
N SER E 407 -24.50 8.65 -17.12
CA SER E 407 -25.76 9.15 -17.64
C SER E 407 -26.84 8.09 -17.63
N ILE E 408 -26.47 6.86 -17.99
CA ILE E 408 -27.43 5.75 -18.07
C ILE E 408 -27.75 5.16 -16.72
N GLU E 409 -27.24 5.73 -15.64
CA GLU E 409 -27.75 5.47 -14.29
C GLU E 409 -28.86 6.44 -13.90
N GLN E 410 -29.39 7.20 -14.85
CA GLN E 410 -30.45 8.17 -14.64
C GLN E 410 -31.62 7.95 -15.59
N ASP E 411 -31.33 7.54 -16.83
CA ASP E 411 -32.34 7.37 -17.86
C ASP E 411 -32.96 5.98 -17.85
N ALA E 412 -32.79 5.22 -16.76
CA ALA E 412 -33.28 3.85 -16.69
C ALA E 412 -33.97 3.63 -15.38
N ASP E 413 -35.15 3.02 -15.42
CA ASP E 413 -35.85 2.63 -14.21
C ASP E 413 -35.28 1.36 -13.58
N LEU E 414 -34.36 0.67 -14.25
CA LEU E 414 -33.80 -0.57 -13.73
C LEU E 414 -32.36 -0.73 -14.16
N ILE E 415 -31.52 -1.18 -13.23
CA ILE E 415 -30.20 -1.72 -13.53
C ILE E 415 -30.04 -2.98 -12.71
N MET E 416 -29.38 -3.99 -13.30
CA MET E 416 -28.97 -5.13 -12.50
C MET E 416 -27.71 -5.76 -13.06
N PHE E 417 -26.76 -5.99 -12.17
CA PHE E 417 -25.43 -6.51 -12.49
C PHE E 417 -25.31 -7.96 -12.09
N ILE E 418 -24.22 -8.59 -12.54
CA ILE E 418 -23.97 -10.02 -12.39
C ILE E 418 -22.62 -10.19 -11.71
N TYR E 419 -22.42 -11.35 -11.07
CA TYR E 419 -21.13 -11.68 -10.50
C TYR E 419 -21.05 -13.19 -10.31
N ARG E 420 -20.24 -13.84 -11.15
CA ARG E 420 -19.89 -15.24 -10.98
C ARG E 420 -18.46 -15.30 -10.46
N ASP E 421 -18.30 -15.64 -9.19
CA ASP E 421 -17.00 -15.58 -8.56
C ASP E 421 -16.01 -16.58 -9.14
N GLU E 422 -16.48 -17.69 -9.69
CA GLU E 422 -15.54 -18.75 -10.06
C GLU E 422 -14.82 -18.49 -11.37
N VAL E 423 -15.06 -17.35 -12.02
CA VAL E 423 -14.15 -16.89 -13.05
C VAL E 423 -12.85 -16.42 -12.42
N TYR E 424 -12.97 -15.76 -11.26
CA TYR E 424 -11.86 -15.12 -10.58
C TYR E 424 -11.14 -16.08 -9.65
N HIS E 425 -11.85 -16.63 -8.67
CA HIS E 425 -11.29 -17.56 -7.71
C HIS E 425 -11.53 -18.99 -8.19
N GLU E 426 -10.45 -19.72 -8.41
CA GLU E 426 -10.55 -21.14 -8.76
C GLU E 426 -10.87 -22.03 -7.56
N ASN E 427 -10.55 -21.59 -6.35
CA ASN E 427 -10.73 -22.42 -5.17
C ASN E 427 -12.16 -22.44 -4.65
N SER E 428 -13.07 -21.73 -5.30
CA SER E 428 -14.28 -21.26 -4.65
C SER E 428 -15.21 -22.40 -4.28
N ASP E 429 -16.03 -22.14 -3.28
CA ASP E 429 -17.23 -22.91 -2.97
C ASP E 429 -18.49 -22.11 -3.27
N LEU E 430 -18.38 -21.16 -4.19
CA LEU E 430 -19.51 -20.40 -4.73
C LEU E 430 -19.60 -20.63 -6.23
N LYS E 431 -19.09 -21.77 -6.71
CA LYS E 431 -19.03 -22.02 -8.13
C LYS E 431 -20.31 -22.66 -8.60
N GLY E 432 -20.54 -22.54 -9.91
CA GLY E 432 -21.83 -22.83 -10.46
C GLY E 432 -22.90 -21.81 -10.14
N ILE E 433 -22.53 -20.70 -9.49
CA ILE E 433 -23.49 -19.77 -8.88
C ILE E 433 -23.17 -18.36 -9.31
N ALA E 434 -24.23 -17.56 -9.46
CA ALA E 434 -24.12 -16.26 -10.09
C ALA E 434 -25.24 -15.37 -9.58
N GLU E 435 -24.91 -14.46 -8.68
CA GLU E 435 -25.90 -13.53 -8.17
C GLU E 435 -26.18 -12.41 -9.16
N ILE E 436 -27.46 -12.08 -9.28
CA ILE E 436 -27.92 -10.95 -10.09
C ILE E 436 -28.16 -9.82 -9.12
N ILE E 437 -27.15 -8.98 -8.91
CA ILE E 437 -27.36 -7.78 -8.12
C ILE E 437 -28.26 -6.85 -8.91
N ILE E 438 -29.28 -6.33 -8.25
CA ILE E 438 -30.14 -5.28 -8.79
C ILE E 438 -29.67 -3.98 -8.17
N GLY E 439 -29.12 -3.11 -8.99
CA GLY E 439 -28.48 -1.91 -8.50
C GLY E 439 -29.38 -0.72 -8.36
N LYS E 440 -30.62 -0.80 -8.85
CA LYS E 440 -31.52 0.35 -8.81
C LYS E 440 -32.90 -0.07 -9.28
N GLN E 441 -33.90 0.54 -8.67
CA GLN E 441 -35.27 0.50 -9.16
C GLN E 441 -35.95 1.79 -8.73
N ARG E 442 -36.75 2.35 -9.63
CA ARG E 442 -37.58 3.51 -9.33
C ARG E 442 -39.05 3.15 -9.16
N ASN E 443 -39.37 1.85 -9.10
CA ASN E 443 -40.73 1.39 -8.88
C ASN E 443 -40.72 0.17 -7.96
N GLY E 444 -39.83 0.17 -6.98
CA GLY E 444 -39.72 -0.94 -6.07
C GLY E 444 -38.39 -1.03 -5.36
N PRO E 445 -38.20 -2.09 -4.59
CA PRO E 445 -36.95 -2.29 -3.86
C PRO E 445 -35.91 -3.08 -4.63
N ILE E 446 -34.66 -2.83 -4.29
CA ILE E 446 -33.53 -3.55 -4.88
C ILE E 446 -33.34 -4.88 -4.16
N GLY E 447 -32.45 -5.71 -4.67
CA GLY E 447 -32.14 -6.95 -4.01
C GLY E 447 -30.92 -7.60 -4.62
N THR E 448 -30.79 -8.90 -4.38
CA THR E 448 -29.67 -9.66 -4.92
C THR E 448 -30.11 -11.13 -5.03
N VAL E 449 -30.50 -11.52 -6.24
CA VAL E 449 -30.85 -12.91 -6.53
C VAL E 449 -29.59 -13.78 -6.52
N ARG E 450 -29.80 -15.10 -6.47
CA ARG E 450 -28.70 -16.06 -6.44
C ARG E 450 -29.10 -17.27 -7.28
N LEU E 451 -28.74 -17.21 -8.56
CA LEU E 451 -29.06 -18.25 -9.53
C LEU E 451 -27.96 -19.32 -9.55
N THR E 452 -28.02 -20.22 -10.53
CA THR E 452 -26.96 -21.15 -10.80
C THR E 452 -26.60 -21.08 -12.27
N PHE E 453 -25.32 -21.12 -12.57
CA PHE E 453 -24.82 -21.03 -13.94
C PHE E 453 -24.27 -22.37 -14.37
N ASN E 454 -24.73 -22.85 -15.53
CA ASN E 454 -24.19 -24.04 -16.16
C ASN E 454 -23.98 -23.71 -17.64
N GLY E 455 -22.83 -23.13 -17.94
CA GLY E 455 -22.60 -22.63 -19.28
C GLY E 455 -22.29 -23.67 -20.32
N GLN E 456 -22.27 -24.95 -19.95
CA GLN E 456 -21.99 -25.97 -20.95
C GLN E 456 -23.13 -26.09 -21.95
N TRP E 457 -24.34 -25.73 -21.52
CA TRP E 457 -25.48 -25.55 -22.42
C TRP E 457 -26.05 -24.14 -22.33
N SER E 458 -25.31 -23.19 -21.74
CA SER E 458 -25.58 -21.77 -21.84
C SER E 458 -26.93 -21.39 -21.21
N ARG E 459 -26.98 -21.55 -19.90
CA ARG E 459 -28.22 -21.29 -19.19
C ARG E 459 -27.98 -20.89 -17.74
N PHE E 460 -28.85 -20.00 -17.26
CA PHE E 460 -29.11 -19.79 -15.85
C PHE E 460 -30.35 -20.59 -15.46
N ASP E 461 -30.28 -21.25 -14.32
CA ASP E 461 -31.43 -21.95 -13.76
C ASP E 461 -31.78 -21.37 -12.39
N ASN E 462 -33.05 -21.52 -12.02
CA ASN E 462 -33.46 -21.15 -10.66
C ASN E 462 -32.78 -22.04 -9.64
N TYR E 463 -32.35 -21.44 -8.54
CA TYR E 463 -31.49 -22.09 -7.57
C TYR E 463 -32.31 -22.66 -6.42
N ALA E 464 -32.02 -23.91 -6.08
CA ALA E 464 -32.60 -24.58 -4.92
C ALA E 464 -31.50 -24.70 -3.86
N GLY E 465 -31.45 -23.74 -2.95
CA GLY E 465 -30.47 -23.76 -1.89
C GLY E 465 -30.79 -22.86 -0.71
N PRO E 466 -29.81 -22.66 0.17
CA PRO E 466 -30.05 -21.84 1.38
C PRO E 466 -30.24 -20.36 1.11
N GLN E 467 -30.25 -19.58 2.19
CA GLN E 467 -30.69 -18.19 2.16
C GLN E 467 -29.70 -17.32 1.40
N TYR E 468 -29.98 -16.02 1.40
CA TYR E 468 -29.08 -15.02 0.83
C TYR E 468 -29.33 -13.65 1.46
N LEU F 24 -43.09 49.88 -9.44
CA LEU F 24 -44.04 48.94 -8.87
C LEU F 24 -43.39 47.57 -8.69
N LYS F 25 -42.72 47.11 -9.74
CA LYS F 25 -42.10 45.79 -9.75
C LYS F 25 -40.78 45.87 -10.52
N VAL F 26 -39.76 45.22 -9.97
CA VAL F 26 -38.41 45.27 -10.50
C VAL F 26 -37.62 44.20 -9.75
N PRO F 27 -36.55 43.63 -10.31
CA PRO F 27 -35.70 42.73 -9.50
C PRO F 27 -35.19 43.44 -8.27
N PRO F 28 -35.55 42.98 -7.06
CA PRO F 28 -35.46 43.85 -5.88
C PRO F 28 -34.02 44.20 -5.53
N HIS F 29 -33.77 45.51 -5.41
CA HIS F 29 -32.48 46.04 -4.99
C HIS F 29 -32.64 47.53 -4.80
N SER F 30 -31.92 48.06 -3.82
CA SER F 30 -31.68 49.49 -3.71
C SER F 30 -30.25 49.79 -4.09
N ILE F 31 -29.95 51.08 -4.26
CA ILE F 31 -28.62 51.53 -4.65
C ILE F 31 -28.07 52.53 -3.65
N GLU F 32 -28.96 53.26 -2.97
CA GLU F 32 -28.52 54.26 -1.99
C GLU F 32 -27.73 53.59 -0.88
N ALA F 33 -28.28 52.52 -0.32
CA ALA F 33 -27.56 51.73 0.68
C ALA F 33 -26.23 51.26 0.13
N GLU F 34 -26.25 50.73 -1.09
CA GLU F 34 -25.07 50.14 -1.69
C GLU F 34 -23.95 51.17 -1.83
N GLN F 35 -24.19 52.22 -2.63
CA GLN F 35 -23.20 53.26 -2.82
C GLN F 35 -22.80 53.91 -1.50
N SER F 36 -23.74 54.01 -0.56
CA SER F 36 -23.39 54.60 0.73
C SER F 36 -22.37 53.74 1.47
N VAL F 37 -22.57 52.42 1.45
CA VAL F 37 -21.59 51.53 2.07
C VAL F 37 -20.25 51.65 1.36
N LEU F 38 -20.28 51.75 0.03
CA LEU F 38 -19.03 51.82 -0.73
C LEU F 38 -18.22 53.06 -0.34
N GLY F 39 -18.88 54.21 -0.27
CA GLY F 39 -18.18 55.41 0.16
C GLY F 39 -17.81 55.40 1.62
N GLY F 40 -18.64 54.75 2.45
CA GLY F 40 -18.28 54.56 3.84
C GLY F 40 -16.98 53.80 3.98
N LEU F 41 -16.75 52.84 3.08
CA LEU F 41 -15.47 52.16 3.04
C LEU F 41 -14.39 53.04 2.42
N MET F 42 -14.75 53.93 1.49
CA MET F 42 -13.76 54.84 0.92
C MET F 42 -13.12 55.68 2.01
N LEU F 43 -13.93 56.27 2.88
CA LEU F 43 -13.43 57.21 3.87
C LEU F 43 -13.21 56.59 5.24
N ASP F 44 -13.57 55.32 5.45
CA ASP F 44 -13.31 54.61 6.71
C ASP F 44 -12.73 53.24 6.33
N ASN F 45 -11.41 53.19 6.21
CA ASN F 45 -10.71 51.98 5.80
C ASN F 45 -10.50 50.98 6.91
N GLU F 46 -10.82 51.34 8.15
CA GLU F 46 -10.64 50.42 9.26
C GLU F 46 -11.79 49.42 9.34
N ARG F 47 -13.02 49.90 9.17
CA ARG F 47 -14.20 49.04 9.26
C ARG F 47 -14.47 48.41 7.91
N TRP F 48 -13.69 47.36 7.61
CA TRP F 48 -13.98 46.45 6.53
C TRP F 48 -14.32 45.05 7.01
N ASP F 49 -13.84 44.68 8.21
CA ASP F 49 -14.19 43.38 8.78
C ASP F 49 -15.69 43.22 8.94
N ASP F 50 -16.33 44.18 9.64
CA ASP F 50 -17.77 44.13 9.83
C ASP F 50 -18.52 44.03 8.51
N VAL F 51 -17.97 44.62 7.46
CA VAL F 51 -18.62 44.62 6.16
C VAL F 51 -18.24 43.36 5.36
N ALA F 52 -17.03 42.86 5.55
CA ALA F 52 -16.58 41.68 4.81
C ALA F 52 -17.19 40.40 5.35
N GLU F 53 -17.56 40.39 6.64
CA GLU F 53 -18.28 39.25 7.20
C GLU F 53 -19.58 39.01 6.45
N ARG F 54 -20.30 40.08 6.13
CA ARG F 54 -21.70 39.99 5.70
C ARG F 54 -21.86 39.96 4.19
N VAL F 55 -21.21 40.89 3.48
CA VAL F 55 -21.44 41.10 2.06
C VAL F 55 -20.24 40.58 1.27
N VAL F 56 -20.53 39.92 0.15
CA VAL F 56 -19.52 39.44 -0.79
C VAL F 56 -19.93 39.97 -2.16
N ALA F 57 -18.95 40.04 -3.07
CA ALA F 57 -19.12 40.70 -4.37
C ALA F 57 -20.37 40.26 -5.11
N ASP F 58 -20.65 38.95 -5.14
CA ASP F 58 -21.84 38.45 -5.84
C ASP F 58 -23.14 38.95 -5.22
N ASP F 59 -23.08 39.51 -4.00
CA ASP F 59 -24.27 40.09 -3.41
C ASP F 59 -24.72 41.33 -4.17
N PHE F 60 -23.77 42.14 -4.61
CA PHE F 60 -24.08 43.42 -5.23
C PHE F 60 -24.84 43.22 -6.53
N TYR F 61 -25.63 44.23 -6.90
CA TYR F 61 -26.45 44.16 -8.10
C TYR F 61 -25.64 44.47 -9.35
N THR F 62 -25.11 45.68 -9.44
CA THR F 62 -24.50 46.18 -10.66
C THR F 62 -23.02 45.81 -10.74
N ARG F 63 -22.51 45.82 -11.98
CA ARG F 63 -21.16 45.32 -12.24
C ARG F 63 -20.06 46.25 -11.74
N PRO F 64 -20.12 47.57 -11.98
CA PRO F 64 -19.07 48.45 -11.46
C PRO F 64 -18.85 48.31 -9.97
N HIS F 65 -19.95 48.21 -9.22
CA HIS F 65 -19.84 48.03 -7.77
C HIS F 65 -19.18 46.71 -7.43
N ARG F 66 -19.43 45.67 -8.23
CA ARG F 66 -18.77 44.38 -7.97
C ARG F 66 -17.28 44.47 -8.22
N HIS F 67 -16.88 45.06 -9.35
CA HIS F 67 -15.47 45.26 -9.63
C HIS F 67 -14.81 46.05 -8.52
N ILE F 68 -15.48 47.12 -8.08
CA ILE F 68 -14.93 47.97 -7.03
C ILE F 68 -14.78 47.19 -5.75
N PHE F 69 -15.78 46.37 -5.42
CA PHE F 69 -15.75 45.63 -4.16
C PHE F 69 -14.64 44.59 -4.15
N THR F 70 -14.49 43.85 -5.25
CA THR F 70 -13.41 42.86 -5.28
C THR F 70 -12.05 43.54 -5.23
N GLU F 71 -11.91 44.71 -5.85
CA GLU F 71 -10.64 45.42 -5.73
C GLU F 71 -10.41 45.91 -4.31
N MET F 72 -11.47 46.31 -3.62
CA MET F 72 -11.30 46.81 -2.27
C MET F 72 -10.96 45.67 -1.31
N ALA F 73 -11.51 44.48 -1.55
CA ALA F 73 -11.10 43.31 -0.78
C ALA F 73 -9.64 42.99 -1.03
N ARG F 74 -9.24 43.01 -2.31
CA ARG F 74 -7.85 42.79 -2.68
C ARG F 74 -6.92 43.76 -1.96
N LEU F 75 -7.37 44.99 -1.77
CA LEU F 75 -6.49 46.00 -1.16
C LEU F 75 -6.47 45.91 0.35
N GLN F 76 -7.64 45.81 0.99
CA GLN F 76 -7.67 45.63 2.45
C GLN F 76 -6.98 44.34 2.87
N GLU F 77 -6.83 43.36 1.96
CA GLU F 77 -5.97 42.23 2.23
C GLU F 77 -4.54 42.70 2.53
N SER F 78 -3.91 43.35 1.54
CA SER F 78 -2.55 43.85 1.68
C SER F 78 -2.51 45.32 2.10
N GLY F 79 -3.03 46.21 1.27
CA GLY F 79 -2.91 47.64 1.47
C GLY F 79 -4.16 48.31 2.01
N SER F 80 -4.11 48.67 3.29
CA SER F 80 -5.30 49.26 3.94
C SER F 80 -5.64 50.63 3.39
N PRO F 81 -4.73 51.61 3.35
CA PRO F 81 -5.16 52.98 3.04
C PRO F 81 -5.60 53.14 1.59
N ILE F 82 -6.90 53.21 1.39
CA ILE F 82 -7.51 53.34 0.07
C ILE F 82 -8.67 54.32 0.23
N ASP F 83 -8.57 55.49 -0.41
CA ASP F 83 -9.62 56.49 -0.30
C ASP F 83 -10.22 56.91 -1.64
N LEU F 84 -9.42 57.43 -2.58
CA LEU F 84 -9.92 58.05 -3.79
C LEU F 84 -9.21 57.58 -5.05
N ILE F 85 -7.89 57.43 -4.99
CA ILE F 85 -7.07 57.18 -6.18
C ILE F 85 -6.15 55.99 -6.01
N THR F 86 -5.93 55.47 -4.79
CA THR F 86 -5.29 54.18 -4.63
C THR F 86 -6.15 53.09 -5.27
N LEU F 87 -7.46 53.12 -5.02
CA LEU F 87 -8.37 52.20 -5.68
C LEU F 87 -8.32 52.44 -7.18
N ALA F 88 -8.20 53.70 -7.61
CA ALA F 88 -8.20 54.00 -9.03
C ALA F 88 -6.96 53.44 -9.71
N GLU F 89 -5.81 53.45 -9.03
CA GLU F 89 -4.62 52.85 -9.61
C GLU F 89 -4.64 51.33 -9.52
N SER F 90 -5.23 50.76 -8.46
CA SER F 90 -5.56 49.34 -8.46
C SER F 90 -6.43 48.98 -9.65
N LEU F 91 -7.33 49.89 -10.02
CA LEU F 91 -8.22 49.68 -11.14
C LEU F 91 -7.49 49.85 -12.47
N GLU F 92 -6.56 50.80 -12.51
CA GLU F 92 -5.73 51.02 -13.68
C GLU F 92 -4.73 49.90 -13.89
N ARG F 93 -4.44 49.10 -12.85
CA ARG F 93 -3.65 47.90 -13.05
C ARG F 93 -4.41 46.87 -13.88
N GLN F 94 -5.75 46.91 -13.86
CA GLN F 94 -6.57 46.15 -14.80
C GLN F 94 -6.88 46.92 -16.08
N GLY F 95 -6.61 48.22 -16.10
CA GLY F 95 -6.88 49.02 -17.27
C GLY F 95 -8.35 49.20 -17.53
N GLN F 96 -9.16 49.20 -16.47
CA GLN F 96 -10.61 49.29 -16.57
C GLN F 96 -11.11 50.72 -16.47
N LEU F 97 -10.31 51.68 -16.93
CA LEU F 97 -10.67 53.09 -16.84
C LEU F 97 -11.99 53.35 -17.54
N ASP F 98 -12.96 53.85 -16.78
CA ASP F 98 -14.27 54.29 -17.24
C ASP F 98 -15.21 53.14 -17.59
N SER F 99 -14.77 51.89 -17.50
CA SER F 99 -15.69 50.77 -17.70
C SER F 99 -16.61 50.57 -16.51
N VAL F 100 -16.24 51.09 -15.34
CA VAL F 100 -16.97 50.89 -14.10
C VAL F 100 -17.43 52.25 -13.58
N GLY F 101 -17.77 53.14 -14.51
CA GLY F 101 -18.04 54.52 -14.17
C GLY F 101 -16.91 55.42 -14.61
N GLY F 102 -16.08 55.81 -13.65
CA GLY F 102 -14.91 56.61 -13.93
C GLY F 102 -14.45 57.31 -12.69
N PHE F 103 -13.18 57.75 -12.71
CA PHE F 103 -12.66 58.50 -11.58
C PHE F 103 -13.47 59.76 -11.33
N ALA F 104 -14.00 60.37 -12.40
CA ALA F 104 -14.90 61.51 -12.23
C ALA F 104 -16.18 61.11 -11.51
N TYR F 105 -16.59 59.85 -11.61
CA TYR F 105 -17.78 59.34 -10.94
C TYR F 105 -17.46 58.83 -9.54
N LEU F 106 -16.43 58.01 -9.44
CA LEU F 106 -15.99 57.50 -8.15
C LEU F 106 -15.62 58.65 -7.21
N ALA F 107 -15.12 59.76 -7.76
CA ALA F 107 -14.87 60.93 -6.92
C ALA F 107 -16.17 61.51 -6.40
N GLU F 108 -17.26 61.39 -7.16
CA GLU F 108 -18.54 61.87 -6.68
C GLU F 108 -19.06 61.00 -5.53
N LEU F 109 -18.73 59.71 -5.58
CA LEU F 109 -19.07 58.87 -4.42
C LEU F 109 -18.15 59.17 -3.23
N SER F 110 -16.90 59.51 -3.50
CA SER F 110 -16.00 59.95 -2.43
C SER F 110 -16.54 61.20 -1.75
N LYS F 111 -17.13 62.10 -2.54
CA LYS F 111 -17.76 63.28 -1.97
C LYS F 111 -19.00 62.89 -1.18
N ASN F 112 -19.87 62.08 -1.78
CA ASN F 112 -21.13 61.73 -1.16
C ASN F 112 -20.89 60.81 0.03
N THR F 113 -21.99 60.47 0.69
CA THR F 113 -22.10 59.50 1.80
C THR F 113 -20.98 59.68 2.82
N PRO F 114 -21.07 60.69 3.69
CA PRO F 114 -20.11 60.83 4.80
C PRO F 114 -20.39 59.88 5.95
N SER F 115 -21.06 58.75 5.66
CA SER F 115 -21.94 58.09 6.60
C SER F 115 -21.24 57.67 7.87
N ALA F 116 -21.95 57.86 8.98
CA ALA F 116 -21.54 57.45 10.31
C ALA F 116 -21.82 55.95 10.46
N ALA F 117 -21.92 55.47 11.69
CA ALA F 117 -22.00 54.06 12.01
C ALA F 117 -23.14 53.27 11.33
N ASN F 118 -24.03 53.94 10.59
CA ASN F 118 -25.06 53.23 9.82
C ASN F 118 -24.53 52.64 8.52
N ILE F 119 -23.44 51.86 8.61
CA ILE F 119 -22.97 51.03 7.50
C ILE F 119 -23.55 49.64 7.61
N SER F 120 -23.69 49.17 8.85
CA SER F 120 -24.16 47.81 9.10
C SER F 120 -25.55 47.59 8.51
N ALA F 121 -26.46 48.54 8.76
CA ALA F 121 -27.84 48.36 8.31
C ALA F 121 -27.96 48.48 6.79
N TYR F 122 -27.20 49.40 6.19
CA TYR F 122 -27.21 49.52 4.74
C TYR F 122 -26.69 48.26 4.08
N ALA F 123 -25.56 47.73 4.57
CA ALA F 123 -25.07 46.46 4.08
C ALA F 123 -26.09 45.36 4.31
N ASP F 124 -26.79 45.40 5.43
CA ASP F 124 -27.78 44.38 5.74
C ASP F 124 -28.90 44.36 4.71
N ILE F 125 -29.42 45.54 4.36
CA ILE F 125 -30.54 45.57 3.42
C ILE F 125 -30.05 45.27 2.00
N VAL F 126 -28.82 45.66 1.67
CA VAL F 126 -28.23 45.25 0.39
C VAL F 126 -28.21 43.73 0.31
N ARG F 127 -27.76 43.11 1.40
CA ARG F 127 -27.68 41.66 1.46
C ARG F 127 -29.05 41.02 1.37
N GLU F 128 -30.03 41.60 2.06
CA GLU F 128 -31.37 41.02 2.08
C GLU F 128 -31.96 41.04 0.68
N ARG F 129 -31.82 42.16 -0.03
CA ARG F 129 -32.35 42.24 -1.38
C ARG F 129 -31.66 41.23 -2.28
N ALA F 130 -30.36 40.99 -2.06
CA ALA F 130 -29.67 40.01 -2.90
C ALA F 130 -30.14 38.59 -2.64
N VAL F 131 -30.39 38.24 -1.37
CA VAL F 131 -30.86 36.90 -1.07
C VAL F 131 -32.26 36.68 -1.66
N VAL F 132 -33.12 37.69 -1.53
CA VAL F 132 -34.43 37.60 -2.15
C VAL F 132 -34.27 37.42 -3.66
N ARG F 133 -33.37 38.20 -4.27
CA ARG F 133 -33.12 38.09 -5.71
C ARG F 133 -32.73 36.68 -6.09
N GLU F 134 -31.90 36.03 -5.27
CA GLU F 134 -31.53 34.64 -5.54
C GLU F 134 -32.75 33.73 -5.46
N MET F 135 -33.64 33.97 -4.49
CA MET F 135 -34.84 33.14 -4.39
C MET F 135 -35.71 33.28 -5.63
N ILE F 136 -35.89 34.51 -6.13
CA ILE F 136 -36.67 34.69 -7.35
C ILE F 136 -35.99 34.00 -8.52
N SER F 137 -34.66 34.08 -8.58
CA SER F 137 -33.93 33.39 -9.65
C SER F 137 -34.25 31.91 -9.63
N VAL F 138 -34.24 31.29 -8.44
CA VAL F 138 -34.53 29.87 -8.34
C VAL F 138 -35.97 29.60 -8.78
N ALA F 139 -36.90 30.46 -8.37
CA ALA F 139 -38.30 30.26 -8.74
C ALA F 139 -38.46 30.27 -10.25
N ASN F 140 -37.89 31.29 -10.91
CA ASN F 140 -37.99 31.39 -12.35
C ASN F 140 -37.31 30.22 -13.04
N GLU F 141 -36.20 29.72 -12.49
CA GLU F 141 -35.49 28.62 -13.13
C GLU F 141 -36.24 27.30 -12.97
N ILE F 142 -36.90 27.11 -11.84
CA ILE F 142 -37.74 25.92 -11.68
C ILE F 142 -38.92 25.99 -12.62
N ALA F 143 -39.52 27.18 -12.77
CA ALA F 143 -40.58 27.35 -13.75
C ALA F 143 -40.08 27.06 -15.16
N GLU F 144 -38.84 27.45 -15.45
CA GLU F 144 -38.24 27.19 -16.75
C GLU F 144 -38.11 25.69 -17.01
N ALA F 145 -37.56 24.96 -16.04
CA ALA F 145 -37.46 23.52 -16.18
C ALA F 145 -38.82 22.82 -16.09
N GLY F 146 -39.86 23.52 -15.66
CA GLY F 146 -41.20 22.98 -15.67
C GLY F 146 -41.84 23.09 -17.04
N PHE F 147 -41.90 24.30 -17.59
CA PHE F 147 -42.42 24.47 -18.95
C PHE F 147 -41.59 23.71 -19.96
N ASP F 148 -40.28 23.56 -19.71
CA ASP F 148 -39.40 22.76 -20.52
C ASP F 148 -39.16 21.42 -19.81
N PRO F 149 -39.92 20.36 -20.11
CA PRO F 149 -39.73 19.11 -19.35
C PRO F 149 -38.36 18.49 -19.53
N GLN F 150 -37.66 18.80 -20.63
CA GLN F 150 -36.26 18.45 -20.81
C GLN F 150 -36.04 16.93 -20.79
N GLY F 151 -37.07 16.17 -21.16
CA GLY F 151 -36.99 14.73 -21.10
C GLY F 151 -36.72 14.22 -19.70
N ARG F 152 -37.66 14.48 -18.79
CA ARG F 152 -37.44 14.25 -17.37
C ARG F 152 -38.73 13.75 -16.73
N THR F 153 -38.57 12.94 -15.69
CA THR F 153 -39.67 12.49 -14.85
C THR F 153 -39.62 13.22 -13.51
N SER F 154 -40.78 13.42 -12.92
CA SER F 154 -40.89 14.28 -11.75
C SER F 154 -40.15 13.72 -10.54
N GLU F 155 -39.81 12.44 -10.54
CA GLU F 155 -39.03 11.88 -9.45
C GLU F 155 -37.64 12.50 -9.34
N ASP F 156 -37.11 13.04 -10.45
CA ASP F 156 -35.90 13.84 -10.41
C ASP F 156 -36.19 15.31 -10.09
N LEU F 157 -37.38 15.78 -10.42
CA LEU F 157 -37.72 17.20 -10.36
C LEU F 157 -38.11 17.66 -8.96
N LEU F 158 -38.92 16.86 -8.25
CA LEU F 158 -39.19 17.17 -6.84
C LEU F 158 -37.89 17.18 -6.05
N ASP F 159 -37.02 16.20 -6.32
CA ASP F 159 -35.73 16.18 -5.66
C ASP F 159 -34.87 17.37 -6.07
N LEU F 160 -34.99 17.82 -7.33
CA LEU F 160 -34.27 19.01 -7.76
C LEU F 160 -34.71 20.22 -6.96
N ALA F 161 -36.03 20.39 -6.81
CA ALA F 161 -36.56 21.51 -6.04
C ALA F 161 -36.07 21.47 -4.59
N GLU F 162 -36.27 20.32 -3.93
CA GLU F 162 -35.79 20.13 -2.56
C GLU F 162 -34.31 20.47 -2.44
N SER F 163 -33.51 19.90 -3.32
CA SER F 163 -32.05 20.04 -3.22
C SER F 163 -31.64 21.48 -3.40
N ARG F 164 -32.16 22.14 -4.44
CA ARG F 164 -31.81 23.54 -4.68
C ARG F 164 -32.19 24.42 -3.50
N VAL F 165 -33.44 24.28 -3.02
CA VAL F 165 -33.93 25.16 -1.97
C VAL F 165 -33.10 24.97 -0.71
N PHE F 166 -32.89 23.72 -0.30
CA PHE F 166 -32.13 23.53 0.94
C PHE F 166 -30.65 23.82 0.75
N LYS F 167 -30.12 23.64 -0.47
CA LYS F 167 -28.74 23.98 -0.72
C LYS F 167 -28.51 25.46 -0.46
N ILE F 168 -29.33 26.31 -1.09
CA ILE F 168 -29.24 27.74 -0.83
C ILE F 168 -29.57 28.06 0.62
N ALA F 169 -30.38 27.22 1.27
CA ALA F 169 -30.72 27.46 2.66
C ALA F 169 -29.50 27.26 3.56
N GLU F 170 -28.92 26.06 3.54
CA GLU F 170 -27.76 25.77 4.38
C GLU F 170 -26.51 26.50 3.90
N SER F 171 -26.45 26.81 2.60
CA SER F 171 -25.39 27.70 2.14
C SER F 171 -25.53 29.07 2.79
N ARG F 172 -26.77 29.46 3.11
CA ARG F 172 -27.05 30.69 3.83
C ARG F 172 -27.06 30.49 5.34
N ALA F 173 -27.55 29.35 5.81
CA ALA F 173 -27.91 29.19 7.22
C ALA F 173 -26.73 29.38 8.16
N ASN F 174 -25.50 29.23 7.67
CA ASN F 174 -24.32 29.30 8.53
C ASN F 174 -24.01 30.78 8.83
N LYS F 175 -24.88 31.35 9.66
CA LYS F 175 -24.80 32.73 10.12
C LYS F 175 -25.03 32.79 11.63
N ASP F 176 -24.31 31.93 12.36
CA ASP F 176 -24.20 32.02 13.81
C ASP F 176 -22.73 31.95 14.19
N GLU F 177 -21.88 32.52 13.34
CA GLU F 177 -20.47 32.19 13.28
C GLU F 177 -19.62 33.38 13.72
N GLY F 178 -18.31 33.17 13.65
CA GLY F 178 -17.33 34.13 14.06
C GLY F 178 -16.73 33.67 15.36
N PRO F 179 -15.67 34.32 15.78
CA PRO F 179 -15.10 34.01 17.10
C PRO F 179 -15.92 34.65 18.20
N LYS F 180 -16.68 33.84 18.91
CA LYS F 180 -17.48 34.35 20.00
C LYS F 180 -16.61 34.80 21.15
N ASN F 181 -17.15 35.74 21.91
CA ASN F 181 -16.55 36.23 23.13
C ASN F 181 -16.88 35.25 24.25
N ILE F 182 -16.30 35.47 25.42
CA ILE F 182 -16.46 34.49 26.48
C ILE F 182 -17.85 34.60 27.11
N ALA F 183 -18.30 35.82 27.41
CA ALA F 183 -19.61 35.99 28.01
C ALA F 183 -20.71 35.49 27.10
N ASP F 184 -20.51 35.63 25.79
CA ASP F 184 -21.40 35.04 24.80
C ASP F 184 -21.42 33.53 24.86
N VAL F 185 -20.47 32.90 25.56
CA VAL F 185 -20.50 31.47 25.80
C VAL F 185 -21.15 31.16 27.13
N LEU F 186 -20.81 31.93 28.15
CA LEU F 186 -21.28 31.60 29.48
C LEU F 186 -22.77 31.84 29.63
N ASP F 187 -23.33 32.77 28.86
CA ASP F 187 -24.78 32.86 28.77
C ASP F 187 -25.39 31.50 28.44
N ALA F 188 -24.91 30.86 27.37
CA ALA F 188 -25.47 29.59 26.95
C ALA F 188 -25.17 28.48 27.94
N THR F 189 -23.95 28.48 28.47
CA THR F 189 -23.54 27.44 29.41
C THR F 189 -24.43 27.46 30.64
N VAL F 190 -24.55 28.63 31.25
CA VAL F 190 -25.33 28.76 32.46
C VAL F 190 -26.80 28.58 32.15
N ALA F 191 -27.23 28.92 30.93
CA ALA F 191 -28.61 28.63 30.56
C ALA F 191 -28.87 27.13 30.57
N ARG F 192 -27.93 26.34 30.07
CA ARG F 192 -28.07 24.90 30.11
C ARG F 192 -28.07 24.40 31.55
N ILE F 193 -27.15 24.91 32.36
CA ILE F 193 -27.04 24.45 33.73
C ILE F 193 -28.31 24.78 34.50
N GLU F 194 -28.87 25.95 34.25
CA GLU F 194 -30.12 26.31 34.89
C GLU F 194 -31.26 25.43 34.38
N GLN F 195 -31.32 25.19 33.08
CA GLN F 195 -32.33 24.34 32.50
C GLN F 195 -32.33 22.97 33.16
N LEU F 196 -31.16 22.48 33.54
CA LEU F 196 -31.09 21.21 34.25
C LEU F 196 -31.47 21.36 35.72
N PHE F 197 -30.92 22.37 36.39
CA PHE F 197 -31.34 22.64 37.76
C PHE F 197 -32.78 23.11 37.83
N GLN F 198 -33.30 23.70 36.76
CA GLN F 198 -34.69 24.14 36.75
C GLN F 198 -35.64 22.96 36.72
N GLN F 199 -35.15 21.77 36.34
CA GLN F 199 -35.87 20.52 36.52
C GLN F 199 -35.08 19.68 37.53
N PRO F 200 -35.35 19.80 38.84
CA PRO F 200 -34.64 18.93 39.79
C PRO F 200 -35.11 17.50 39.68
N HIS F 201 -34.23 16.63 39.17
CA HIS F 201 -34.56 15.23 38.92
C HIS F 201 -33.31 14.40 39.18
N ASP F 202 -33.35 13.13 38.79
CA ASP F 202 -32.27 12.20 39.05
C ASP F 202 -31.02 12.60 38.27
N GLY F 203 -29.96 11.82 38.47
CA GLY F 203 -28.70 12.06 37.78
C GLY F 203 -28.72 11.56 36.36
N VAL F 204 -29.59 12.12 35.53
CA VAL F 204 -29.73 11.73 34.13
C VAL F 204 -30.04 12.99 33.33
N THR F 205 -29.09 13.41 32.49
CA THR F 205 -29.27 14.54 31.59
C THR F 205 -29.17 14.00 30.19
N GLY F 206 -30.28 13.53 29.68
CA GLY F 206 -30.33 12.95 28.37
C GLY F 206 -31.37 11.85 28.34
N VAL F 207 -31.09 10.88 27.49
CA VAL F 207 -32.04 9.81 27.22
C VAL F 207 -31.71 8.65 28.12
N ASN F 208 -32.67 8.24 28.93
CA ASN F 208 -32.43 7.11 29.81
C ASN F 208 -32.18 5.87 28.99
N THR F 209 -31.38 4.98 29.55
CA THR F 209 -31.08 3.70 28.94
C THR F 209 -31.93 2.57 29.47
N GLY F 210 -32.55 2.75 30.65
CA GLY F 210 -33.20 1.67 31.34
C GLY F 210 -32.30 0.84 32.20
N TYR F 211 -30.99 1.08 32.16
CA TYR F 211 -30.00 0.34 32.94
C TYR F 211 -29.31 1.32 33.86
N ASP F 212 -29.76 1.37 35.12
CA ASP F 212 -29.21 2.30 36.09
C ASP F 212 -27.74 2.01 36.36
N ASP F 213 -27.29 0.77 36.17
CA ASP F 213 -25.87 0.47 36.29
C ASP F 213 -25.07 1.18 35.21
N LEU F 214 -25.71 1.46 34.08
CA LEU F 214 -25.10 2.17 32.97
C LEU F 214 -25.41 3.65 33.00
N ASN F 215 -26.58 4.02 33.49
CA ASN F 215 -27.00 5.41 33.52
C ASN F 215 -26.25 6.22 34.57
N LYS F 216 -25.31 5.64 35.31
CA LYS F 216 -24.44 6.44 36.16
C LYS F 216 -23.31 7.04 35.36
N LYS F 217 -22.60 6.19 34.62
CA LYS F 217 -21.37 6.57 33.94
C LYS F 217 -21.60 7.45 32.73
N THR F 218 -22.85 7.69 32.36
CA THR F 218 -23.21 8.26 31.08
C THR F 218 -24.19 9.40 31.19
N ALA F 219 -25.01 9.45 32.24
CA ALA F 219 -26.08 10.43 32.38
C ALA F 219 -27.02 10.38 31.19
N GLY F 220 -27.15 9.20 30.59
CA GLY F 220 -28.03 9.00 29.47
C GLY F 220 -27.36 9.36 28.16
N LEU F 221 -27.91 8.80 27.09
CA LEU F 221 -27.40 9.07 25.76
C LEU F 221 -27.58 10.54 25.46
N GLN F 222 -26.46 11.26 25.47
CA GLN F 222 -26.50 12.69 25.42
C GLN F 222 -27.01 13.15 24.06
N PRO F 223 -27.45 14.40 23.94
CA PRO F 223 -28.19 14.81 22.76
C PRO F 223 -27.36 15.33 21.60
N SER F 224 -26.04 15.11 21.56
CA SER F 224 -25.26 15.57 20.42
C SER F 224 -24.13 14.61 20.10
N ASP F 225 -24.31 13.34 20.40
CA ASP F 225 -23.21 12.40 20.45
C ASP F 225 -23.38 11.25 19.47
N LEU F 226 -22.25 10.64 19.16
CA LEU F 226 -22.17 9.42 18.38
C LEU F 226 -21.76 8.29 19.31
N ILE F 227 -22.69 7.47 19.67
CA ILE F 227 -22.43 6.30 20.48
C ILE F 227 -22.09 5.14 19.58
N ILE F 228 -21.27 4.24 20.11
CA ILE F 228 -20.76 3.11 19.37
C ILE F 228 -20.89 1.89 20.26
N VAL F 229 -21.70 0.95 19.82
CA VAL F 229 -21.86 -0.35 20.47
C VAL F 229 -21.26 -1.38 19.54
N ALA F 230 -20.24 -2.08 20.01
CA ALA F 230 -19.44 -2.87 19.10
C ALA F 230 -18.87 -4.09 19.79
N ALA F 231 -18.89 -5.20 19.09
CA ALA F 231 -18.20 -6.41 19.49
C ALA F 231 -18.26 -7.38 18.33
N ARG F 232 -17.60 -8.52 18.51
CA ARG F 232 -17.64 -9.55 17.50
C ARG F 232 -19.07 -10.05 17.36
N PRO F 233 -19.42 -10.67 16.23
CA PRO F 233 -20.84 -10.86 15.90
C PRO F 233 -21.61 -11.69 16.89
N SER F 234 -20.96 -12.62 17.58
CA SER F 234 -21.62 -13.49 18.55
C SER F 234 -21.45 -12.93 19.96
N MET F 235 -21.90 -11.70 20.13
CA MET F 235 -21.92 -11.07 21.44
C MET F 235 -23.24 -10.39 21.73
N GLY F 236 -23.97 -9.99 20.68
CA GLY F 236 -25.31 -9.48 20.84
C GLY F 236 -25.39 -7.97 20.87
N LYS F 237 -24.60 -7.30 20.02
CA LYS F 237 -24.66 -5.86 19.94
C LYS F 237 -26.03 -5.37 19.46
N THR F 238 -26.58 -6.06 18.45
CA THR F 238 -27.86 -5.64 17.91
C THR F 238 -28.95 -5.74 18.96
N THR F 239 -28.89 -6.79 19.77
CA THR F 239 -29.84 -6.95 20.86
C THR F 239 -29.78 -5.75 21.78
N PHE F 240 -28.57 -5.31 22.10
CA PHE F 240 -28.41 -4.21 23.04
C PHE F 240 -28.97 -2.91 22.47
N ALA F 241 -28.69 -2.64 21.20
CA ALA F 241 -29.17 -1.39 20.62
C ALA F 241 -30.68 -1.40 20.48
N MET F 242 -31.25 -2.56 20.15
CA MET F 242 -32.70 -2.63 20.05
C MET F 242 -33.31 -2.44 21.42
N ASN F 243 -32.68 -2.97 22.46
CA ASN F 243 -33.14 -2.71 23.81
C ASN F 243 -33.12 -1.23 24.14
N LEU F 244 -32.07 -0.54 23.72
CA LEU F 244 -31.98 0.89 24.01
C LEU F 244 -33.09 1.66 23.33
N VAL F 245 -33.34 1.38 22.05
CA VAL F 245 -34.35 2.17 21.33
C VAL F 245 -35.74 1.80 21.80
N GLU F 246 -35.92 0.53 22.12
CA GLU F 246 -37.13 0.03 22.75
C GLU F 246 -37.47 0.84 23.99
N ASN F 247 -36.54 0.86 24.94
CA ASN F 247 -36.76 1.59 26.18
C ASN F 247 -36.94 3.08 25.91
N ALA F 248 -36.20 3.63 24.96
CA ALA F 248 -36.30 5.07 24.75
C ALA F 248 -37.63 5.45 24.12
N ALA F 249 -38.17 4.59 23.26
CA ALA F 249 -39.50 4.83 22.72
C ALA F 249 -40.55 4.72 23.81
N MET F 250 -40.38 3.77 24.73
CA MET F 250 -41.38 3.60 25.76
C MET F 250 -41.35 4.74 26.77
N LEU F 251 -40.15 5.24 27.08
CA LEU F 251 -40.02 6.28 28.09
C LEU F 251 -40.27 7.66 27.49
N GLN F 252 -39.47 8.05 26.52
CA GLN F 252 -39.66 9.34 25.87
C GLN F 252 -40.86 9.29 24.95
N ASP F 253 -41.74 10.28 25.09
CA ASP F 253 -42.93 10.40 24.25
C ASP F 253 -42.60 11.11 22.95
N LYS F 254 -41.61 10.56 22.25
CA LYS F 254 -40.87 11.28 21.22
C LYS F 254 -40.40 10.29 20.17
N PRO F 255 -40.36 10.68 18.89
CA PRO F 255 -40.05 9.71 17.83
C PRO F 255 -38.65 9.13 17.97
N VAL F 256 -38.48 7.97 17.36
CA VAL F 256 -37.17 7.32 17.23
C VAL F 256 -37.11 6.69 15.86
N LEU F 257 -35.95 6.78 15.22
CA LEU F 257 -35.70 6.14 13.96
C LEU F 257 -34.77 4.96 14.15
N ILE F 258 -34.79 4.10 13.15
CA ILE F 258 -33.88 2.96 13.06
C ILE F 258 -33.62 2.73 11.59
N PHE F 259 -32.39 2.34 11.27
CA PHE F 259 -32.00 1.94 9.93
C PHE F 259 -31.42 0.54 10.00
N SER F 260 -32.21 -0.45 9.60
CA SER F 260 -31.77 -1.83 9.56
C SER F 260 -31.09 -2.05 8.22
N LEU F 261 -29.78 -1.77 8.19
CA LEU F 261 -29.03 -1.99 6.96
C LEU F 261 -28.78 -3.47 6.73
N GLU F 262 -28.67 -4.25 7.80
CA GLU F 262 -28.35 -5.66 7.66
C GLU F 262 -29.59 -6.48 7.34
N MET F 263 -30.53 -6.52 8.27
CA MET F 263 -31.66 -7.43 8.23
C MET F 263 -32.96 -6.67 8.02
N PRO F 264 -34.03 -7.35 7.64
CA PRO F 264 -35.30 -6.65 7.42
C PRO F 264 -36.19 -6.64 8.66
N SER F 265 -37.25 -5.82 8.56
CA SER F 265 -38.08 -5.53 9.71
C SER F 265 -38.78 -6.76 10.27
N GLU F 266 -39.00 -7.77 9.43
CA GLU F 266 -39.68 -8.99 9.86
C GLU F 266 -38.98 -9.63 11.05
N GLN F 267 -37.66 -9.51 11.14
CA GLN F 267 -36.91 -10.00 12.28
C GLN F 267 -36.80 -8.95 13.38
N ILE F 268 -36.68 -7.69 12.99
CA ILE F 268 -36.49 -6.60 13.95
C ILE F 268 -37.67 -6.53 14.90
N MET F 269 -38.88 -6.44 14.34
CA MET F 269 -40.06 -6.31 15.19
C MET F 269 -40.27 -7.58 16.01
N MET F 270 -40.08 -8.74 15.40
CA MET F 270 -40.32 -9.99 16.09
C MET F 270 -39.31 -10.26 17.20
N ARG F 271 -38.16 -9.58 17.15
CA ARG F 271 -37.19 -9.64 18.23
C ARG F 271 -37.43 -8.55 19.26
N SER F 272 -37.92 -7.39 18.82
CA SER F 272 -38.24 -6.31 19.75
C SER F 272 -39.40 -6.69 20.65
N LEU F 273 -40.40 -7.37 20.10
CA LEU F 273 -41.51 -7.83 20.93
C LEU F 273 -41.06 -8.87 21.93
N ALA F 274 -40.10 -9.73 21.54
CA ALA F 274 -39.52 -10.67 22.49
C ALA F 274 -38.78 -9.94 23.59
N SER F 275 -38.09 -8.86 23.24
CA SER F 275 -37.40 -8.06 24.25
C SER F 275 -38.42 -7.44 25.20
N LEU F 276 -39.51 -6.90 24.64
CA LEU F 276 -40.49 -6.19 25.45
C LEU F 276 -41.22 -7.14 26.39
N SER F 277 -41.65 -8.28 25.86
CA SER F 277 -42.67 -9.09 26.51
C SER F 277 -42.13 -10.39 27.10
N ARG F 278 -40.82 -10.59 27.11
CA ARG F 278 -40.20 -11.74 27.77
C ARG F 278 -40.75 -13.08 27.26
N VAL F 279 -40.81 -13.24 25.94
CA VAL F 279 -41.20 -14.50 25.35
C VAL F 279 -40.17 -14.92 24.32
N ASP F 280 -40.00 -16.23 24.17
CA ASP F 280 -39.01 -16.75 23.25
C ASP F 280 -39.40 -16.45 21.81
N GLN F 281 -38.38 -16.19 21.00
CA GLN F 281 -38.55 -15.87 19.59
C GLN F 281 -39.12 -17.06 18.83
N THR F 282 -38.66 -18.27 19.19
CA THR F 282 -39.18 -19.49 18.57
C THR F 282 -40.68 -19.61 18.81
N LYS F 283 -41.09 -19.42 20.06
CA LYS F 283 -42.49 -19.49 20.43
C LYS F 283 -43.33 -18.42 19.78
N ILE F 284 -42.72 -17.38 19.22
CA ILE F 284 -43.46 -16.46 18.36
C ILE F 284 -43.61 -17.04 16.97
N ARG F 285 -42.49 -17.27 16.29
CA ARG F 285 -42.58 -17.60 14.87
C ARG F 285 -43.22 -18.96 14.61
N THR F 286 -43.22 -19.84 15.60
CA THR F 286 -43.77 -21.19 15.47
C THR F 286 -45.19 -21.30 16.01
N GLY F 287 -45.71 -20.27 16.68
CA GLY F 287 -47.03 -20.34 17.27
C GLY F 287 -47.12 -21.09 18.58
N GLN F 288 -46.01 -21.64 19.08
CA GLN F 288 -46.01 -22.48 20.27
C GLN F 288 -46.02 -21.63 21.55
N LEU F 289 -47.12 -20.89 21.73
CA LEU F 289 -47.32 -20.05 22.90
C LEU F 289 -48.62 -20.43 23.59
N ASP F 290 -48.99 -19.64 24.60
CA ASP F 290 -50.25 -19.80 25.29
C ASP F 290 -50.76 -18.43 25.70
N ASP F 291 -51.99 -18.40 26.22
CA ASP F 291 -52.62 -17.12 26.56
C ASP F 291 -51.87 -16.40 27.68
N GLU F 292 -51.18 -17.15 28.54
CA GLU F 292 -50.46 -16.57 29.66
C GLU F 292 -49.40 -15.59 29.17
N ASP F 293 -48.63 -15.98 28.16
CA ASP F 293 -47.66 -15.09 27.54
C ASP F 293 -48.32 -14.10 26.59
N TRP F 294 -49.44 -14.51 26.00
CA TRP F 294 -50.08 -13.66 25.03
C TRP F 294 -50.67 -12.40 25.67
N ALA F 295 -51.03 -12.46 26.95
CA ALA F 295 -51.40 -11.24 27.66
C ALA F 295 -50.31 -10.19 27.52
N ARG F 296 -49.07 -10.59 27.82
CA ARG F 296 -47.92 -9.72 27.63
C ARG F 296 -47.83 -9.20 26.20
N ILE F 297 -48.03 -10.10 25.24
CA ILE F 297 -47.89 -9.69 23.83
C ILE F 297 -48.89 -8.61 23.47
N SER F 298 -50.17 -8.88 23.71
CA SER F 298 -51.23 -7.93 23.38
C SER F 298 -51.00 -6.61 24.09
N GLY F 299 -50.50 -6.66 25.33
CA GLY F 299 -50.22 -5.44 26.04
C GLY F 299 -49.15 -4.62 25.34
N THR F 300 -48.02 -5.25 25.01
CA THR F 300 -46.94 -4.51 24.36
C THR F 300 -47.41 -3.93 23.04
N MET F 301 -48.13 -4.72 22.26
CA MET F 301 -48.60 -4.25 20.96
C MET F 301 -49.49 -3.02 21.12
N GLY F 302 -50.55 -3.15 21.93
CA GLY F 302 -51.46 -2.03 22.13
C GLY F 302 -50.76 -0.81 22.67
N ILE F 303 -49.73 -1.00 23.51
CA ILE F 303 -48.97 0.14 23.98
C ILE F 303 -48.26 0.81 22.81
N LEU F 304 -47.73 0.01 21.89
CA LEU F 304 -46.93 0.57 20.82
C LEU F 304 -47.78 1.34 19.82
N LEU F 305 -48.95 0.80 19.45
CA LEU F 305 -49.69 1.40 18.34
C LEU F 305 -50.16 2.81 18.68
N GLU F 306 -50.71 3.01 19.87
CA GLU F 306 -51.26 4.32 20.22
C GLU F 306 -50.19 5.36 20.50
N LYS F 307 -48.91 5.02 20.41
CA LYS F 307 -47.83 5.98 20.51
C LYS F 307 -47.35 6.48 19.17
N ARG F 308 -47.28 5.60 18.18
CA ARG F 308 -46.80 5.92 16.85
C ARG F 308 -45.38 6.50 16.94
N ASN F 309 -44.52 5.70 17.56
CA ASN F 309 -43.20 6.13 18.01
C ASN F 309 -42.08 5.50 17.19
N ILE F 310 -42.02 4.18 17.16
CA ILE F 310 -40.85 3.46 16.65
C ILE F 310 -40.94 3.38 15.14
N TYR F 311 -39.99 4.01 14.46
CA TYR F 311 -39.91 4.05 13.01
C TYR F 311 -38.68 3.28 12.54
N ILE F 312 -38.87 2.47 11.50
CA ILE F 312 -37.84 1.55 11.01
C ILE F 312 -37.75 1.64 9.50
N ASP F 313 -36.52 1.58 8.99
CA ASP F 313 -36.24 1.53 7.56
C ASP F 313 -35.41 0.28 7.27
N ASP F 314 -35.98 -0.64 6.51
CA ASP F 314 -35.33 -1.91 6.21
C ASP F 314 -34.64 -1.86 4.84
N SER F 315 -33.73 -0.91 4.69
CA SER F 315 -32.98 -0.75 3.46
C SER F 315 -31.72 -1.63 3.49
N SER F 316 -30.81 -1.40 2.54
CA SER F 316 -29.60 -2.20 2.37
C SER F 316 -28.31 -1.39 2.45
N GLY F 317 -28.22 -0.26 1.73
CA GLY F 317 -26.96 0.45 1.56
C GLY F 317 -27.03 1.96 1.63
N LEU F 318 -27.91 2.48 2.50
CA LEU F 318 -28.19 3.91 2.54
C LEU F 318 -26.95 4.74 2.82
N THR F 319 -26.90 5.90 2.19
CA THR F 319 -25.79 6.84 2.27
C THR F 319 -26.04 7.84 3.39
N PRO F 320 -25.06 8.68 3.69
CA PRO F 320 -25.27 9.68 4.75
C PRO F 320 -26.38 10.68 4.48
N THR F 321 -26.48 11.17 3.24
CA THR F 321 -27.43 12.24 2.98
C THR F 321 -28.85 11.72 2.89
N GLU F 322 -29.02 10.47 2.42
CA GLU F 322 -30.33 9.85 2.48
C GLU F 322 -30.82 9.77 3.91
N VAL F 323 -29.95 9.30 4.81
CA VAL F 323 -30.27 9.25 6.23
C VAL F 323 -30.62 10.63 6.74
N ARG F 324 -29.86 11.64 6.31
CA ARG F 324 -30.10 13.00 6.80
C ARG F 324 -31.47 13.47 6.40
N SER F 325 -31.80 13.34 5.12
CA SER F 325 -33.10 13.81 4.63
C SER F 325 -34.23 13.09 5.32
N ARG F 326 -34.12 11.77 5.46
CA ARG F 326 -35.19 11.00 6.09
C ARG F 326 -35.39 11.41 7.54
N ALA F 327 -34.29 11.52 8.28
CA ALA F 327 -34.41 11.89 9.68
C ALA F 327 -34.98 13.29 9.83
N ARG F 328 -34.60 14.20 8.94
CA ARG F 328 -35.14 15.55 9.03
C ARG F 328 -36.62 15.56 8.70
N ARG F 329 -37.06 14.71 7.78
CA ARG F 329 -38.48 14.61 7.48
C ARG F 329 -39.25 14.16 8.71
N ILE F 330 -38.84 13.05 9.32
CA ILE F 330 -39.53 12.59 10.54
C ILE F 330 -39.42 13.63 11.64
N ALA F 331 -38.36 14.45 11.62
CA ALA F 331 -38.15 15.38 12.70
C ALA F 331 -39.17 16.50 12.69
N ARG F 332 -39.19 17.30 11.62
CA ARG F 332 -40.03 18.48 11.61
C ARG F 332 -41.50 18.14 11.58
N GLU F 333 -41.86 16.92 11.17
CA GLU F 333 -43.24 16.49 11.26
C GLU F 333 -43.63 16.22 12.70
N HIS F 334 -43.00 15.21 13.28
CA HIS F 334 -43.41 14.64 14.56
C HIS F 334 -42.61 15.24 15.71
N GLY F 335 -42.57 16.56 15.75
CA GLY F 335 -41.94 17.26 16.85
C GLY F 335 -40.46 17.39 16.64
N GLY F 336 -39.72 16.49 17.27
CA GLY F 336 -38.31 16.37 17.06
C GLY F 336 -37.85 15.05 17.65
N ILE F 337 -37.05 14.30 16.91
CA ILE F 337 -36.79 12.91 17.25
C ILE F 337 -35.92 12.83 18.49
N GLY F 338 -35.75 11.61 19.01
CA GLY F 338 -35.16 11.41 20.32
C GLY F 338 -34.09 10.35 20.37
N LEU F 339 -33.94 9.57 19.31
CA LEU F 339 -32.89 8.57 19.27
C LEU F 339 -32.82 8.01 17.87
N ILE F 340 -31.66 7.46 17.54
CA ILE F 340 -31.39 6.77 16.29
C ILE F 340 -30.55 5.55 16.61
N MET F 341 -30.75 4.50 15.84
CA MET F 341 -29.87 3.36 15.79
C MET F 341 -29.45 3.17 14.34
N ILE F 342 -28.21 2.74 14.15
CA ILE F 342 -27.67 2.49 12.83
C ILE F 342 -26.83 1.22 12.93
N ASP F 343 -27.36 0.12 12.42
CA ASP F 343 -26.72 -1.17 12.57
C ASP F 343 -25.67 -1.35 11.50
N TYR F 344 -24.43 -1.61 11.92
CA TYR F 344 -23.40 -2.15 11.03
C TYR F 344 -23.14 -1.18 9.90
N LEU F 345 -22.70 0.02 10.31
CA LEU F 345 -22.55 1.17 9.43
C LEU F 345 -21.77 0.88 8.18
N GLN F 346 -20.81 -0.06 8.25
CA GLN F 346 -19.97 -0.46 7.12
C GLN F 346 -20.74 -0.62 5.82
N LEU F 347 -21.99 -1.07 5.89
CA LEU F 347 -22.82 -1.12 4.69
C LEU F 347 -23.13 0.26 4.15
N MET F 348 -23.08 1.29 4.98
CA MET F 348 -23.31 2.63 4.48
C MET F 348 -22.21 2.99 3.51
N ARG F 349 -22.59 3.30 2.29
CA ARG F 349 -21.68 3.66 1.24
C ARG F 349 -21.79 5.14 0.94
N VAL F 350 -20.79 5.63 0.23
CA VAL F 350 -20.93 6.84 -0.56
C VAL F 350 -20.22 6.53 -1.87
N PRO F 351 -20.85 6.72 -3.03
CA PRO F 351 -20.26 6.16 -4.26
C PRO F 351 -18.96 6.79 -4.67
N ALA F 352 -18.76 8.09 -4.42
CA ALA F 352 -17.55 8.76 -4.88
C ALA F 352 -16.32 8.14 -4.24
N LEU F 353 -16.40 7.87 -2.94
CA LEU F 353 -15.29 7.32 -2.18
C LEU F 353 -15.40 5.80 -2.08
N SER F 354 -15.52 5.16 -3.24
CA SER F 354 -15.59 3.71 -3.29
C SER F 354 -14.22 3.08 -3.38
N ASP F 355 -13.28 3.77 -4.00
CA ASP F 355 -11.92 3.28 -4.08
C ASP F 355 -11.24 3.30 -2.72
N ASN F 356 -11.40 4.40 -1.98
CA ASN F 356 -10.76 4.59 -0.69
C ASN F 356 -11.78 4.25 0.39
N ARG F 357 -11.55 3.13 1.07
CA ARG F 357 -12.46 2.69 2.12
C ARG F 357 -12.29 3.54 3.37
N THR F 358 -11.05 3.91 3.67
CA THR F 358 -10.78 4.64 4.89
C THR F 358 -11.47 6.00 4.87
N LEU F 359 -11.30 6.75 3.78
CA LEU F 359 -11.98 8.03 3.66
C LEU F 359 -13.49 7.85 3.63
N GLU F 360 -13.96 6.71 3.12
CA GLU F 360 -15.38 6.43 3.09
C GLU F 360 -15.94 6.39 4.50
N ILE F 361 -15.34 5.56 5.36
CA ILE F 361 -15.84 5.46 6.74
C ILE F 361 -15.64 6.77 7.47
N ALA F 362 -14.57 7.50 7.15
CA ALA F 362 -14.35 8.81 7.76
C ALA F 362 -15.50 9.75 7.47
N GLU F 363 -15.83 9.89 6.19
CA GLU F 363 -16.98 10.69 5.77
C GLU F 363 -18.24 10.25 6.50
N ILE F 364 -18.45 8.93 6.57
CA ILE F 364 -19.62 8.38 7.22
C ILE F 364 -19.72 8.89 8.65
N SER F 365 -18.69 8.63 9.43
CA SER F 365 -18.68 8.99 10.85
C SER F 365 -18.86 10.49 11.04
N ARG F 366 -18.23 11.29 10.18
CA ARG F 366 -18.35 12.73 10.32
C ARG F 366 -19.77 13.18 10.02
N SER F 367 -20.41 12.55 9.03
CA SER F 367 -21.76 12.96 8.69
C SER F 367 -22.72 12.58 9.78
N LEU F 368 -22.53 11.42 10.40
CA LEU F 368 -23.36 11.04 11.52
C LEU F 368 -23.21 12.01 12.69
N LYS F 369 -21.98 12.39 13.02
CA LYS F 369 -21.76 13.34 14.10
C LYS F 369 -22.40 14.68 13.79
N ALA F 370 -22.27 15.16 12.55
CA ALA F 370 -22.85 16.44 12.22
C ALA F 370 -24.36 16.35 12.09
N LEU F 371 -24.89 15.16 11.82
CA LEU F 371 -26.32 14.96 11.87
C LEU F 371 -26.84 15.14 13.28
N ALA F 372 -26.20 14.46 14.24
CA ALA F 372 -26.53 14.65 15.64
C ALA F 372 -26.46 16.11 16.03
N LYS F 373 -25.41 16.81 15.59
CA LYS F 373 -25.30 18.23 15.90
C LYS F 373 -26.41 19.03 15.24
N GLU F 374 -26.90 18.57 14.09
CA GLU F 374 -27.97 19.27 13.38
C GLU F 374 -29.28 19.14 14.14
N LEU F 375 -29.69 17.90 14.36
CA LEU F 375 -30.96 17.63 15.02
C LEU F 375 -30.90 17.77 16.53
N ASN F 376 -29.71 17.82 17.11
CA ASN F 376 -29.55 17.87 18.55
C ASN F 376 -30.19 16.64 19.18
N VAL F 377 -29.71 15.48 18.75
CA VAL F 377 -30.15 14.19 19.26
C VAL F 377 -28.95 13.25 19.37
N PRO F 378 -29.14 12.05 19.90
CA PRO F 378 -28.10 11.04 19.84
C PRO F 378 -28.15 10.23 18.55
N VAL F 379 -27.03 9.58 18.29
CA VAL F 379 -26.85 8.74 17.12
C VAL F 379 -26.09 7.51 17.56
N VAL F 380 -26.80 6.44 17.86
CA VAL F 380 -26.15 5.16 18.04
C VAL F 380 -25.64 4.67 16.68
N ALA F 381 -24.57 3.90 16.70
CA ALA F 381 -24.01 3.35 15.48
C ALA F 381 -23.18 2.14 15.83
N LEU F 382 -23.67 0.97 15.48
CA LEU F 382 -22.92 -0.24 15.76
C LEU F 382 -21.76 -0.37 14.80
N SER F 383 -20.79 -1.17 15.21
CA SER F 383 -19.58 -1.30 14.41
C SER F 383 -18.87 -2.58 14.79
N GLN F 384 -18.01 -3.00 13.89
CA GLN F 384 -17.39 -4.31 13.95
C GLN F 384 -16.02 -4.22 14.60
N LEU F 385 -15.45 -5.39 14.85
CA LEU F 385 -14.10 -5.51 15.39
C LEU F 385 -13.31 -6.47 14.52
N ASN F 386 -12.00 -6.26 14.49
CA ASN F 386 -11.14 -7.04 13.63
C ASN F 386 -10.61 -8.28 14.36
N ARG F 387 -10.06 -9.20 13.58
CA ARG F 387 -9.44 -10.39 14.12
C ARG F 387 -8.00 -10.12 14.56
N SER F 388 -7.82 -9.11 15.40
CA SER F 388 -6.52 -8.77 15.97
C SER F 388 -6.37 -9.28 17.39
N LEU F 389 -7.48 -9.37 18.11
CA LEU F 389 -7.46 -9.64 19.54
C LEU F 389 -7.69 -11.11 19.87
N GLU F 390 -8.19 -11.88 18.91
CA GLU F 390 -8.27 -13.33 19.10
C GLU F 390 -6.91 -13.91 19.45
N GLN F 391 -5.87 -13.45 18.77
CA GLN F 391 -4.50 -13.83 19.06
C GLN F 391 -3.83 -12.78 19.96
N ARG F 392 -4.44 -12.56 21.12
CA ARG F 392 -3.91 -11.62 22.11
C ARG F 392 -3.90 -12.16 23.53
N ALA F 393 -4.67 -13.20 23.84
CA ALA F 393 -4.70 -13.92 25.12
C ALA F 393 -5.47 -13.19 26.20
N ASP F 394 -5.99 -11.99 25.95
CA ASP F 394 -6.84 -11.26 26.87
C ASP F 394 -8.25 -11.13 26.35
N LYS F 395 -8.39 -10.71 25.10
CA LYS F 395 -9.65 -10.63 24.34
C LYS F 395 -10.64 -9.62 24.90
N ARG F 396 -10.30 -8.86 25.92
CA ARG F 396 -11.15 -7.75 26.33
C ARG F 396 -10.89 -6.60 25.36
N PRO F 397 -11.86 -6.19 24.55
CA PRO F 397 -11.55 -5.35 23.41
C PRO F 397 -11.09 -3.97 23.82
N VAL F 398 -10.42 -3.32 22.88
CA VAL F 398 -9.83 -2.01 23.07
C VAL F 398 -10.28 -1.13 21.94
N ASN F 399 -10.02 0.16 22.09
CA ASN F 399 -10.53 1.15 21.17
C ASN F 399 -9.94 1.00 19.78
N SER F 400 -8.73 0.46 19.67
CA SER F 400 -8.08 0.34 18.38
C SER F 400 -8.69 -0.77 17.53
N ASP F 401 -9.17 -1.82 18.17
CA ASP F 401 -9.90 -2.87 17.46
C ASP F 401 -11.28 -2.35 17.10
N LEU F 402 -11.39 -1.77 15.91
CA LEU F 402 -12.68 -1.29 15.42
C LEU F 402 -12.84 -1.49 13.92
N ARG F 403 -12.10 -2.42 13.35
CA ARG F 403 -12.25 -2.98 12.01
C ARG F 403 -11.86 -2.07 10.85
N GLU F 404 -11.93 -0.75 11.00
CA GLU F 404 -11.64 0.11 9.87
C GLU F 404 -11.44 1.54 10.34
N SER F 405 -10.45 2.17 9.74
CA SER F 405 -10.40 3.60 9.48
C SER F 405 -10.13 4.50 10.67
N GLY F 406 -10.27 4.04 11.90
CA GLY F 406 -9.72 4.79 13.01
C GLY F 406 -10.35 6.13 13.35
N SER F 407 -10.99 6.80 12.41
CA SER F 407 -11.63 8.06 12.69
C SER F 407 -12.98 7.86 13.35
N ILE F 408 -13.45 6.63 13.43
CA ILE F 408 -14.65 6.35 14.19
C ILE F 408 -14.43 6.74 15.63
N GLU F 409 -13.38 6.18 16.26
CA GLU F 409 -13.15 6.48 17.65
C GLU F 409 -12.67 7.90 17.89
N GLN F 410 -12.38 8.66 16.84
CA GLN F 410 -11.95 10.03 16.98
C GLN F 410 -13.09 11.02 16.88
N ASP F 411 -14.14 10.65 16.13
CA ASP F 411 -15.31 11.48 15.95
C ASP F 411 -16.44 11.07 16.88
N ALA F 412 -16.14 10.27 17.89
CA ALA F 412 -17.14 9.70 18.77
C ALA F 412 -17.15 10.44 20.11
N ASP F 413 -18.10 10.05 20.93
CA ASP F 413 -18.27 10.54 22.27
C ASP F 413 -18.40 9.44 23.30
N LEU F 414 -18.74 8.23 22.88
CA LEU F 414 -18.99 7.14 23.81
C LEU F 414 -18.87 5.84 23.05
N ILE F 415 -17.92 5.02 23.47
CA ILE F 415 -17.66 3.72 22.87
C ILE F 415 -17.78 2.73 23.99
N MET F 416 -18.75 1.82 23.87
CA MET F 416 -18.97 0.83 24.90
C MET F 416 -19.16 -0.52 24.22
N PHE F 417 -18.20 -1.40 24.47
CA PHE F 417 -18.09 -2.67 23.80
C PHE F 417 -18.91 -3.72 24.55
N ILE F 418 -18.75 -4.97 24.12
CA ILE F 418 -19.27 -6.15 24.82
C ILE F 418 -18.11 -7.11 25.01
N TYR F 419 -18.14 -7.83 26.13
CA TYR F 419 -17.23 -8.98 26.29
C TYR F 419 -17.93 -10.01 27.17
N ARG F 420 -18.64 -10.93 26.54
CA ARG F 420 -19.16 -12.09 27.24
C ARG F 420 -18.05 -13.12 27.36
N ASP F 421 -17.57 -13.33 28.59
CA ASP F 421 -16.51 -14.30 28.81
C ASP F 421 -16.96 -15.72 28.50
N GLU F 422 -18.27 -15.98 28.63
CA GLU F 422 -18.80 -17.33 28.49
C GLU F 422 -18.53 -17.91 27.10
N VAL F 423 -18.50 -17.07 26.08
CA VAL F 423 -18.39 -17.56 24.71
C VAL F 423 -17.03 -18.18 24.47
N TYR F 424 -15.99 -17.61 25.08
CA TYR F 424 -14.62 -18.04 24.84
C TYR F 424 -14.13 -18.94 25.97
N HIS F 425 -14.16 -18.45 27.19
CA HIS F 425 -13.95 -19.27 28.36
C HIS F 425 -15.29 -19.78 28.84
N GLU F 426 -15.28 -20.99 29.42
CA GLU F 426 -16.49 -21.62 29.92
C GLU F 426 -16.47 -21.87 31.41
N ASN F 427 -15.29 -21.95 32.02
CA ASN F 427 -15.14 -22.42 33.39
C ASN F 427 -15.34 -21.34 34.43
N SER F 428 -15.97 -20.22 34.07
CA SER F 428 -16.17 -19.09 34.97
C SER F 428 -17.65 -18.98 35.35
N ASP F 429 -17.89 -18.43 36.53
CA ASP F 429 -19.23 -18.12 37.00
C ASP F 429 -19.79 -16.83 36.40
N LEU F 430 -19.10 -16.24 35.42
CA LEU F 430 -19.55 -15.03 34.75
C LEU F 430 -20.43 -15.34 33.55
N LYS F 431 -21.09 -16.49 33.53
CA LYS F 431 -21.92 -16.85 32.39
C LYS F 431 -23.34 -16.37 32.60
N GLY F 432 -24.04 -16.13 31.49
CA GLY F 432 -25.29 -15.39 31.54
C GLY F 432 -25.12 -13.94 31.91
N ILE F 433 -23.90 -13.41 31.83
CA ILE F 433 -23.55 -12.10 32.36
C ILE F 433 -22.73 -11.38 31.30
N ALA F 434 -23.36 -10.45 30.60
CA ALA F 434 -22.70 -9.68 29.54
C ALA F 434 -22.28 -8.34 30.13
N GLU F 435 -21.00 -8.01 29.97
CA GLU F 435 -20.46 -6.76 30.51
C GLU F 435 -20.29 -5.74 29.40
N ILE F 436 -20.55 -4.49 29.75
CA ILE F 436 -20.50 -3.36 28.84
C ILE F 436 -19.25 -2.56 29.15
N ILE F 437 -18.16 -2.85 28.46
CA ILE F 437 -16.92 -2.12 28.70
C ILE F 437 -17.02 -0.77 28.01
N ILE F 438 -17.14 0.28 28.80
CA ILE F 438 -16.94 1.62 28.30
C ILE F 438 -15.45 1.79 28.06
N GLY F 439 -15.08 2.04 26.81
CA GLY F 439 -13.70 2.09 26.41
C GLY F 439 -13.29 3.46 25.94
N LYS F 440 -14.24 4.39 25.91
CA LYS F 440 -13.95 5.79 25.63
C LYS F 440 -15.16 6.62 25.99
N GLN F 441 -14.91 7.76 26.60
CA GLN F 441 -15.97 8.71 26.88
C GLN F 441 -15.34 10.05 27.16
N ARG F 442 -15.66 11.04 26.32
CA ARG F 442 -15.02 12.34 26.43
C ARG F 442 -15.48 13.07 27.67
N ASN F 443 -16.78 13.07 27.90
CA ASN F 443 -17.40 13.85 28.95
C ASN F 443 -17.78 12.98 30.13
N GLY F 444 -16.96 11.96 30.40
CA GLY F 444 -17.24 11.04 31.47
C GLY F 444 -16.15 10.00 31.61
N PRO F 445 -16.34 9.08 32.55
CA PRO F 445 -15.31 8.09 32.87
C PRO F 445 -15.45 6.77 32.12
N ILE F 446 -14.37 5.99 32.18
CA ILE F 446 -14.35 4.65 31.63
C ILE F 446 -14.86 3.68 32.72
N GLY F 447 -15.18 2.46 32.33
CA GLY F 447 -15.87 1.58 33.25
C GLY F 447 -15.89 0.15 32.76
N THR F 448 -16.50 -0.69 33.59
CA THR F 448 -16.51 -2.14 33.44
C THR F 448 -17.89 -2.67 33.82
N VAL F 449 -18.93 -2.08 33.24
CA VAL F 449 -20.29 -2.35 33.64
C VAL F 449 -20.64 -3.82 33.41
N ARG F 450 -21.45 -4.38 34.31
CA ARG F 450 -21.88 -5.77 34.24
C ARG F 450 -23.40 -5.85 34.20
N LEU F 451 -23.91 -6.56 33.20
CA LEU F 451 -25.34 -6.81 33.04
C LEU F 451 -25.56 -8.30 32.76
N THR F 452 -26.82 -8.71 32.89
CA THR F 452 -27.19 -10.11 32.73
C THR F 452 -27.90 -10.33 31.41
N PHE F 453 -27.84 -11.57 30.94
CA PHE F 453 -28.23 -11.95 29.60
C PHE F 453 -29.27 -13.06 29.65
N ASN F 454 -30.31 -12.92 28.82
CA ASN F 454 -31.29 -13.99 28.61
C ASN F 454 -31.60 -14.01 27.12
N GLY F 455 -30.80 -14.76 26.37
CA GLY F 455 -30.88 -14.71 24.93
C GLY F 455 -32.06 -15.42 24.33
N GLN F 456 -32.78 -16.19 25.13
CA GLN F 456 -33.96 -16.87 24.62
C GLN F 456 -35.01 -15.88 24.12
N TRP F 457 -35.10 -14.69 24.73
CA TRP F 457 -35.90 -13.60 24.20
C TRP F 457 -35.09 -12.32 24.01
N SER F 458 -33.77 -12.45 23.84
CA SER F 458 -32.93 -11.41 23.26
C SER F 458 -32.99 -10.11 24.06
N ARG F 459 -32.44 -10.16 25.27
CA ARG F 459 -32.42 -8.98 26.10
C ARG F 459 -31.26 -8.99 27.08
N PHE F 460 -30.80 -7.80 27.44
CA PHE F 460 -29.95 -7.57 28.59
C PHE F 460 -30.79 -6.96 29.72
N ASP F 461 -30.49 -7.34 30.95
CA ASP F 461 -31.16 -6.79 32.12
C ASP F 461 -30.13 -6.41 33.18
N ASN F 462 -30.63 -5.74 34.22
CA ASN F 462 -29.76 -5.20 35.27
C ASN F 462 -29.12 -6.32 36.07
N TYR F 463 -28.27 -5.93 37.03
CA TYR F 463 -27.49 -6.88 37.81
C TYR F 463 -27.16 -6.22 39.15
N ALA F 464 -27.93 -6.56 40.18
CA ALA F 464 -27.69 -6.07 41.54
C ALA F 464 -26.79 -7.03 42.30
N GLY F 465 -25.66 -7.36 41.69
CA GLY F 465 -24.74 -8.33 42.23
C GLY F 465 -23.58 -7.66 42.94
N PRO F 466 -22.44 -8.35 43.05
CA PRO F 466 -21.28 -7.75 43.72
C PRO F 466 -20.81 -6.49 43.00
N GLN F 467 -19.87 -5.80 43.66
CA GLN F 467 -19.39 -4.53 43.15
C GLN F 467 -18.66 -4.72 41.83
N TYR F 468 -19.09 -3.97 40.81
CA TYR F 468 -18.39 -3.93 39.52
C TYR F 468 -17.61 -2.63 39.39
N MET G 1 -25.69 41.46 24.50
CA MET G 1 -26.95 41.00 25.17
C MET G 1 -26.87 41.22 26.67
N LYS G 2 -25.84 40.65 27.29
CA LYS G 2 -25.72 40.61 28.74
C LYS G 2 -24.26 40.77 29.11
N ASN G 3 -24.01 41.00 30.39
CA ASN G 3 -22.70 41.37 30.89
C ASN G 3 -22.50 40.76 32.27
N VAL G 4 -21.48 41.25 32.98
CA VAL G 4 -21.12 40.72 34.29
C VAL G 4 -22.31 40.87 35.24
N GLY G 5 -22.80 42.10 35.38
CA GLY G 5 -23.73 42.45 36.43
C GLY G 5 -25.06 41.74 36.36
N ASP G 6 -25.36 41.07 35.25
CA ASP G 6 -26.58 40.31 35.09
C ASP G 6 -26.33 38.81 34.94
N LEU G 7 -25.27 38.40 34.24
CA LEU G 7 -24.95 36.98 34.20
C LEU G 7 -24.63 36.49 35.60
N MET G 8 -23.64 37.10 36.24
CA MET G 8 -23.28 36.70 37.59
C MET G 8 -24.45 36.91 38.56
N GLN G 9 -25.35 37.83 38.25
CA GLN G 9 -26.55 37.95 39.07
C GLN G 9 -27.44 36.73 38.91
N ARG G 10 -27.61 36.24 37.69
CA ARG G 10 -28.33 34.99 37.47
C ARG G 10 -27.71 33.88 38.30
N LEU G 11 -26.38 33.88 38.36
CA LEU G 11 -25.73 32.90 39.21
C LEU G 11 -26.18 33.06 40.65
N GLN G 12 -25.92 34.22 41.25
CA GLN G 12 -26.27 34.46 42.66
C GLN G 12 -27.73 34.15 42.97
N LYS G 13 -28.62 34.28 41.99
CA LYS G 13 -29.98 33.83 42.20
C LYS G 13 -30.04 32.31 42.30
N MET G 14 -29.41 31.61 41.36
CA MET G 14 -29.35 30.15 41.46
C MET G 14 -28.65 29.70 42.73
N MET G 15 -27.68 30.48 43.18
CA MET G 15 -26.79 30.05 44.23
C MET G 15 -27.53 29.97 45.55
N PRO G 16 -27.01 29.19 46.50
CA PRO G 16 -27.35 29.45 47.90
C PRO G 16 -26.85 30.82 48.31
N ALA G 17 -27.39 31.30 49.41
CA ALA G 17 -26.96 32.58 49.96
C ALA G 17 -25.65 32.42 50.70
N HIS G 18 -24.99 33.55 50.95
CA HIS G 18 -23.77 33.59 51.76
C HIS G 18 -22.68 32.71 51.14
N ILE G 19 -22.24 33.14 49.96
CA ILE G 19 -21.08 32.56 49.31
C ILE G 19 -20.20 33.69 48.81
N LYS G 20 -18.91 33.41 48.75
CA LYS G 20 -17.91 34.31 48.26
C LYS G 20 -17.32 33.78 46.97
N PRO G 21 -16.56 34.58 46.26
CA PRO G 21 -15.84 34.05 45.10
C PRO G 21 -14.62 33.24 45.49
N ALA G 22 -13.96 33.66 46.57
CA ALA G 22 -12.85 32.97 47.22
C ALA G 22 -11.52 33.08 46.48
N PHE G 23 -11.48 33.67 45.29
CA PHE G 23 -10.23 33.82 44.55
C PHE G 23 -9.89 35.27 44.27
N LYS G 24 -10.76 36.03 43.63
CA LYS G 24 -10.62 37.48 43.47
C LYS G 24 -9.50 37.87 42.50
N THR G 25 -8.65 36.92 42.07
CA THR G 25 -7.55 37.19 41.15
C THR G 25 -6.79 35.93 40.76
N GLY G 26 -6.32 35.93 39.51
CA GLY G 26 -5.66 34.77 38.96
C GLY G 26 -4.39 34.38 39.69
N GLU G 27 -3.72 35.36 40.30
CA GLU G 27 -2.51 35.05 41.05
C GLU G 27 -2.80 34.08 42.18
N GLU G 28 -3.76 34.44 43.04
CA GLU G 28 -4.21 33.54 44.10
C GLU G 28 -4.67 32.23 43.52
N LEU G 29 -5.33 32.27 42.36
CA LEU G 29 -5.85 31.03 41.79
C LEU G 29 -4.73 30.06 41.46
N LEU G 30 -3.72 30.53 40.72
CA LEU G 30 -2.62 29.67 40.34
C LEU G 30 -1.88 29.15 41.56
N ALA G 31 -1.76 29.98 42.59
CA ALA G 31 -1.07 29.50 43.78
C ALA G 31 -1.84 28.38 44.45
N TRP G 32 -3.16 28.55 44.58
CA TRP G 32 -3.99 27.52 45.18
C TRP G 32 -3.90 26.23 44.38
N GLN G 33 -3.85 26.36 43.06
CA GLN G 33 -3.74 25.20 42.21
C GLN G 33 -2.41 24.47 42.43
N LYS G 34 -1.32 25.23 42.52
CA LYS G 34 -0.03 24.62 42.80
C LYS G 34 -0.04 23.87 44.12
N GLU G 35 -0.67 24.45 45.14
CA GLU G 35 -0.73 23.80 46.45
C GLU G 35 -1.44 22.46 46.36
N GLN G 36 -2.66 22.47 45.83
CA GLN G 36 -3.43 21.24 45.76
C GLN G 36 -2.74 20.23 44.86
N GLY G 37 -2.03 20.69 43.83
CA GLY G 37 -1.29 19.77 42.99
C GLY G 37 -0.17 19.08 43.74
N ALA G 38 0.54 19.83 44.59
CA ALA G 38 1.58 19.21 45.41
C ALA G 38 1.00 18.16 46.33
N ILE G 39 -0.13 18.47 46.96
CA ILE G 39 -0.75 17.53 47.90
C ILE G 39 -1.11 16.25 47.18
N ARG G 40 -1.91 16.38 46.13
CA ARG G 40 -2.39 15.23 45.39
C ARG G 40 -1.23 14.44 44.78
N SER G 41 -0.13 15.13 44.47
CA SER G 41 1.03 14.45 43.89
C SER G 41 1.73 13.59 44.93
N ALA G 42 1.92 14.12 46.13
CA ALA G 42 2.57 13.34 47.17
C ALA G 42 1.75 12.11 47.51
N ALA G 43 0.43 12.27 47.59
CA ALA G 43 -0.41 11.13 47.91
C ALA G 43 -0.34 10.09 46.81
N LEU G 44 -0.36 10.55 45.57
CA LEU G 44 -0.29 9.66 44.43
C LEU G 44 1.03 8.91 44.40
N GLU G 45 2.10 9.56 44.85
CA GLU G 45 3.40 8.91 44.89
C GLU G 45 3.45 7.80 45.92
N ARG G 46 2.93 8.09 47.12
CA ARG G 46 2.76 7.04 48.13
C ARG G 46 2.01 5.85 47.55
N GLU G 47 0.90 6.13 46.86
CA GLU G 47 0.07 5.08 46.32
C GLU G 47 0.83 4.24 45.31
N ASN G 48 1.54 4.89 44.38
CA ASN G 48 2.26 4.18 43.35
C ASN G 48 3.34 3.28 43.95
N ARG G 49 4.09 3.79 44.93
CA ARG G 49 5.16 2.96 45.51
C ARG G 49 4.58 1.75 46.22
N ALA G 50 3.56 1.97 47.04
CA ALA G 50 2.92 0.86 47.72
C ALA G 50 2.35 -0.16 46.76
N MET G 51 1.97 0.28 45.55
CA MET G 51 1.55 -0.69 44.55
C MET G 51 2.74 -1.39 43.91
N LYS G 52 3.83 -0.66 43.71
CA LYS G 52 5.02 -1.24 43.07
C LYS G 52 5.53 -2.43 43.86
N MET G 53 5.46 -2.32 45.18
CA MET G 53 5.77 -3.46 46.03
C MET G 53 4.95 -4.68 45.62
N GLN G 54 3.62 -4.56 45.71
CA GLN G 54 2.72 -5.66 45.37
C GLN G 54 2.83 -6.11 43.92
N ARG G 55 3.46 -5.34 43.05
CA ARG G 55 3.62 -5.76 41.67
C ARG G 55 4.93 -6.50 41.44
N THR G 56 5.97 -6.20 42.21
CA THR G 56 7.15 -7.04 42.17
C THR G 56 6.87 -8.36 42.88
N PHE G 57 6.49 -8.25 44.14
CA PHE G 57 6.08 -9.37 44.97
C PHE G 57 4.57 -9.54 44.86
N ASN G 58 3.98 -10.26 45.81
CA ASN G 58 2.54 -10.32 45.96
C ASN G 58 2.11 -9.95 47.37
N ARG G 59 2.93 -9.18 48.07
CA ARG G 59 2.60 -8.75 49.42
C ARG G 59 3.27 -7.44 49.73
N SER G 60 2.69 -6.70 50.66
CA SER G 60 3.34 -5.52 51.19
C SER G 60 4.46 -5.93 52.14
N GLY G 61 5.49 -5.10 52.18
CA GLY G 61 6.71 -5.38 52.93
C GLY G 61 6.46 -5.87 54.33
N ILE G 62 5.98 -5.01 55.18
CA ILE G 62 5.54 -5.42 56.50
C ILE G 62 4.17 -6.05 56.37
N ARG G 63 3.99 -7.15 57.04
CA ARG G 63 2.73 -7.83 57.07
C ARG G 63 1.83 -7.25 58.16
N PRO G 64 0.52 -7.37 58.02
CA PRO G 64 -0.38 -6.68 58.97
C PRO G 64 -0.24 -7.17 60.39
N LEU G 65 0.28 -8.38 60.60
CA LEU G 65 0.52 -8.85 61.95
C LEU G 65 1.55 -7.99 62.67
N HIS G 66 2.47 -7.36 61.93
CA HIS G 66 3.51 -6.52 62.50
C HIS G 66 3.48 -5.10 61.93
N GLN G 67 2.34 -4.68 61.40
CA GLN G 67 2.27 -3.33 60.85
C GLN G 67 2.15 -2.29 61.96
N ASN G 68 1.33 -2.56 62.98
CA ASN G 68 1.10 -1.63 64.08
C ASN G 68 2.10 -1.90 65.21
N CYS G 69 3.38 -1.84 64.85
CA CYS G 69 4.43 -2.49 65.62
C CYS G 69 5.63 -1.56 65.76
N SER G 70 5.39 -0.33 66.19
CA SER G 70 6.41 0.71 66.18
C SER G 70 7.22 0.73 67.48
N PHE G 71 7.97 1.81 67.69
CA PHE G 71 8.79 1.95 68.88
C PHE G 71 7.95 2.08 70.13
N GLU G 72 6.83 2.78 70.03
CA GLU G 72 6.10 3.21 71.22
C GLU G 72 5.57 2.02 72.01
N ASN G 73 5.11 0.98 71.31
CA ASN G 73 4.48 -0.16 71.96
C ASN G 73 5.45 -1.28 72.27
N TYR G 74 6.69 -0.93 72.59
CA TYR G 74 7.73 -1.87 72.98
C TYR G 74 7.93 -1.72 74.49
N ARG G 75 7.47 -2.71 75.24
CA ARG G 75 7.37 -2.58 76.68
C ARG G 75 8.73 -2.77 77.35
N VAL G 76 9.05 -1.89 78.27
CA VAL G 76 10.34 -1.95 78.97
C VAL G 76 10.30 -3.05 80.01
N GLU G 77 11.42 -3.78 80.12
CA GLU G 77 11.63 -4.76 81.18
C GLU G 77 13.01 -4.74 81.79
N CYS G 78 14.03 -4.23 81.10
CA CYS G 78 15.40 -4.34 81.59
C CYS G 78 16.24 -3.26 80.91
N GLU G 79 17.56 -3.38 81.04
CA GLU G 79 18.51 -2.45 80.45
C GLU G 79 18.96 -2.87 79.06
N GLY G 80 18.96 -4.18 78.79
CA GLY G 80 19.22 -4.62 77.43
C GLY G 80 18.17 -4.10 76.47
N GLN G 81 16.92 -4.03 76.92
CA GLN G 81 15.87 -3.43 76.11
C GLN G 81 16.20 -1.96 75.81
N MET G 82 16.74 -1.25 76.79
CA MET G 82 17.12 0.14 76.58
C MET G 82 18.23 0.25 75.55
N ASN G 83 19.25 -0.59 75.70
CA ASN G 83 20.36 -0.57 74.77
C ASN G 83 19.88 -0.85 73.35
N ALA G 84 19.10 -1.92 73.19
CA ALA G 84 18.60 -2.30 71.88
C ALA G 84 17.74 -1.21 71.27
N LEU G 85 16.79 -0.69 72.04
CA LEU G 85 15.86 0.32 71.52
C LEU G 85 16.60 1.58 71.13
N SER G 86 17.41 2.12 72.04
CA SER G 86 18.10 3.37 71.77
C SER G 86 19.32 3.19 70.88
N LYS G 87 19.62 1.97 70.46
CA LYS G 87 20.54 1.75 69.36
C LYS G 87 19.82 1.71 68.03
N ALA G 88 18.68 1.04 68.00
CA ALA G 88 17.85 1.05 66.79
C ALA G 88 17.38 2.46 66.45
N ARG G 89 17.18 3.30 67.46
CA ARG G 89 16.76 4.68 67.19
C ARG G 89 17.82 5.42 66.41
N GLN G 90 19.08 5.31 66.85
CA GLN G 90 20.14 5.98 66.12
C GLN G 90 20.42 5.28 64.81
N TYR G 91 20.09 4.00 64.70
CA TYR G 91 20.18 3.34 63.41
C TYR G 91 19.23 3.98 62.41
N VAL G 92 18.01 4.27 62.85
CA VAL G 92 17.05 4.91 61.96
C VAL G 92 17.48 6.34 61.65
N GLU G 93 17.98 7.05 62.67
CA GLU G 93 18.37 8.43 62.45
C GLU G 93 19.54 8.52 61.48
N GLU G 94 20.50 7.63 61.61
CA GLU G 94 21.77 7.68 60.88
C GLU G 94 21.77 6.76 59.66
N PHE G 95 20.60 6.48 59.11
CA PHE G 95 20.49 5.47 58.06
C PHE G 95 20.94 6.00 56.71
N ASP G 96 20.57 7.24 56.38
CA ASP G 96 20.83 7.76 55.05
C ASP G 96 22.32 7.82 54.74
N GLY G 97 22.68 7.29 53.58
CA GLY G 97 24.06 7.32 53.13
C GLY G 97 25.01 6.55 54.01
N ASN G 98 24.50 5.52 54.70
CA ASN G 98 25.26 4.75 55.67
C ASN G 98 25.34 3.30 55.22
N ILE G 99 26.49 2.70 55.42
CA ILE G 99 26.66 1.25 55.30
C ILE G 99 26.59 0.74 56.74
N ALA G 100 25.39 0.40 57.16
CA ALA G 100 25.15 -0.15 58.49
C ALA G 100 24.08 -1.21 58.34
N SER G 101 24.50 -2.45 58.30
CA SER G 101 23.56 -3.56 58.38
C SER G 101 23.30 -3.86 59.84
N PHE G 102 22.64 -4.97 60.11
CA PHE G 102 22.43 -5.33 61.50
C PHE G 102 21.99 -6.78 61.60
N ILE G 103 22.19 -7.33 62.78
CA ILE G 103 21.68 -8.64 63.12
C ILE G 103 21.12 -8.56 64.53
N PHE G 104 19.98 -9.22 64.74
CA PHE G 104 19.39 -9.38 66.05
C PHE G 104 19.46 -10.84 66.41
N SER G 105 20.18 -11.14 67.49
CA SER G 105 20.29 -12.48 68.01
C SER G 105 19.40 -12.64 69.24
N GLY G 106 18.84 -13.81 69.40
CA GLY G 106 17.92 -14.07 70.50
C GLY G 106 16.85 -15.05 70.09
N LYS G 107 16.20 -15.64 71.09
CA LYS G 107 15.18 -16.63 70.86
C LYS G 107 13.92 -15.97 70.32
N PRO G 108 12.92 -16.76 69.92
CA PRO G 108 11.64 -16.18 69.49
C PRO G 108 10.85 -15.62 70.65
N GLY G 109 9.81 -14.88 70.30
CA GLY G 109 8.92 -14.30 71.27
C GLY G 109 9.48 -13.10 71.98
N THR G 110 10.49 -12.45 71.39
CA THR G 110 11.24 -11.41 72.07
C THR G 110 11.09 -10.04 71.44
N GLY G 111 10.61 -9.95 70.21
CA GLY G 111 10.45 -8.65 69.58
C GLY G 111 11.62 -8.30 68.69
N LYS G 112 12.03 -9.23 67.83
CA LYS G 112 13.03 -8.95 66.81
C LYS G 112 12.36 -8.34 65.59
N ASN G 113 11.38 -9.06 65.04
CA ASN G 113 10.54 -8.51 63.99
C ASN G 113 9.87 -7.23 64.43
N HIS G 114 9.60 -7.10 65.72
CA HIS G 114 8.96 -5.89 66.24
C HIS G 114 9.80 -4.65 65.97
N LEU G 115 11.03 -4.62 66.49
CA LEU G 115 11.91 -3.49 66.23
C LEU G 115 12.23 -3.36 64.77
N ALA G 116 12.34 -4.50 64.06
CA ALA G 116 12.56 -4.44 62.63
C ALA G 116 11.45 -3.67 61.94
N ALA G 117 10.22 -3.90 62.36
CA ALA G 117 9.09 -3.27 61.72
C ALA G 117 8.95 -1.82 62.14
N ALA G 118 9.36 -1.49 63.36
CA ALA G 118 9.41 -0.08 63.75
C ALA G 118 10.37 0.67 62.84
N ILE G 119 11.57 0.15 62.70
CA ILE G 119 12.56 0.68 61.77
C ILE G 119 11.93 0.86 60.40
N CYS G 120 11.40 -0.23 59.85
CA CYS G 120 10.93 -0.23 58.48
C CYS G 120 9.77 0.74 58.29
N ASN G 121 8.91 0.90 59.29
CA ASN G 121 7.81 1.85 59.19
C ASN G 121 8.34 3.27 59.15
N GLU G 122 9.32 3.58 59.98
CA GLU G 122 9.89 4.92 59.94
C GLU G 122 10.58 5.17 58.62
N LEU G 123 11.21 4.15 58.04
CA LEU G 123 11.83 4.34 56.74
C LEU G 123 10.79 4.53 55.66
N LEU G 124 9.63 3.90 55.80
CA LEU G 124 8.53 4.18 54.88
C LEU G 124 8.08 5.61 55.00
N LEU G 125 7.99 6.11 56.23
CA LEU G 125 7.70 7.53 56.43
C LEU G 125 8.74 8.41 55.74
N ARG G 126 10.00 8.00 55.77
CA ARG G 126 11.01 8.73 55.02
C ARG G 126 10.72 8.67 53.53
N GLY G 127 10.25 7.53 53.05
CA GLY G 127 9.95 7.31 51.64
C GLY G 127 10.80 6.26 50.98
N LYS G 128 11.24 5.27 51.74
CA LYS G 128 12.04 4.17 51.23
C LYS G 128 11.18 2.94 51.05
N SER G 129 11.80 1.89 50.52
CA SER G 129 11.20 0.58 50.42
C SER G 129 11.81 -0.34 51.45
N VAL G 130 11.01 -1.28 51.93
CA VAL G 130 11.39 -2.18 53.00
C VAL G 130 10.79 -3.54 52.73
N LEU G 131 11.22 -4.51 53.52
CA LEU G 131 10.73 -5.87 53.39
C LEU G 131 11.16 -6.70 54.58
N ILE G 132 10.20 -7.32 55.26
CA ILE G 132 10.47 -8.45 56.13
C ILE G 132 10.17 -9.69 55.32
N ILE G 133 10.97 -10.73 55.49
CA ILE G 133 10.78 -11.90 54.68
C ILE G 133 11.43 -13.09 55.35
N THR G 134 10.74 -14.21 55.25
CA THR G 134 11.28 -15.49 55.66
C THR G 134 12.14 -16.06 54.55
N VAL G 135 13.27 -16.63 54.94
CA VAL G 135 14.18 -17.20 53.96
C VAL G 135 13.48 -18.30 53.19
N ALA G 136 12.65 -19.09 53.86
CA ALA G 136 11.83 -20.08 53.17
C ALA G 136 10.94 -19.42 52.13
N ASP G 137 10.48 -18.18 52.37
CA ASP G 137 9.66 -17.51 51.37
C ASP G 137 10.50 -17.09 50.18
N ILE G 138 11.71 -16.61 50.45
CA ILE G 138 12.64 -16.29 49.36
C ILE G 138 12.83 -17.51 48.48
N MET G 139 13.06 -18.65 49.09
CA MET G 139 13.43 -19.83 48.33
C MET G 139 12.21 -20.46 47.68
N SER G 140 11.05 -20.34 48.30
CA SER G 140 9.82 -20.74 47.63
C SER G 140 9.59 -19.90 46.40
N ALA G 141 9.95 -18.63 46.45
CA ALA G 141 9.84 -17.78 45.27
C ALA G 141 10.85 -18.19 44.21
N MET G 142 12.09 -18.46 44.62
CA MET G 142 13.10 -18.99 43.72
C MET G 142 12.60 -20.21 42.99
N LYS G 143 11.94 -21.12 43.69
CA LYS G 143 11.51 -22.36 43.08
C LYS G 143 10.26 -22.15 42.22
N ASP G 144 9.38 -21.23 42.63
CA ASP G 144 8.25 -20.84 41.79
C ASP G 144 8.72 -20.29 40.46
N THR G 145 9.83 -19.55 40.49
CA THR G 145 10.36 -18.92 39.28
C THR G 145 10.56 -19.91 38.15
N PHE G 146 10.98 -21.14 38.49
CA PHE G 146 11.34 -22.09 37.46
C PHE G 146 10.14 -22.51 36.64
N ARG G 147 8.97 -22.59 37.27
CA ARG G 147 7.72 -22.80 36.55
C ARG G 147 7.46 -21.64 35.60
N ASN G 148 7.26 -20.46 36.15
CA ASN G 148 6.93 -19.27 35.38
C ASN G 148 8.17 -18.85 34.60
N SER G 149 8.24 -19.29 33.34
CA SER G 149 9.39 -18.97 32.51
C SER G 149 9.55 -17.46 32.35
N GLY G 150 8.44 -16.73 32.26
CA GLY G 150 8.47 -15.30 31.97
C GLY G 150 9.26 -14.49 32.98
N THR G 151 9.40 -14.98 34.21
CA THR G 151 10.18 -14.32 35.24
C THR G 151 11.41 -15.17 35.54
N SER G 152 12.34 -14.57 36.28
CA SER G 152 13.64 -15.16 36.47
C SER G 152 14.21 -14.76 37.81
N GLU G 153 15.13 -15.58 38.29
CA GLU G 153 15.66 -15.39 39.62
C GLU G 153 16.69 -14.27 39.65
N GLU G 154 17.35 -13.98 38.53
CA GLU G 154 18.18 -12.79 38.50
C GLU G 154 17.32 -11.53 38.61
N GLN G 155 16.15 -11.54 37.96
CA GLN G 155 15.22 -10.43 38.10
C GLN G 155 14.78 -10.29 39.55
N LEU G 156 14.46 -11.40 40.19
CA LEU G 156 14.02 -11.36 41.58
C LEU G 156 15.14 -10.87 42.49
N LEU G 157 16.36 -11.31 42.25
CA LEU G 157 17.46 -10.92 43.12
C LEU G 157 17.79 -9.45 42.95
N ASN G 158 17.71 -8.96 41.71
CA ASN G 158 17.93 -7.54 41.50
C ASN G 158 16.84 -6.72 42.15
N ASP G 159 15.61 -7.26 42.18
CA ASP G 159 14.53 -6.58 42.88
C ASP G 159 14.77 -6.53 44.37
N LEU G 160 15.24 -7.63 44.95
CA LEU G 160 15.55 -7.65 46.38
C LEU G 160 16.69 -6.70 46.70
N SER G 161 17.78 -6.79 45.94
CA SER G 161 18.94 -5.96 46.19
C SER G 161 18.70 -4.49 45.93
N ASN G 162 17.69 -4.15 45.13
CA ASN G 162 17.31 -2.76 44.95
C ASN G 162 16.37 -2.25 46.01
N VAL G 163 16.21 -2.97 47.09
CA VAL G 163 15.44 -2.51 48.24
C VAL G 163 16.36 -1.73 49.15
N ASP G 164 15.80 -0.72 49.80
CA ASP G 164 16.60 0.14 50.67
C ASP G 164 16.94 -0.55 51.97
N LEU G 165 16.02 -1.35 52.50
CA LEU G 165 16.29 -2.17 53.67
C LEU G 165 15.63 -3.52 53.49
N LEU G 166 16.44 -4.57 53.60
CA LEU G 166 15.98 -5.95 53.55
C LEU G 166 16.43 -6.63 54.82
N VAL G 167 15.46 -7.12 55.58
CA VAL G 167 15.72 -7.92 56.77
C VAL G 167 15.29 -9.34 56.45
N ILE G 168 16.14 -10.28 56.75
CA ILE G 168 15.90 -11.69 56.47
C ILE G 168 15.55 -12.35 57.78
N ASP G 169 14.70 -13.39 57.69
CA ASP G 169 14.10 -14.01 58.85
C ASP G 169 14.20 -15.52 58.75
N GLU G 170 14.15 -16.16 59.93
CA GLU G 170 14.33 -17.61 60.05
C GLU G 170 15.66 -18.04 59.47
N ILE G 171 16.68 -17.22 59.69
CA ILE G 171 18.03 -17.54 59.27
C ILE G 171 18.69 -18.49 60.26
N GLY G 172 18.26 -18.48 61.52
CA GLY G 172 18.86 -19.31 62.55
C GLY G 172 18.82 -20.80 62.28
N VAL G 173 17.95 -21.26 61.39
CA VAL G 173 17.89 -22.68 61.08
C VAL G 173 19.21 -23.09 60.44
N GLN G 174 19.58 -24.35 60.64
CA GLN G 174 20.85 -24.88 60.17
C GLN G 174 20.68 -25.77 58.94
N THR G 175 19.73 -25.42 58.09
CA THR G 175 19.44 -26.22 56.90
C THR G 175 20.65 -26.26 55.99
N GLU G 176 21.01 -27.48 55.57
CA GLU G 176 22.23 -27.72 54.81
C GLU G 176 22.02 -27.58 53.30
N SER G 177 21.00 -26.85 52.88
CA SER G 177 20.70 -26.75 51.45
C SER G 177 21.74 -25.90 50.74
N LYS G 178 22.37 -26.50 49.73
CA LYS G 178 23.35 -25.78 48.94
C LYS G 178 22.73 -24.60 48.23
N TYR G 179 21.48 -24.76 47.77
CA TYR G 179 20.85 -23.67 47.04
C TYR G 179 20.53 -22.52 47.99
N GLU G 180 19.99 -22.82 49.17
CA GLU G 180 19.84 -21.79 50.19
C GLU G 180 21.14 -21.06 50.46
N LYS G 181 22.24 -21.82 50.54
CA LYS G 181 23.53 -21.21 50.82
C LYS G 181 23.91 -20.24 49.73
N VAL G 182 23.88 -20.71 48.48
CA VAL G 182 24.34 -19.90 47.36
C VAL G 182 23.38 -18.78 46.99
N ILE G 183 22.19 -18.74 47.59
CA ILE G 183 21.31 -17.59 47.43
C ILE G 183 21.53 -16.57 48.52
N ILE G 184 21.65 -17.03 49.76
CA ILE G 184 21.94 -16.08 50.84
C ILE G 184 23.35 -15.52 50.71
N ASN G 185 24.21 -16.15 49.91
CA ASN G 185 25.46 -15.51 49.53
C ASN G 185 25.21 -14.41 48.50
N GLN G 186 24.45 -14.75 47.45
CA GLN G 186 24.28 -13.83 46.33
C GLN G 186 23.63 -12.55 46.77
N ILE G 187 22.61 -12.65 47.62
CA ILE G 187 21.83 -11.47 48.00
C ILE G 187 22.71 -10.50 48.76
N VAL G 188 23.41 -11.01 49.76
CA VAL G 188 24.24 -10.15 50.59
C VAL G 188 25.38 -9.57 49.78
N ASP G 189 25.91 -10.35 48.84
CA ASP G 189 26.97 -9.82 48.00
C ASP G 189 26.45 -8.67 47.14
N ARG G 190 25.32 -8.90 46.47
CA ARG G 190 24.76 -7.89 45.58
C ARG G 190 24.27 -6.66 46.32
N ARG G 191 24.03 -6.78 47.62
CA ARG G 191 23.60 -5.63 48.40
C ARG G 191 24.78 -4.86 48.96
N SER G 192 25.70 -5.56 49.62
CA SER G 192 26.85 -4.91 50.21
C SER G 192 27.71 -4.26 49.15
N SER G 193 27.96 -4.98 48.07
CA SER G 193 28.68 -4.42 46.94
C SER G 193 27.96 -3.21 46.37
N SER G 194 26.64 -3.14 46.51
CA SER G 194 25.87 -2.02 46.00
C SER G 194 25.84 -0.84 46.97
N LYS G 195 26.59 -0.90 48.06
CA LYS G 195 26.57 0.15 49.09
C LYS G 195 25.18 0.25 49.70
N ARG G 196 24.68 -0.88 50.16
CA ARG G 196 23.36 -0.97 50.76
C ARG G 196 23.45 -1.86 51.98
N PRO G 197 22.59 -1.67 52.96
CA PRO G 197 22.57 -2.59 54.10
C PRO G 197 21.67 -3.78 53.87
N THR G 198 21.60 -4.63 54.88
CA THR G 198 20.61 -5.68 54.96
C THR G 198 20.45 -6.04 56.42
N GLY G 199 19.59 -6.99 56.69
CA GLY G 199 19.32 -7.37 58.06
C GLY G 199 19.00 -8.85 58.15
N MET G 200 19.28 -9.40 59.32
CA MET G 200 19.07 -10.81 59.58
C MET G 200 18.56 -10.97 60.99
N LEU G 201 17.65 -11.91 61.18
CA LEU G 201 16.99 -12.13 62.45
C LEU G 201 17.09 -13.62 62.77
N THR G 202 17.88 -13.93 63.78
CA THR G 202 18.38 -15.27 64.00
C THR G 202 18.04 -15.71 65.42
N ASN G 203 18.53 -16.91 65.74
CA ASN G 203 18.43 -17.47 67.08
C ASN G 203 19.75 -18.09 67.54
N SER G 204 20.83 -17.85 66.82
CA SER G 204 22.11 -18.51 67.04
C SER G 204 23.19 -17.48 67.32
N ASN G 205 24.38 -17.99 67.62
CA ASN G 205 25.53 -17.17 67.93
C ASN G 205 26.34 -16.92 66.66
N MET G 206 27.29 -15.99 66.76
CA MET G 206 28.08 -15.61 65.60
C MET G 206 28.84 -16.79 65.01
N GLU G 207 29.33 -17.71 65.83
CA GLU G 207 30.08 -18.85 65.30
C GLU G 207 29.16 -19.85 64.63
N GLU G 208 28.06 -20.20 65.31
CA GLU G 208 27.06 -21.09 64.73
C GLU G 208 26.56 -20.56 63.41
N MET G 209 26.44 -19.25 63.29
CA MET G 209 26.02 -18.62 62.07
C MET G 209 27.15 -18.61 61.04
N THR G 210 28.38 -18.41 61.52
CA THR G 210 29.51 -18.17 60.64
C THR G 210 30.00 -19.44 59.97
N LYS G 211 29.80 -20.60 60.59
CA LYS G 211 30.18 -21.81 59.90
C LYS G 211 29.20 -22.14 58.77
N LEU G 212 28.03 -21.49 58.76
CA LEU G 212 27.09 -21.55 57.66
C LEU G 212 27.21 -20.35 56.74
N LEU G 213 27.21 -19.16 57.34
CA LEU G 213 27.48 -17.92 56.61
C LEU G 213 28.98 -17.72 56.59
N GLY G 214 29.61 -17.95 55.45
CA GLY G 214 31.04 -17.83 55.32
C GLY G 214 31.64 -16.55 55.87
N GLU G 215 32.96 -16.59 56.11
CA GLU G 215 33.65 -15.43 56.66
C GLU G 215 33.46 -14.18 55.81
N ARG G 216 33.29 -14.38 54.50
CA ARG G 216 33.15 -13.23 53.61
C ARG G 216 31.83 -12.52 53.82
N VAL G 217 30.77 -13.28 54.07
CA VAL G 217 29.46 -12.66 54.24
C VAL G 217 29.44 -11.83 55.50
N MET G 218 29.88 -12.41 56.61
CA MET G 218 29.96 -11.66 57.84
C MET G 218 30.97 -10.53 57.74
N ASP G 219 31.95 -10.64 56.85
CA ASP G 219 32.84 -9.51 56.58
C ASP G 219 32.08 -8.38 55.91
N ARG G 220 31.26 -8.70 54.92
CA ARG G 220 30.45 -7.70 54.24
C ARG G 220 29.33 -7.18 55.13
N MET G 221 29.04 -7.88 56.22
CA MET G 221 28.03 -7.49 57.17
C MET G 221 28.58 -6.57 58.25
N ARG G 222 29.80 -6.83 58.70
CA ARG G 222 30.36 -6.13 59.85
C ARG G 222 31.17 -4.91 59.37
N LEU G 223 30.42 -3.92 58.90
CA LEU G 223 30.95 -2.63 58.51
C LEU G 223 30.30 -1.53 59.34
N GLY G 224 30.97 -0.39 59.41
CA GLY G 224 30.55 0.73 60.23
C GLY G 224 30.20 0.30 61.64
N ASN G 225 28.97 0.59 62.05
CA ASN G 225 28.42 0.08 63.31
C ASN G 225 27.60 -1.17 62.97
N SER G 226 28.26 -2.32 63.05
CA SER G 226 27.67 -3.57 62.60
C SER G 226 26.37 -3.89 63.32
N LEU G 227 26.30 -3.62 64.61
CA LEU G 227 25.09 -3.84 65.39
C LEU G 227 24.71 -5.33 65.43
N TRP G 228 25.56 -6.10 66.12
CA TRP G 228 25.20 -7.45 66.53
C TRP G 228 24.50 -7.35 67.87
N VAL G 229 23.24 -6.97 67.82
CA VAL G 229 22.42 -6.90 69.02
C VAL G 229 21.98 -8.30 69.38
N ILE G 230 21.98 -8.59 70.67
CA ILE G 230 21.69 -9.91 71.19
C ILE G 230 20.69 -9.76 72.32
N PHE G 231 19.69 -10.62 72.34
CA PHE G 231 18.65 -10.63 73.36
C PHE G 231 18.93 -11.76 74.33
N ASN G 232 18.94 -11.44 75.62
CA ASN G 232 19.21 -12.37 76.70
C ASN G 232 17.98 -12.52 77.57
N TRP G 233 16.81 -12.62 76.93
CA TRP G 233 15.53 -12.42 77.58
C TRP G 233 14.71 -13.70 77.55
N ASP G 234 13.46 -13.56 78.00
CA ASP G 234 12.46 -14.60 77.99
C ASP G 234 11.37 -14.24 77.00
N SER G 235 10.61 -15.25 76.61
CA SER G 235 9.49 -15.04 75.71
C SER G 235 8.50 -14.07 76.31
N TYR G 236 8.12 -13.07 75.51
CA TYR G 236 7.24 -12.01 75.98
C TYR G 236 5.87 -12.56 76.38
N ARG G 237 5.25 -13.31 75.48
CA ARG G 237 3.89 -13.80 75.68
C ARG G 237 3.83 -15.02 76.57
N SER G 238 4.93 -15.37 77.24
CA SER G 238 4.85 -16.24 78.40
C SER G 238 4.24 -15.51 79.59
N ARG G 239 4.25 -14.17 79.57
CA ARG G 239 3.81 -13.36 80.69
C ARG G 239 2.36 -12.92 80.51
N MET H 1 22.42 50.33 7.20
CA MET H 1 21.76 50.73 8.48
C MET H 1 22.80 50.96 9.58
N LYS H 2 23.68 49.98 9.78
CA LYS H 2 24.71 50.04 10.80
C LYS H 2 25.94 49.28 10.32
N ASN H 3 27.11 49.77 10.68
CA ASN H 3 28.39 49.25 10.22
C ASN H 3 29.09 48.48 11.34
N VAL H 4 30.34 48.08 11.06
CA VAL H 4 31.13 47.24 11.96
C VAL H 4 31.22 47.88 13.34
N GLY H 5 31.80 49.09 13.39
CA GLY H 5 32.06 49.73 14.66
C GLY H 5 30.79 49.97 15.44
N ASP H 6 29.72 50.38 14.76
CA ASP H 6 28.50 50.71 15.47
C ASP H 6 27.83 49.47 16.03
N LEU H 7 27.84 48.37 15.28
CA LEU H 7 27.29 47.13 15.80
C LEU H 7 28.06 46.67 17.02
N MET H 8 29.39 46.63 16.91
CA MET H 8 30.21 46.22 18.05
C MET H 8 30.01 47.15 19.24
N GLN H 9 29.83 48.45 18.99
CA GLN H 9 29.52 49.39 20.07
C GLN H 9 28.24 48.98 20.77
N ARG H 10 27.19 48.75 19.99
CA ARG H 10 25.90 48.37 20.55
C ARG H 10 25.99 47.03 21.29
N LEU H 11 26.96 46.20 20.93
CA LEU H 11 27.21 44.96 21.65
C LEU H 11 27.90 45.21 22.99
N GLN H 12 28.96 46.03 22.98
CA GLN H 12 29.63 46.37 24.23
C GLN H 12 28.73 47.14 25.16
N LYS H 13 27.63 47.71 24.63
CA LYS H 13 26.59 48.21 25.52
C LYS H 13 26.07 47.09 26.40
N MET H 14 26.01 45.87 25.88
CA MET H 14 25.60 44.74 26.70
C MET H 14 26.72 44.31 27.62
N MET H 15 27.85 43.93 27.04
CA MET H 15 28.79 43.15 27.82
C MET H 15 29.69 44.05 28.66
N PRO H 16 30.44 43.48 29.60
CA PRO H 16 31.42 44.28 30.33
C PRO H 16 32.68 44.55 29.54
N ALA H 17 33.67 45.15 30.18
CA ALA H 17 34.88 45.59 29.52
C ALA H 17 36.04 44.65 29.82
N HIS H 18 37.08 44.75 29.00
CA HIS H 18 38.25 43.87 29.06
C HIS H 18 37.83 42.41 28.89
N ILE H 19 37.36 42.15 27.67
CA ILE H 19 36.60 40.96 27.32
C ILE H 19 37.18 40.34 26.06
N LYS H 20 38.45 40.64 25.78
CA LYS H 20 38.98 40.68 24.43
C LYS H 20 38.61 39.42 23.64
N PRO H 21 38.38 39.54 22.33
CA PRO H 21 37.67 38.48 21.59
C PRO H 21 38.35 37.12 21.60
N ALA H 22 39.67 37.09 21.75
CA ALA H 22 40.47 35.90 21.97
C ALA H 22 40.72 35.09 20.70
N PHE H 23 40.10 35.42 19.56
CA PHE H 23 40.34 34.70 18.31
C PHE H 23 40.93 35.60 17.23
N LYS H 24 40.26 36.68 16.85
CA LYS H 24 40.79 37.70 15.96
C LYS H 24 40.89 37.26 14.50
N THR H 25 40.68 35.99 14.19
CA THR H 25 40.83 35.52 12.81
C THR H 25 40.33 34.09 12.71
N GLY H 26 40.28 33.61 11.47
CA GLY H 26 39.71 32.32 11.16
C GLY H 26 40.71 31.19 11.21
N GLU H 27 42.00 31.51 11.12
CA GLU H 27 43.02 30.48 11.23
C GLU H 27 43.01 29.85 12.62
N GLU H 28 42.67 30.63 13.64
CA GLU H 28 42.79 30.20 15.02
C GLU H 28 41.53 29.54 15.54
N LEU H 29 40.38 30.08 15.14
CA LEU H 29 39.09 29.55 15.59
C LEU H 29 38.94 28.09 15.24
N LEU H 30 39.31 27.69 14.03
CA LEU H 30 39.15 26.29 13.64
C LEU H 30 40.02 25.39 14.48
N ALA H 31 41.26 25.79 14.76
CA ALA H 31 42.15 24.97 15.58
C ALA H 31 41.62 24.86 17.00
N TRP H 32 41.13 25.97 17.53
CA TRP H 32 40.51 25.96 18.84
C TRP H 32 39.34 24.98 18.89
N GLN H 33 38.55 24.96 17.82
CA GLN H 33 37.40 24.06 17.81
C GLN H 33 37.85 22.62 17.68
N LYS H 34 38.92 22.40 16.94
CA LYS H 34 39.49 21.06 16.83
C LYS H 34 39.93 20.55 18.19
N GLU H 35 40.64 21.38 18.95
CA GLU H 35 41.05 20.98 20.30
C GLU H 35 39.85 20.64 21.16
N GLN H 36 38.89 21.57 21.24
CA GLN H 36 37.74 21.36 22.09
C GLN H 36 36.95 20.13 21.67
N GLY H 37 36.95 19.82 20.38
CA GLY H 37 36.24 18.64 19.91
C GLY H 37 36.96 17.38 20.28
N ALA H 38 38.29 17.42 20.31
CA ALA H 38 39.05 16.28 20.82
C ALA H 38 38.69 16.01 22.27
N ILE H 39 38.54 17.08 23.06
CA ILE H 39 38.24 16.90 24.47
C ILE H 39 36.84 16.32 24.66
N ARG H 40 35.86 16.93 24.00
CA ARG H 40 34.48 16.46 24.08
C ARG H 40 34.38 15.01 23.64
N SER H 41 35.17 14.62 22.64
CA SER H 41 35.18 13.25 22.19
C SER H 41 35.71 12.32 23.28
N ALA H 42 36.75 12.75 23.98
CA ALA H 42 37.28 11.94 25.08
C ALA H 42 36.22 11.69 26.13
N ALA H 43 35.59 12.76 26.61
CA ALA H 43 34.56 12.63 27.63
C ALA H 43 33.45 11.70 27.18
N LEU H 44 33.00 11.89 25.96
CA LEU H 44 31.89 11.15 25.42
C LEU H 44 32.23 9.67 25.24
N GLU H 45 33.50 9.40 24.90
CA GLU H 45 33.94 8.03 24.74
C GLU H 45 34.03 7.33 26.08
N ARG H 46 34.53 8.02 27.11
CA ARG H 46 34.50 7.48 28.46
C ARG H 46 33.09 7.09 28.85
N GLU H 47 32.14 8.00 28.62
CA GLU H 47 30.76 7.74 29.05
C GLU H 47 30.18 6.53 28.33
N ASN H 48 30.45 6.41 27.03
CA ASN H 48 29.84 5.30 26.31
C ASN H 48 30.52 3.98 26.59
N ARG H 49 31.84 3.97 26.81
CA ARG H 49 32.48 2.74 27.28
C ARG H 49 31.91 2.31 28.61
N ALA H 50 31.59 3.28 29.46
CA ALA H 50 30.97 2.95 30.75
C ALA H 50 29.59 2.36 30.54
N MET H 51 28.82 2.93 29.62
CA MET H 51 27.44 2.50 29.46
C MET H 51 27.33 1.15 28.77
N LYS H 52 28.28 0.81 27.90
CA LYS H 52 28.25 -0.49 27.24
C LYS H 52 28.23 -1.62 28.27
N MET H 53 28.86 -1.40 29.41
CA MET H 53 28.86 -2.42 30.45
C MET H 53 27.50 -2.53 31.09
N GLN H 54 26.87 -1.41 31.42
CA GLN H 54 25.54 -1.44 32.04
C GLN H 54 24.43 -1.76 31.07
N ARG H 55 24.73 -1.86 29.78
CA ARG H 55 23.74 -2.26 28.79
C ARG H 55 24.01 -3.63 28.19
N THR H 56 25.16 -4.23 28.50
CA THR H 56 25.38 -5.65 28.26
C THR H 56 25.18 -6.44 29.53
N PHE H 57 25.84 -6.02 30.59
CA PHE H 57 25.51 -6.42 31.95
C PHE H 57 24.59 -5.37 32.53
N ASN H 58 24.37 -5.44 33.84
CA ASN H 58 23.50 -4.50 34.55
C ASN H 58 24.28 -3.74 35.60
N ARG H 59 25.60 -3.77 35.56
CA ARG H 59 26.39 -3.09 36.57
C ARG H 59 27.71 -2.64 35.99
N SER H 60 28.29 -1.65 36.65
CA SER H 60 29.63 -1.21 36.31
C SER H 60 30.62 -2.30 36.68
N GLY H 61 31.65 -2.45 35.85
CA GLY H 61 32.54 -3.60 35.95
C GLY H 61 33.08 -3.83 37.34
N ILE H 62 33.43 -2.76 38.00
CA ILE H 62 33.71 -2.77 39.43
C ILE H 62 32.48 -2.28 40.15
N ARG H 63 32.26 -2.81 41.25
CA ARG H 63 31.16 -2.46 42.12
C ARG H 63 31.65 -1.50 43.19
N PRO H 64 30.78 -0.60 43.65
CA PRO H 64 31.25 0.58 44.38
C PRO H 64 31.96 0.28 45.69
N LEU H 65 31.81 -0.91 46.25
CA LEU H 65 32.56 -1.22 47.47
C LEU H 65 34.06 -1.31 47.21
N HIS H 66 34.46 -1.53 45.97
CA HIS H 66 35.86 -1.65 45.59
C HIS H 66 36.23 -0.63 44.53
N GLN H 67 35.52 0.49 44.49
CA GLN H 67 35.73 1.51 43.48
C GLN H 67 36.83 2.48 43.89
N ASN H 68 36.85 2.89 45.16
CA ASN H 68 37.92 3.73 45.70
C ASN H 68 38.97 2.83 46.34
N CYS H 69 39.63 2.06 45.47
CA CYS H 69 40.37 0.87 45.88
C CYS H 69 41.71 0.77 45.16
N SER H 70 42.51 1.83 45.19
CA SER H 70 43.74 1.87 44.43
C SER H 70 44.81 1.03 45.12
N PHE H 71 46.05 1.21 44.70
CA PHE H 71 47.19 0.52 45.31
C PHE H 71 47.72 1.29 46.51
N GLU H 72 47.77 2.61 46.41
CA GLU H 72 48.38 3.44 47.44
C GLU H 72 47.77 3.19 48.81
N ASN H 73 46.47 2.94 48.85
CA ASN H 73 45.79 2.67 50.11
C ASN H 73 46.00 1.25 50.62
N TYR H 74 46.66 0.39 49.85
CA TYR H 74 46.95 -0.97 50.28
C TYR H 74 47.92 -0.90 51.46
N ARG H 75 47.43 -1.26 52.64
CA ARG H 75 48.18 -1.05 53.86
C ARG H 75 49.23 -2.14 54.02
N VAL H 76 50.48 -1.72 54.16
CA VAL H 76 51.59 -2.63 54.33
C VAL H 76 51.51 -3.29 55.70
N GLU H 77 51.76 -4.59 55.75
CA GLU H 77 51.96 -5.29 57.01
C GLU H 77 53.20 -6.17 57.02
N CYS H 78 53.52 -6.83 55.91
CA CYS H 78 54.58 -7.83 55.87
C CYS H 78 55.28 -7.79 54.52
N GLU H 79 56.14 -8.77 54.28
CA GLU H 79 56.94 -8.82 53.06
C GLU H 79 56.19 -9.47 51.92
N GLY H 80 55.35 -10.45 52.20
CA GLY H 80 54.55 -11.02 51.15
C GLY H 80 53.60 -10.02 50.54
N GLN H 81 53.16 -9.05 51.33
CA GLN H 81 52.37 -7.96 50.79
C GLN H 81 53.15 -7.18 49.75
N MET H 82 54.45 -7.00 49.98
CA MET H 82 55.29 -6.37 48.97
C MET H 82 55.41 -7.26 47.75
N ASN H 83 55.63 -8.55 47.98
CA ASN H 83 55.76 -9.49 46.87
C ASN H 83 54.49 -9.59 46.05
N ALA H 84 53.35 -9.23 46.62
CA ALA H 84 52.09 -9.21 45.89
C ALA H 84 51.86 -7.87 45.20
N LEU H 85 51.94 -6.79 45.97
CA LEU H 85 51.70 -5.45 45.45
C LEU H 85 52.65 -5.11 44.31
N SER H 86 53.96 -5.12 44.59
CA SER H 86 54.91 -4.70 43.58
C SER H 86 55.04 -5.70 42.43
N LYS H 87 54.43 -6.88 42.57
CA LYS H 87 54.31 -7.81 41.45
C LYS H 87 53.13 -7.44 40.58
N ALA H 88 51.98 -7.21 41.21
CA ALA H 88 50.81 -6.72 40.51
C ALA H 88 51.11 -5.45 39.74
N ARG H 89 51.98 -4.60 40.26
CA ARG H 89 52.30 -3.36 39.56
C ARG H 89 52.92 -3.66 38.19
N GLN H 90 53.96 -4.50 38.15
CA GLN H 90 54.54 -4.83 36.84
C GLN H 90 53.58 -5.67 36.02
N TYR H 91 52.64 -6.37 36.66
CA TYR H 91 51.61 -7.04 35.89
C TYR H 91 50.75 -6.05 35.14
N VAL H 92 50.43 -4.94 35.79
CA VAL H 92 49.71 -3.86 35.11
C VAL H 92 50.57 -3.30 33.98
N GLU H 93 51.87 -3.19 34.23
CA GLU H 93 52.70 -2.47 33.28
C GLU H 93 52.92 -3.28 32.01
N GLU H 94 53.14 -4.59 32.16
CA GLU H 94 53.35 -5.49 31.03
C GLU H 94 52.07 -6.11 30.52
N PHE H 95 50.93 -5.42 30.67
CA PHE H 95 49.67 -6.04 30.32
C PHE H 95 49.51 -6.16 28.81
N ASP H 96 49.52 -5.03 28.11
CA ASP H 96 49.04 -4.94 26.75
C ASP H 96 49.71 -5.94 25.82
N GLY H 97 48.88 -6.66 25.08
CA GLY H 97 49.36 -7.68 24.15
C GLY H 97 50.12 -8.81 24.82
N ASN H 98 49.82 -9.09 26.08
CA ASN H 98 50.49 -10.15 26.82
C ASN H 98 49.47 -11.06 27.46
N ILE H 99 49.67 -12.37 27.30
CA ILE H 99 48.85 -13.38 27.95
C ILE H 99 49.46 -13.59 29.33
N ALA H 100 48.95 -12.83 30.28
CA ALA H 100 49.41 -12.87 31.66
C ALA H 100 48.14 -12.92 32.50
N SER H 101 47.87 -14.09 33.04
CA SER H 101 46.73 -14.30 33.90
C SER H 101 47.14 -14.10 35.34
N PHE H 102 46.25 -14.41 36.29
CA PHE H 102 46.63 -14.35 37.69
C PHE H 102 45.54 -14.98 38.53
N ILE H 103 45.95 -15.71 39.56
CA ILE H 103 45.03 -16.42 40.45
C ILE H 103 45.44 -16.08 41.87
N PHE H 104 44.84 -15.05 42.42
CA PHE H 104 44.97 -14.79 43.84
C PHE H 104 44.18 -15.83 44.62
N SER H 105 44.87 -16.64 45.41
CA SER H 105 44.26 -17.66 46.25
C SER H 105 44.59 -17.41 47.70
N GLY H 106 43.61 -17.66 48.57
CA GLY H 106 43.82 -17.49 49.99
C GLY H 106 42.51 -17.20 50.70
N LYS H 107 42.60 -17.17 52.01
CA LYS H 107 41.45 -16.94 52.87
C LYS H 107 40.83 -15.57 52.62
N PRO H 108 39.63 -15.31 53.14
CA PRO H 108 39.03 -13.99 52.97
C PRO H 108 39.71 -12.93 53.83
N GLY H 109 39.29 -11.69 53.60
CA GLY H 109 39.81 -10.55 54.32
C GLY H 109 41.27 -10.26 54.08
N THR H 110 41.86 -10.88 53.06
CA THR H 110 43.27 -10.72 52.79
C THR H 110 43.57 -9.60 51.80
N GLY H 111 42.59 -9.20 51.00
CA GLY H 111 42.81 -8.18 49.98
C GLY H 111 42.98 -8.80 48.62
N LYS H 112 42.08 -9.74 48.28
CA LYS H 112 42.06 -10.30 46.93
C LYS H 112 41.34 -9.37 45.98
N ASN H 113 40.05 -9.13 46.27
CA ASN H 113 39.28 -8.20 45.46
C ASN H 113 39.88 -6.81 45.48
N HIS H 114 40.61 -6.47 46.54
CA HIS H 114 41.20 -5.15 46.64
C HIS H 114 42.21 -4.92 45.53
N LEU H 115 43.14 -5.86 45.35
CA LEU H 115 44.12 -5.73 44.29
C LEU H 115 43.49 -5.97 42.93
N ALA H 116 42.56 -6.92 42.86
CA ALA H 116 41.87 -7.15 41.59
C ALA H 116 41.08 -5.95 41.14
N ALA H 117 40.74 -5.05 42.07
CA ALA H 117 40.06 -3.81 41.75
C ALA H 117 41.02 -2.67 41.50
N ALA H 118 42.15 -2.63 42.20
CA ALA H 118 43.14 -1.60 41.92
C ALA H 118 43.67 -1.73 40.51
N ILE H 119 43.96 -2.97 40.12
CA ILE H 119 44.36 -3.27 38.75
C ILE H 119 43.34 -2.70 37.78
N CYS H 120 42.08 -3.07 37.96
CA CYS H 120 41.07 -2.69 37.00
C CYS H 120 40.83 -1.18 36.99
N ASN H 121 40.99 -0.53 38.14
CA ASN H 121 40.86 0.93 38.15
C ASN H 121 42.04 1.60 37.46
N GLU H 122 43.20 0.97 37.46
CA GLU H 122 44.30 1.50 36.66
C GLU H 122 44.02 1.29 35.18
N LEU H 123 43.44 0.15 34.84
CA LEU H 123 43.23 -0.17 33.44
C LEU H 123 42.04 0.57 32.85
N LEU H 124 41.12 1.06 33.69
CA LEU H 124 40.11 1.96 33.19
C LEU H 124 40.74 3.27 32.73
N LEU H 125 41.79 3.70 33.41
CA LEU H 125 42.51 4.90 33.01
C LEU H 125 43.42 4.62 31.83
N ARG H 126 43.92 3.39 31.71
CA ARG H 126 44.56 2.99 30.46
C ARG H 126 43.57 3.00 29.30
N GLY H 127 42.28 2.86 29.59
CA GLY H 127 41.25 2.84 28.57
C GLY H 127 40.86 1.43 28.15
N LYS H 128 40.57 0.59 29.13
CA LYS H 128 40.22 -0.81 28.89
C LYS H 128 38.88 -1.11 29.55
N SER H 129 38.30 -2.22 29.10
CA SER H 129 37.12 -2.80 29.72
C SER H 129 37.55 -3.82 30.76
N VAL H 130 36.78 -3.89 31.84
CA VAL H 130 37.08 -4.77 32.95
C VAL H 130 35.79 -5.36 33.46
N LEU H 131 35.95 -6.36 34.33
CA LEU H 131 34.83 -6.93 35.05
C LEU H 131 35.36 -7.82 36.16
N ILE H 132 34.97 -7.53 37.39
CA ILE H 132 35.13 -8.45 38.50
C ILE H 132 33.74 -8.99 38.79
N ILE H 133 33.63 -10.32 38.82
CA ILE H 133 32.33 -10.95 38.86
C ILE H 133 32.43 -12.24 39.64
N THR H 134 31.31 -12.65 40.17
CA THR H 134 31.16 -13.87 40.92
C THR H 134 30.49 -14.91 40.03
N VAL H 135 30.99 -16.14 40.12
CA VAL H 135 30.49 -17.21 39.28
C VAL H 135 29.01 -17.43 39.54
N ALA H 136 28.59 -17.23 40.77
CA ALA H 136 27.17 -17.21 41.10
C ALA H 136 26.41 -16.25 40.18
N ASP H 137 26.96 -15.05 39.99
CA ASP H 137 26.27 -14.06 39.19
C ASP H 137 26.32 -14.41 37.72
N ILE H 138 27.42 -15.01 37.27
CA ILE H 138 27.51 -15.46 35.89
C ILE H 138 26.38 -16.44 35.61
N MET H 139 26.23 -17.42 36.50
CA MET H 139 25.27 -18.48 36.23
C MET H 139 23.86 -17.99 36.41
N SER H 140 23.65 -17.04 37.32
CA SER H 140 22.34 -16.40 37.41
C SER H 140 21.98 -15.70 36.11
N ALA H 141 22.96 -15.05 35.49
CA ALA H 141 22.70 -14.38 34.23
C ALA H 141 22.39 -15.37 33.13
N MET H 142 23.15 -16.48 33.08
CA MET H 142 22.82 -17.56 32.17
C MET H 142 21.38 -18.00 32.33
N LYS H 143 21.01 -18.39 33.56
CA LYS H 143 19.67 -18.86 33.83
C LYS H 143 18.62 -17.82 33.46
N ASP H 144 18.92 -16.54 33.64
CA ASP H 144 18.00 -15.49 33.22
C ASP H 144 17.86 -15.45 31.72
N THR H 145 18.92 -15.79 31.00
CA THR H 145 18.90 -15.72 29.55
C THR H 145 17.91 -16.70 28.94
N PHE H 146 17.57 -17.78 29.64
CA PHE H 146 16.65 -18.77 29.10
C PHE H 146 15.23 -18.22 28.96
N ARG H 147 14.90 -17.18 29.70
CA ARG H 147 13.56 -16.60 29.64
C ARG H 147 13.29 -16.04 28.26
N ASN H 148 14.03 -15.01 27.88
CA ASN H 148 13.72 -14.23 26.70
C ASN H 148 14.33 -14.88 25.48
N SER H 149 13.59 -14.82 24.37
CA SER H 149 14.07 -15.26 23.07
C SER H 149 14.67 -14.11 22.27
N GLY H 150 15.27 -13.13 22.94
CA GLY H 150 15.95 -12.03 22.30
C GLY H 150 17.43 -11.99 22.64
N THR H 151 17.77 -12.44 23.85
CA THR H 151 19.14 -12.55 24.31
C THR H 151 19.50 -14.02 24.49
N SER H 152 20.81 -14.29 24.45
CA SER H 152 21.29 -15.66 24.36
C SER H 152 22.64 -15.81 25.03
N GLU H 153 22.85 -17.01 25.57
CA GLU H 153 24.07 -17.28 26.31
C GLU H 153 25.30 -17.14 25.43
N GLU H 154 25.17 -17.45 24.13
CA GLU H 154 26.28 -17.21 23.22
C GLU H 154 26.60 -15.72 23.14
N GLN H 155 25.56 -14.88 23.17
CA GLN H 155 25.78 -13.44 23.20
C GLN H 155 26.50 -13.04 24.47
N LEU H 156 26.11 -13.64 25.58
CA LEU H 156 26.76 -13.30 26.86
C LEU H 156 28.21 -13.74 26.87
N LEU H 157 28.48 -14.95 26.41
CA LEU H 157 29.84 -15.46 26.41
C LEU H 157 30.71 -14.65 25.48
N ASN H 158 30.18 -14.24 24.34
CA ASN H 158 30.95 -13.38 23.47
C ASN H 158 31.22 -12.04 24.15
N ASP H 159 30.25 -11.55 24.92
CA ASP H 159 30.47 -10.30 25.66
C ASP H 159 31.62 -10.45 26.65
N LEU H 160 31.61 -11.53 27.42
CA LEU H 160 32.67 -11.76 28.39
C LEU H 160 34.00 -11.94 27.71
N SER H 161 34.07 -12.84 26.74
CA SER H 161 35.30 -13.09 26.01
C SER H 161 35.85 -11.85 25.34
N ASN H 162 35.00 -10.92 24.92
CA ASN H 162 35.52 -9.70 24.31
C ASN H 162 36.23 -8.81 25.30
N VAL H 163 35.93 -8.96 26.59
CA VAL H 163 36.45 -8.04 27.59
C VAL H 163 37.96 -8.19 27.67
N ASP H 164 38.63 -7.06 27.93
CA ASP H 164 40.08 -7.06 28.03
C ASP H 164 40.55 -7.85 29.24
N LEU H 165 39.98 -7.55 30.40
CA LEU H 165 40.26 -8.29 31.62
C LEU H 165 38.97 -8.74 32.28
N LEU H 166 38.91 -10.01 32.59
CA LEU H 166 37.84 -10.61 33.34
C LEU H 166 38.47 -11.32 34.52
N VAL H 167 37.80 -11.24 35.67
CA VAL H 167 38.22 -11.96 36.84
C VAL H 167 37.00 -12.54 37.51
N ILE H 168 37.21 -13.70 38.09
CA ILE H 168 36.14 -14.52 38.61
C ILE H 168 36.42 -14.77 40.08
N ASP H 169 35.34 -14.89 40.84
CA ASP H 169 35.42 -15.03 42.28
C ASP H 169 34.44 -16.10 42.73
N GLU H 170 34.63 -16.57 43.96
CA GLU H 170 33.87 -17.68 44.53
C GLU H 170 33.99 -18.91 43.65
N ILE H 171 35.19 -19.14 43.13
CA ILE H 171 35.46 -20.36 42.36
C ILE H 171 36.03 -21.46 43.24
N GLY H 172 36.63 -21.13 44.38
CA GLY H 172 37.17 -22.14 45.27
C GLY H 172 36.12 -23.05 45.87
N VAL H 173 34.88 -22.59 45.96
CA VAL H 173 33.80 -23.45 46.43
C VAL H 173 33.65 -24.64 45.50
N GLN H 174 33.17 -25.75 46.04
CA GLN H 174 33.15 -27.03 45.35
C GLN H 174 31.79 -27.37 44.78
N THR H 175 31.02 -26.38 44.33
CA THR H 175 29.74 -26.64 43.71
C THR H 175 29.95 -27.51 42.47
N GLU H 176 29.46 -28.74 42.53
CA GLU H 176 29.76 -29.77 41.56
C GLU H 176 28.98 -29.65 40.26
N SER H 177 28.33 -28.53 39.99
CA SER H 177 27.36 -28.48 38.91
C SER H 177 28.05 -28.60 37.55
N LYS H 178 27.55 -29.55 36.76
CA LYS H 178 28.13 -29.80 35.45
C LYS H 178 27.98 -28.59 34.55
N TYR H 179 26.87 -27.87 34.70
CA TYR H 179 26.67 -26.67 33.91
C TYR H 179 27.71 -25.61 34.27
N GLU H 180 27.99 -25.44 35.57
CA GLU H 180 29.06 -24.53 35.97
C GLU H 180 30.38 -24.93 35.35
N LYS H 181 30.68 -26.23 35.38
CA LYS H 181 31.93 -26.72 34.79
C LYS H 181 32.01 -26.38 33.30
N VAL H 182 30.96 -26.72 32.56
CA VAL H 182 30.99 -26.62 31.11
C VAL H 182 30.62 -25.22 30.63
N ILE H 183 30.50 -24.27 31.55
CA ILE H 183 30.48 -22.86 31.22
C ILE H 183 31.78 -22.18 31.62
N ILE H 184 32.31 -22.54 32.79
CA ILE H 184 33.54 -21.93 33.26
C ILE H 184 34.72 -22.41 32.45
N ASN H 185 34.59 -23.53 31.75
CA ASN H 185 35.66 -23.94 30.84
C ASN H 185 35.52 -23.23 29.50
N GLN H 186 34.29 -23.02 29.03
CA GLN H 186 34.07 -22.29 27.78
C GLN H 186 34.65 -20.90 27.87
N ILE H 187 34.40 -20.21 28.98
CA ILE H 187 34.87 -18.84 29.13
C ILE H 187 36.39 -18.78 28.96
N VAL H 188 37.10 -19.59 29.73
CA VAL H 188 38.55 -19.53 29.71
C VAL H 188 39.09 -19.99 28.36
N ASP H 189 38.43 -20.97 27.75
CA ASP H 189 38.89 -21.43 26.45
C ASP H 189 38.77 -20.32 25.42
N ARG H 190 37.63 -19.65 25.39
CA ARG H 190 37.40 -18.62 24.39
C ARG H 190 38.27 -17.40 24.66
N ARG H 191 38.66 -17.18 25.90
CA ARG H 191 39.49 -16.03 26.21
C ARG H 191 40.95 -16.30 25.89
N SER H 192 41.45 -17.45 26.30
CA SER H 192 42.81 -17.82 25.97
C SER H 192 43.01 -17.90 24.47
N SER H 193 42.15 -18.67 23.80
CA SER H 193 42.28 -18.87 22.36
C SER H 193 42.21 -17.55 21.60
N SER H 194 41.43 -16.60 22.09
CA SER H 194 41.37 -15.28 21.46
C SER H 194 42.57 -14.42 21.76
N LYS H 195 43.57 -14.94 22.47
CA LYS H 195 44.70 -14.16 22.91
C LYS H 195 44.22 -13.01 23.80
N ARG H 196 43.60 -13.40 24.91
CA ARG H 196 43.10 -12.50 25.92
C ARG H 196 43.33 -13.13 27.29
N PRO H 197 43.65 -12.32 28.30
CA PRO H 197 43.87 -12.89 29.63
C PRO H 197 42.62 -12.99 30.49
N THR H 198 42.82 -13.39 31.74
CA THR H 198 41.77 -13.46 32.75
C THR H 198 42.47 -13.74 34.07
N GLY H 199 41.73 -13.58 35.16
CA GLY H 199 42.31 -13.90 36.45
C GLY H 199 41.34 -14.31 37.53
N MET H 200 41.54 -15.49 38.10
CA MET H 200 40.59 -16.00 39.06
C MET H 200 40.88 -15.49 40.46
N LEU H 201 39.88 -15.67 41.33
CA LEU H 201 39.99 -15.37 42.74
C LEU H 201 39.34 -16.51 43.50
N THR H 202 40.02 -17.02 44.53
CA THR H 202 39.63 -18.28 45.10
C THR H 202 40.08 -18.35 46.55
N ASN H 203 39.94 -19.55 47.12
CA ASN H 203 40.38 -19.86 48.47
C ASN H 203 41.18 -21.15 48.55
N SER H 204 41.32 -21.87 47.45
CA SER H 204 41.78 -23.25 47.45
C SER H 204 43.22 -23.35 46.94
N ASN H 205 43.73 -24.57 47.02
CA ASN H 205 45.06 -24.93 46.58
C ASN H 205 45.04 -25.26 45.09
N MET H 206 46.22 -25.28 44.49
CA MET H 206 46.30 -25.57 43.06
C MET H 206 45.74 -26.95 42.74
N GLU H 207 46.07 -27.94 43.56
CA GLU H 207 45.59 -29.30 43.30
C GLU H 207 44.18 -29.50 43.83
N GLU H 208 43.83 -28.81 44.91
CA GLU H 208 42.44 -28.80 45.37
C GLU H 208 41.52 -28.20 44.31
N MET H 209 42.06 -27.35 43.45
CA MET H 209 41.32 -26.62 42.44
C MET H 209 41.37 -27.28 41.08
N THR H 210 42.48 -27.96 40.78
CA THR H 210 42.69 -28.54 39.47
C THR H 210 41.70 -29.66 39.17
N LYS H 211 41.15 -30.30 40.20
CA LYS H 211 40.06 -31.24 39.95
C LYS H 211 38.80 -30.50 39.57
N LEU H 212 38.59 -29.30 40.12
CA LEU H 212 37.43 -28.48 39.76
C LEU H 212 37.66 -27.74 38.45
N LEU H 213 38.88 -27.25 38.23
CA LEU H 213 39.30 -26.65 36.97
C LEU H 213 40.28 -27.62 36.33
N GLY H 214 39.81 -28.36 35.33
CA GLY H 214 40.60 -29.40 34.72
C GLY H 214 41.98 -29.00 34.28
N GLU H 215 42.85 -29.99 34.07
CA GLU H 215 44.25 -29.74 33.73
C GLU H 215 44.37 -28.88 32.48
N ARG H 216 43.40 -29.00 31.57
CA ARG H 216 43.45 -28.22 30.36
C ARG H 216 43.22 -26.75 30.65
N VAL H 217 42.30 -26.44 31.57
CA VAL H 217 42.04 -25.05 31.88
C VAL H 217 43.25 -24.42 32.55
N MET H 218 43.90 -25.16 33.46
CA MET H 218 45.07 -24.62 34.12
C MET H 218 46.25 -24.52 33.18
N ASP H 219 46.30 -25.37 32.16
CA ASP H 219 47.34 -25.28 31.14
C ASP H 219 47.00 -24.24 30.07
N ARG H 220 45.76 -23.75 30.04
CA ARG H 220 45.42 -22.55 29.30
C ARG H 220 45.52 -21.30 30.15
N MET H 221 45.73 -21.46 31.46
CA MET H 221 45.87 -20.35 32.38
C MET H 221 47.31 -20.03 32.74
N ARG H 222 48.17 -21.04 32.88
CA ARG H 222 49.56 -20.82 33.31
C ARG H 222 50.41 -20.62 32.07
N LEU H 223 50.29 -19.44 31.49
CA LEU H 223 51.05 -19.03 30.33
C LEU H 223 51.88 -17.80 30.68
N GLY H 224 52.99 -17.65 29.97
CA GLY H 224 53.83 -16.48 30.14
C GLY H 224 54.32 -16.36 31.56
N ASN H 225 53.71 -15.43 32.28
CA ASN H 225 53.91 -15.25 33.71
C ASN H 225 52.56 -15.46 34.38
N SER H 226 52.36 -16.65 34.95
CA SER H 226 51.07 -17.01 35.51
C SER H 226 50.68 -16.08 36.65
N LEU H 227 51.64 -15.76 37.50
CA LEU H 227 51.38 -14.93 38.68
C LEU H 227 50.36 -15.62 39.59
N TRP H 228 50.76 -16.77 40.11
CA TRP H 228 50.01 -17.45 41.17
C TRP H 228 50.45 -16.80 42.48
N VAL H 229 49.91 -15.61 42.72
CA VAL H 229 50.11 -14.98 44.01
C VAL H 229 49.24 -15.69 45.02
N ILE H 230 49.79 -15.93 46.19
CA ILE H 230 49.15 -16.74 47.21
C ILE H 230 49.15 -15.95 48.51
N PHE H 231 48.03 -16.00 49.20
CA PHE H 231 47.84 -15.33 50.47
C PHE H 231 47.74 -16.37 51.57
N ASN H 232 48.46 -16.15 52.65
CA ASN H 232 48.59 -17.11 53.74
C ASN H 232 48.56 -16.40 55.07
N TRP H 233 47.76 -15.34 55.15
CA TRP H 233 47.89 -14.34 56.19
C TRP H 233 46.63 -14.31 57.06
N ASP H 234 46.62 -13.32 57.95
CA ASP H 234 45.50 -13.04 58.82
C ASP H 234 44.68 -11.92 58.20
N SER H 235 43.39 -11.98 58.45
CA SER H 235 42.45 -11.06 57.84
C SER H 235 42.76 -9.61 58.23
N TYR H 236 42.05 -8.71 57.57
CA TYR H 236 42.03 -7.30 57.92
C TYR H 236 40.97 -6.98 58.95
N ARG H 237 40.02 -7.89 59.18
CA ARG H 237 38.91 -7.63 60.08
C ARG H 237 39.40 -7.44 61.51
N SER H 238 40.13 -8.44 62.01
CA SER H 238 40.54 -8.46 63.40
C SER H 238 41.42 -7.27 63.78
N ARG H 239 42.06 -6.64 62.79
CA ARG H 239 42.92 -5.50 63.04
C ARG H 239 42.11 -4.21 63.07
N MET I 1 43.58 21.62 -32.68
CA MET I 1 44.17 22.56 -31.69
C MET I 1 45.53 22.07 -31.27
N LYS I 2 45.59 20.78 -30.89
CA LYS I 2 46.85 20.14 -30.52
C LYS I 2 46.83 18.71 -31.03
N ASN I 3 47.86 18.35 -31.79
CA ASN I 3 47.99 17.01 -32.34
C ASN I 3 48.57 16.08 -31.27
N VAL I 4 48.82 14.84 -31.70
CA VAL I 4 49.55 13.86 -30.88
C VAL I 4 50.82 14.50 -30.35
N GLY I 5 51.55 15.20 -31.23
CA GLY I 5 52.78 15.84 -30.89
C GLY I 5 52.65 16.75 -29.70
N ASP I 6 51.84 17.80 -29.81
CA ASP I 6 51.79 18.79 -28.75
C ASP I 6 51.17 18.22 -27.49
N LEU I 7 50.14 17.38 -27.64
CA LEU I 7 49.47 16.86 -26.46
C LEU I 7 50.43 15.98 -25.66
N MET I 8 51.08 15.03 -26.32
CA MET I 8 52.03 14.19 -25.62
C MET I 8 53.28 14.93 -25.20
N GLN I 9 53.59 16.06 -25.83
CA GLN I 9 54.69 16.87 -25.34
C GLN I 9 54.35 17.49 -24.00
N ARG I 10 53.20 18.17 -23.93
CA ARG I 10 52.73 18.75 -22.67
C ARG I 10 52.66 17.68 -21.59
N LEU I 11 52.19 16.50 -21.99
CA LEU I 11 52.10 15.38 -21.08
C LEU I 11 53.48 14.98 -20.57
N GLN I 12 54.39 14.66 -21.48
CA GLN I 12 55.74 14.24 -21.13
C GLN I 12 56.44 15.26 -20.24
N LYS I 13 56.14 16.54 -20.43
CA LYS I 13 56.73 17.54 -19.55
C LYS I 13 56.14 17.46 -18.16
N MET I 14 54.86 17.14 -18.06
CA MET I 14 54.29 16.85 -16.75
C MET I 14 54.98 15.65 -16.12
N MET I 15 55.29 14.63 -16.91
CA MET I 15 56.01 13.49 -16.40
C MET I 15 57.48 13.84 -16.18
N PRO I 16 58.22 12.96 -15.51
CA PRO I 16 59.67 12.93 -15.70
C PRO I 16 60.01 12.20 -16.99
N ALA I 17 61.29 11.96 -17.23
CA ALA I 17 61.74 11.15 -18.35
C ALA I 17 61.86 9.69 -17.94
N HIS I 18 62.01 8.82 -18.94
CA HIS I 18 62.04 7.38 -18.75
C HIS I 18 60.77 6.90 -18.05
N ILE I 19 59.64 7.11 -18.72
CA ILE I 19 58.33 6.74 -18.21
C ILE I 19 57.60 5.95 -19.28
N LYS I 20 58.35 5.25 -20.13
CA LYS I 20 57.91 4.69 -21.40
C LYS I 20 56.56 3.98 -21.28
N PRO I 21 55.74 3.98 -22.35
CA PRO I 21 54.31 3.76 -22.16
C PRO I 21 53.95 2.36 -21.69
N ALA I 22 54.65 1.34 -22.16
CA ALA I 22 54.53 -0.05 -21.75
C ALA I 22 53.32 -0.75 -22.34
N PHE I 23 52.52 -0.10 -23.17
CA PHE I 23 51.42 -0.75 -23.86
C PHE I 23 51.62 -0.80 -25.37
N LYS I 24 51.77 0.36 -26.02
CA LYS I 24 52.24 0.46 -27.40
C LYS I 24 51.22 -0.01 -28.45
N THR I 25 50.13 -0.64 -28.04
CA THR I 25 49.11 -1.10 -28.98
C THR I 25 47.89 -1.55 -28.19
N GLY I 26 46.92 -2.11 -28.88
CA GLY I 26 45.63 -2.41 -28.30
C GLY I 26 45.52 -3.79 -27.70
N GLU I 27 45.97 -4.78 -28.45
CA GLU I 27 45.83 -6.16 -28.01
C GLU I 27 46.74 -6.45 -26.83
N GLU I 28 47.89 -5.78 -26.76
CA GLU I 28 48.77 -5.97 -25.62
C GLU I 28 48.14 -5.42 -24.36
N LEU I 29 47.52 -4.26 -24.48
CA LEU I 29 46.78 -3.67 -23.37
C LEU I 29 45.70 -4.61 -22.89
N LEU I 30 44.89 -5.11 -23.81
CA LEU I 30 43.76 -5.95 -23.42
C LEU I 30 44.24 -7.25 -22.78
N ALA I 31 45.31 -7.82 -23.32
CA ALA I 31 45.93 -8.98 -22.68
C ALA I 31 46.32 -8.66 -21.25
N TRP I 32 46.90 -7.49 -21.03
CA TRP I 32 47.30 -7.11 -19.69
C TRP I 32 46.10 -6.95 -18.78
N GLN I 33 44.98 -6.50 -19.33
CA GLN I 33 43.76 -6.39 -18.54
C GLN I 33 43.38 -7.75 -17.99
N LYS I 34 43.33 -8.76 -18.86
CA LYS I 34 43.03 -10.10 -18.36
C LYS I 34 44.07 -10.59 -17.36
N GLU I 35 45.35 -10.39 -17.70
CA GLU I 35 46.46 -10.81 -16.87
C GLU I 35 46.34 -10.27 -15.44
N GLN I 36 45.79 -9.07 -15.29
CA GLN I 36 45.62 -8.51 -13.96
C GLN I 36 44.28 -8.88 -13.33
N GLY I 37 43.27 -9.08 -14.18
CA GLY I 37 41.96 -9.46 -13.67
C GLY I 37 41.99 -10.82 -12.99
N ALA I 38 42.83 -11.71 -13.51
CA ALA I 38 43.00 -13.01 -12.87
C ALA I 38 43.52 -12.86 -11.45
N ILE I 39 44.56 -12.04 -11.28
CA ILE I 39 45.14 -11.79 -9.98
C ILE I 39 44.08 -11.26 -9.03
N ARG I 40 43.39 -10.22 -9.46
CA ARG I 40 42.46 -9.55 -8.56
C ARG I 40 41.32 -10.47 -8.16
N SER I 41 40.83 -11.29 -9.09
CA SER I 41 39.77 -12.23 -8.75
C SER I 41 40.26 -13.29 -7.77
N ALA I 42 41.47 -13.81 -7.99
CA ALA I 42 42.02 -14.80 -7.08
C ALA I 42 42.09 -14.25 -5.67
N ALA I 43 42.60 -13.03 -5.53
CA ALA I 43 42.71 -12.43 -4.22
C ALA I 43 41.35 -12.17 -3.62
N LEU I 44 40.40 -11.82 -4.46
CA LEU I 44 39.05 -11.55 -3.99
C LEU I 44 38.41 -12.79 -3.40
N GLU I 45 38.55 -13.92 -4.10
CA GLU I 45 38.03 -15.18 -3.55
C GLU I 45 38.75 -15.57 -2.29
N ARG I 46 40.07 -15.38 -2.25
CA ARG I 46 40.82 -15.68 -1.04
C ARG I 46 40.37 -14.83 0.13
N GLU I 47 39.80 -13.66 -0.14
CA GLU I 47 39.20 -12.88 0.94
C GLU I 47 37.83 -13.43 1.32
N ASN I 48 36.99 -13.70 0.33
CA ASN I 48 35.60 -13.98 0.62
C ASN I 48 35.40 -15.35 1.23
N ARG I 49 36.28 -16.32 0.95
CA ARG I 49 36.19 -17.59 1.66
C ARG I 49 36.31 -17.38 3.16
N ALA I 50 37.29 -16.57 3.57
CA ALA I 50 37.52 -16.29 4.98
C ALA I 50 36.37 -15.49 5.58
N MET I 51 35.89 -14.51 4.83
CA MET I 51 34.76 -13.73 5.32
C MET I 51 33.54 -14.61 5.47
N LYS I 52 33.32 -15.54 4.55
CA LYS I 52 32.20 -16.47 4.67
C LYS I 52 32.34 -17.28 5.95
N MET I 53 33.57 -17.68 6.28
CA MET I 53 33.77 -18.37 7.54
C MET I 53 33.35 -17.48 8.71
N GLN I 54 33.88 -16.27 8.78
CA GLN I 54 33.52 -15.35 9.85
C GLN I 54 32.04 -15.01 9.88
N ARG I 55 31.31 -15.22 8.80
CA ARG I 55 29.91 -14.80 8.72
C ARG I 55 28.93 -15.94 8.94
N THR I 56 29.30 -17.18 8.63
CA THR I 56 28.49 -18.29 9.12
C THR I 56 28.53 -18.34 10.63
N PHE I 57 29.64 -17.88 11.21
CA PHE I 57 29.79 -17.73 12.64
C PHE I 57 31.11 -17.03 12.87
N ASN I 58 31.31 -16.56 14.09
CA ASN I 58 32.50 -15.81 14.43
C ASN I 58 33.69 -16.76 14.55
N ARG I 59 34.78 -16.33 15.17
CA ARG I 59 35.97 -17.16 15.37
C ARG I 59 36.48 -17.72 14.06
N SER I 60 37.15 -16.89 13.28
CA SER I 60 37.90 -17.35 12.13
C SER I 60 38.60 -18.66 12.43
N GLY I 61 38.46 -19.60 11.49
CA GLY I 61 38.55 -21.03 11.71
C GLY I 61 39.54 -21.54 12.74
N ILE I 62 40.72 -20.94 12.79
CA ILE I 62 41.72 -21.29 13.79
C ILE I 62 42.00 -20.05 14.63
N ARG I 63 42.17 -20.26 15.86
CA ARG I 63 42.16 -19.18 16.82
C ARG I 63 43.57 -18.63 17.00
N PRO I 64 43.70 -17.34 17.38
CA PRO I 64 45.01 -16.69 17.34
C PRO I 64 46.01 -17.19 18.35
N LEU I 65 45.68 -18.19 19.16
CA LEU I 65 46.70 -18.83 20.00
C LEU I 65 47.44 -19.90 19.22
N HIS I 66 46.73 -20.64 18.39
CA HIS I 66 47.27 -21.74 17.61
C HIS I 66 47.36 -21.36 16.13
N GLN I 67 47.64 -20.10 15.85
CA GLN I 67 47.68 -19.60 14.48
C GLN I 67 49.07 -19.79 13.87
N ASN I 68 50.08 -19.17 14.48
CA ASN I 68 51.46 -19.37 14.07
C ASN I 68 51.93 -20.72 14.62
N CYS I 69 51.43 -21.77 13.98
CA CYS I 69 51.41 -23.11 14.55
C CYS I 69 51.77 -24.16 13.51
N SER I 70 52.86 -23.96 12.79
CA SER I 70 53.20 -24.87 11.71
C SER I 70 53.75 -26.18 12.27
N PHE I 71 54.16 -27.07 11.35
CA PHE I 71 54.85 -28.28 11.77
C PHE I 71 56.23 -27.99 12.32
N GLU I 72 56.89 -26.95 11.82
CA GLU I 72 58.30 -26.72 12.13
C GLU I 72 58.52 -26.46 13.61
N ASN I 73 57.66 -25.63 14.22
CA ASN I 73 57.88 -25.31 15.62
C ASN I 73 57.50 -26.46 16.55
N TYR I 74 56.93 -27.54 16.02
CA TYR I 74 56.71 -28.74 16.82
C TYR I 74 58.05 -29.30 17.26
N ARG I 75 58.21 -29.47 18.57
CA ARG I 75 59.49 -29.86 19.13
C ARG I 75 59.63 -31.38 19.15
N VAL I 76 60.84 -31.84 18.86
CA VAL I 76 61.16 -33.25 18.76
C VAL I 76 61.65 -33.74 20.13
N GLU I 77 61.06 -34.85 20.61
CA GLU I 77 61.46 -35.49 21.87
C GLU I 77 61.68 -36.98 21.73
N CYS I 78 60.86 -37.67 20.96
CA CYS I 78 60.85 -39.13 20.94
C CYS I 78 60.43 -39.59 19.56
N GLU I 79 60.25 -40.91 19.43
CA GLU I 79 59.86 -41.49 18.16
C GLU I 79 58.35 -41.50 17.99
N GLY I 80 57.59 -41.48 19.08
CA GLY I 80 56.16 -41.27 18.96
C GLY I 80 55.85 -39.95 18.29
N GLN I 81 56.65 -38.93 18.61
CA GLN I 81 56.49 -37.64 17.94
C GLN I 81 56.71 -37.74 16.45
N MET I 82 57.63 -38.61 16.02
CA MET I 82 57.88 -38.77 14.59
C MET I 82 56.76 -39.55 13.94
N ASN I 83 56.29 -40.61 14.61
CA ASN I 83 55.19 -41.40 14.09
C ASN I 83 53.93 -40.56 14.00
N ALA I 84 53.82 -39.53 14.83
CA ALA I 84 52.68 -38.61 14.75
C ALA I 84 52.89 -37.60 13.63
N LEU I 85 54.01 -36.87 13.69
CA LEU I 85 54.28 -35.78 12.76
C LEU I 85 54.27 -36.28 11.31
N SER I 86 55.08 -37.28 11.02
CA SER I 86 55.23 -37.69 9.62
C SER I 86 53.95 -38.33 9.10
N LYS I 87 53.23 -39.00 10.00
CA LYS I 87 51.94 -39.55 9.60
C LYS I 87 50.97 -38.42 9.26
N ALA I 88 51.01 -37.34 10.02
CA ALA I 88 50.19 -36.19 9.70
C ALA I 88 50.62 -35.56 8.38
N ARG I 89 51.91 -35.61 8.08
CA ARG I 89 52.37 -35.08 6.81
C ARG I 89 51.77 -35.84 5.64
N GLN I 90 51.82 -37.17 5.71
CA GLN I 90 51.22 -37.93 4.61
C GLN I 90 49.69 -37.83 4.63
N TYR I 91 49.11 -37.64 5.81
CA TYR I 91 47.68 -37.40 5.91
C TYR I 91 47.28 -36.18 5.11
N VAL I 92 48.05 -35.10 5.25
CA VAL I 92 47.79 -33.89 4.48
C VAL I 92 48.01 -34.15 3.00
N GLU I 93 49.17 -34.71 2.65
CA GLU I 93 49.52 -34.86 1.24
C GLU I 93 48.54 -35.75 0.50
N GLU I 94 47.95 -36.72 1.20
CA GLU I 94 46.97 -37.64 0.64
C GLU I 94 45.55 -37.22 1.00
N PHE I 95 45.33 -35.92 1.20
CA PHE I 95 44.05 -35.46 1.73
C PHE I 95 43.00 -35.33 0.65
N ASP I 96 43.34 -34.68 -0.46
CA ASP I 96 42.35 -34.41 -1.50
C ASP I 96 41.80 -35.70 -2.06
N GLY I 97 40.47 -35.77 -2.14
CA GLY I 97 39.81 -36.96 -2.65
C GLY I 97 40.07 -38.18 -1.80
N ASN I 98 40.06 -38.02 -0.48
CA ASN I 98 40.41 -39.10 0.44
C ASN I 98 39.55 -39.00 1.69
N ILE I 99 39.00 -40.14 2.10
CA ILE I 99 38.32 -40.24 3.39
C ILE I 99 39.39 -40.67 4.39
N ALA I 100 40.11 -39.68 4.88
CA ALA I 100 41.09 -39.84 5.95
C ALA I 100 40.66 -38.94 7.09
N SER I 101 40.16 -39.55 8.16
CA SER I 101 39.85 -38.85 9.39
C SER I 101 40.97 -39.08 10.40
N PHE I 102 40.76 -38.65 11.63
CA PHE I 102 41.78 -38.88 12.65
C PHE I 102 41.22 -38.63 14.03
N ILE I 103 41.84 -39.29 15.01
CA ILE I 103 41.48 -39.14 16.41
C ILE I 103 42.76 -39.09 17.24
N PHE I 104 43.15 -37.90 17.67
CA PHE I 104 44.27 -37.73 18.58
C PHE I 104 43.79 -37.83 20.01
N SER I 105 44.28 -38.84 20.73
CA SER I 105 44.00 -39.03 22.14
C SER I 105 45.25 -38.79 22.96
N GLY I 106 45.04 -38.57 24.25
CA GLY I 106 46.10 -38.31 25.20
C GLY I 106 45.80 -37.12 26.08
N LYS I 107 46.57 -37.03 27.14
CA LYS I 107 46.41 -35.99 28.15
C LYS I 107 46.54 -34.59 27.57
N PRO I 108 46.19 -33.56 28.33
CA PRO I 108 46.45 -32.20 27.88
C PRO I 108 47.93 -31.88 27.80
N GLY I 109 48.22 -30.86 27.00
CA GLY I 109 49.59 -30.40 26.86
C GLY I 109 50.44 -31.33 26.02
N THR I 110 49.90 -31.81 24.88
CA THR I 110 50.55 -32.84 24.09
C THR I 110 50.49 -32.55 22.60
N GLY I 111 50.27 -31.32 22.19
CA GLY I 111 50.33 -30.95 20.80
C GLY I 111 49.16 -31.38 19.95
N LYS I 112 48.06 -31.82 20.56
CA LYS I 112 46.88 -32.19 19.80
C LYS I 112 46.38 -31.02 18.95
N ASN I 113 45.96 -29.94 19.62
CA ASN I 113 45.55 -28.75 18.90
C ASN I 113 46.67 -28.21 18.05
N HIS I 114 47.91 -28.38 18.50
CA HIS I 114 49.05 -27.84 17.77
C HIS I 114 49.18 -28.51 16.40
N LEU I 115 49.21 -29.83 16.39
CA LEU I 115 49.35 -30.54 15.13
C LEU I 115 48.14 -30.34 14.25
N ALA I 116 46.94 -30.34 14.84
CA ALA I 116 45.75 -30.15 14.04
C ALA I 116 45.73 -28.77 13.42
N ALA I 117 46.25 -27.78 14.13
CA ALA I 117 46.30 -26.44 13.58
C ALA I 117 47.36 -26.34 12.49
N ALA I 118 48.47 -27.06 12.64
CA ALA I 118 49.48 -27.09 11.57
C ALA I 118 48.87 -27.65 10.31
N ILE I 119 48.19 -28.79 10.45
CA ILE I 119 47.43 -29.40 9.36
C ILE I 119 46.55 -28.34 8.72
N CYS I 120 45.64 -27.78 9.50
CA CYS I 120 44.60 -26.93 8.94
C CYS I 120 45.16 -25.66 8.32
N ASN I 121 46.30 -25.16 8.82
CA ASN I 121 46.93 -24.00 8.22
C ASN I 121 47.50 -24.36 6.85
N GLU I 122 48.21 -25.48 6.77
CA GLU I 122 48.68 -25.92 5.46
C GLU I 122 47.53 -26.12 4.49
N LEU I 123 46.38 -26.57 4.99
CA LEU I 123 45.25 -26.80 4.11
C LEU I 123 44.57 -25.49 3.72
N LEU I 124 44.68 -24.46 4.55
CA LEU I 124 44.33 -23.12 4.07
C LEU I 124 45.19 -22.76 2.87
N LEU I 125 46.49 -23.04 2.96
CA LEU I 125 47.34 -22.74 1.82
C LEU I 125 47.00 -23.61 0.60
N ARG I 126 46.54 -24.84 0.83
CA ARG I 126 46.00 -25.62 -0.28
C ARG I 126 44.71 -25.01 -0.80
N GLY I 127 44.01 -24.21 0.01
CA GLY I 127 42.81 -23.51 -0.41
C GLY I 127 41.52 -24.09 0.13
N LYS I 128 41.56 -24.65 1.34
CA LYS I 128 40.41 -25.32 1.93
C LYS I 128 39.81 -24.48 3.05
N SER I 129 38.60 -24.88 3.44
CA SER I 129 37.89 -24.33 4.58
C SER I 129 38.08 -25.27 5.76
N VAL I 130 38.49 -24.72 6.90
CA VAL I 130 38.83 -25.51 8.07
C VAL I 130 38.22 -24.87 9.31
N LEU I 131 38.18 -25.66 10.37
CA LEU I 131 37.63 -25.21 11.63
C LEU I 131 38.00 -26.16 12.77
N ILE I 132 38.61 -25.62 13.81
CA ILE I 132 38.74 -26.29 15.09
C ILE I 132 37.74 -25.65 16.03
N ILE I 133 36.82 -26.45 16.54
CA ILE I 133 35.72 -25.96 17.35
C ILE I 133 35.46 -26.95 18.46
N THR I 134 35.24 -26.41 19.65
CA THR I 134 34.88 -27.23 20.79
C THR I 134 33.41 -27.61 20.71
N VAL I 135 33.12 -28.84 21.10
CA VAL I 135 31.75 -29.34 21.03
C VAL I 135 30.83 -28.49 21.89
N ALA I 136 31.35 -28.01 23.03
CA ALA I 136 30.64 -27.01 23.83
C ALA I 136 30.27 -25.80 23.00
N ASP I 137 31.20 -25.29 22.20
CA ASP I 137 30.90 -24.14 21.34
C ASP I 137 29.83 -24.51 20.34
N ILE I 138 29.85 -25.75 19.84
CA ILE I 138 28.84 -26.17 18.87
C ILE I 138 27.46 -26.08 19.50
N MET I 139 27.33 -26.66 20.68
CA MET I 139 26.03 -26.70 21.31
C MET I 139 25.57 -25.31 21.71
N SER I 140 26.51 -24.46 22.12
CA SER I 140 26.17 -23.06 22.37
C SER I 140 25.64 -22.42 21.11
N ALA I 141 26.20 -22.77 19.96
CA ALA I 141 25.75 -22.18 18.71
C ALA I 141 24.35 -22.65 18.37
N MET I 142 24.05 -23.93 18.60
CA MET I 142 22.69 -24.42 18.40
C MET I 142 21.70 -23.69 19.29
N LYS I 143 22.02 -23.62 20.59
CA LYS I 143 21.11 -23.05 21.55
C LYS I 143 21.06 -21.53 21.46
N ASP I 144 21.95 -20.93 20.68
CA ASP I 144 21.77 -19.55 20.23
C ASP I 144 20.85 -19.52 19.02
N THR I 145 20.98 -20.51 18.14
CA THR I 145 20.20 -20.53 16.92
C THR I 145 18.73 -20.71 17.21
N PHE I 146 18.39 -21.34 18.33
CA PHE I 146 16.99 -21.40 18.74
C PHE I 146 16.38 -20.01 18.87
N ARG I 147 17.19 -19.04 19.29
CA ARG I 147 16.71 -17.69 19.53
C ARG I 147 16.16 -17.07 18.26
N ASN I 148 17.04 -16.84 17.30
CA ASN I 148 16.67 -16.09 16.10
C ASN I 148 15.80 -16.94 15.19
N SER I 149 14.74 -16.32 14.67
CA SER I 149 13.89 -16.92 13.65
C SER I 149 14.30 -16.49 12.25
N GLY I 150 15.59 -16.19 12.06
CA GLY I 150 16.14 -15.86 10.77
C GLY I 150 17.09 -16.94 10.27
N THR I 151 17.76 -17.61 11.21
CA THR I 151 18.64 -18.73 10.92
C THR I 151 18.10 -19.96 11.64
N SER I 152 18.71 -21.10 11.36
CA SER I 152 18.18 -22.37 11.85
C SER I 152 19.29 -23.39 11.98
N GLU I 153 19.07 -24.32 12.90
CA GLU I 153 20.09 -25.31 13.19
C GLU I 153 20.33 -26.23 12.00
N GLU I 154 19.33 -26.43 11.14
CA GLU I 154 19.59 -27.15 9.91
C GLU I 154 20.55 -26.38 9.03
N GLN I 155 20.39 -25.06 8.96
CA GLN I 155 21.32 -24.23 8.20
C GLN I 155 22.72 -24.35 8.75
N LEU I 156 22.85 -24.36 10.07
CA LEU I 156 24.17 -24.46 10.67
C LEU I 156 24.78 -25.84 10.43
N LEU I 157 23.98 -26.90 10.55
CA LEU I 157 24.51 -28.24 10.31
C LEU I 157 24.95 -28.40 8.88
N ASN I 158 24.21 -27.81 7.95
CA ASN I 158 24.62 -27.84 6.55
C ASN I 158 25.91 -27.06 6.36
N ASP I 159 26.05 -25.94 7.06
CA ASP I 159 27.29 -25.17 6.99
C ASP I 159 28.47 -26.00 7.45
N LEU I 160 28.33 -26.68 8.59
CA LEU I 160 29.45 -27.47 9.11
C LEU I 160 29.73 -28.66 8.22
N SER I 161 28.69 -29.37 7.79
CA SER I 161 28.88 -30.55 6.97
C SER I 161 29.36 -30.23 5.57
N ASN I 162 29.32 -28.97 5.14
CA ASN I 162 29.90 -28.56 3.87
C ASN I 162 31.34 -28.10 3.99
N VAL I 163 31.97 -28.32 5.13
CA VAL I 163 33.34 -27.90 5.36
C VAL I 163 34.27 -29.01 4.90
N ASP I 164 35.48 -28.63 4.49
CA ASP I 164 36.44 -29.60 4.00
C ASP I 164 37.05 -30.40 5.14
N LEU I 165 37.30 -29.74 6.27
CA LEU I 165 37.81 -30.40 7.45
C LEU I 165 37.19 -29.80 8.70
N LEU I 166 36.83 -30.68 9.62
CA LEU I 166 36.21 -30.30 10.87
C LEU I 166 36.73 -31.22 11.95
N VAL I 167 37.37 -30.64 12.95
CA VAL I 167 37.88 -31.37 14.09
C VAL I 167 37.05 -30.96 15.30
N ILE I 168 36.73 -31.93 16.12
CA ILE I 168 35.88 -31.75 17.28
C ILE I 168 36.73 -32.01 18.52
N ASP I 169 36.54 -31.15 19.51
CA ASP I 169 37.42 -31.08 20.66
C ASP I 169 36.60 -31.04 21.94
N GLU I 170 37.19 -31.56 23.02
CA GLU I 170 36.51 -31.78 24.29
C GLU I 170 35.34 -32.74 24.10
N ILE I 171 35.62 -33.86 23.45
CA ILE I 171 34.62 -34.87 23.20
C ILE I 171 34.58 -35.95 24.29
N GLY I 172 35.66 -36.10 25.05
CA GLY I 172 35.71 -37.15 26.04
C GLY I 172 34.89 -36.91 27.29
N VAL I 173 34.39 -35.68 27.46
CA VAL I 173 33.58 -35.37 28.63
C VAL I 173 32.34 -36.23 28.63
N GLN I 174 32.01 -36.77 29.80
CA GLN I 174 30.90 -37.70 29.94
C GLN I 174 29.57 -36.98 30.17
N THR I 175 29.28 -36.00 29.33
CA THR I 175 28.03 -35.26 29.43
C THR I 175 26.93 -36.08 28.77
N GLU I 176 25.88 -36.37 29.54
CA GLU I 176 24.86 -37.34 29.15
C GLU I 176 23.75 -36.71 28.32
N SER I 177 23.97 -35.52 27.76
CA SER I 177 22.88 -34.81 27.12
C SER I 177 22.47 -35.52 25.84
N LYS I 178 21.20 -35.94 25.81
CA LYS I 178 20.61 -36.52 24.61
C LYS I 178 20.79 -35.58 23.44
N TYR I 179 20.60 -34.29 23.67
CA TYR I 179 20.72 -33.33 22.61
C TYR I 179 22.16 -33.14 22.15
N GLU I 180 23.14 -33.55 22.96
CA GLU I 180 24.52 -33.53 22.49
C GLU I 180 24.81 -34.75 21.63
N LYS I 181 24.36 -35.92 22.10
CA LYS I 181 24.66 -37.14 21.37
C LYS I 181 23.99 -37.15 20.01
N VAL I 182 22.75 -36.66 19.94
CA VAL I 182 22.04 -36.63 18.67
C VAL I 182 22.77 -35.71 17.69
N ILE I 183 23.30 -34.61 18.18
CA ILE I 183 23.91 -33.65 17.28
C ILE I 183 25.27 -34.13 16.82
N ILE I 184 26.05 -34.73 17.72
CA ILE I 184 27.36 -35.18 17.30
C ILE I 184 27.23 -36.31 16.29
N ASN I 185 26.34 -37.28 16.54
CA ASN I 185 26.22 -38.36 15.57
C ASN I 185 25.57 -37.86 14.28
N GLN I 186 24.73 -36.83 14.38
CA GLN I 186 24.12 -36.24 13.19
C GLN I 186 25.16 -35.56 12.32
N ILE I 187 26.08 -34.83 12.93
CA ILE I 187 27.15 -34.18 12.18
C ILE I 187 28.01 -35.22 11.49
N VAL I 188 28.42 -36.23 12.25
CA VAL I 188 29.30 -37.24 11.70
C VAL I 188 28.63 -37.97 10.55
N ASP I 189 27.34 -38.24 10.67
CA ASP I 189 26.64 -38.92 9.60
C ASP I 189 26.53 -38.04 8.36
N ARG I 190 26.18 -36.76 8.54
CA ARG I 190 26.05 -35.88 7.39
C ARG I 190 27.38 -35.67 6.70
N ARG I 191 28.48 -35.73 7.45
CA ARG I 191 29.78 -35.52 6.83
C ARG I 191 30.27 -36.76 6.13
N SER I 192 30.15 -37.91 6.79
CA SER I 192 30.64 -39.15 6.22
C SER I 192 29.84 -39.54 4.99
N SER I 193 28.50 -39.48 5.09
CA SER I 193 27.67 -39.80 3.95
C SER I 193 27.93 -38.86 2.79
N SER I 194 28.36 -37.63 3.08
CA SER I 194 28.70 -36.67 2.04
C SER I 194 30.08 -36.90 1.47
N LYS I 195 30.78 -37.96 1.88
CA LYS I 195 32.12 -38.25 1.41
C LYS I 195 33.04 -37.07 1.72
N ARG I 196 33.19 -36.83 3.02
CA ARG I 196 34.05 -35.80 3.56
C ARG I 196 34.73 -36.36 4.80
N PRO I 197 35.90 -35.85 5.14
CA PRO I 197 36.54 -36.25 6.40
C PRO I 197 36.03 -35.42 7.56
N THR I 198 36.59 -35.71 8.72
CA THR I 198 36.28 -34.99 9.94
C THR I 198 37.45 -35.20 10.91
N GLY I 199 37.23 -34.95 12.18
CA GLY I 199 38.28 -35.19 13.15
C GLY I 199 37.77 -35.07 14.57
N MET I 200 38.51 -35.70 15.49
CA MET I 200 38.22 -35.66 16.91
C MET I 200 39.49 -35.43 17.69
N LEU I 201 39.32 -35.08 18.96
CA LEU I 201 40.42 -34.72 19.84
C LEU I 201 39.94 -34.95 21.27
N THR I 202 40.52 -35.94 21.94
CA THR I 202 40.03 -36.35 23.23
C THR I 202 41.19 -36.61 24.18
N ASN I 203 40.82 -36.90 25.42
CA ASN I 203 41.72 -37.37 26.46
C ASN I 203 41.39 -38.79 26.89
N SER I 204 40.48 -39.46 26.20
CA SER I 204 40.00 -40.78 26.55
C SER I 204 40.46 -41.80 25.53
N ASN I 205 40.09 -43.06 25.80
CA ASN I 205 40.43 -44.20 24.96
C ASN I 205 39.19 -44.62 24.19
N MET I 206 39.39 -45.47 23.18
CA MET I 206 38.27 -45.91 22.35
C MET I 206 37.22 -46.65 23.19
N GLU I 207 37.66 -47.43 24.17
CA GLU I 207 36.71 -48.12 25.03
C GLU I 207 35.93 -47.13 25.87
N GLU I 208 36.62 -46.17 26.48
CA GLU I 208 35.97 -45.13 27.26
C GLU I 208 35.05 -44.27 26.40
N MET I 209 35.26 -44.24 25.09
CA MET I 209 34.70 -43.24 24.20
C MET I 209 33.54 -43.77 23.37
N THR I 210 33.58 -45.04 23.01
CA THR I 210 32.59 -45.62 22.11
C THR I 210 31.24 -45.85 22.79
N LYS I 211 31.14 -45.65 24.10
CA LYS I 211 29.84 -45.74 24.76
C LYS I 211 29.10 -44.43 24.72
N LEU I 212 29.82 -43.31 24.77
CA LEU I 212 29.21 -42.02 24.51
C LEU I 212 29.05 -41.80 23.00
N LEU I 213 29.98 -42.34 22.22
CA LEU I 213 29.94 -42.28 20.76
C LEU I 213 29.57 -43.65 20.25
N GLY I 214 28.30 -43.82 19.89
CA GLY I 214 27.78 -45.10 19.46
C GLY I 214 28.61 -45.80 18.42
N GLU I 215 28.48 -47.13 18.34
CA GLU I 215 29.36 -47.92 17.50
C GLU I 215 29.28 -47.50 16.04
N ARG I 216 28.12 -47.02 15.61
CA ARG I 216 27.97 -46.57 14.24
C ARG I 216 28.83 -45.34 13.97
N VAL I 217 28.97 -44.46 14.95
CA VAL I 217 29.73 -43.25 14.74
C VAL I 217 31.20 -43.57 14.52
N MET I 218 31.77 -44.37 15.41
CA MET I 218 33.14 -44.79 15.24
C MET I 218 33.31 -45.67 14.01
N ASP I 219 32.27 -46.40 13.64
CA ASP I 219 32.28 -47.13 12.38
C ASP I 219 32.44 -46.17 11.21
N ARG I 220 31.61 -45.13 11.16
CA ARG I 220 31.71 -44.12 10.12
C ARG I 220 33.02 -43.34 10.20
N MET I 221 33.71 -43.42 11.33
CA MET I 221 35.01 -42.78 11.45
C MET I 221 36.14 -43.65 10.91
N ARG I 222 36.14 -44.93 11.27
CA ARG I 222 37.27 -45.81 10.96
C ARG I 222 37.18 -46.22 9.49
N LEU I 223 37.67 -45.34 8.63
CA LEU I 223 37.71 -45.58 7.19
C LEU I 223 39.07 -45.17 6.64
N GLY I 224 39.41 -45.77 5.50
CA GLY I 224 40.68 -45.50 4.85
C GLY I 224 41.84 -45.79 5.77
N ASN I 225 42.47 -44.72 6.25
CA ASN I 225 43.42 -44.78 7.35
C ASN I 225 42.72 -44.12 8.53
N SER I 226 42.15 -44.95 9.41
CA SER I 226 41.42 -44.45 10.57
C SER I 226 42.30 -43.55 11.42
N LEU I 227 43.55 -43.92 11.60
CA LEU I 227 44.55 -43.08 12.25
C LEU I 227 44.12 -42.75 13.69
N TRP I 228 44.08 -43.81 14.51
CA TRP I 228 43.92 -43.66 15.96
C TRP I 228 45.29 -43.40 16.56
N VAL I 229 45.79 -42.20 16.32
CA VAL I 229 47.02 -41.78 16.95
C VAL I 229 46.75 -41.54 18.43
N ILE I 230 47.78 -41.82 19.24
CA ILE I 230 47.67 -41.73 20.68
C ILE I 230 48.90 -40.98 21.21
N PHE I 231 48.66 -40.08 22.15
CA PHE I 231 49.71 -39.32 22.81
C PHE I 231 49.86 -39.85 24.24
N ASN I 232 51.02 -40.44 24.52
CA ASN I 232 51.32 -41.07 25.80
C ASN I 232 52.38 -40.31 26.57
N TRP I 233 52.37 -38.99 26.42
CA TRP I 233 53.51 -38.16 26.75
C TRP I 233 53.22 -37.33 27.98
N ASP I 234 54.18 -36.49 28.32
CA ASP I 234 54.09 -35.57 29.42
C ASP I 234 53.78 -34.18 28.89
N SER I 235 53.40 -33.29 29.81
CA SER I 235 53.14 -31.92 29.44
C SER I 235 54.37 -31.28 28.82
N TYR I 236 54.14 -30.17 28.14
CA TYR I 236 55.17 -29.47 27.40
C TYR I 236 55.82 -28.37 28.21
N ARG I 237 55.11 -27.83 29.20
CA ARG I 237 55.62 -26.75 30.03
C ARG I 237 56.33 -27.24 31.27
N SER I 238 56.13 -28.50 31.64
CA SER I 238 56.98 -29.11 32.66
C SER I 238 58.45 -28.95 32.32
N ARG I 239 58.79 -28.97 31.04
CA ARG I 239 60.17 -28.93 30.58
C ARG I 239 60.55 -27.50 30.20
N MET J 1 13.81 -13.46 -57.59
CA MET J 1 15.27 -13.32 -57.87
C MET J 1 15.86 -14.71 -58.11
N LYS J 2 15.54 -15.64 -57.21
CA LYS J 2 16.01 -17.01 -57.29
C LYS J 2 14.84 -17.94 -56.98
N ASN J 3 14.94 -19.16 -57.48
CA ASN J 3 13.84 -20.12 -57.49
C ASN J 3 14.19 -21.33 -56.63
N VAL J 4 13.35 -22.36 -56.70
CA VAL J 4 13.42 -23.50 -55.78
C VAL J 4 14.80 -24.18 -55.87
N GLY J 5 15.09 -24.73 -57.05
CA GLY J 5 16.34 -25.43 -57.23
C GLY J 5 17.55 -24.53 -57.03
N ASP J 6 17.47 -23.28 -57.49
CA ASP J 6 18.62 -22.39 -57.41
C ASP J 6 18.95 -22.05 -55.97
N LEU J 7 17.92 -21.84 -55.15
CA LEU J 7 18.13 -21.54 -53.74
C LEU J 7 18.68 -22.74 -53.02
N MET J 8 18.03 -23.90 -53.18
CA MET J 8 18.53 -25.12 -52.55
C MET J 8 19.96 -25.42 -52.99
N GLN J 9 20.32 -25.05 -54.22
CA GLN J 9 21.68 -25.29 -54.69
C GLN J 9 22.66 -24.33 -54.03
N ARG J 10 22.27 -23.06 -53.91
CA ARG J 10 23.09 -22.09 -53.19
C ARG J 10 23.30 -22.51 -51.74
N LEU J 11 22.41 -23.34 -51.22
CA LEU J 11 22.51 -23.83 -49.86
C LEU J 11 23.32 -25.14 -49.78
N GLN J 12 23.23 -25.98 -50.80
CA GLN J 12 24.14 -27.12 -50.91
C GLN J 12 25.57 -26.66 -51.14
N LYS J 13 25.77 -25.43 -51.60
CA LYS J 13 27.12 -24.86 -51.60
C LYS J 13 27.72 -24.85 -50.21
N MET J 14 26.89 -24.81 -49.17
CA MET J 14 27.37 -24.99 -47.81
C MET J 14 27.37 -26.46 -47.43
N MET J 15 26.21 -27.11 -47.54
CA MET J 15 26.20 -28.42 -46.90
C MET J 15 26.73 -29.48 -47.85
N PRO J 16 27.45 -30.48 -47.35
CA PRO J 16 27.93 -31.55 -48.23
C PRO J 16 26.80 -32.40 -48.79
N ALA J 17 27.14 -33.43 -49.55
CA ALA J 17 26.15 -34.26 -50.22
C ALA J 17 25.80 -35.45 -49.34
N HIS J 18 24.98 -36.35 -49.89
CA HIS J 18 24.40 -37.46 -49.13
C HIS J 18 23.64 -36.92 -47.91
N ILE J 19 22.71 -36.02 -48.21
CA ILE J 19 21.92 -35.32 -47.20
C ILE J 19 20.48 -35.76 -47.40
N LYS J 20 19.99 -36.57 -46.47
CA LYS J 20 18.59 -36.99 -46.54
C LYS J 20 17.78 -36.01 -45.71
N PRO J 21 16.98 -35.12 -46.33
CA PRO J 21 16.26 -34.11 -45.53
C PRO J 21 15.27 -34.70 -44.54
N ALA J 22 14.93 -35.97 -44.68
CA ALA J 22 14.29 -36.80 -43.68
C ALA J 22 12.79 -36.55 -43.54
N PHE J 23 12.22 -35.51 -44.17
CA PHE J 23 10.79 -35.25 -44.07
C PHE J 23 10.09 -35.22 -45.42
N LYS J 24 10.51 -34.35 -46.34
CA LYS J 24 9.95 -34.24 -47.67
C LYS J 24 8.49 -33.73 -47.72
N THR J 25 7.83 -33.59 -46.57
CA THR J 25 6.41 -33.25 -46.58
C THR J 25 6.02 -32.82 -45.17
N GLY J 26 4.75 -32.41 -45.02
CA GLY J 26 4.26 -31.87 -43.78
C GLY J 26 3.61 -32.90 -42.89
N GLU J 27 2.92 -33.85 -43.54
CA GLU J 27 2.22 -34.93 -42.84
C GLU J 27 3.15 -35.71 -41.95
N GLU J 28 4.44 -35.76 -42.29
CA GLU J 28 5.45 -36.46 -41.52
C GLU J 28 6.16 -35.54 -40.54
N LEU J 29 6.35 -34.28 -40.92
CA LEU J 29 7.05 -33.36 -40.05
C LEU J 29 6.28 -33.12 -38.76
N LEU J 30 4.96 -32.98 -38.87
CA LEU J 30 4.18 -32.79 -37.64
C LEU J 30 4.27 -34.02 -36.75
N ALA J 31 4.27 -35.21 -37.35
CA ALA J 31 4.35 -36.42 -36.55
C ALA J 31 5.69 -36.53 -35.85
N TRP J 32 6.76 -36.16 -36.55
CA TRP J 32 8.09 -36.20 -35.95
C TRP J 32 8.17 -35.22 -34.78
N GLN J 33 7.63 -34.03 -34.96
CA GLN J 33 7.63 -33.06 -33.89
C GLN J 33 6.84 -33.56 -32.70
N LYS J 34 5.73 -34.26 -32.96
CA LYS J 34 4.94 -34.84 -31.90
C LYS J 34 5.74 -35.86 -31.10
N GLU J 35 6.42 -36.76 -31.81
CA GLU J 35 7.24 -37.77 -31.15
C GLU J 35 8.30 -37.14 -30.28
N GLN J 36 9.14 -36.29 -30.88
CA GLN J 36 10.22 -35.66 -30.12
C GLN J 36 9.70 -34.86 -28.95
N GLY J 37 8.49 -34.30 -29.07
CA GLY J 37 7.95 -33.52 -27.99
C GLY J 37 7.54 -34.40 -26.83
N ALA J 38 6.99 -35.57 -27.12
CA ALA J 38 6.65 -36.48 -26.04
C ALA J 38 7.90 -36.96 -25.33
N ILE J 39 8.96 -37.18 -26.11
CA ILE J 39 10.23 -37.63 -25.51
C ILE J 39 10.77 -36.58 -24.57
N ARG J 40 10.88 -35.35 -25.07
CA ARG J 40 11.43 -34.27 -24.28
C ARG J 40 10.56 -33.99 -23.07
N SER J 41 9.25 -34.24 -23.19
CA SER J 41 8.37 -34.07 -22.05
C SER J 41 8.68 -35.08 -20.96
N ALA J 42 8.89 -36.34 -21.34
CA ALA J 42 9.26 -37.35 -20.35
C ALA J 42 10.57 -36.99 -19.66
N ALA J 43 11.58 -36.63 -20.44
CA ALA J 43 12.87 -36.27 -19.85
C ALA J 43 12.72 -35.08 -18.91
N LEU J 44 11.94 -34.10 -19.32
CA LEU J 44 11.71 -32.91 -18.52
C LEU J 44 11.06 -33.28 -17.20
N GLU J 45 10.08 -34.17 -17.25
CA GLU J 45 9.38 -34.57 -16.04
C GLU J 45 10.30 -35.29 -15.09
N ARG J 46 11.16 -36.16 -15.61
CA ARG J 46 12.16 -36.82 -14.77
C ARG J 46 13.04 -35.78 -14.09
N GLU J 47 13.53 -34.81 -14.85
CA GLU J 47 14.44 -33.82 -14.29
C GLU J 47 13.75 -32.99 -13.22
N ASN J 48 12.48 -32.70 -13.40
CA ASN J 48 11.80 -31.85 -12.44
C ASN J 48 11.37 -32.61 -11.20
N ARG J 49 11.09 -33.90 -11.33
CA ARG J 49 10.92 -34.74 -10.15
C ARG J 49 12.19 -34.75 -9.31
N ALA J 50 13.34 -34.93 -9.96
CA ALA J 50 14.62 -34.88 -9.27
C ALA J 50 14.80 -33.55 -8.56
N MET J 51 14.52 -32.46 -9.27
CA MET J 51 14.66 -31.15 -8.66
C MET J 51 13.69 -30.97 -7.51
N LYS J 52 12.50 -31.57 -7.60
CA LYS J 52 11.55 -31.46 -6.50
C LYS J 52 12.11 -32.11 -5.25
N MET J 53 12.81 -33.21 -5.42
CA MET J 53 13.47 -33.81 -4.26
C MET J 53 14.59 -32.91 -3.75
N GLN J 54 15.34 -32.29 -4.65
CA GLN J 54 16.44 -31.42 -4.23
C GLN J 54 15.97 -30.12 -3.61
N ARG J 55 14.72 -29.73 -3.83
CA ARG J 55 14.20 -28.48 -3.30
C ARG J 55 13.45 -28.71 -2.00
N THR J 56 12.55 -29.69 -1.98
CA THR J 56 11.84 -30.02 -0.74
C THR J 56 12.82 -30.48 0.33
N PHE J 57 13.83 -31.23 -0.06
CA PHE J 57 14.92 -31.66 0.77
C PHE J 57 16.22 -31.09 0.24
N ASN J 58 17.30 -31.64 0.74
CA ASN J 58 18.62 -31.59 0.18
C ASN J 58 18.99 -33.07 0.01
N ARG J 59 20.27 -33.36 -0.22
CA ARG J 59 20.79 -34.73 -0.12
C ARG J 59 20.04 -35.69 -1.04
N SER J 60 20.39 -35.67 -2.33
CA SER J 60 19.93 -36.65 -3.30
C SER J 60 19.75 -38.03 -2.70
N GLY J 61 18.61 -38.65 -2.99
CA GLY J 61 18.05 -39.79 -2.27
C GLY J 61 19.03 -40.81 -1.74
N ILE J 62 20.04 -41.11 -2.54
CA ILE J 62 21.18 -41.92 -2.11
C ILE J 62 22.38 -41.01 -2.02
N ARG J 63 23.21 -41.27 -1.04
CA ARG J 63 24.38 -40.48 -0.76
C ARG J 63 25.62 -41.08 -1.40
N PRO J 64 26.68 -40.30 -1.60
CA PRO J 64 27.86 -40.81 -2.32
C PRO J 64 28.61 -41.90 -1.60
N LEU J 65 28.25 -42.22 -0.35
CA LEU J 65 28.86 -43.33 0.35
C LEU J 65 28.17 -44.64 0.04
N HIS J 66 26.85 -44.60 -0.15
CA HIS J 66 26.05 -45.76 -0.54
C HIS J 66 25.60 -45.68 -1.99
N GLN J 67 26.35 -44.98 -2.82
CA GLN J 67 25.94 -44.76 -4.20
C GLN J 67 26.36 -45.95 -5.08
N ASN J 68 27.57 -46.46 -4.88
CA ASN J 68 28.09 -47.59 -5.66
C ASN J 68 27.87 -48.88 -4.88
N CYS J 69 26.59 -49.21 -4.71
CA CYS J 69 26.14 -50.03 -3.60
C CYS J 69 25.12 -51.09 -4.06
N SER J 70 25.46 -51.82 -5.11
CA SER J 70 24.54 -52.82 -5.66
C SER J 70 24.64 -54.13 -4.88
N PHE J 71 23.93 -55.15 -5.37
CA PHE J 71 23.94 -56.46 -4.72
C PHE J 71 25.28 -57.17 -4.90
N GLU J 72 25.97 -56.89 -6.01
CA GLU J 72 27.13 -57.70 -6.39
C GLU J 72 28.26 -57.59 -5.38
N ASN J 73 28.54 -56.38 -4.90
CA ASN J 73 29.68 -56.18 -4.02
C ASN J 73 29.45 -56.73 -2.62
N TYR J 74 28.24 -57.17 -2.30
CA TYR J 74 27.92 -57.67 -0.97
C TYR J 74 28.62 -59.00 -0.77
N ARG J 75 29.79 -58.96 -0.14
CA ARG J 75 30.58 -60.16 0.06
C ARG J 75 29.84 -61.15 0.94
N VAL J 76 29.91 -62.43 0.58
CA VAL J 76 29.15 -63.48 1.24
C VAL J 76 30.01 -64.14 2.30
N GLU J 77 29.39 -64.51 3.43
CA GLU J 77 30.08 -65.23 4.50
C GLU J 77 29.28 -66.41 5.04
N CYS J 78 27.94 -66.29 5.08
CA CYS J 78 27.13 -67.27 5.80
C CYS J 78 25.75 -67.39 5.15
N GLU J 79 24.90 -68.21 5.77
CA GLU J 79 23.62 -68.56 5.19
C GLU J 79 22.58 -67.46 5.41
N GLY J 80 22.58 -66.85 6.59
CA GLY J 80 21.75 -65.68 6.81
C GLY J 80 22.01 -64.58 5.80
N GLN J 81 23.24 -64.48 5.30
CA GLN J 81 23.52 -63.51 4.24
C GLN J 81 22.70 -63.82 3.00
N MET J 82 22.49 -65.10 2.70
CA MET J 82 21.61 -65.46 1.59
C MET J 82 20.15 -65.19 1.95
N ASN J 83 19.76 -65.53 3.18
CA ASN J 83 18.39 -65.30 3.63
C ASN J 83 18.01 -63.83 3.56
N ALA J 84 18.99 -62.94 3.70
CA ALA J 84 18.76 -61.51 3.59
C ALA J 84 18.85 -61.04 2.14
N LEU J 85 19.89 -61.50 1.45
CA LEU J 85 20.22 -60.97 0.13
C LEU J 85 19.21 -61.40 -0.92
N SER J 86 18.93 -62.70 -1.00
CA SER J 86 17.97 -63.15 -1.99
C SER J 86 16.56 -62.70 -1.63
N LYS J 87 16.24 -62.62 -0.35
CA LYS J 87 14.95 -62.06 0.05
C LYS J 87 14.84 -60.62 -0.40
N ALA J 88 15.91 -59.85 -0.26
CA ALA J 88 15.93 -58.49 -0.79
C ALA J 88 15.72 -58.50 -2.30
N ARG J 89 16.33 -59.44 -3.00
CA ARG J 89 16.19 -59.48 -4.46
C ARG J 89 14.73 -59.68 -4.85
N GLN J 90 14.08 -60.69 -4.25
CA GLN J 90 12.68 -60.91 -4.57
C GLN J 90 11.79 -59.79 -4.03
N TYR J 91 12.27 -59.05 -3.03
CA TYR J 91 11.51 -57.90 -2.55
C TYR J 91 11.53 -56.76 -3.56
N VAL J 92 12.70 -56.52 -4.15
CA VAL J 92 12.80 -55.56 -5.24
C VAL J 92 11.89 -55.97 -6.37
N GLU J 93 11.99 -57.23 -6.79
CA GLU J 93 11.26 -57.67 -7.98
C GLU J 93 9.75 -57.66 -7.74
N GLU J 94 9.32 -58.08 -6.55
CA GLU J 94 7.90 -58.09 -6.20
C GLU J 94 7.46 -56.78 -5.57
N PHE J 95 8.18 -55.69 -5.82
CA PHE J 95 7.87 -54.42 -5.18
C PHE J 95 6.69 -53.72 -5.83
N ASP J 96 6.43 -54.01 -7.11
CA ASP J 96 5.48 -53.25 -7.91
C ASP J 96 4.07 -53.30 -7.33
N GLY J 97 3.61 -52.15 -6.84
CA GLY J 97 2.28 -52.07 -6.24
C GLY J 97 2.10 -52.95 -5.03
N ASN J 98 3.19 -53.28 -4.33
CA ASN J 98 3.17 -54.21 -3.22
C ASN J 98 3.27 -53.45 -1.91
N ILE J 99 2.33 -53.74 -1.00
CA ILE J 99 2.37 -53.18 0.35
C ILE J 99 3.23 -54.13 1.16
N ALA J 100 4.52 -53.89 1.11
CA ALA J 100 5.52 -54.80 1.67
C ALA J 100 6.59 -53.91 2.31
N SER J 101 6.56 -53.83 3.62
CA SER J 101 7.51 -53.03 4.37
C SER J 101 8.76 -53.87 4.67
N PHE J 102 9.64 -53.34 5.51
CA PHE J 102 10.78 -54.12 5.97
C PHE J 102 11.48 -53.39 7.10
N ILE J 103 12.11 -54.17 7.97
CA ILE J 103 12.93 -53.67 9.06
C ILE J 103 14.17 -54.53 9.12
N PHE J 104 15.33 -53.95 8.81
CA PHE J 104 16.61 -54.58 9.10
C PHE J 104 17.01 -54.18 10.51
N SER J 105 17.01 -55.16 11.41
CA SER J 105 17.50 -54.97 12.77
C SER J 105 18.86 -55.66 12.87
N GLY J 106 19.77 -55.05 13.61
CA GLY J 106 21.09 -55.62 13.74
C GLY J 106 22.07 -54.57 14.19
N LYS J 107 23.24 -55.05 14.59
CA LYS J 107 24.27 -54.17 15.09
C LYS J 107 24.79 -53.28 13.97
N PRO J 108 25.47 -52.19 14.30
CA PRO J 108 26.10 -51.38 13.25
C PRO J 108 27.21 -52.14 12.54
N GLY J 109 27.62 -51.58 11.40
CA GLY J 109 28.69 -52.17 10.63
C GLY J 109 28.33 -53.44 9.90
N THR J 110 27.04 -53.69 9.69
CA THR J 110 26.55 -54.94 9.16
C THR J 110 25.98 -54.85 7.75
N GLY J 111 25.96 -53.66 7.15
CA GLY J 111 25.49 -53.53 5.79
C GLY J 111 23.99 -53.39 5.65
N LYS J 112 23.31 -52.87 6.68
CA LYS J 112 21.88 -52.62 6.57
C LYS J 112 21.60 -51.54 5.53
N ASN J 113 22.21 -50.37 5.72
CA ASN J 113 22.12 -49.31 4.72
C ASN J 113 22.61 -49.78 3.37
N HIS J 114 23.54 -50.74 3.34
CA HIS J 114 24.12 -51.18 2.09
C HIS J 114 23.08 -51.86 1.22
N LEU J 115 22.37 -52.84 1.78
CA LEU J 115 21.35 -53.53 1.01
C LEU J 115 20.13 -52.66 0.81
N ALA J 116 19.78 -51.82 1.79
CA ALA J 116 18.68 -50.90 1.61
C ALA J 116 18.98 -49.86 0.52
N ALA J 117 20.26 -49.65 0.20
CA ALA J 117 20.65 -48.78 -0.90
C ALA J 117 20.82 -49.52 -2.20
N ALA J 118 21.13 -50.81 -2.16
CA ALA J 118 21.09 -51.61 -3.38
C ALA J 118 19.67 -51.67 -3.92
N ILE J 119 18.71 -51.87 -3.01
CA ILE J 119 17.30 -51.79 -3.36
C ILE J 119 17.03 -50.48 -4.11
N CYS J 120 17.48 -49.37 -3.52
CA CYS J 120 17.14 -48.07 -4.07
C CYS J 120 17.87 -47.80 -5.38
N ASN J 121 19.11 -48.28 -5.52
CA ASN J 121 19.81 -48.20 -6.79
C ASN J 121 19.04 -48.91 -7.88
N GLU J 122 18.45 -50.06 -7.56
CA GLU J 122 17.63 -50.75 -8.54
C GLU J 122 16.38 -49.93 -8.87
N LEU J 123 15.68 -49.45 -7.85
CA LEU J 123 14.43 -48.74 -8.08
C LEU J 123 14.62 -47.40 -8.77
N LEU J 124 15.84 -46.86 -8.76
CA LEU J 124 16.12 -45.69 -9.60
C LEU J 124 16.09 -46.08 -11.08
N LEU J 125 16.65 -47.24 -11.41
CA LEU J 125 16.57 -47.73 -12.78
C LEU J 125 15.15 -48.10 -13.14
N ARG J 126 14.37 -48.59 -12.17
CA ARG J 126 12.95 -48.85 -12.42
C ARG J 126 12.22 -47.56 -12.78
N GLY J 127 12.67 -46.43 -12.26
CA GLY J 127 12.05 -45.14 -12.52
C GLY J 127 11.17 -44.68 -11.38
N LYS J 128 11.67 -44.87 -10.15
CA LYS J 128 10.92 -44.52 -8.94
C LYS J 128 11.79 -43.64 -8.05
N SER J 129 11.15 -43.03 -7.07
CA SER J 129 11.82 -42.18 -6.09
C SER J 129 12.25 -42.99 -4.89
N VAL J 130 13.29 -42.51 -4.22
CA VAL J 130 13.82 -43.14 -3.03
C VAL J 130 14.35 -42.07 -2.10
N LEU J 131 14.59 -42.46 -0.86
CA LEU J 131 15.21 -41.57 0.11
C LEU J 131 15.70 -42.37 1.32
N ILE J 132 17.01 -42.44 1.52
CA ILE J 132 17.56 -42.87 2.80
C ILE J 132 17.78 -41.62 3.63
N ILE J 133 17.27 -41.63 4.85
CA ILE J 133 17.30 -40.44 5.67
C ILE J 133 17.29 -40.86 7.13
N THR J 134 17.86 -40.01 7.96
CA THR J 134 17.86 -40.17 9.40
C THR J 134 16.77 -39.32 10.01
N VAL J 135 16.14 -39.87 11.05
CA VAL J 135 15.03 -39.18 11.71
C VAL J 135 15.51 -37.85 12.27
N ALA J 136 16.74 -37.81 12.75
CA ALA J 136 17.36 -36.55 13.14
C ALA J 136 17.27 -35.53 12.02
N ASP J 137 17.60 -35.94 10.79
CA ASP J 137 17.54 -35.01 9.68
C ASP J 137 16.11 -34.63 9.36
N ILE J 138 15.17 -35.55 9.56
CA ILE J 138 13.77 -35.22 9.33
C ILE J 138 13.32 -34.13 10.29
N MET J 139 13.65 -34.30 11.56
CA MET J 139 13.22 -33.35 12.56
C MET J 139 13.95 -32.03 12.39
N SER J 140 15.18 -32.07 11.89
CA SER J 140 15.87 -30.85 11.50
C SER J 140 15.12 -30.13 10.40
N ALA J 141 14.63 -30.89 9.41
CA ALA J 141 13.83 -30.28 8.35
C ALA J 141 12.57 -29.66 8.92
N MET J 142 11.91 -30.35 9.85
CA MET J 142 10.73 -29.80 10.51
C MET J 142 11.05 -28.47 11.17
N LYS J 143 12.11 -28.46 11.97
CA LYS J 143 12.41 -27.29 12.78
C LYS J 143 13.01 -26.16 11.96
N ASP J 144 13.48 -26.45 10.75
CA ASP J 144 13.85 -25.40 9.81
C ASP J 144 12.63 -24.88 9.06
N THR J 145 11.68 -25.77 8.79
CA THR J 145 10.41 -25.39 8.21
C THR J 145 9.64 -24.44 9.12
N PHE J 146 9.79 -24.60 10.43
CA PHE J 146 9.16 -23.65 11.35
C PHE J 146 9.60 -22.22 11.09
N ARG J 147 10.84 -22.04 10.66
CA ARG J 147 11.37 -20.70 10.45
C ARG J 147 10.64 -20.02 9.29
N ASN J 148 10.69 -20.62 8.11
CA ASN J 148 10.26 -19.96 6.90
C ASN J 148 8.80 -20.27 6.60
N SER J 149 8.10 -19.25 6.11
CA SER J 149 6.69 -19.38 5.74
C SER J 149 6.50 -19.66 4.25
N GLY J 150 7.54 -20.18 3.58
CA GLY J 150 7.47 -20.51 2.17
C GLY J 150 7.20 -21.98 1.97
N THR J 151 7.74 -22.79 2.89
CA THR J 151 7.41 -24.20 2.98
C THR J 151 6.87 -24.46 4.38
N SER J 152 6.02 -25.48 4.49
CA SER J 152 5.38 -25.82 5.74
C SER J 152 5.40 -27.32 5.92
N GLU J 153 5.26 -27.74 7.17
CA GLU J 153 5.52 -29.14 7.49
C GLU J 153 4.44 -30.06 6.94
N GLU J 154 3.23 -29.56 6.68
CA GLU J 154 2.26 -30.39 5.98
C GLU J 154 2.69 -30.60 4.53
N GLN J 155 3.19 -29.55 3.89
CA GLN J 155 3.75 -29.68 2.56
C GLN J 155 4.91 -30.68 2.57
N LEU J 156 5.68 -30.68 3.65
CA LEU J 156 6.80 -31.61 3.79
C LEU J 156 6.29 -33.05 3.93
N LEU J 157 5.31 -33.27 4.78
CA LEU J 157 4.78 -34.61 4.97
C LEU J 157 4.12 -35.11 3.70
N ASN J 158 3.50 -34.22 2.93
CA ASN J 158 2.94 -34.61 1.65
C ASN J 158 4.04 -34.98 0.68
N ASP J 159 5.17 -34.26 0.72
CA ASP J 159 6.32 -34.65 -0.08
C ASP J 159 6.83 -36.02 0.31
N LEU J 160 6.73 -36.36 1.60
CA LEU J 160 7.22 -37.65 2.06
C LEU J 160 6.28 -38.76 1.64
N SER J 161 4.98 -38.56 1.85
CA SER J 161 4.00 -39.56 1.44
C SER J 161 4.01 -39.76 -0.06
N ASN J 162 4.31 -38.71 -0.83
CA ASN J 162 4.38 -38.87 -2.28
C ASN J 162 5.61 -39.66 -2.73
N VAL J 163 6.50 -40.03 -1.83
CA VAL J 163 7.66 -40.81 -2.20
C VAL J 163 7.24 -42.24 -2.46
N ASP J 164 7.96 -42.89 -3.37
CA ASP J 164 7.69 -44.28 -3.69
C ASP J 164 8.21 -45.21 -2.60
N LEU J 165 9.52 -45.17 -2.35
CA LEU J 165 10.14 -45.96 -1.28
C LEU J 165 10.87 -45.02 -0.34
N LEU J 166 10.29 -44.82 0.83
CA LEU J 166 10.93 -44.12 1.93
C LEU J 166 11.49 -45.15 2.90
N VAL J 167 12.64 -44.84 3.48
CA VAL J 167 13.22 -45.65 4.54
C VAL J 167 13.74 -44.73 5.61
N ILE J 168 13.74 -45.23 6.84
CA ILE J 168 14.13 -44.46 8.00
C ILE J 168 15.30 -45.18 8.65
N ASP J 169 16.16 -44.40 9.29
CA ASP J 169 17.44 -44.87 9.76
C ASP J 169 17.73 -44.26 11.13
N GLU J 170 18.41 -45.04 11.97
CA GLU J 170 18.70 -44.65 13.35
C GLU J 170 17.41 -44.38 14.12
N ILE J 171 16.61 -45.44 14.28
CA ILE J 171 15.31 -45.36 14.93
C ILE J 171 15.38 -45.96 16.34
N GLY J 172 16.26 -46.94 16.55
CA GLY J 172 16.29 -47.68 17.79
C GLY J 172 16.58 -46.84 19.02
N VAL J 173 17.20 -45.67 18.84
CA VAL J 173 17.53 -44.81 19.96
C VAL J 173 16.26 -44.39 20.70
N GLN J 174 16.37 -44.27 22.02
CA GLN J 174 15.20 -43.97 22.86
C GLN J 174 15.05 -42.47 23.12
N THR J 175 15.10 -41.67 22.07
CA THR J 175 14.74 -40.27 22.21
C THR J 175 13.25 -40.18 22.50
N GLU J 176 12.90 -39.41 23.53
CA GLU J 176 11.58 -39.47 24.14
C GLU J 176 10.67 -38.34 23.68
N SER J 177 11.03 -37.63 22.62
CA SER J 177 10.31 -36.42 22.27
C SER J 177 8.91 -36.75 21.79
N LYS J 178 7.92 -36.19 22.49
CA LYS J 178 6.53 -36.23 22.05
C LYS J 178 6.41 -35.81 20.59
N TYR J 179 7.11 -34.75 20.22
CA TYR J 179 7.00 -34.25 18.86
C TYR J 179 7.76 -35.11 17.87
N GLU J 180 8.67 -35.97 18.32
CA GLU J 180 9.21 -36.99 17.43
C GLU J 180 8.20 -38.11 17.24
N LYS J 181 7.50 -38.47 18.32
CA LYS J 181 6.54 -39.55 18.24
C LYS J 181 5.40 -39.21 17.30
N VAL J 182 4.86 -37.99 17.45
CA VAL J 182 3.73 -37.55 16.64
C VAL J 182 4.06 -37.49 15.16
N ILE J 183 5.34 -37.36 14.81
CA ILE J 183 5.75 -37.31 13.42
C ILE J 183 6.04 -38.70 12.91
N ILE J 184 6.74 -39.50 13.70
CA ILE J 184 7.18 -40.80 13.22
C ILE J 184 6.01 -41.76 13.10
N ASN J 185 4.93 -41.55 13.88
CA ASN J 185 3.74 -42.36 13.65
C ASN J 185 2.93 -41.81 12.48
N GLN J 186 2.84 -40.49 12.39
CA GLN J 186 2.02 -39.84 11.38
C GLN J 186 2.52 -40.13 9.98
N ILE J 187 3.84 -40.18 9.80
CA ILE J 187 4.40 -40.43 8.48
C ILE J 187 3.99 -41.80 7.99
N VAL J 188 4.23 -42.82 8.83
CA VAL J 188 3.93 -44.18 8.39
C VAL J 188 2.42 -44.36 8.29
N ASP J 189 1.65 -43.63 9.08
CA ASP J 189 0.20 -43.63 8.91
C ASP J 189 -0.17 -43.12 7.53
N ARG J 190 0.34 -41.95 7.17
CA ARG J 190 0.01 -41.33 5.89
C ARG J 190 0.55 -42.11 4.71
N ARG J 191 1.51 -43.01 4.93
CA ARG J 191 2.01 -43.82 3.83
C ARG J 191 1.26 -45.14 3.70
N SER J 192 1.16 -45.89 4.80
CA SER J 192 0.48 -47.18 4.76
C SER J 192 -0.98 -47.00 4.40
N SER J 193 -1.66 -46.06 5.07
CA SER J 193 -3.06 -45.83 4.81
C SER J 193 -3.30 -45.30 3.41
N SER J 194 -2.36 -44.52 2.89
CA SER J 194 -2.37 -44.12 1.48
C SER J 194 -1.84 -45.22 0.58
N LYS J 195 -1.65 -46.43 1.09
CA LYS J 195 -1.41 -47.61 0.27
C LYS J 195 -0.07 -47.49 -0.43
N ARG J 196 0.94 -47.17 0.36
CA ARG J 196 2.32 -47.04 -0.09
C ARG J 196 3.24 -47.74 0.90
N PRO J 197 4.43 -48.17 0.46
CA PRO J 197 5.33 -48.88 1.37
C PRO J 197 6.26 -47.98 2.16
N THR J 198 7.09 -48.61 3.00
CA THR J 198 8.13 -47.96 3.78
C THR J 198 8.91 -49.04 4.51
N GLY J 199 10.16 -48.74 4.84
CA GLY J 199 10.96 -49.68 5.59
C GLY J 199 12.04 -49.07 6.46
N MET J 200 12.01 -49.38 7.74
CA MET J 200 12.92 -48.78 8.71
C MET J 200 14.23 -49.56 8.79
N LEU J 201 15.17 -48.96 9.50
CA LEU J 201 16.43 -49.59 9.88
C LEU J 201 16.65 -49.33 11.35
N THR J 202 17.02 -50.36 12.09
CA THR J 202 17.08 -50.27 13.55
C THR J 202 18.26 -51.09 14.05
N ASN J 203 18.53 -50.93 15.35
CA ASN J 203 19.48 -51.75 16.08
C ASN J 203 18.81 -52.50 17.24
N SER J 204 17.48 -52.52 17.29
CA SER J 204 16.74 -52.94 18.47
C SER J 204 15.96 -54.23 18.21
N ASN J 205 15.28 -54.68 19.26
CA ASN J 205 14.41 -55.84 19.24
C ASN J 205 12.96 -55.40 19.01
N MET J 206 12.09 -56.38 18.74
CA MET J 206 10.69 -56.07 18.49
C MET J 206 10.04 -55.35 19.68
N GLU J 207 10.18 -55.91 20.89
CA GLU J 207 9.54 -55.30 22.05
C GLU J 207 10.32 -54.10 22.56
N GLU J 208 11.64 -54.11 22.39
CA GLU J 208 12.44 -52.92 22.62
C GLU J 208 11.94 -51.76 21.78
N MET J 209 11.51 -52.07 20.56
CA MET J 209 11.01 -51.09 19.61
C MET J 209 9.56 -50.72 19.88
N THR J 210 8.78 -51.68 20.39
CA THR J 210 7.32 -51.57 20.42
C THR J 210 6.80 -50.61 21.47
N LYS J 211 7.62 -50.21 22.45
CA LYS J 211 7.19 -49.16 23.36
C LYS J 211 7.42 -47.78 22.77
N LEU J 212 8.53 -47.63 22.03
CA LEU J 212 8.76 -46.40 21.30
C LEU J 212 7.86 -46.34 20.06
N LEU J 213 7.94 -47.37 19.22
CA LEU J 213 7.02 -47.51 18.10
C LEU J 213 5.70 -48.01 18.66
N GLY J 214 4.68 -47.16 18.66
CA GLY J 214 3.37 -47.53 19.15
C GLY J 214 2.84 -48.82 18.53
N GLU J 215 1.85 -49.43 19.20
CA GLU J 215 1.27 -50.66 18.70
C GLU J 215 0.68 -50.46 17.31
N ARG J 216 0.05 -49.31 17.08
CA ARG J 216 -0.51 -49.01 15.77
C ARG J 216 0.56 -49.01 14.70
N VAL J 217 1.74 -48.48 15.03
CA VAL J 217 2.78 -48.35 14.01
C VAL J 217 3.31 -49.71 13.61
N MET J 218 3.60 -50.56 14.59
CA MET J 218 3.99 -51.94 14.29
C MET J 218 2.89 -52.66 13.55
N ASP J 219 1.64 -52.37 13.89
CA ASP J 219 0.50 -53.00 13.23
C ASP J 219 0.48 -52.62 11.74
N ARG J 220 0.66 -51.33 11.45
CA ARG J 220 0.69 -50.85 10.08
C ARG J 220 2.00 -51.13 9.39
N MET J 221 2.99 -51.63 10.12
CA MET J 221 4.24 -52.09 9.53
C MET J 221 4.17 -53.55 9.13
N ARG J 222 3.47 -54.37 9.90
CA ARG J 222 3.43 -55.81 9.67
C ARG J 222 2.33 -56.14 8.67
N LEU J 223 2.68 -56.12 7.37
CA LEU J 223 1.74 -56.44 6.32
C LEU J 223 2.40 -57.29 5.26
N GLY J 224 1.63 -58.26 4.75
CA GLY J 224 2.12 -59.14 3.70
C GLY J 224 3.37 -59.86 4.14
N ASN J 225 4.44 -59.65 3.38
CA ASN J 225 5.77 -60.14 3.72
C ASN J 225 6.52 -58.98 4.39
N SER J 226 6.27 -58.81 5.69
CA SER J 226 6.77 -57.66 6.43
C SER J 226 8.29 -57.65 6.53
N LEU J 227 8.97 -58.75 6.24
CA LEU J 227 10.42 -58.77 6.11
C LEU J 227 11.11 -58.30 7.38
N TRP J 228 11.10 -59.18 8.39
CA TRP J 228 11.78 -58.99 9.66
C TRP J 228 13.21 -59.54 9.62
N VAL J 229 13.88 -59.34 8.48
CA VAL J 229 15.29 -59.72 8.37
C VAL J 229 16.07 -59.10 9.51
N ILE J 230 16.99 -59.88 10.07
CA ILE J 230 17.78 -59.48 11.21
C ILE J 230 19.22 -59.92 10.98
N PHE J 231 20.15 -59.10 11.44
CA PHE J 231 21.58 -59.41 11.39
C PHE J 231 22.06 -59.69 12.80
N ASN J 232 22.57 -60.89 13.02
CA ASN J 232 23.08 -61.33 14.31
C ASN J 232 24.55 -61.68 14.16
N TRP J 233 25.30 -60.80 13.51
CA TRP J 233 26.64 -61.08 13.01
C TRP J 233 27.65 -60.13 13.62
N ASP J 234 28.86 -60.20 13.09
CA ASP J 234 29.97 -59.37 13.52
C ASP J 234 30.22 -58.28 12.47
N SER J 235 30.61 -57.10 12.95
CA SER J 235 30.78 -55.94 12.08
C SER J 235 31.78 -56.22 10.96
N TYR J 236 31.56 -55.51 9.85
CA TYR J 236 32.36 -55.73 8.64
C TYR J 236 33.71 -55.05 8.75
N ARG J 237 33.73 -53.78 9.13
CA ARG J 237 34.94 -52.98 9.02
C ARG J 237 36.03 -53.40 9.99
N SER J 238 35.70 -54.23 10.99
CA SER J 238 36.74 -54.76 11.87
C SER J 238 37.53 -55.89 11.24
N ARG J 239 37.11 -56.40 10.08
CA ARG J 239 37.83 -57.47 9.40
C ARG J 239 39.07 -56.92 8.68
N MET K 1 -39.69 -19.08 -47.59
CA MET K 1 -38.69 -19.98 -48.24
C MET K 1 -38.91 -21.43 -47.82
N LYS K 2 -39.14 -21.65 -46.53
CA LYS K 2 -39.30 -22.99 -45.99
C LYS K 2 -40.23 -22.92 -44.78
N ASN K 3 -40.94 -24.01 -44.52
CA ASN K 3 -41.93 -24.10 -43.47
C ASN K 3 -41.60 -25.27 -42.53
N VAL K 4 -42.52 -25.51 -41.58
CA VAL K 4 -42.33 -26.58 -40.60
C VAL K 4 -42.13 -27.92 -41.30
N GLY K 5 -42.98 -28.21 -42.28
CA GLY K 5 -42.92 -29.47 -43.00
C GLY K 5 -41.58 -29.71 -43.64
N ASP K 6 -41.20 -28.87 -44.60
CA ASP K 6 -39.93 -29.05 -45.30
C ASP K 6 -38.74 -29.03 -44.35
N LEU K 7 -38.76 -28.12 -43.36
CA LEU K 7 -37.62 -28.04 -42.45
C LEU K 7 -37.47 -29.30 -41.63
N MET K 8 -38.56 -29.75 -40.98
CA MET K 8 -38.46 -30.97 -40.19
C MET K 8 -38.19 -32.19 -41.05
N GLN K 9 -38.62 -32.17 -42.31
CA GLN K 9 -38.27 -33.27 -43.20
C GLN K 9 -36.76 -33.31 -43.43
N ARG K 10 -36.17 -32.16 -43.77
CA ARG K 10 -34.72 -32.06 -43.88
C ARG K 10 -34.02 -32.37 -42.57
N LEU K 11 -34.72 -32.21 -41.45
CA LEU K 11 -34.17 -32.55 -40.15
C LEU K 11 -34.14 -34.07 -39.97
N GLN K 12 -35.23 -34.75 -40.34
CA GLN K 12 -35.23 -36.20 -40.32
C GLN K 12 -34.18 -36.76 -41.28
N LYS K 13 -33.87 -36.03 -42.35
CA LYS K 13 -32.77 -36.46 -43.21
C LYS K 13 -31.46 -36.55 -42.44
N MET K 14 -31.26 -35.66 -41.46
CA MET K 14 -30.13 -35.82 -40.56
C MET K 14 -30.33 -37.02 -39.64
N MET K 15 -31.44 -37.02 -38.90
CA MET K 15 -31.62 -37.93 -37.78
C MET K 15 -32.81 -38.86 -38.01
N PRO K 16 -32.70 -40.14 -37.68
CA PRO K 16 -33.68 -41.13 -38.17
C PRO K 16 -35.02 -41.04 -37.47
N ALA K 17 -35.90 -42.00 -37.77
CA ALA K 17 -37.24 -42.04 -37.22
C ALA K 17 -37.21 -42.37 -35.73
N HIS K 18 -38.39 -42.30 -35.12
CA HIS K 18 -38.62 -42.62 -33.71
C HIS K 18 -37.65 -41.84 -32.82
N ILE K 19 -37.78 -40.52 -32.92
CA ILE K 19 -36.94 -39.57 -32.21
C ILE K 19 -37.87 -38.62 -31.46
N LYS K 20 -39.02 -39.15 -31.05
CA LYS K 20 -40.13 -38.31 -30.63
C LYS K 20 -39.71 -37.39 -29.47
N PRO K 21 -40.12 -36.13 -29.47
CA PRO K 21 -39.43 -35.13 -28.65
C PRO K 21 -39.71 -35.23 -27.16
N ALA K 22 -40.87 -35.76 -26.77
CA ALA K 22 -41.27 -35.90 -25.37
C ALA K 22 -41.52 -34.56 -24.69
N PHE K 23 -41.64 -33.47 -25.44
CA PHE K 23 -42.14 -32.21 -24.90
C PHE K 23 -43.49 -31.83 -25.50
N LYS K 24 -43.55 -31.57 -26.81
CA LYS K 24 -44.80 -31.29 -27.52
C LYS K 24 -45.52 -30.02 -27.05
N THR K 25 -44.97 -29.30 -26.07
CA THR K 25 -45.71 -28.21 -25.43
C THR K 25 -44.74 -27.28 -24.73
N GLY K 26 -45.29 -26.19 -24.20
CA GLY K 26 -44.50 -25.11 -23.62
C GLY K 26 -44.29 -25.19 -22.12
N GLU K 27 -45.14 -25.94 -21.42
CA GLU K 27 -45.10 -25.99 -19.96
C GLU K 27 -44.29 -27.19 -19.47
N GLU K 28 -44.51 -28.35 -20.07
CA GLU K 28 -43.71 -29.54 -19.72
C GLU K 28 -42.24 -29.28 -19.96
N LEU K 29 -41.92 -28.48 -20.97
CA LEU K 29 -40.55 -28.05 -21.22
C LEU K 29 -39.93 -27.47 -19.95
N LEU K 30 -40.49 -26.35 -19.47
CA LEU K 30 -39.93 -25.69 -18.31
C LEU K 30 -40.01 -26.58 -17.08
N ALA K 31 -41.03 -27.43 -16.98
CA ALA K 31 -41.16 -28.28 -15.81
C ALA K 31 -40.02 -29.29 -15.74
N TRP K 32 -39.80 -30.02 -16.83
CA TRP K 32 -38.72 -30.99 -16.85
C TRP K 32 -37.38 -30.29 -16.75
N GLN K 33 -37.29 -29.06 -17.26
CA GLN K 33 -36.05 -28.31 -17.14
C GLN K 33 -35.75 -28.00 -15.68
N LYS K 34 -36.76 -27.58 -14.92
CA LYS K 34 -36.58 -27.34 -13.50
C LYS K 34 -36.25 -28.62 -12.76
N GLU K 35 -36.87 -29.73 -13.18
CA GLU K 35 -36.57 -31.02 -12.58
C GLU K 35 -35.09 -31.35 -12.73
N GLN K 36 -34.61 -31.32 -13.97
CA GLN K 36 -33.20 -31.57 -14.21
C GLN K 36 -32.33 -30.51 -13.55
N GLY K 37 -32.85 -29.30 -13.39
CA GLY K 37 -32.08 -28.26 -12.72
C GLY K 37 -31.77 -28.61 -11.28
N ALA K 38 -32.80 -29.05 -10.56
CA ALA K 38 -32.59 -29.45 -9.18
C ALA K 38 -31.75 -30.72 -9.09
N ILE K 39 -31.96 -31.67 -10.01
CA ILE K 39 -31.19 -32.90 -9.97
C ILE K 39 -29.72 -32.60 -10.23
N ARG K 40 -29.45 -31.67 -11.15
CA ARG K 40 -28.08 -31.27 -11.44
C ARG K 40 -27.49 -30.54 -10.24
N SER K 41 -28.26 -29.64 -9.63
CA SER K 41 -27.79 -28.91 -8.45
C SER K 41 -27.41 -29.86 -7.33
N ALA K 42 -28.10 -30.98 -7.20
CA ALA K 42 -27.76 -31.97 -6.17
C ALA K 42 -26.32 -32.44 -6.32
N ALA K 43 -26.01 -33.07 -7.45
CA ALA K 43 -24.65 -33.53 -7.69
C ALA K 43 -23.66 -32.38 -7.81
N LEU K 44 -24.14 -31.17 -8.13
CA LEU K 44 -23.25 -30.02 -8.20
C LEU K 44 -22.74 -29.66 -6.82
N GLU K 45 -23.66 -29.41 -5.89
CA GLU K 45 -23.28 -29.16 -4.52
C GLU K 45 -22.51 -30.34 -3.94
N ARG K 46 -22.83 -31.55 -4.37
CA ARG K 46 -22.06 -32.72 -3.95
C ARG K 46 -20.61 -32.59 -4.40
N GLU K 47 -20.40 -32.19 -5.64
CA GLU K 47 -19.05 -32.09 -6.16
C GLU K 47 -18.29 -30.97 -5.47
N ASN K 48 -18.96 -29.86 -5.21
CA ASN K 48 -18.35 -28.79 -4.42
C ASN K 48 -17.88 -29.32 -3.08
N ARG K 49 -18.80 -29.91 -2.32
CA ARG K 49 -18.48 -30.39 -0.97
C ARG K 49 -17.38 -31.43 -1.00
N ALA K 50 -17.33 -32.26 -2.03
CA ALA K 50 -16.37 -33.34 -2.08
C ALA K 50 -15.02 -32.90 -2.64
N MET K 51 -14.99 -31.81 -3.40
CA MET K 51 -13.75 -31.30 -3.95
C MET K 51 -13.11 -30.24 -3.09
N LYS K 52 -13.83 -29.69 -2.10
CA LYS K 52 -13.18 -28.84 -1.09
C LYS K 52 -11.89 -29.49 -0.59
N MET K 53 -12.03 -30.71 -0.08
CA MET K 53 -10.98 -31.39 0.64
C MET K 53 -10.12 -32.28 -0.25
N GLN K 54 -10.40 -32.33 -1.56
CA GLN K 54 -9.48 -32.90 -2.53
C GLN K 54 -8.75 -31.83 -3.32
N ARG K 55 -9.25 -30.59 -3.33
CA ARG K 55 -8.55 -29.46 -3.91
C ARG K 55 -7.55 -28.90 -2.92
N THR K 56 -8.02 -28.56 -1.72
CA THR K 56 -7.09 -28.07 -0.70
C THR K 56 -6.20 -29.21 -0.21
N PHE K 57 -6.82 -30.33 0.17
CA PHE K 57 -6.15 -31.48 0.73
C PHE K 57 -6.36 -32.67 -0.20
N ASN K 58 -6.01 -33.85 0.27
CA ASN K 58 -6.06 -35.07 -0.52
C ASN K 58 -7.10 -36.03 0.05
N ARG K 59 -7.44 -37.03 -0.76
CA ARG K 59 -8.04 -38.30 -0.32
C ARG K 59 -9.23 -38.13 0.62
N SER K 60 -10.02 -37.07 0.40
CA SER K 60 -11.08 -36.73 1.35
C SER K 60 -12.13 -37.83 1.42
N GLY K 61 -12.10 -38.59 2.51
CA GLY K 61 -13.06 -39.64 2.76
C GLY K 61 -12.37 -40.86 3.33
N ILE K 62 -12.66 -42.01 2.76
CA ILE K 62 -12.01 -43.25 3.17
C ILE K 62 -10.74 -43.38 2.35
N ARG K 63 -9.73 -43.90 2.97
CA ARG K 63 -8.39 -43.90 2.45
C ARG K 63 -7.97 -45.31 2.09
N PRO K 64 -7.13 -45.47 1.06
CA PRO K 64 -7.14 -46.72 0.26
C PRO K 64 -6.79 -47.98 1.01
N LEU K 65 -6.40 -47.91 2.29
CA LEU K 65 -6.21 -49.13 3.05
C LEU K 65 -7.54 -49.68 3.55
N HIS K 66 -8.48 -48.80 3.85
CA HIS K 66 -9.78 -49.16 4.41
C HIS K 66 -10.92 -48.94 3.44
N GLN K 67 -10.64 -48.89 2.15
CA GLN K 67 -11.68 -48.65 1.16
C GLN K 67 -12.48 -49.92 0.91
N ASN K 68 -11.80 -50.99 0.50
CA ASN K 68 -12.46 -52.27 0.25
C ASN K 68 -12.78 -52.92 1.58
N CYS K 69 -13.82 -52.39 2.22
CA CYS K 69 -14.09 -52.63 3.63
C CYS K 69 -15.57 -52.91 3.86
N SER K 70 -16.14 -53.82 3.09
CA SER K 70 -17.52 -54.22 3.32
C SER K 70 -17.69 -54.79 4.72
N PHE K 71 -18.94 -54.82 5.17
CA PHE K 71 -19.26 -55.46 6.45
C PHE K 71 -18.90 -56.93 6.45
N GLU K 72 -18.92 -57.58 5.29
CA GLU K 72 -18.98 -59.03 5.23
C GLU K 72 -17.62 -59.71 5.26
N ASN K 73 -16.54 -59.02 4.89
CA ASN K 73 -15.21 -59.58 5.12
C ASN K 73 -14.86 -59.64 6.59
N TYR K 74 -15.60 -58.91 7.44
CA TYR K 74 -15.48 -58.98 8.89
C TYR K 74 -15.55 -60.41 9.37
N ARG K 75 -14.45 -60.92 9.91
CA ARG K 75 -14.42 -62.29 10.38
C ARG K 75 -15.10 -62.41 11.73
N VAL K 76 -15.82 -63.50 11.91
CA VAL K 76 -16.61 -63.73 13.12
C VAL K 76 -15.79 -64.56 14.11
N GLU K 77 -15.75 -64.10 15.37
CA GLU K 77 -15.15 -64.86 16.46
C GLU K 77 -16.09 -65.03 17.65
N CYS K 78 -16.80 -63.99 18.07
CA CYS K 78 -17.41 -64.00 19.38
C CYS K 78 -18.57 -63.01 19.46
N GLU K 79 -19.21 -63.02 20.63
CA GLU K 79 -20.35 -62.14 20.88
C GLU K 79 -19.95 -60.67 20.88
N GLY K 80 -18.72 -60.36 21.25
CA GLY K 80 -18.26 -58.99 21.08
C GLY K 80 -18.26 -58.57 19.62
N GLN K 81 -17.86 -59.48 18.73
CA GLN K 81 -17.90 -59.16 17.31
C GLN K 81 -19.33 -59.02 16.82
N MET K 82 -20.22 -59.92 17.27
CA MET K 82 -21.64 -59.78 16.95
C MET K 82 -22.18 -58.43 17.42
N ASN K 83 -21.87 -58.05 18.66
CA ASN K 83 -22.32 -56.77 19.20
C ASN K 83 -21.84 -55.62 18.32
N ALA K 84 -20.57 -55.65 17.97
CA ALA K 84 -19.99 -54.58 17.17
C ALA K 84 -20.68 -54.46 15.82
N LEU K 85 -20.73 -55.56 15.08
CA LEU K 85 -21.31 -55.54 13.74
C LEU K 85 -22.78 -55.13 13.78
N SER K 86 -23.56 -55.78 14.65
CA SER K 86 -24.99 -55.49 14.71
C SER K 86 -25.25 -54.06 15.13
N LYS K 87 -24.52 -53.56 16.13
CA LYS K 87 -24.79 -52.21 16.57
C LYS K 87 -24.35 -51.21 15.52
N ALA K 88 -23.29 -51.51 14.78
CA ALA K 88 -22.89 -50.65 13.67
C ALA K 88 -23.99 -50.58 12.64
N ARG K 89 -24.59 -51.73 12.31
CA ARG K 89 -25.66 -51.73 11.32
C ARG K 89 -26.84 -50.89 11.78
N GLN K 90 -27.26 -51.04 13.03
CA GLN K 90 -28.43 -50.28 13.45
C GLN K 90 -28.11 -48.80 13.61
N TYR K 91 -26.85 -48.47 13.95
CA TYR K 91 -26.44 -47.08 13.98
C TYR K 91 -26.51 -46.46 12.60
N VAL K 92 -26.13 -47.22 11.56
CA VAL K 92 -26.27 -46.71 10.20
C VAL K 92 -27.74 -46.55 9.84
N GLU K 93 -28.55 -47.55 10.19
CA GLU K 93 -29.95 -47.55 9.76
C GLU K 93 -30.74 -46.42 10.41
N GLU K 94 -30.44 -46.13 11.68
CA GLU K 94 -31.06 -45.02 12.41
C GLU K 94 -30.18 -43.78 12.41
N PHE K 95 -29.46 -43.54 11.32
CA PHE K 95 -28.53 -42.43 11.27
C PHE K 95 -29.22 -41.10 11.01
N ASP K 96 -30.23 -41.09 10.15
CA ASP K 96 -30.76 -39.84 9.62
C ASP K 96 -31.54 -39.09 10.68
N GLY K 97 -31.27 -37.79 10.79
CA GLY K 97 -31.93 -36.93 11.78
C GLY K 97 -31.83 -37.48 13.19
N ASN K 98 -30.73 -38.14 13.51
CA ASN K 98 -30.54 -38.83 14.79
C ASN K 98 -29.19 -38.41 15.34
N ILE K 99 -29.22 -37.65 16.43
CA ILE K 99 -27.98 -37.24 17.09
C ILE K 99 -27.51 -38.42 17.92
N ALA K 100 -26.64 -39.22 17.32
CA ALA K 100 -26.06 -40.38 17.98
C ALA K 100 -24.61 -40.47 17.55
N SER K 101 -23.72 -40.53 18.52
CA SER K 101 -22.29 -40.56 18.29
C SER K 101 -21.74 -41.94 18.59
N PHE K 102 -20.43 -42.09 18.42
CA PHE K 102 -19.76 -43.32 18.79
C PHE K 102 -18.34 -43.01 19.24
N ILE K 103 -17.96 -43.62 20.35
CA ILE K 103 -16.58 -43.55 20.85
C ILE K 103 -16.15 -45.01 21.04
N PHE K 104 -15.58 -45.60 20.01
CA PHE K 104 -14.91 -46.87 20.20
C PHE K 104 -13.67 -46.66 21.06
N SER K 105 -13.35 -47.68 21.85
CA SER K 105 -12.15 -47.66 22.66
C SER K 105 -11.60 -49.08 22.72
N GLY K 106 -10.29 -49.18 22.88
CA GLY K 106 -9.62 -50.44 23.01
C GLY K 106 -8.33 -50.49 22.25
N LYS K 107 -7.68 -51.64 22.26
CA LYS K 107 -6.39 -51.77 21.64
C LYS K 107 -6.53 -51.78 20.12
N PRO K 108 -5.43 -51.55 19.39
CA PRO K 108 -5.48 -51.72 17.94
C PRO K 108 -5.66 -53.18 17.53
N GLY K 109 -5.80 -53.43 16.23
CA GLY K 109 -5.95 -54.77 15.73
C GLY K 109 -7.30 -55.38 15.99
N THR K 110 -8.33 -54.55 16.18
CA THR K 110 -9.64 -54.98 16.61
C THR K 110 -10.76 -54.62 15.66
N GLY K 111 -10.53 -53.70 14.71
CA GLY K 111 -11.57 -53.29 13.78
C GLY K 111 -12.27 -52.02 14.20
N LYS K 112 -11.50 -50.97 14.49
CA LYS K 112 -12.06 -49.64 14.71
C LYS K 112 -12.17 -48.89 13.40
N ASN K 113 -11.02 -48.74 12.72
CA ASN K 113 -11.01 -48.13 11.40
C ASN K 113 -11.80 -48.97 10.41
N HIS K 114 -11.75 -50.29 10.56
CA HIS K 114 -12.52 -51.18 9.69
C HIS K 114 -14.01 -50.87 9.77
N LEU K 115 -14.56 -50.85 10.97
CA LEU K 115 -16.00 -50.63 11.10
C LEU K 115 -16.36 -49.20 10.76
N ALA K 116 -15.54 -48.22 11.16
CA ALA K 116 -15.81 -46.84 10.79
C ALA K 116 -15.83 -46.66 9.28
N ALA K 117 -14.93 -47.37 8.58
CA ALA K 117 -14.87 -47.24 7.15
C ALA K 117 -15.99 -47.98 6.45
N ALA K 118 -16.45 -49.11 6.99
CA ALA K 118 -17.65 -49.74 6.44
C ALA K 118 -18.85 -48.83 6.60
N ILE K 119 -19.00 -48.22 7.79
CA ILE K 119 -20.05 -47.24 8.03
C ILE K 119 -19.99 -46.15 6.97
N CYS K 120 -18.83 -45.54 6.83
CA CYS K 120 -18.71 -44.41 5.91
C CYS K 120 -18.86 -44.85 4.46
N ASN K 121 -18.42 -46.07 4.11
CA ASN K 121 -18.65 -46.61 2.78
C ASN K 121 -20.13 -46.63 2.46
N GLU K 122 -20.94 -47.04 3.44
CA GLU K 122 -22.37 -47.09 3.20
C GLU K 122 -22.96 -45.69 3.12
N LEU K 123 -22.54 -44.80 4.01
CA LEU K 123 -23.13 -43.47 4.03
C LEU K 123 -22.71 -42.64 2.83
N LEU K 124 -21.65 -43.03 2.13
CA LEU K 124 -21.39 -42.46 0.82
C LEU K 124 -22.57 -42.73 -0.11
N LEU K 125 -22.91 -44.01 -0.26
CA LEU K 125 -23.98 -44.40 -1.17
C LEU K 125 -25.35 -43.98 -0.68
N ARG K 126 -25.49 -43.70 0.62
CA ARG K 126 -26.71 -43.08 1.10
C ARG K 126 -26.79 -41.61 0.75
N GLY K 127 -25.66 -41.00 0.38
CA GLY K 127 -25.63 -39.62 -0.04
C GLY K 127 -25.09 -38.67 0.99
N LYS K 128 -24.16 -39.09 1.83
CA LYS K 128 -23.65 -38.30 2.94
C LYS K 128 -22.14 -38.16 2.83
N SER K 129 -21.62 -37.11 3.45
CA SER K 129 -20.20 -36.83 3.45
C SER K 129 -19.53 -37.47 4.66
N VAL K 130 -18.28 -37.88 4.46
CA VAL K 130 -17.52 -38.61 5.47
C VAL K 130 -16.05 -38.22 5.35
N LEU K 131 -15.33 -38.40 6.45
CA LEU K 131 -13.88 -38.19 6.43
C LEU K 131 -13.26 -38.90 7.62
N ILE K 132 -12.57 -40.01 7.38
CA ILE K 132 -11.68 -40.58 8.40
C ILE K 132 -10.36 -39.84 8.32
N ILE K 133 -9.79 -39.53 9.49
CA ILE K 133 -8.65 -38.63 9.54
C ILE K 133 -7.95 -38.83 10.87
N THR K 134 -6.66 -38.53 10.89
CA THR K 134 -5.87 -38.52 12.10
C THR K 134 -5.85 -37.12 12.68
N VAL K 135 -5.82 -37.05 14.00
CA VAL K 135 -5.76 -35.76 14.67
C VAL K 135 -4.46 -35.04 14.33
N ALA K 136 -3.37 -35.79 14.25
CA ALA K 136 -2.12 -35.24 13.75
C ALA K 136 -2.27 -34.62 12.38
N ASP K 137 -3.06 -35.26 11.51
CA ASP K 137 -3.27 -34.70 10.18
C ASP K 137 -4.10 -33.43 10.23
N ILE K 138 -5.08 -33.37 11.14
CA ILE K 138 -5.86 -32.15 11.30
C ILE K 138 -4.95 -31.01 11.74
N MET K 139 -4.12 -31.28 12.73
CA MET K 139 -3.24 -30.25 13.25
C MET K 139 -2.17 -29.87 12.24
N SER K 140 -1.71 -30.83 11.42
CA SER K 140 -0.81 -30.49 10.33
C SER K 140 -1.48 -29.55 9.35
N ALA K 141 -2.74 -29.83 9.00
CA ALA K 141 -3.49 -28.91 8.15
C ALA K 141 -3.60 -27.53 8.77
N MET K 142 -3.81 -27.49 10.10
CA MET K 142 -3.87 -26.20 10.80
C MET K 142 -2.54 -25.45 10.69
N LYS K 143 -1.46 -26.13 11.03
CA LYS K 143 -0.13 -25.54 11.04
C LYS K 143 0.32 -25.12 9.65
N ASP K 144 -0.26 -25.73 8.61
CA ASP K 144 -0.06 -25.24 7.25
C ASP K 144 -0.96 -24.05 6.96
N THR K 145 -2.15 -24.04 7.54
CA THR K 145 -3.12 -23.00 7.28
C THR K 145 -2.64 -21.66 7.82
N PHE K 146 -1.86 -21.67 8.90
CA PHE K 146 -1.29 -20.41 9.40
C PHE K 146 -0.45 -19.71 8.34
N ARG K 147 0.13 -20.47 7.41
CA ARG K 147 0.97 -19.90 6.37
C ARG K 147 0.16 -18.95 5.49
N ASN K 148 -0.82 -19.50 4.78
CA ASN K 148 -1.57 -18.73 3.80
C ASN K 148 -2.69 -17.97 4.50
N SER K 149 -2.95 -16.76 4.01
CA SER K 149 -4.08 -15.96 4.46
C SER K 149 -5.30 -16.12 3.57
N GLY K 150 -5.14 -16.67 2.36
CA GLY K 150 -6.29 -16.91 1.51
C GLY K 150 -7.27 -17.87 2.15
N THR K 151 -6.74 -18.96 2.70
CA THR K 151 -7.54 -19.90 3.47
C THR K 151 -7.52 -19.47 4.93
N SER K 152 -8.00 -20.33 5.83
CA SER K 152 -8.05 -20.00 7.24
C SER K 152 -8.52 -21.22 8.02
N GLU K 153 -8.03 -21.32 9.25
CA GLU K 153 -8.51 -22.36 10.15
C GLU K 153 -10.01 -22.24 10.35
N GLU K 154 -10.53 -21.01 10.36
CA GLU K 154 -11.98 -20.81 10.39
C GLU K 154 -12.65 -21.50 9.21
N GLN K 155 -12.11 -21.30 8.01
CA GLN K 155 -12.68 -21.92 6.81
C GLN K 155 -12.65 -23.43 6.92
N LEU K 156 -11.53 -23.99 7.36
CA LEU K 156 -11.44 -25.45 7.46
C LEU K 156 -12.36 -26.00 8.54
N LEU K 157 -12.53 -25.25 9.64
CA LEU K 157 -13.39 -25.73 10.71
C LEU K 157 -14.85 -25.68 10.30
N ASN K 158 -15.24 -24.62 9.58
CA ASN K 158 -16.60 -24.57 9.05
C ASN K 158 -16.81 -25.65 8.00
N ASP K 159 -15.78 -26.01 7.24
CA ASP K 159 -15.89 -27.11 6.30
C ASP K 159 -16.13 -28.42 7.03
N LEU K 160 -15.35 -28.68 8.08
CA LEU K 160 -15.57 -29.89 8.87
C LEU K 160 -16.96 -29.88 9.50
N SER K 161 -17.43 -28.72 9.92
CA SER K 161 -18.78 -28.61 10.46
C SER K 161 -19.81 -28.95 9.39
N ASN K 162 -19.53 -28.57 8.13
CA ASN K 162 -20.42 -28.91 7.03
C ASN K 162 -20.45 -30.39 6.72
N VAL K 163 -19.53 -31.19 7.27
CA VAL K 163 -19.54 -32.62 7.01
C VAL K 163 -20.69 -33.26 7.78
N ASP K 164 -21.27 -34.30 7.17
CA ASP K 164 -22.33 -35.03 7.85
C ASP K 164 -21.78 -35.85 9.00
N LEU K 165 -20.78 -36.69 8.73
CA LEU K 165 -20.18 -37.57 9.72
C LEU K 165 -18.69 -37.29 9.79
N LEU K 166 -18.30 -36.46 10.76
CA LEU K 166 -16.90 -36.26 11.07
C LEU K 166 -16.47 -37.33 12.06
N VAL K 167 -15.29 -37.90 11.82
CA VAL K 167 -14.73 -38.90 12.74
C VAL K 167 -13.25 -38.63 12.92
N ILE K 168 -12.74 -39.14 14.03
CA ILE K 168 -11.41 -38.84 14.53
C ILE K 168 -10.73 -40.16 14.87
N ASP K 169 -9.40 -40.17 14.79
CA ASP K 169 -8.62 -41.38 14.90
C ASP K 169 -7.32 -41.06 15.64
N GLU K 170 -6.85 -42.05 16.41
CA GLU K 170 -5.59 -41.93 17.16
C GLU K 170 -5.62 -40.76 18.15
N ILE K 171 -6.78 -40.54 18.78
CA ILE K 171 -6.89 -39.47 19.76
C ILE K 171 -6.35 -39.87 21.13
N GLY K 172 -6.07 -41.16 21.35
CA GLY K 172 -5.74 -41.63 22.68
C GLY K 172 -4.45 -41.07 23.25
N VAL K 173 -3.50 -40.69 22.39
CA VAL K 173 -2.21 -40.24 22.88
C VAL K 173 -2.34 -38.90 23.58
N GLN K 174 -1.53 -38.70 24.62
CA GLN K 174 -1.80 -37.68 25.63
C GLN K 174 -1.07 -36.36 25.35
N THR K 175 -1.18 -35.83 24.13
CA THR K 175 -0.59 -34.53 23.86
C THR K 175 -1.41 -33.45 24.55
N GLU K 176 -0.76 -32.73 25.46
CA GLU K 176 -1.40 -31.73 26.29
C GLU K 176 -1.49 -30.36 25.62
N SER K 177 -1.21 -30.28 24.33
CA SER K 177 -1.03 -28.99 23.67
C SER K 177 -2.31 -28.15 23.71
N LYS K 178 -2.12 -26.86 24.00
CA LYS K 178 -3.22 -25.91 24.08
C LYS K 178 -3.91 -25.77 22.73
N TYR K 179 -3.13 -25.58 21.67
CA TYR K 179 -3.73 -25.39 20.36
C TYR K 179 -4.30 -26.69 19.80
N GLU K 180 -3.88 -27.84 20.31
CA GLU K 180 -4.58 -29.08 19.96
C GLU K 180 -5.92 -29.16 20.69
N LYS K 181 -5.92 -28.81 21.97
CA LYS K 181 -7.15 -28.94 22.76
C LYS K 181 -8.22 -27.99 22.24
N VAL K 182 -7.84 -26.76 21.91
CA VAL K 182 -8.83 -25.80 21.43
C VAL K 182 -9.50 -26.32 20.17
N ILE K 183 -8.74 -26.96 19.29
CA ILE K 183 -9.33 -27.47 18.07
C ILE K 183 -10.20 -28.67 18.35
N ILE K 184 -9.70 -29.62 19.16
CA ILE K 184 -10.42 -30.87 19.34
C ILE K 184 -11.74 -30.63 20.08
N ASN K 185 -11.80 -29.62 20.96
CA ASN K 185 -13.05 -29.34 21.63
C ASN K 185 -13.93 -28.36 20.85
N GLN K 186 -13.33 -27.37 20.17
CA GLN K 186 -14.10 -26.41 19.39
C GLN K 186 -14.82 -27.10 18.24
N ILE K 187 -14.23 -28.14 17.64
CA ILE K 187 -14.89 -28.81 16.54
C ILE K 187 -16.19 -29.46 17.02
N VAL K 188 -16.13 -30.15 18.15
CA VAL K 188 -17.31 -30.81 18.66
C VAL K 188 -18.33 -29.78 19.14
N ASP K 189 -17.85 -28.69 19.72
CA ASP K 189 -18.75 -27.59 20.08
C ASP K 189 -19.53 -27.10 18.86
N ARG K 190 -18.81 -26.79 17.78
CA ARG K 190 -19.45 -26.28 16.57
C ARG K 190 -20.44 -27.29 15.99
N ARG K 191 -20.04 -28.55 15.92
CA ARG K 191 -20.89 -29.55 15.28
C ARG K 191 -22.11 -29.84 16.12
N SER K 192 -21.92 -30.28 17.37
CA SER K 192 -23.05 -30.65 18.21
C SER K 192 -23.97 -29.46 18.45
N SER K 193 -23.40 -28.27 18.65
CA SER K 193 -24.24 -27.08 18.85
C SER K 193 -25.10 -26.79 17.64
N SER K 194 -24.60 -27.12 16.44
CA SER K 194 -25.35 -26.96 15.21
C SER K 194 -26.20 -28.19 14.88
N LYS K 195 -26.42 -29.06 15.86
CA LYS K 195 -27.27 -30.25 15.69
C LYS K 195 -26.70 -31.15 14.58
N ARG K 196 -25.51 -31.68 14.84
CA ARG K 196 -24.80 -32.50 13.87
C ARG K 196 -24.01 -33.60 14.56
N PRO K 197 -23.97 -34.82 14.00
CA PRO K 197 -23.27 -35.92 14.69
C PRO K 197 -21.80 -36.04 14.35
N THR K 198 -21.12 -36.91 15.10
CA THR K 198 -19.72 -37.27 14.87
C THR K 198 -19.39 -38.44 15.79
N GLY K 199 -18.12 -38.85 15.81
CA GLY K 199 -17.69 -39.95 16.67
C GLY K 199 -16.19 -40.11 16.65
N MET K 200 -15.65 -40.72 17.71
CA MET K 200 -14.21 -40.80 17.92
C MET K 200 -13.73 -42.24 18.03
N LEU K 201 -12.40 -42.39 17.95
CA LEU K 201 -11.71 -43.67 18.06
C LEU K 201 -10.48 -43.49 18.92
N THR K 202 -10.35 -44.28 19.99
CA THR K 202 -9.29 -44.08 20.98
C THR K 202 -8.80 -45.44 21.48
N ASN K 203 -8.06 -45.39 22.60
CA ASN K 203 -7.57 -46.58 23.28
C ASN K 203 -7.89 -46.59 24.77
N SER K 204 -7.93 -45.42 25.39
CA SER K 204 -8.01 -45.35 26.85
C SER K 204 -9.46 -45.47 27.32
N ASN K 205 -9.63 -45.30 28.63
CA ASN K 205 -10.93 -45.38 29.29
C ASN K 205 -11.59 -44.01 29.31
N MET K 206 -12.85 -43.97 29.74
CA MET K 206 -13.61 -42.73 29.80
C MET K 206 -12.88 -41.69 30.65
N GLU K 207 -12.41 -42.07 31.83
CA GLU K 207 -11.86 -41.08 32.75
C GLU K 207 -10.49 -40.62 32.29
N GLU K 208 -9.62 -41.57 31.93
CA GLU K 208 -8.29 -41.21 31.46
C GLU K 208 -8.35 -40.43 30.15
N MET K 209 -9.42 -40.60 29.38
CA MET K 209 -9.62 -39.83 28.16
C MET K 209 -10.22 -38.47 28.46
N THR K 210 -11.00 -38.36 29.54
CA THR K 210 -11.82 -37.18 29.75
C THR K 210 -11.01 -35.95 30.10
N LYS K 211 -9.79 -36.10 30.61
CA LYS K 211 -8.94 -34.94 30.75
C LYS K 211 -8.46 -34.42 29.40
N LEU K 212 -8.45 -35.28 28.37
CA LEU K 212 -8.07 -34.90 27.02
C LEU K 212 -9.28 -34.36 26.25
N LEU K 213 -10.39 -35.11 26.25
CA LEU K 213 -11.70 -34.60 25.82
C LEU K 213 -12.45 -34.18 27.08
N GLY K 214 -12.52 -32.87 27.32
CA GLY K 214 -13.11 -32.34 28.54
C GLY K 214 -14.47 -32.92 28.90
N GLU K 215 -14.83 -32.85 30.18
CA GLU K 215 -16.15 -33.28 30.64
C GLU K 215 -17.25 -32.65 29.79
N ARG K 216 -17.06 -31.39 29.41
CA ARG K 216 -17.98 -30.72 28.50
C ARG K 216 -18.14 -31.52 27.22
N VAL K 217 -17.03 -31.77 26.51
CA VAL K 217 -17.12 -32.41 25.21
C VAL K 217 -17.65 -33.83 25.34
N MET K 218 -17.26 -34.54 26.40
CA MET K 218 -17.73 -35.92 26.56
C MET K 218 -19.22 -35.96 26.79
N ASP K 219 -19.72 -35.15 27.73
CA ASP K 219 -21.16 -35.13 27.99
C ASP K 219 -21.93 -34.63 26.78
N ARG K 220 -21.36 -33.69 26.03
CA ARG K 220 -21.99 -33.19 24.82
C ARG K 220 -21.89 -34.18 23.67
N MET K 221 -21.07 -35.23 23.82
CA MET K 221 -21.08 -36.34 22.88
C MET K 221 -22.10 -37.38 23.28
N ARG K 222 -22.25 -37.63 24.58
CA ARG K 222 -23.05 -38.73 25.08
C ARG K 222 -24.53 -38.35 25.07
N LEU K 223 -25.08 -38.28 23.86
CA LEU K 223 -26.48 -38.01 23.62
C LEU K 223 -27.12 -39.19 22.91
N GLY K 224 -28.43 -39.32 23.08
CA GLY K 224 -29.16 -40.42 22.51
C GLY K 224 -28.61 -41.74 23.00
N ASN K 225 -27.96 -42.48 22.11
CA ASN K 225 -27.24 -43.70 22.45
C ASN K 225 -25.77 -43.47 22.11
N SER K 226 -24.95 -43.23 23.15
CA SER K 226 -23.57 -42.81 22.92
C SER K 226 -22.76 -43.85 22.16
N LEU K 227 -23.09 -45.13 22.33
CA LEU K 227 -22.40 -46.20 21.60
C LEU K 227 -20.91 -46.20 21.94
N TRP K 228 -20.63 -46.61 23.17
CA TRP K 228 -19.28 -46.68 23.72
C TRP K 228 -18.44 -47.83 23.14
N VAL K 229 -18.96 -48.63 22.20
CA VAL K 229 -18.59 -50.03 21.97
C VAL K 229 -17.10 -50.28 22.07
N ILE K 230 -16.73 -51.23 22.91
CA ILE K 230 -15.35 -51.44 23.33
C ILE K 230 -14.86 -52.77 22.78
N PHE K 231 -13.57 -52.82 22.47
CA PHE K 231 -12.89 -54.02 22.01
C PHE K 231 -11.75 -54.33 22.96
N ASN K 232 -11.69 -55.58 23.41
CA ASN K 232 -10.70 -56.02 24.38
C ASN K 232 -10.14 -57.37 23.95
N TRP K 233 -9.72 -57.45 22.69
CA TRP K 233 -9.28 -58.67 22.04
C TRP K 233 -7.79 -58.59 21.78
N ASP K 234 -7.27 -59.63 21.12
CA ASP K 234 -5.91 -59.61 20.61
C ASP K 234 -5.88 -58.94 19.25
N SER K 235 -4.67 -58.64 18.80
CA SER K 235 -4.50 -58.03 17.49
C SER K 235 -4.89 -59.01 16.40
N TYR K 236 -5.48 -58.48 15.32
CA TYR K 236 -5.87 -59.33 14.21
C TYR K 236 -4.63 -59.87 13.49
N ARG K 237 -3.69 -58.98 13.16
CA ARG K 237 -2.54 -59.38 12.37
C ARG K 237 -1.57 -60.29 13.12
N SER K 238 -1.77 -60.50 14.42
CA SER K 238 -1.03 -61.53 15.12
C SER K 238 -1.49 -62.93 14.72
N ARG K 239 -2.71 -63.05 14.21
CA ARG K 239 -3.26 -64.35 13.83
C ARG K 239 -2.76 -64.78 12.46
N MET L 1 -54.50 0.08 4.39
CA MET L 1 -54.94 -1.34 4.30
C MET L 1 -55.75 -1.72 5.53
N LYS L 2 -55.22 -1.43 6.72
CA LYS L 2 -55.89 -1.76 7.98
C LYS L 2 -55.54 -0.69 9.01
N ASN L 3 -56.44 -0.51 9.97
CA ASN L 3 -56.30 0.50 11.02
C ASN L 3 -56.19 -0.17 12.38
N VAL L 4 -55.88 0.66 13.38
CA VAL L 4 -55.57 0.21 14.74
C VAL L 4 -56.64 -0.73 15.26
N GLY L 5 -57.91 -0.32 15.12
CA GLY L 5 -59.00 -1.12 15.63
C GLY L 5 -59.08 -2.46 14.93
N ASP L 6 -58.82 -2.47 13.62
CA ASP L 6 -58.91 -3.73 12.88
C ASP L 6 -57.76 -4.66 13.23
N LEU L 7 -56.57 -4.11 13.49
CA LEU L 7 -55.48 -4.95 13.99
C LEU L 7 -55.86 -5.59 15.32
N MET L 8 -56.43 -4.80 16.24
CA MET L 8 -56.83 -5.35 17.53
C MET L 8 -57.96 -6.36 17.39
N GLN L 9 -58.90 -6.09 16.48
CA GLN L 9 -59.95 -7.06 16.17
C GLN L 9 -59.34 -8.39 15.73
N ARG L 10 -58.60 -8.36 14.61
CA ARG L 10 -57.92 -9.54 14.09
C ARG L 10 -57.10 -10.25 15.15
N LEU L 11 -56.49 -9.49 16.05
CA LEU L 11 -55.75 -10.06 17.17
C LEU L 11 -56.66 -10.89 18.06
N GLN L 12 -57.75 -10.28 18.52
CA GLN L 12 -58.71 -11.02 19.32
C GLN L 12 -59.33 -12.18 18.54
N LYS L 13 -59.30 -12.12 17.21
CA LYS L 13 -59.77 -13.24 16.41
C LYS L 13 -58.76 -14.39 16.44
N MET L 14 -57.46 -14.06 16.47
CA MET L 14 -56.45 -15.08 16.74
C MET L 14 -56.79 -15.83 18.01
N MET L 15 -56.96 -15.07 19.09
CA MET L 15 -56.99 -15.68 20.40
C MET L 15 -58.36 -16.20 20.78
N PRO L 16 -58.44 -16.89 21.92
CA PRO L 16 -59.69 -16.92 22.68
C PRO L 16 -59.86 -15.59 23.41
N ALA L 17 -60.90 -15.48 24.23
CA ALA L 17 -61.24 -14.24 24.91
C ALA L 17 -60.94 -14.37 26.40
N HIS L 18 -61.21 -13.28 27.13
CA HIS L 18 -60.95 -13.20 28.57
C HIS L 18 -59.46 -13.41 28.87
N ILE L 19 -58.62 -12.83 28.01
CA ILE L 19 -57.17 -12.96 28.10
C ILE L 19 -56.53 -11.58 28.13
N LYS L 20 -57.22 -10.61 28.75
CA LYS L 20 -56.95 -9.18 28.71
C LYS L 20 -55.46 -8.85 28.80
N PRO L 21 -54.98 -7.83 28.07
CA PRO L 21 -53.52 -7.62 27.98
C PRO L 21 -52.88 -7.24 29.30
N ALA L 22 -53.64 -6.62 30.20
CA ALA L 22 -53.28 -6.35 31.59
C ALA L 22 -52.33 -5.18 31.78
N PHE L 23 -51.85 -4.53 30.72
CA PHE L 23 -50.92 -3.40 30.84
C PHE L 23 -51.56 -2.08 30.47
N LYS L 24 -52.01 -1.94 29.22
CA LYS L 24 -52.75 -0.77 28.74
C LYS L 24 -51.86 0.48 28.64
N THR L 25 -50.62 0.45 29.14
CA THR L 25 -49.80 1.65 29.14
C THR L 25 -48.36 1.33 29.48
N GLY L 26 -47.50 2.29 29.10
CA GLY L 26 -46.06 2.07 29.15
C GLY L 26 -45.48 2.15 30.53
N GLU L 27 -46.06 2.98 31.40
CA GLU L 27 -45.53 3.09 32.75
C GLU L 27 -45.71 1.76 33.50
N GLU L 28 -46.93 1.22 33.49
CA GLU L 28 -47.16 -0.10 34.07
C GLU L 28 -46.26 -1.13 33.41
N LEU L 29 -46.09 -1.04 32.09
CA LEU L 29 -45.22 -1.98 31.41
C LEU L 29 -43.81 -1.95 31.99
N LEU L 30 -43.22 -0.76 32.09
CA LEU L 30 -41.84 -0.66 32.55
C LEU L 30 -41.71 -1.00 34.03
N ALA L 31 -42.74 -0.69 34.82
CA ALA L 31 -42.71 -1.04 36.23
C ALA L 31 -42.65 -2.55 36.40
N TRP L 32 -43.66 -3.23 35.84
CA TRP L 32 -43.70 -4.68 35.85
C TRP L 32 -42.41 -5.28 35.29
N GLN L 33 -41.87 -4.64 34.25
CA GLN L 33 -40.68 -5.16 33.59
C GLN L 33 -39.47 -5.10 34.50
N LYS L 34 -39.27 -3.97 35.17
CA LYS L 34 -38.15 -3.85 36.08
C LYS L 34 -38.32 -4.79 37.27
N GLU L 35 -39.55 -5.02 37.70
CA GLU L 35 -39.78 -6.00 38.76
C GLU L 35 -39.33 -7.38 38.31
N GLN L 36 -39.78 -7.82 37.14
CA GLN L 36 -39.38 -9.13 36.64
C GLN L 36 -37.87 -9.18 36.40
N GLY L 37 -37.26 -8.05 36.06
CA GLY L 37 -35.81 -8.03 35.89
C GLY L 37 -35.09 -8.26 37.20
N ALA L 38 -35.57 -7.62 38.27
CA ALA L 38 -35.02 -7.88 39.60
C ALA L 38 -35.18 -9.34 39.98
N ILE L 39 -36.34 -9.92 39.70
CA ILE L 39 -36.58 -11.32 40.04
C ILE L 39 -35.62 -12.21 39.27
N ARG L 40 -35.39 -11.87 38.00
CA ARG L 40 -34.51 -12.68 37.16
C ARG L 40 -33.07 -12.58 37.65
N SER L 41 -32.63 -11.38 38.01
CA SER L 41 -31.29 -11.21 38.57
C SER L 41 -31.13 -12.03 39.84
N ALA L 42 -32.13 -12.01 40.72
CA ALA L 42 -32.06 -12.81 41.93
C ALA L 42 -31.94 -14.29 41.60
N ALA L 43 -32.84 -14.79 40.76
CA ALA L 43 -32.86 -16.20 40.42
C ALA L 43 -31.61 -16.66 39.68
N LEU L 44 -30.88 -15.73 39.06
CA LEU L 44 -29.64 -16.05 38.36
C LEU L 44 -28.42 -16.01 39.28
N GLU L 45 -28.32 -14.95 40.10
CA GLU L 45 -27.14 -14.81 40.94
C GLU L 45 -27.19 -15.72 42.16
N ARG L 46 -28.36 -15.87 42.77
CA ARG L 46 -28.44 -16.70 43.96
C ARG L 46 -28.21 -18.17 43.65
N GLU L 47 -28.30 -18.56 42.38
CA GLU L 47 -27.86 -19.89 41.95
C GLU L 47 -26.41 -19.90 41.50
N ASN L 48 -25.88 -18.78 40.99
CA ASN L 48 -24.43 -18.70 40.83
C ASN L 48 -23.72 -18.89 42.17
N ARG L 49 -24.35 -18.48 43.27
CA ARG L 49 -23.77 -18.71 44.59
C ARG L 49 -23.53 -20.20 44.82
N ALA L 50 -24.58 -21.00 44.62
CA ALA L 50 -24.47 -22.43 44.83
C ALA L 50 -23.48 -23.06 43.86
N MET L 51 -23.49 -22.63 42.60
CA MET L 51 -22.55 -23.19 41.64
C MET L 51 -21.12 -22.85 42.00
N LYS L 52 -20.88 -21.61 42.43
CA LYS L 52 -19.57 -21.20 42.92
C LYS L 52 -19.11 -22.09 44.05
N MET L 53 -19.99 -22.32 45.02
CA MET L 53 -19.64 -23.16 46.16
C MET L 53 -19.34 -24.59 45.71
N GLN L 54 -20.16 -25.14 44.83
CA GLN L 54 -20.03 -26.54 44.43
C GLN L 54 -18.91 -26.77 43.42
N ARG L 55 -18.42 -25.71 42.79
CA ARG L 55 -17.26 -25.82 41.91
C ARG L 55 -15.98 -25.67 42.71
N THR L 56 -15.92 -24.64 43.55
CA THR L 56 -14.68 -24.28 44.21
C THR L 56 -14.50 -25.01 45.53
N PHE L 57 -15.55 -25.13 46.34
CA PHE L 57 -15.41 -25.52 47.74
C PHE L 57 -16.35 -26.65 48.14
N ASN L 58 -16.47 -27.69 47.31
CA ASN L 58 -16.76 -29.02 47.83
C ASN L 58 -16.02 -30.07 47.03
N ARG L 59 -14.79 -29.76 46.62
CA ARG L 59 -14.01 -30.62 45.73
C ARG L 59 -12.88 -31.33 46.43
N SER L 60 -12.19 -30.65 47.36
CA SER L 60 -11.10 -31.25 48.11
C SER L 60 -11.24 -30.87 49.58
N GLY L 61 -11.45 -31.89 50.41
CA GLY L 61 -11.11 -31.86 51.81
C GLY L 61 -12.22 -32.33 52.72
N ILE L 62 -13.44 -31.90 52.46
CA ILE L 62 -14.56 -32.24 53.33
C ILE L 62 -14.99 -33.66 52.98
N ARG L 63 -14.75 -34.60 53.88
CA ARG L 63 -14.96 -35.99 53.57
C ARG L 63 -16.44 -36.35 53.64
N PRO L 64 -16.89 -37.31 52.83
CA PRO L 64 -18.26 -37.79 53.00
C PRO L 64 -18.46 -38.52 54.31
N LEU L 65 -17.38 -39.11 54.85
CA LEU L 65 -17.44 -39.72 56.17
C LEU L 65 -17.86 -38.71 57.23
N HIS L 66 -17.21 -37.54 57.23
CA HIS L 66 -17.48 -36.48 58.20
C HIS L 66 -18.28 -35.32 57.60
N GLN L 67 -18.93 -35.52 56.46
CA GLN L 67 -19.76 -34.47 55.90
C GLN L 67 -20.91 -34.13 56.84
N ASN L 68 -21.82 -35.08 57.04
CA ASN L 68 -23.04 -34.86 57.82
C ASN L 68 -22.71 -35.06 59.30
N CYS L 69 -21.88 -34.17 59.81
CA CYS L 69 -21.15 -34.39 61.05
C CYS L 69 -21.16 -33.12 61.89
N SER L 70 -22.32 -32.52 62.01
CA SER L 70 -22.44 -31.21 62.65
C SER L 70 -22.32 -31.33 64.16
N PHE L 71 -22.60 -30.23 64.85
CA PHE L 71 -22.55 -30.18 66.30
C PHE L 71 -23.72 -30.87 66.97
N GLU L 72 -24.79 -31.17 66.22
CA GLU L 72 -25.98 -31.74 66.84
C GLU L 72 -25.77 -33.21 67.20
N ASN L 73 -25.26 -34.00 66.26
CA ASN L 73 -25.00 -35.40 66.55
C ASN L 73 -23.76 -35.60 67.42
N TYR L 74 -23.05 -34.54 67.78
CA TYR L 74 -21.99 -34.64 68.77
C TYR L 74 -22.62 -35.12 70.06
N ARG L 75 -22.32 -36.36 70.43
CA ARG L 75 -23.05 -37.04 71.49
C ARG L 75 -22.50 -36.62 72.85
N VAL L 76 -23.39 -36.31 73.77
CA VAL L 76 -22.99 -35.78 75.08
C VAL L 76 -22.70 -36.96 76.01
N GLU L 77 -21.57 -36.90 76.70
CA GLU L 77 -21.14 -37.91 77.66
C GLU L 77 -20.75 -37.33 79.01
N CYS L 78 -20.08 -36.18 79.04
CA CYS L 78 -19.44 -35.71 80.26
C CYS L 78 -19.27 -34.20 80.17
N GLU L 79 -18.60 -33.63 81.18
CA GLU L 79 -18.41 -32.19 81.28
C GLU L 79 -17.36 -31.67 80.32
N GLY L 80 -16.39 -32.51 79.97
CA GLY L 80 -15.41 -32.11 78.98
C GLY L 80 -16.04 -31.86 77.63
N GLN L 81 -17.06 -32.66 77.28
CA GLN L 81 -17.79 -32.41 76.04
C GLN L 81 -18.53 -31.07 76.09
N MET L 82 -19.03 -30.68 77.26
CA MET L 82 -19.63 -29.36 77.39
C MET L 82 -18.60 -28.27 77.17
N ASN L 83 -17.46 -28.40 77.84
CA ASN L 83 -16.39 -27.41 77.71
C ASN L 83 -15.92 -27.31 76.26
N ALA L 84 -15.95 -28.43 75.53
CA ALA L 84 -15.53 -28.41 74.13
C ALA L 84 -16.59 -27.76 73.26
N LEU L 85 -17.87 -28.12 73.47
CA LEU L 85 -18.92 -27.77 72.54
C LEU L 85 -19.36 -26.33 72.72
N SER L 86 -19.61 -25.91 73.96
CA SER L 86 -19.98 -24.53 74.21
C SER L 86 -18.84 -23.57 73.86
N LYS L 87 -17.61 -24.07 73.82
CA LYS L 87 -16.48 -23.26 73.38
C LYS L 87 -16.41 -23.20 71.86
N ALA L 88 -16.64 -24.32 71.18
CA ALA L 88 -16.60 -24.34 69.72
C ALA L 88 -17.72 -23.48 69.13
N ARG L 89 -18.88 -23.48 69.75
CA ARG L 89 -19.98 -22.68 69.22
C ARG L 89 -19.63 -21.19 69.27
N GLN L 90 -19.17 -20.71 70.42
CA GLN L 90 -18.73 -19.32 70.51
C GLN L 90 -17.49 -19.04 69.68
N TYR L 91 -16.69 -20.07 69.39
CA TYR L 91 -15.58 -19.92 68.47
C TYR L 91 -16.07 -19.61 67.07
N VAL L 92 -17.10 -20.35 66.61
CA VAL L 92 -17.71 -20.03 65.32
C VAL L 92 -18.37 -18.67 65.37
N GLU L 93 -18.89 -18.26 66.52
CA GLU L 93 -19.46 -16.92 66.63
C GLU L 93 -18.40 -15.87 66.40
N GLU L 94 -17.32 -15.92 67.17
CA GLU L 94 -16.26 -14.91 67.09
C GLU L 94 -15.31 -15.12 65.93
N PHE L 95 -15.63 -15.98 64.97
CA PHE L 95 -14.69 -16.32 63.90
C PHE L 95 -14.32 -15.09 63.09
N ASP L 96 -15.30 -14.35 62.62
CA ASP L 96 -15.03 -13.21 61.75
C ASP L 96 -14.30 -12.11 62.51
N GLY L 97 -13.36 -11.46 61.82
CA GLY L 97 -12.64 -10.34 62.38
C GLY L 97 -11.87 -10.67 63.65
N ASN L 98 -11.43 -11.91 63.81
CA ASN L 98 -10.69 -12.32 64.99
C ASN L 98 -9.63 -13.33 64.62
N ILE L 99 -8.51 -13.26 65.34
CA ILE L 99 -7.49 -14.29 65.30
C ILE L 99 -7.75 -15.23 66.44
N ALA L 100 -8.06 -16.48 66.09
CA ALA L 100 -8.47 -17.47 67.08
C ALA L 100 -8.19 -18.82 66.43
N SER L 101 -7.08 -19.44 66.84
CA SER L 101 -6.70 -20.74 66.35
C SER L 101 -7.11 -21.81 67.35
N PHE L 102 -6.86 -23.07 67.00
CA PHE L 102 -7.22 -24.14 67.90
C PHE L 102 -6.41 -25.39 67.65
N ILE L 103 -5.99 -26.02 68.73
CA ILE L 103 -5.33 -27.32 68.68
C ILE L 103 -6.11 -28.25 69.58
N PHE L 104 -6.93 -29.11 68.99
CA PHE L 104 -7.60 -30.16 69.73
C PHE L 104 -6.63 -31.32 69.93
N SER L 105 -6.30 -31.61 71.19
CA SER L 105 -5.37 -32.66 71.56
C SER L 105 -6.12 -33.83 72.19
N GLY L 106 -5.69 -35.05 71.86
CA GLY L 106 -6.25 -36.22 72.49
C GLY L 106 -6.06 -37.44 71.63
N LYS L 107 -6.41 -38.59 72.20
CA LYS L 107 -6.31 -39.85 71.48
C LYS L 107 -7.32 -39.88 70.34
N PRO L 108 -7.17 -40.81 69.39
CA PRO L 108 -8.18 -40.93 68.33
C PRO L 108 -9.54 -41.38 68.83
N GLY L 109 -10.51 -41.42 67.92
CA GLY L 109 -11.87 -41.83 68.24
C GLY L 109 -12.58 -40.94 69.24
N THR L 110 -12.04 -39.76 69.50
CA THR L 110 -12.63 -38.83 70.47
C THR L 110 -13.55 -37.81 69.85
N GLY L 111 -13.54 -37.68 68.52
CA GLY L 111 -14.34 -36.69 67.85
C GLY L 111 -13.63 -35.40 67.55
N LYS L 112 -12.31 -35.44 67.36
CA LYS L 112 -11.58 -34.24 66.98
C LYS L 112 -12.00 -33.80 65.58
N ASN L 113 -11.82 -34.68 64.60
CA ASN L 113 -12.28 -34.39 63.25
C ASN L 113 -13.80 -34.24 63.21
N HIS L 114 -14.52 -34.82 64.16
CA HIS L 114 -15.96 -34.65 64.22
C HIS L 114 -16.33 -33.18 64.41
N LEU L 115 -15.85 -32.58 65.50
CA LEU L 115 -16.08 -31.16 65.73
C LEU L 115 -15.47 -30.30 64.64
N ALA L 116 -14.30 -30.69 64.12
CA ALA L 116 -13.68 -29.91 63.06
C ALA L 116 -14.55 -29.86 61.82
N ALA L 117 -15.12 -31.00 61.44
CA ALA L 117 -16.00 -31.04 60.29
C ALA L 117 -17.31 -30.34 60.56
N ALA L 118 -17.77 -30.37 61.81
CA ALA L 118 -18.92 -29.56 62.19
C ALA L 118 -18.65 -28.09 61.92
N ILE L 119 -17.50 -27.61 62.39
CA ILE L 119 -17.10 -26.23 62.17
C ILE L 119 -17.10 -25.92 60.68
N CYS L 120 -16.43 -26.77 59.90
CA CYS L 120 -16.34 -26.55 58.45
C CYS L 120 -17.71 -26.50 57.81
N ASN L 121 -18.61 -27.41 58.16
CA ASN L 121 -19.95 -27.39 57.58
C ASN L 121 -20.67 -26.09 57.92
N GLU L 122 -20.55 -25.65 59.18
CA GLU L 122 -21.13 -24.36 59.57
C GLU L 122 -20.60 -23.24 58.68
N LEU L 123 -19.28 -23.17 58.53
CA LEU L 123 -18.70 -22.04 57.81
C LEU L 123 -18.96 -22.14 56.31
N LEU L 124 -19.05 -23.35 55.78
CA LEU L 124 -19.47 -23.51 54.39
C LEU L 124 -20.87 -22.95 54.19
N LEU L 125 -21.71 -23.07 55.21
CA LEU L 125 -23.01 -22.39 55.13
C LEU L 125 -22.84 -20.89 55.30
N ARG L 126 -21.85 -20.45 56.07
CA ARG L 126 -21.59 -19.02 56.23
C ARG L 126 -21.03 -18.36 54.98
N GLY L 127 -20.70 -19.14 53.94
CA GLY L 127 -20.12 -18.61 52.74
C GLY L 127 -18.61 -18.50 52.75
N LYS L 128 -17.94 -19.09 53.74
CA LYS L 128 -16.50 -19.02 53.87
C LYS L 128 -15.84 -20.25 53.27
N SER L 129 -14.58 -20.06 52.88
CA SER L 129 -13.74 -21.16 52.45
C SER L 129 -13.20 -21.91 53.66
N VAL L 130 -12.96 -23.21 53.47
CA VAL L 130 -12.39 -24.06 54.51
C VAL L 130 -11.57 -25.15 53.83
N LEU L 131 -10.80 -25.88 54.64
CA LEU L 131 -10.10 -27.07 54.16
C LEU L 131 -9.58 -27.89 55.32
N ILE L 132 -9.93 -29.18 55.34
CA ILE L 132 -9.29 -30.17 56.21
C ILE L 132 -8.40 -31.01 55.32
N ILE L 133 -7.20 -31.28 55.79
CA ILE L 133 -6.23 -32.00 54.97
C ILE L 133 -5.18 -32.60 55.88
N THR L 134 -4.57 -33.67 55.42
CA THR L 134 -3.56 -34.39 56.17
C THR L 134 -2.17 -34.02 55.68
N VAL L 135 -1.22 -34.01 56.61
CA VAL L 135 0.16 -33.67 56.28
C VAL L 135 0.69 -34.58 55.19
N ALA L 136 0.29 -35.85 55.22
CA ALA L 136 0.70 -36.79 54.17
C ALA L 136 0.20 -36.36 52.80
N ASP L 137 -1.04 -35.91 52.72
CA ASP L 137 -1.57 -35.45 51.44
C ASP L 137 -0.86 -34.19 51.01
N ILE L 138 -0.53 -33.31 51.95
CA ILE L 138 0.22 -32.10 51.63
C ILE L 138 1.55 -32.46 51.00
N MET L 139 2.31 -33.34 51.66
CA MET L 139 3.64 -33.67 51.18
C MET L 139 3.59 -34.45 49.88
N SER L 140 2.54 -35.25 49.68
CA SER L 140 2.38 -35.90 48.39
C SER L 140 2.12 -34.88 47.30
N ALA L 141 1.33 -33.85 47.60
CA ALA L 141 1.12 -32.77 46.63
C ALA L 141 2.43 -32.06 46.35
N MET L 142 3.25 -31.84 47.38
CA MET L 142 4.55 -31.20 47.21
C MET L 142 5.43 -31.99 46.25
N LYS L 143 5.62 -33.27 46.55
CA LYS L 143 6.51 -34.10 45.76
C LYS L 143 5.89 -34.50 44.43
N ASP L 144 4.60 -34.21 44.22
CA ASP L 144 4.02 -34.26 42.89
C ASP L 144 4.35 -33.00 42.11
N THR L 145 4.26 -31.85 42.77
CA THR L 145 4.49 -30.57 42.12
C THR L 145 5.95 -30.34 41.79
N PHE L 146 6.86 -31.04 42.47
CA PHE L 146 8.25 -31.04 42.02
C PHE L 146 8.35 -31.42 40.55
N ARG L 147 7.56 -32.42 40.13
CA ARG L 147 7.59 -32.87 38.75
C ARG L 147 7.16 -31.77 37.79
N ASN L 148 5.91 -31.34 37.90
CA ASN L 148 5.30 -30.52 36.89
C ASN L 148 5.97 -29.16 36.80
N SER L 149 6.25 -28.73 35.56
CA SER L 149 6.75 -27.39 35.28
C SER L 149 5.63 -26.42 34.93
N GLY L 150 4.41 -26.69 35.41
CA GLY L 150 3.25 -25.87 35.13
C GLY L 150 2.58 -25.36 36.40
N THR L 151 2.78 -26.07 37.51
CA THR L 151 2.29 -25.65 38.81
C THR L 151 3.45 -25.73 39.80
N SER L 152 3.27 -25.06 40.95
CA SER L 152 4.39 -24.81 41.84
C SER L 152 3.93 -24.87 43.29
N GLU L 153 4.88 -25.26 44.14
CA GLU L 153 4.59 -25.37 45.56
C GLU L 153 4.27 -24.01 46.16
N GLU L 154 4.79 -22.92 45.58
CA GLU L 154 4.41 -21.61 46.06
C GLU L 154 2.98 -21.28 45.71
N GLN L 155 2.55 -21.65 44.49
CA GLN L 155 1.14 -21.54 44.15
C GLN L 155 0.29 -22.31 45.14
N LEU L 156 0.79 -23.47 45.57
CA LEU L 156 0.05 -24.27 46.52
C LEU L 156 -0.02 -23.60 47.88
N LEU L 157 1.10 -23.06 48.35
CA LEU L 157 1.12 -22.37 49.64
C LEU L 157 0.22 -21.16 49.61
N ASN L 158 0.15 -20.47 48.48
CA ASN L 158 -0.75 -19.34 48.34
C ASN L 158 -2.20 -19.80 48.44
N ASP L 159 -2.51 -20.92 47.78
CA ASP L 159 -3.87 -21.46 47.87
C ASP L 159 -4.22 -21.84 49.30
N LEU L 160 -3.29 -22.45 50.03
CA LEU L 160 -3.57 -22.83 51.40
C LEU L 160 -3.61 -21.63 52.34
N SER L 161 -2.97 -20.53 51.99
CA SER L 161 -2.99 -19.36 52.85
C SER L 161 -4.19 -18.47 52.60
N ASN L 162 -4.72 -18.46 51.38
CA ASN L 162 -5.86 -17.63 51.07
C ASN L 162 -7.11 -18.04 51.84
N VAL L 163 -7.18 -19.29 52.27
CA VAL L 163 -8.39 -19.85 52.84
C VAL L 163 -8.60 -19.31 54.25
N ASP L 164 -9.87 -19.07 54.58
CA ASP L 164 -10.22 -18.44 55.85
C ASP L 164 -10.08 -19.39 57.03
N LEU L 165 -10.04 -20.69 56.80
CA LEU L 165 -9.63 -21.61 57.84
C LEU L 165 -9.00 -22.85 57.21
N LEU L 166 -7.83 -23.22 57.71
CA LEU L 166 -7.15 -24.44 57.34
C LEU L 166 -6.84 -25.20 58.61
N VAL L 167 -6.86 -26.53 58.51
CA VAL L 167 -6.53 -27.39 59.63
C VAL L 167 -5.81 -28.63 59.14
N ILE L 168 -5.11 -29.27 60.06
CA ILE L 168 -4.17 -30.34 59.75
C ILE L 168 -4.43 -31.49 60.69
N ASP L 169 -4.36 -32.71 60.15
CA ASP L 169 -4.65 -33.93 60.88
C ASP L 169 -3.46 -34.88 60.82
N GLU L 170 -3.38 -35.77 61.81
CA GLU L 170 -2.32 -36.78 61.89
C GLU L 170 -0.95 -36.13 61.94
N ILE L 171 -0.85 -35.01 62.65
CA ILE L 171 0.43 -34.34 62.84
C ILE L 171 1.28 -34.97 63.94
N GLY L 172 0.70 -35.80 64.79
CA GLY L 172 1.41 -36.31 65.95
C GLY L 172 2.59 -37.20 65.62
N VAL L 173 2.67 -37.70 64.38
CA VAL L 173 3.83 -38.48 63.98
C VAL L 173 5.06 -37.59 64.05
N GLN L 174 6.09 -38.06 64.77
CA GLN L 174 7.32 -37.29 64.91
C GLN L 174 8.23 -37.48 63.71
N THR L 175 7.69 -37.28 62.51
CA THR L 175 8.46 -37.49 61.29
C THR L 175 9.56 -36.45 61.21
N GLU L 176 10.79 -36.91 61.09
CA GLU L 176 11.98 -36.07 61.17
C GLU L 176 12.24 -35.27 59.90
N SER L 177 11.37 -35.34 58.89
CA SER L 177 11.62 -34.72 57.61
C SER L 177 11.74 -33.20 57.72
N LYS L 178 12.95 -32.71 57.48
CA LYS L 178 13.19 -31.27 57.48
C LYS L 178 12.32 -30.57 56.45
N TYR L 179 12.02 -31.23 55.34
CA TYR L 179 11.14 -30.64 54.35
C TYR L 179 9.69 -30.65 54.80
N GLU L 180 9.33 -31.46 55.80
CA GLU L 180 8.04 -31.29 56.43
C GLU L 180 8.05 -30.13 57.40
N LYS L 181 9.15 -29.98 58.12
CA LYS L 181 9.25 -28.91 59.12
C LYS L 181 9.18 -27.54 58.46
N VAL L 182 9.95 -27.36 57.40
CA VAL L 182 10.01 -26.07 56.72
C VAL L 182 8.64 -25.70 56.17
N ILE L 183 7.89 -26.66 55.64
CA ILE L 183 6.60 -26.33 55.05
C ILE L 183 5.58 -26.10 56.15
N ILE L 184 5.62 -26.89 57.21
CA ILE L 184 4.57 -26.80 58.20
C ILE L 184 4.70 -25.51 58.98
N ASN L 185 5.93 -25.02 59.19
CA ASN L 185 6.05 -23.74 59.87
C ASN L 185 5.88 -22.57 58.90
N GLN L 186 6.20 -22.78 57.61
CA GLN L 186 6.03 -21.71 56.63
C GLN L 186 4.56 -21.39 56.41
N ILE L 187 3.72 -22.42 56.34
CA ILE L 187 2.29 -22.19 56.12
C ILE L 187 1.72 -21.38 57.28
N VAL L 188 2.04 -21.78 58.50
CA VAL L 188 1.54 -21.09 59.68
C VAL L 188 2.03 -19.65 59.70
N ASP L 189 3.28 -19.42 59.29
CA ASP L 189 3.78 -18.05 59.29
C ASP L 189 3.04 -17.21 58.25
N ARG L 190 2.75 -17.78 57.09
CA ARG L 190 2.05 -17.03 56.06
C ARG L 190 0.63 -16.71 56.51
N ARG L 191 -0.03 -17.66 57.17
CA ARG L 191 -1.39 -17.44 57.61
C ARG L 191 -1.44 -16.42 58.74
N SER L 192 -0.62 -16.61 59.77
CA SER L 192 -0.60 -15.70 60.90
C SER L 192 -0.23 -14.29 60.48
N SER L 193 0.78 -14.15 59.62
CA SER L 193 1.14 -12.82 59.16
C SER L 193 0.06 -12.23 58.27
N SER L 194 -0.67 -13.08 57.56
CA SER L 194 -1.80 -12.63 56.77
C SER L 194 -3.02 -12.29 57.62
N LYS L 195 -2.94 -12.43 58.94
CA LYS L 195 -4.06 -12.18 59.82
C LYS L 195 -5.23 -13.10 59.44
N ARG L 196 -4.97 -14.39 59.63
CA ARG L 196 -5.94 -15.44 59.38
C ARG L 196 -5.76 -16.51 60.43
N PRO L 197 -6.77 -17.35 60.66
CA PRO L 197 -6.63 -18.42 61.65
C PRO L 197 -6.06 -19.72 61.08
N THR L 198 -5.96 -20.73 61.94
CA THR L 198 -5.64 -22.08 61.54
C THR L 198 -5.90 -22.97 62.76
N GLY L 199 -5.76 -24.27 62.57
CA GLY L 199 -5.88 -25.16 63.70
C GLY L 199 -5.41 -26.59 63.49
N MET L 200 -4.59 -27.10 64.38
CA MET L 200 -3.97 -28.40 64.21
C MET L 200 -4.72 -29.48 64.99
N LEU L 201 -4.53 -30.73 64.58
CA LEU L 201 -5.15 -31.88 65.23
C LEU L 201 -4.09 -32.94 65.44
N THR L 202 -3.84 -33.26 66.70
CA THR L 202 -2.71 -34.10 67.09
C THR L 202 -3.16 -35.15 68.07
N ASN L 203 -2.18 -35.91 68.56
CA ASN L 203 -2.37 -36.90 69.61
C ASN L 203 -1.35 -36.74 70.73
N SER L 204 -0.60 -35.64 70.75
CA SER L 204 0.51 -35.44 71.66
C SER L 204 0.22 -34.27 72.60
N ASN L 205 1.15 -34.05 73.53
CA ASN L 205 1.04 -32.99 74.51
C ASN L 205 1.63 -31.70 73.94
N MET L 206 1.39 -30.59 74.65
CA MET L 206 1.91 -29.30 74.24
C MET L 206 3.43 -29.33 74.11
N GLU L 207 4.12 -29.99 75.04
CA GLU L 207 5.57 -30.01 75.02
C GLU L 207 6.12 -31.09 74.12
N GLU L 208 5.39 -32.19 73.92
CA GLU L 208 5.75 -33.15 72.90
C GLU L 208 5.56 -32.60 71.50
N MET L 209 4.72 -31.58 71.36
CA MET L 209 4.47 -30.92 70.08
C MET L 209 5.38 -29.73 69.85
N THR L 210 5.69 -29.00 70.93
CA THR L 210 6.53 -27.82 70.85
C THR L 210 7.89 -28.14 70.28
N LYS L 211 8.44 -29.30 70.63
CA LYS L 211 9.75 -29.66 70.10
C LYS L 211 9.71 -29.98 68.62
N LEU L 212 8.52 -30.28 68.08
CA LEU L 212 8.33 -30.43 66.64
C LEU L 212 7.87 -29.12 66.01
N LEU L 213 6.73 -28.60 66.45
CA LEU L 213 6.28 -27.27 66.08
C LEU L 213 6.94 -26.29 67.02
N GLY L 214 7.99 -25.63 66.55
CA GLY L 214 8.85 -24.85 67.41
C GLY L 214 8.12 -23.74 68.15
N GLU L 215 8.89 -23.11 69.06
CA GLU L 215 8.35 -22.06 69.93
C GLU L 215 7.68 -20.95 69.15
N ARG L 216 8.25 -20.59 68.00
CA ARG L 216 7.73 -19.45 67.25
C ARG L 216 6.40 -19.77 66.60
N VAL L 217 6.27 -20.98 66.08
CA VAL L 217 5.01 -21.38 65.46
C VAL L 217 3.89 -21.35 66.49
N MET L 218 4.17 -21.87 67.68
CA MET L 218 3.16 -21.83 68.73
C MET L 218 2.89 -20.41 69.19
N ASP L 219 3.93 -19.57 69.21
CA ASP L 219 3.76 -18.18 69.59
C ASP L 219 2.85 -17.46 68.61
N ARG L 220 2.93 -17.80 67.32
CA ARG L 220 2.02 -17.25 66.33
C ARG L 220 0.67 -17.94 66.33
N MET L 221 0.60 -19.12 66.94
CA MET L 221 -0.65 -19.87 67.01
C MET L 221 -1.54 -19.37 68.14
N ARG L 222 -0.94 -19.01 69.27
CA ARG L 222 -1.67 -18.79 70.51
C ARG L 222 -1.86 -17.29 70.71
N LEU L 223 -2.80 -16.73 69.94
CA LEU L 223 -3.17 -15.33 70.02
C LEU L 223 -4.66 -15.21 70.28
N GLY L 224 -5.05 -14.17 71.01
CA GLY L 224 -6.43 -14.01 71.40
C GLY L 224 -6.79 -15.09 72.39
N ASN L 225 -7.53 -16.09 71.93
CA ASN L 225 -7.78 -17.31 72.68
C ASN L 225 -6.98 -18.44 72.04
N SER L 226 -5.98 -18.95 72.78
CA SER L 226 -5.21 -20.10 72.30
C SER L 226 -6.14 -21.26 71.97
N LEU L 227 -7.05 -21.58 72.87
CA LEU L 227 -8.00 -22.67 72.68
C LEU L 227 -7.25 -24.00 72.51
N TRP L 228 -6.62 -24.40 73.61
CA TRP L 228 -6.02 -25.73 73.74
C TRP L 228 -7.04 -26.61 74.45
N VAL L 229 -7.91 -27.25 73.67
CA VAL L 229 -8.95 -28.12 74.19
C VAL L 229 -8.44 -29.55 74.10
N ILE L 230 -8.26 -30.18 75.26
CA ILE L 230 -7.67 -31.51 75.33
C ILE L 230 -8.75 -32.52 75.66
N PHE L 231 -8.55 -33.75 75.19
CA PHE L 231 -9.46 -34.87 75.40
C PHE L 231 -8.72 -35.98 76.14
N ASN L 232 -9.38 -36.54 77.15
CA ASN L 232 -8.84 -37.61 77.98
C ASN L 232 -9.86 -38.75 78.07
N TRP L 233 -10.39 -39.14 76.91
CA TRP L 233 -11.56 -40.01 76.83
C TRP L 233 -11.21 -41.32 76.13
N ASP L 234 -12.17 -42.24 76.18
CA ASP L 234 -12.06 -43.53 75.52
C ASP L 234 -12.64 -43.46 74.12
N SER L 235 -12.14 -44.33 73.25
CA SER L 235 -12.53 -44.32 71.85
C SER L 235 -14.02 -44.57 71.70
N TYR L 236 -14.55 -44.10 70.58
CA TYR L 236 -15.98 -44.22 70.30
C TYR L 236 -16.33 -45.52 69.58
N ARG L 237 -15.38 -46.13 68.88
CA ARG L 237 -15.67 -47.36 68.15
C ARG L 237 -16.02 -48.51 69.08
N SER L 238 -15.63 -48.44 70.36
CA SER L 238 -16.00 -49.47 71.32
C SER L 238 -17.40 -49.27 71.88
N ARG L 239 -17.95 -48.06 71.81
CA ARG L 239 -19.29 -47.80 72.31
C ARG L 239 -20.33 -48.35 71.33
#